data_3J0C
#
_entry.id   3J0C
#
_cell.length_a   1.000
_cell.length_b   1.000
_cell.length_c   1.000
_cell.angle_alpha   90.00
_cell.angle_beta   90.00
_cell.angle_gamma   90.00
#
_symmetry.space_group_name_H-M   'P 1'
#
loop_
_entity.id
_entity.type
_entity.pdbx_description
1 polymer 'E1 envelope glycoprotein'
2 polymer 'E2 envelope glycoprotein'
3 polymer 'Capsid protein'
#
loop_
_entity_poly.entity_id
_entity_poly.type
_entity_poly.pdbx_seq_one_letter_code
_entity_poly.pdbx_strand_id
1 'polypeptide(L)'
;YEHATTMPSQAGISYNTIVNRAGYAPLPISITPTKIKLIPTVNLEYVTCHYKTGMDSPAIKCCGSQECTPTYRPDEQCKV
FTGVYPFMWGGAYCFCDTENTQVSKAYVMKSDDCLADHAEAYKAHTASVQAFLNITVGEHSIVTTVYVNGETPVNFNGVK
ITAGPLSTAWTPFDRKIVQYAGEIYNYDFPEYGAGQPGAFGDIQSRTVSSSDLYANTNLVLQRPKAGAIHVPYTQAPSGF
EQWKKDKAPSLKFTAPFGCEIYTNPIRAENCAVGSIPLAFDIPDALFTRVSETPTLSAAECTLNECVYSSDFGGIATVKY
SASKSGKCAVHVPSGTATLKEAAVELTEQGSATIHFSTANIHPEFRLQICTSYVTCKGDCHPPKDHIVTHPQYHAQTFTA
AVSKTAWTWLTSLLGGSAVIIIIGLVLATIVAMYVLTNQKHN
;
A,D,G,J
2 'polypeptide(L)'
;STEELFNEYKLTRPYMARCIRCAVGSCHSPIAIEAVKSDGHDGYVRLQTSSQYGLDSSGNLKGRTMRYDMHGTIKEIPLH
QVSLYTSRPCHIVDGHGYFLLARCPAGDSITMEFKKDSVRHSCSVPYEVKFNPVGRELYTHPPEHGVEQACQVYAHDAQN
RGAYVEMHLPGSEVDSSLVSLSGSSVTVTPPDGTSALVECECGGTKISETINKTKQFSQCTKKEQCRAYRLQNDKWVYNS
DKLPKAAGATLKGKLHVPFLLADGKCTVPLAPEPMITFGFRSVSLKLHPKNPTYLITRQLADEPHYTHELISEPAVRNFT
VTEKGWEFVWGNHPPKRFWAQETAPGNPHGLPHEVITHYYHRYPMSTILGLSICAAIATVSVAASTWLFCRSRVACLTPY
RLTPNARIPFCLAVLCCARTARA
;
B,E,H,K
3 'polypeptide(L)'
;KRQRMVMKLESDKTFPIMLEGKINGYACVVGGKLFRPMHVEGKIDNDVLAALKTKKASKYDLEYADVPQNMRADTFKYTH
EKPQGYYSWHHGAVQYENGRFTVPKGVGAKGDSGRPILDNQGRVVAIVLGGVNEGSRTALSVVMWNEKGVTVKYTPENCE
QW
;
C,F,I,L
#
# COMPACT_ATOMS: atom_id res chain seq x y z
N TYR A 1 8.71 -15.09 27.07
CA TYR A 1 7.51 -15.83 26.73
C TYR A 1 6.26 -14.99 26.99
N GLU A 2 5.30 -15.07 26.07
CA GLU A 2 4.01 -14.42 26.26
C GLU A 2 2.96 -15.40 26.77
N HIS A 3 2.56 -15.25 28.02
CA HIS A 3 1.56 -16.11 28.63
C HIS A 3 0.16 -15.52 28.48
N ALA A 4 -0.76 -16.31 27.92
CA ALA A 4 -2.12 -15.86 27.69
C ALA A 4 -3.10 -16.58 28.60
N THR A 5 -4.04 -15.83 29.16
CA THR A 5 -5.08 -16.41 30.01
C THR A 5 -6.31 -15.52 30.05
N THR A 6 -7.28 -15.90 30.88
CA THR A 6 -8.49 -15.09 31.06
C THR A 6 -8.87 -15.02 32.54
N MET A 7 -9.09 -13.80 33.03
CA MET A 7 -9.48 -13.59 34.42
C MET A 7 -10.93 -13.13 34.51
N PRO A 8 -11.76 -13.95 35.16
CA PRO A 8 -13.14 -13.56 35.43
C PRO A 8 -13.22 -12.24 36.17
N SER A 9 -14.26 -11.47 35.89
CA SER A 9 -14.40 -10.12 36.45
C SER A 9 -14.89 -10.19 37.88
N GLN A 10 -13.98 -10.45 38.81
CA GLN A 10 -14.30 -10.43 40.23
C GLN A 10 -13.06 -10.12 41.07
N ALA A 11 -13.12 -9.02 41.82
CA ALA A 11 -12.02 -8.64 42.69
C ALA A 11 -12.01 -9.48 43.97
N GLY A 12 -10.84 -9.61 44.59
CA GLY A 12 -10.71 -10.35 45.83
C GLY A 12 -10.38 -11.81 45.57
N ILE A 13 -10.27 -12.17 44.29
CA ILE A 13 -9.98 -13.55 43.91
C ILE A 13 -8.53 -13.69 43.46
N SER A 14 -7.80 -14.59 44.12
CA SER A 14 -6.40 -14.82 43.80
C SER A 14 -6.26 -15.73 42.57
N TYR A 15 -5.54 -15.25 41.56
CA TYR A 15 -5.30 -16.03 40.36
C TYR A 15 -3.82 -16.35 40.19
N ASN A 16 -3.49 -17.64 40.23
CA ASN A 16 -2.10 -18.08 40.18
C ASN A 16 -1.82 -18.84 38.90
N THR A 17 -0.63 -18.62 38.33
CA THR A 17 -0.21 -19.33 37.14
C THR A 17 1.31 -19.50 37.11
N ILE A 18 1.77 -20.54 36.41
CA ILE A 18 3.19 -20.82 36.30
C ILE A 18 3.62 -20.93 34.85
N VAL A 19 4.76 -20.32 34.52
CA VAL A 19 5.32 -20.40 33.18
C VAL A 19 6.52 -21.33 33.13
N ASN A 20 6.36 -22.47 32.47
CA ASN A 20 7.44 -23.43 32.32
C ASN A 20 7.77 -23.66 30.84
N ARG A 21 8.82 -22.98 30.36
CA ARG A 21 9.18 -23.05 28.95
C ARG A 21 10.54 -23.69 28.76
N ALA A 22 10.56 -24.84 28.08
CA ALA A 22 11.81 -25.48 27.71
C ALA A 22 12.66 -25.78 28.94
N GLY A 23 13.83 -25.15 29.01
CA GLY A 23 14.83 -25.49 30.01
C GLY A 23 14.73 -24.59 31.23
N TYR A 24 13.68 -23.76 31.26
CA TYR A 24 13.44 -22.87 32.40
C TYR A 24 12.35 -23.43 33.30
N ALA A 25 12.53 -23.28 34.60
CA ALA A 25 11.58 -23.79 35.58
C ALA A 25 10.34 -22.92 35.65
N PRO A 26 9.26 -23.49 36.19
CA PRO A 26 8.01 -22.75 36.34
C PRO A 26 8.23 -21.44 37.07
N LEU A 27 7.85 -20.33 36.42
CA LEU A 27 7.86 -19.03 37.06
C LEU A 27 6.51 -18.74 37.73
N PRO A 28 6.52 -18.66 39.05
CA PRO A 28 5.31 -18.41 39.82
C PRO A 28 4.80 -17.00 39.60
N ILE A 29 3.53 -16.89 39.21
CA ILE A 29 2.89 -15.59 39.05
C ILE A 29 1.57 -15.52 39.80
N SER A 30 1.48 -14.59 40.75
CA SER A 30 0.29 -14.45 41.57
C SER A 30 -0.34 -13.07 41.38
N ILE A 31 -1.59 -13.04 40.92
CA ILE A 31 -2.29 -11.79 40.66
C ILE A 31 -3.62 -11.74 41.37
N THR A 32 -3.80 -10.73 42.22
CA THR A 32 -5.08 -10.52 42.89
C THR A 32 -5.59 -9.10 42.66
N PRO A 33 -6.68 -8.99 41.90
CA PRO A 33 -7.38 -7.72 41.74
C PRO A 33 -8.00 -7.26 43.05
N THR A 34 -7.73 -6.02 43.42
CA THR A 34 -8.11 -5.51 44.74
C THR A 34 -9.28 -4.55 44.65
N LYS A 35 -9.46 -3.95 43.47
CA LYS A 35 -10.45 -2.90 43.29
C LYS A 35 -10.74 -2.66 41.82
N ILE A 36 -12.02 -2.53 41.48
CA ILE A 36 -12.43 -2.29 40.11
C ILE A 36 -13.33 -1.06 40.01
N LYS A 37 -12.87 -0.04 39.30
CA LYS A 37 -13.64 1.18 39.11
C LYS A 37 -14.21 1.25 37.70
N LEU A 38 -15.53 1.26 37.60
CA LEU A 38 -16.20 1.47 36.32
C LEU A 38 -16.71 2.90 36.18
N ILE A 39 -16.09 3.65 35.29
CA ILE A 39 -16.41 5.07 35.12
C ILE A 39 -16.90 5.35 33.70
N PRO A 40 -18.15 5.78 33.60
CA PRO A 40 -18.74 6.13 32.31
C PRO A 40 -18.22 7.46 31.79
N THR A 41 -18.39 7.70 30.50
CA THR A 41 -18.15 9.03 29.93
C THR A 41 -19.38 9.91 30.05
N VAL A 42 -19.27 10.96 30.86
CA VAL A 42 -20.44 11.68 31.36
C VAL A 42 -20.41 13.14 30.94
N ASN A 43 -21.53 13.63 30.41
CA ASN A 43 -21.69 15.04 30.09
C ASN A 43 -22.88 15.65 30.81
N LEU A 44 -22.65 16.79 31.46
CA LEU A 44 -23.73 17.53 32.11
C LEU A 44 -24.67 18.14 31.08
N GLU A 45 -25.96 17.87 31.24
CA GLU A 45 -26.98 18.46 30.38
C GLU A 45 -27.53 19.74 30.98
N TYR A 46 -27.97 19.65 32.24
CA TYR A 46 -28.48 20.81 32.96
C TYR A 46 -28.68 20.51 34.43
N VAL A 47 -28.97 21.55 35.21
CA VAL A 47 -29.27 21.38 36.62
C VAL A 47 -30.67 21.90 36.95
N THR A 48 -31.23 21.43 38.07
CA THR A 48 -32.57 21.82 38.47
C THR A 48 -32.68 21.87 39.99
N CYS A 49 -33.58 22.73 40.48
CA CYS A 49 -33.70 22.98 41.91
C CYS A 49 -34.94 23.82 42.22
N HIS A 50 -35.09 24.16 43.50
CA HIS A 50 -36.17 25.06 43.92
C HIS A 50 -36.01 26.44 43.30
N TYR A 51 -37.10 27.21 43.25
CA TYR A 51 -37.12 28.45 42.51
C TYR A 51 -37.92 29.52 43.26
N LYS A 52 -37.78 30.77 42.84
CA LYS A 52 -38.54 31.87 43.42
C LYS A 52 -39.23 32.69 42.34
N THR A 53 -40.49 33.04 42.59
CA THR A 53 -41.24 33.89 41.67
C THR A 53 -41.04 35.36 42.01
N GLY A 54 -40.20 36.04 41.23
CA GLY A 54 -39.92 37.45 41.45
C GLY A 54 -41.16 38.31 41.18
N MET A 55 -41.58 39.07 42.17
CA MET A 55 -42.77 39.91 42.05
C MET A 55 -42.45 41.36 42.37
N ASP A 56 -42.74 42.25 41.42
CA ASP A 56 -42.48 43.67 41.59
C ASP A 56 -43.58 44.35 42.41
N SER A 57 -43.31 45.56 42.86
CA SER A 57 -44.28 46.32 43.64
C SER A 57 -45.48 46.72 42.78
N PRO A 58 -46.67 46.64 43.36
CA PRO A 58 -47.90 46.98 42.64
C PRO A 58 -47.82 48.37 42.05
N ALA A 59 -48.14 48.49 40.76
CA ALA A 59 -48.23 49.78 40.11
C ALA A 59 -49.65 50.34 40.20
N ILE A 60 -49.92 51.07 41.27
CA ILE A 60 -51.26 51.59 41.53
C ILE A 60 -51.37 53.06 41.17
N LYS A 61 -52.17 53.36 40.15
CA LYS A 61 -52.49 54.74 39.80
C LYS A 61 -53.90 55.12 40.24
N CYS A 62 -53.98 56.06 41.18
CA CYS A 62 -55.27 56.54 41.66
C CYS A 62 -55.81 57.66 40.77
N CYS A 63 -57.08 57.56 40.40
CA CYS A 63 -57.70 58.55 39.53
C CYS A 63 -56.98 58.62 38.19
N GLY A 64 -56.60 57.47 37.65
CA GLY A 64 -55.82 57.42 36.43
C GLY A 64 -55.55 55.99 36.00
N SER A 65 -54.57 55.81 35.12
CA SER A 65 -54.25 54.49 34.59
C SER A 65 -52.75 54.33 34.35
N GLN A 66 -52.23 53.16 34.65
CA GLN A 66 -50.82 52.87 34.41
C GLN A 66 -50.60 52.29 33.01
N GLU A 67 -49.35 52.33 32.55
CA GLU A 67 -49.00 51.75 31.27
C GLU A 67 -47.95 50.65 31.42
N CYS A 68 -48.19 49.52 30.79
CA CYS A 68 -47.28 48.38 30.89
C CYS A 68 -46.16 48.48 29.85
N THR A 69 -45.01 47.91 30.17
CA THR A 69 -43.87 47.94 29.27
C THR A 69 -43.25 46.56 29.12
N PRO A 70 -42.55 46.35 28.01
CA PRO A 70 -41.91 45.06 27.73
C PRO A 70 -40.91 44.71 28.83
N THR A 71 -40.96 43.45 29.28
CA THR A 71 -39.99 42.95 30.24
C THR A 71 -39.42 41.61 29.82
N TYR A 72 -38.10 41.47 29.89
CA TYR A 72 -37.42 40.29 29.40
C TYR A 72 -36.98 39.38 30.54
N ARG A 73 -37.93 38.60 31.05
CA ARG A 73 -37.63 37.69 32.15
C ARG A 73 -38.23 36.31 31.88
N PRO A 74 -37.59 35.28 32.44
CA PRO A 74 -38.05 33.91 32.27
C PRO A 74 -39.48 33.74 32.79
N ASP A 75 -40.33 33.12 31.99
CA ASP A 75 -41.71 32.90 32.36
C ASP A 75 -42.33 34.15 32.96
N GLU A 76 -42.11 35.28 32.30
CA GLU A 76 -42.60 36.57 32.80
C GLU A 76 -44.08 36.74 32.50
N GLN A 77 -44.87 37.02 33.54
CA GLN A 77 -46.30 37.26 33.39
C GLN A 77 -46.69 38.61 33.96
N CYS A 78 -47.59 39.30 33.29
CA CYS A 78 -48.05 40.62 33.71
C CYS A 78 -49.49 40.88 33.30
N LYS A 79 -50.28 41.44 34.20
CA LYS A 79 -51.70 41.67 33.95
C LYS A 79 -52.19 42.88 34.74
N VAL A 80 -53.09 43.65 34.13
CA VAL A 80 -53.62 44.85 34.75
C VAL A 80 -55.03 44.61 35.29
N PHE A 81 -55.29 45.07 36.50
CA PHE A 81 -56.62 45.01 37.08
C PHE A 81 -57.13 46.41 37.45
N THR A 82 -58.35 46.72 37.06
CA THR A 82 -58.91 48.05 37.26
C THR A 82 -60.11 48.00 38.21
N GLY A 83 -60.48 49.15 38.75
CA GLY A 83 -61.60 49.24 39.68
C GLY A 83 -61.20 48.79 41.08
N VAL A 84 -60.06 49.30 41.56
CA VAL A 84 -59.52 48.87 42.84
C VAL A 84 -59.51 50.02 43.84
N TYR A 85 -59.71 49.68 45.12
CA TYR A 85 -59.75 50.70 46.17
C TYR A 85 -59.02 50.21 47.42
N PRO A 86 -57.70 50.30 47.39
CA PRO A 86 -56.86 49.77 48.46
C PRO A 86 -56.99 50.62 49.72
N PHE A 87 -57.00 49.95 50.87
CA PHE A 87 -56.99 50.64 52.16
C PHE A 87 -55.71 50.35 52.92
N MET A 88 -55.26 51.32 53.72
CA MET A 88 -54.05 51.17 54.51
C MET A 88 -54.33 51.43 55.99
N TRP A 89 -53.39 51.03 56.84
CA TRP A 89 -53.47 51.33 58.27
C TRP A 89 -53.53 52.82 58.51
N GLY A 90 -52.95 53.60 57.60
CA GLY A 90 -52.94 55.05 57.72
C GLY A 90 -54.15 55.67 57.06
N GLY A 91 -55.08 54.83 56.62
CA GLY A 91 -56.33 55.29 56.03
C GLY A 91 -56.46 54.85 54.58
N ALA A 92 -57.57 55.21 53.94
CA ALA A 92 -57.80 54.86 52.56
C ALA A 92 -56.72 55.42 51.65
N TYR A 93 -56.17 54.58 50.78
CA TYR A 93 -55.06 54.96 49.92
C TYR A 93 -55.49 55.98 48.88
N CYS A 94 -56.53 55.64 48.13
CA CYS A 94 -56.94 56.45 46.98
C CYS A 94 -58.29 57.10 47.24
N PHE A 95 -58.41 58.38 46.87
CA PHE A 95 -59.67 59.10 46.98
C PHE A 95 -60.73 58.50 46.06
N CYS A 96 -60.41 58.43 44.78
CA CYS A 96 -61.38 58.07 43.76
C CYS A 96 -61.84 56.62 43.93
N ASP A 97 -63.10 56.36 43.62
CA ASP A 97 -63.64 55.01 43.69
C ASP A 97 -63.53 54.30 42.35
N THR A 98 -63.53 55.07 41.27
CA THR A 98 -63.39 54.52 39.93
C THR A 98 -62.17 55.09 39.22
N GLU A 99 -61.93 54.64 37.99
CA GLU A 99 -60.77 55.08 37.22
C GLU A 99 -59.47 54.80 37.98
N ASN A 100 -59.44 53.68 38.69
CA ASN A 100 -58.22 53.25 39.37
C ASN A 100 -57.60 52.03 38.69
N THR A 101 -56.28 52.02 38.58
CA THR A 101 -55.58 50.98 37.85
C THR A 101 -54.45 50.38 38.67
N GLN A 102 -54.41 49.06 38.76
CA GLN A 102 -53.32 48.36 39.42
C GLN A 102 -52.68 47.33 38.51
N VAL A 103 -51.45 47.61 38.08
CA VAL A 103 -50.73 46.69 37.20
C VAL A 103 -49.82 45.76 38.00
N SER A 104 -49.94 44.47 37.75
CA SER A 104 -49.10 43.48 38.41
C SER A 104 -48.11 42.84 37.44
N LYS A 105 -46.85 42.78 37.83
CA LYS A 105 -45.82 42.16 37.02
C LYS A 105 -44.95 41.21 37.83
N ALA A 106 -44.71 40.02 37.30
CA ALA A 106 -43.94 39.00 38.00
C ALA A 106 -43.22 38.08 37.01
N TYR A 107 -42.17 37.42 37.49
CA TYR A 107 -41.42 36.49 36.67
C TYR A 107 -40.80 35.38 37.51
N VAL A 108 -40.36 34.31 36.86
CA VAL A 108 -39.81 33.16 37.56
C VAL A 108 -38.29 33.12 37.44
N MET A 109 -37.61 32.92 38.57
CA MET A 109 -36.16 32.84 38.58
C MET A 109 -35.68 31.75 39.54
N LYS A 110 -34.47 31.25 39.31
CA LYS A 110 -33.88 30.23 40.18
C LYS A 110 -33.65 30.78 41.58
N SER A 111 -33.79 29.92 42.58
CA SER A 111 -33.49 30.28 43.96
C SER A 111 -31.99 30.41 44.17
N ASP A 112 -31.61 31.37 45.02
CA ASP A 112 -30.21 31.54 45.40
C ASP A 112 -29.71 30.36 46.21
N ASP A 113 -30.64 29.57 46.75
CA ASP A 113 -30.31 28.38 47.50
C ASP A 113 -29.88 27.24 46.58
N CYS A 114 -30.20 27.38 45.29
CA CYS A 114 -29.89 26.34 44.31
C CYS A 114 -28.40 26.08 44.24
N LEU A 115 -27.61 27.13 44.46
CA LEU A 115 -26.15 27.03 44.40
C LEU A 115 -25.65 25.84 45.20
N ALA A 116 -26.23 25.64 46.38
CA ALA A 116 -25.86 24.52 47.23
C ALA A 116 -26.78 23.32 46.99
N ASP A 117 -28.07 23.59 46.86
CA ASP A 117 -29.07 22.53 46.79
C ASP A 117 -29.68 22.43 45.40
N HIS A 118 -29.16 21.49 44.60
CA HIS A 118 -29.70 21.24 43.27
C HIS A 118 -29.41 19.81 42.82
N ALA A 119 -30.17 19.33 41.85
CA ALA A 119 -29.86 18.07 41.18
C ALA A 119 -29.22 18.31 39.82
N GLU A 120 -28.34 17.39 39.41
CA GLU A 120 -27.60 17.54 38.17
C GLU A 120 -27.95 16.42 37.18
N ALA A 121 -28.46 16.80 36.02
CA ALA A 121 -28.88 15.84 35.01
C ALA A 121 -27.75 15.55 34.03
N TYR A 122 -27.35 14.28 33.95
CA TYR A 122 -26.25 13.88 33.08
C TYR A 122 -26.74 12.93 31.99
N LYS A 123 -26.00 12.88 30.89
CA LYS A 123 -26.08 11.76 29.96
C LYS A 123 -24.74 11.07 29.80
N ALA A 124 -24.74 9.75 29.85
CA ALA A 124 -23.51 8.98 29.91
C ALA A 124 -23.44 7.97 28.78
N HIS A 125 -22.21 7.67 28.34
CA HIS A 125 -22.00 6.65 27.31
C HIS A 125 -20.58 6.10 27.37
N THR A 126 -20.33 5.05 26.60
CA THR A 126 -18.98 4.50 26.48
C THR A 126 -18.24 4.56 27.82
N ALA A 127 -18.46 3.56 28.65
CA ALA A 127 -17.82 3.49 29.96
C ALA A 127 -16.51 2.71 29.91
N SER A 128 -15.54 3.13 30.72
CA SER A 128 -14.27 2.42 30.80
C SER A 128 -13.99 1.97 32.23
N VAL A 129 -13.30 0.84 32.36
CA VAL A 129 -13.01 0.27 33.67
C VAL A 129 -11.51 0.34 33.98
N GLN A 130 -11.19 0.82 35.18
CA GLN A 130 -9.80 0.81 35.64
C GLN A 130 -9.64 -0.07 36.87
N ALA A 131 -8.70 -0.99 36.81
CA ALA A 131 -8.54 -2.01 37.84
C ALA A 131 -7.24 -1.86 38.60
N PHE A 132 -7.24 -2.22 39.87
CA PHE A 132 -6.04 -2.16 40.70
C PHE A 132 -5.58 -3.54 41.10
N LEU A 133 -4.55 -4.05 40.42
CA LEU A 133 -4.11 -5.43 40.61
C LEU A 133 -2.84 -5.49 41.45
N ASN A 134 -2.84 -6.40 42.43
CA ASN A 134 -1.61 -6.78 43.12
C ASN A 134 -0.92 -7.93 42.39
N ILE A 135 0.19 -7.62 41.73
CA ILE A 135 0.84 -8.56 40.82
C ILE A 135 2.24 -8.92 41.30
N THR A 136 2.46 -10.22 41.51
CA THR A 136 3.79 -10.71 41.89
C THR A 136 4.32 -11.67 40.83
N VAL A 137 5.40 -11.28 40.18
CA VAL A 137 6.02 -12.10 39.13
C VAL A 137 7.44 -12.51 39.51
N GLY A 138 7.60 -13.75 39.95
CA GLY A 138 8.90 -14.24 40.40
C GLY A 138 9.40 -13.46 41.60
N GLU A 139 8.55 -13.33 42.62
CA GLU A 139 8.89 -12.57 43.80
C GLU A 139 9.15 -11.11 43.47
N HIS A 140 8.36 -10.57 42.54
CA HIS A 140 8.39 -9.15 42.25
C HIS A 140 7.00 -8.53 42.42
N SER A 141 6.69 -8.11 43.64
CA SER A 141 5.35 -7.63 43.96
C SER A 141 5.19 -6.16 43.59
N ILE A 142 4.16 -5.88 42.79
CA ILE A 142 3.87 -4.50 42.39
C ILE A 142 2.38 -4.20 42.50
N VAL A 143 2.04 -2.91 42.53
CA VAL A 143 0.65 -2.48 42.46
C VAL A 143 0.35 -1.81 41.12
N THR A 144 -0.42 -2.50 40.28
CA THR A 144 -0.64 -2.05 38.91
C THR A 144 -2.00 -1.40 38.75
N THR A 145 -2.02 -0.18 38.25
CA THR A 145 -3.26 0.50 37.89
C THR A 145 -3.42 0.61 36.37
N VAL A 146 -4.38 -0.12 35.83
CA VAL A 146 -4.52 -0.26 34.38
C VAL A 146 -5.97 -0.42 33.98
N TYR A 147 -6.33 0.17 32.84
CA TYR A 147 -7.69 0.06 32.31
C TYR A 147 -7.93 -1.32 31.72
N VAL A 148 -9.19 -1.62 31.42
CA VAL A 148 -9.57 -2.91 30.87
C VAL A 148 -9.53 -2.90 29.34
N ASN A 149 -8.87 -1.89 28.79
CA ASN A 149 -8.64 -1.82 27.34
C ASN A 149 -7.31 -2.47 26.97
N GLY A 150 -7.36 -3.44 26.08
CA GLY A 150 -6.18 -4.20 25.70
C GLY A 150 -5.30 -3.43 24.72
N GLU A 151 -5.74 -2.22 24.39
CA GLU A 151 -5.00 -1.37 23.46
C GLU A 151 -3.69 -0.90 24.07
N THR A 152 -3.71 -0.63 25.37
CA THR A 152 -2.59 0.04 26.04
C THR A 152 -1.98 -0.86 27.10
N PRO A 153 -0.86 -1.49 26.78
CA PRO A 153 -0.16 -2.35 27.72
C PRO A 153 0.60 -1.53 28.75
N VAL A 154 0.97 -2.18 29.85
CA VAL A 154 1.81 -1.55 30.87
C VAL A 154 3.05 -2.39 31.16
N ASN A 155 4.19 -1.72 31.29
CA ASN A 155 5.47 -2.41 31.42
C ASN A 155 6.10 -2.18 32.78
N PHE A 156 6.19 -3.24 33.57
CA PHE A 156 6.87 -3.18 34.87
C PHE A 156 7.98 -4.20 34.96
N ASN A 157 9.18 -3.75 35.30
CA ASN A 157 10.33 -4.63 35.43
C ASN A 157 10.56 -5.43 34.16
N GLY A 158 10.27 -4.81 33.01
CA GLY A 158 10.51 -5.44 31.72
C GLY A 158 9.32 -6.31 31.31
N VAL A 159 8.35 -6.42 32.19
CA VAL A 159 7.18 -7.26 31.94
C VAL A 159 6.03 -6.44 31.35
N LYS A 160 5.71 -6.70 30.09
CA LYS A 160 4.66 -5.97 29.40
C LYS A 160 3.32 -6.70 29.51
N ILE A 161 2.40 -6.12 30.28
CA ILE A 161 1.11 -6.76 30.55
C ILE A 161 -0.01 -6.08 29.80
N THR A 162 -0.75 -6.85 29.01
CA THR A 162 -1.94 -6.34 28.32
C THR A 162 -3.21 -6.85 28.98
N ALA A 163 -4.08 -5.94 29.38
CA ALA A 163 -5.36 -6.30 29.98
C ALA A 163 -6.52 -5.93 29.07
N GLY A 164 -7.38 -6.92 28.79
CA GLY A 164 -8.53 -6.70 27.92
C GLY A 164 -8.18 -6.96 26.47
N PRO A 165 -8.96 -6.39 25.56
CA PRO A 165 -10.08 -5.54 25.95
C PRO A 165 -11.15 -6.34 26.68
N LEU A 166 -11.82 -5.69 27.63
CA LEU A 166 -12.91 -6.32 28.38
C LEU A 166 -13.89 -7.03 27.43
N SER A 167 -14.23 -8.26 27.76
CA SER A 167 -15.03 -9.10 26.87
C SER A 167 -16.51 -8.76 26.99
N THR A 168 -16.87 -8.05 28.05
CA THR A 168 -18.27 -7.72 28.31
C THR A 168 -18.54 -6.24 28.05
N ALA A 169 -19.52 -5.95 27.20
CA ALA A 169 -19.82 -4.60 26.82
C ALA A 169 -20.90 -3.99 27.71
N TRP A 170 -21.53 -4.84 28.51
CA TRP A 170 -22.60 -4.39 29.40
C TRP A 170 -22.09 -3.36 30.40
N THR A 171 -22.90 -2.34 30.66
CA THR A 171 -22.62 -1.39 31.73
C THR A 171 -23.83 -1.22 32.65
N PRO A 172 -23.56 -0.95 33.92
CA PRO A 172 -24.62 -0.79 34.91
C PRO A 172 -25.29 0.57 34.77
N PHE A 173 -24.62 1.49 34.10
CA PHE A 173 -25.13 2.85 33.97
C PHE A 173 -26.04 2.98 32.75
N ASP A 174 -27.13 3.73 32.92
CA ASP A 174 -28.07 3.96 31.83
C ASP A 174 -27.70 5.21 31.04
N ARG A 175 -28.38 5.42 29.92
CA ARG A 175 -28.11 6.56 29.06
C ARG A 175 -28.33 7.88 29.80
N LYS A 176 -29.45 7.96 30.52
CA LYS A 176 -29.76 9.14 31.30
C LYS A 176 -29.51 8.91 32.79
N ILE A 177 -28.88 9.89 33.44
CA ILE A 177 -28.58 9.78 34.86
C ILE A 177 -28.94 11.07 35.59
N VAL A 178 -29.50 10.93 36.78
CA VAL A 178 -29.80 12.08 37.64
C VAL A 178 -29.06 11.99 38.96
N GLN A 179 -28.16 12.94 39.20
CA GLN A 179 -27.38 12.98 40.43
C GLN A 179 -27.83 14.13 41.32
N TYR A 180 -28.57 13.81 42.37
CA TYR A 180 -29.05 14.82 43.30
C TYR A 180 -28.22 14.84 44.58
N ALA A 181 -27.32 15.81 44.67
CA ALA A 181 -26.51 15.99 45.87
C ALA A 181 -25.79 14.70 46.25
N GLY A 182 -25.20 14.05 45.25
CA GLY A 182 -24.41 12.84 45.48
C GLY A 182 -25.28 11.59 45.41
N GLU A 183 -26.59 11.79 45.26
CA GLU A 183 -27.53 10.68 45.16
C GLU A 183 -27.89 10.39 43.71
N ILE A 184 -27.43 9.25 43.21
CA ILE A 184 -27.52 8.96 41.79
C ILE A 184 -28.73 8.07 41.48
N TYR A 185 -29.55 8.50 40.53
CA TYR A 185 -30.77 7.79 40.19
C TYR A 185 -30.86 7.52 38.69
N ASN A 186 -31.45 6.39 38.33
CA ASN A 186 -31.82 6.13 36.95
C ASN A 186 -33.21 6.67 36.63
N TYR A 187 -33.23 7.87 36.04
CA TYR A 187 -34.50 8.55 35.77
C TYR A 187 -34.49 9.20 34.39
N ASP A 188 -35.56 8.97 33.64
CA ASP A 188 -35.70 9.58 32.31
C ASP A 188 -36.13 11.03 32.42
N PHE A 189 -35.17 11.89 32.77
CA PHE A 189 -35.43 13.33 32.89
C PHE A 189 -35.72 13.95 31.53
N PRO A 190 -36.46 15.05 31.54
CA PRO A 190 -36.90 15.69 30.30
C PRO A 190 -35.74 16.41 29.62
N GLU A 191 -35.90 16.67 28.32
CA GLU A 191 -34.86 17.36 27.55
C GLU A 191 -34.78 18.83 27.97
N TYR A 192 -33.57 19.40 27.87
CA TYR A 192 -33.35 20.78 28.25
C TYR A 192 -34.18 21.73 27.39
N GLY A 193 -35.04 22.50 28.05
CA GLY A 193 -35.88 23.47 27.35
C GLY A 193 -37.26 22.88 27.05
N ALA A 194 -37.42 21.60 27.34
CA ALA A 194 -38.69 20.92 27.11
C ALA A 194 -39.42 20.65 28.42
N GLY A 195 -38.97 21.30 29.49
CA GLY A 195 -39.50 21.05 30.83
C GLY A 195 -40.98 21.43 30.91
N GLN A 196 -41.73 20.65 31.67
CA GLN A 196 -43.16 20.91 31.85
C GLN A 196 -43.46 21.38 33.27
N PRO A 197 -44.56 22.11 33.42
CA PRO A 197 -44.96 22.62 34.73
C PRO A 197 -45.42 21.49 35.64
N GLY A 198 -44.92 21.49 36.87
CA GLY A 198 -45.27 20.47 37.84
C GLY A 198 -44.50 19.18 37.60
N ALA A 199 -43.48 19.27 36.75
CA ALA A 199 -42.65 18.11 36.43
C ALA A 199 -41.19 18.35 36.80
N PHE A 200 -40.48 17.28 37.13
CA PHE A 200 -39.05 17.37 37.43
C PHE A 200 -38.30 18.05 36.31
N GLY A 201 -37.64 19.17 36.63
CA GLY A 201 -36.98 19.98 35.63
C GLY A 201 -37.90 21.07 35.09
N ASP A 202 -38.91 21.43 35.89
CA ASP A 202 -39.77 22.56 35.57
C ASP A 202 -38.99 23.86 35.55
N ILE A 203 -37.98 23.95 36.41
CA ILE A 203 -36.98 25.01 36.31
C ILE A 203 -35.60 24.44 35.99
N GLN A 204 -35.07 24.82 34.84
CA GLN A 204 -33.81 24.24 34.35
C GLN A 204 -32.77 25.33 34.14
N SER A 205 -31.51 24.97 34.36
CA SER A 205 -30.39 25.86 34.04
C SER A 205 -29.23 25.08 33.43
N ARG A 206 -28.81 25.49 32.24
CA ARG A 206 -27.76 24.78 31.51
C ARG A 206 -26.62 24.38 32.43
N THR A 207 -26.13 25.34 33.21
CA THR A 207 -25.11 25.07 34.22
C THR A 207 -25.45 25.76 35.53
N VAL A 208 -24.71 25.43 36.58
CA VAL A 208 -24.95 25.98 37.91
C VAL A 208 -24.75 27.49 37.93
N SER A 209 -23.70 27.95 37.25
CA SER A 209 -23.34 29.36 37.27
C SER A 209 -24.10 30.15 36.20
N SER A 210 -24.84 29.42 35.36
CA SER A 210 -25.54 30.04 34.25
C SER A 210 -26.60 31.02 34.74
N SER A 211 -26.54 32.25 34.23
CA SER A 211 -27.51 33.28 34.59
C SER A 211 -28.81 33.09 33.82
N ASP A 212 -28.70 32.73 32.55
CA ASP A 212 -29.85 32.35 31.75
C ASP A 212 -30.42 31.01 32.20
N LEU A 213 -31.75 30.91 32.20
CA LEU A 213 -32.42 29.71 32.70
C LEU A 213 -33.74 29.49 31.98
N TYR A 214 -34.20 28.24 31.96
CA TYR A 214 -35.52 27.91 31.44
C TYR A 214 -36.54 27.76 32.56
N ALA A 215 -37.72 28.33 32.37
CA ALA A 215 -38.76 28.28 33.38
C ALA A 215 -40.13 28.03 32.76
N ASN A 216 -40.83 27.03 33.28
CA ASN A 216 -42.20 26.77 32.85
C ASN A 216 -43.08 26.34 34.02
N THR A 217 -43.62 27.32 34.74
CA THR A 217 -44.39 27.05 35.94
C THR A 217 -45.88 27.29 35.71
N ASN A 218 -46.21 27.80 34.53
CA ASN A 218 -47.59 28.19 34.22
C ASN A 218 -48.08 29.27 35.19
N LEU A 219 -47.28 30.32 35.35
CA LEU A 219 -47.64 31.40 36.26
C LEU A 219 -48.77 32.24 35.69
N VAL A 220 -49.86 32.35 36.44
CA VAL A 220 -50.97 33.22 36.07
C VAL A 220 -51.33 34.16 37.20
N LEU A 221 -51.32 35.46 36.91
CA LEU A 221 -51.63 36.47 37.91
C LEU A 221 -53.12 36.60 38.14
N GLN A 222 -53.51 36.87 39.38
CA GLN A 222 -54.92 36.91 39.75
C GLN A 222 -55.33 38.31 40.20
N ARG A 223 -56.64 38.52 40.35
CA ARG A 223 -57.17 39.79 40.84
C ARG A 223 -56.96 39.93 42.34
N PRO A 224 -56.42 41.06 42.75
CA PRO A 224 -56.14 41.32 44.17
C PRO A 224 -57.43 41.47 44.95
N LYS A 225 -57.35 41.29 46.27
CA LYS A 225 -58.51 41.38 47.15
C LYS A 225 -58.94 42.83 47.32
N ALA A 226 -60.25 43.04 47.46
CA ALA A 226 -60.80 44.38 47.59
C ALA A 226 -60.30 45.06 48.86
N GLY A 227 -59.64 46.20 48.70
CA GLY A 227 -59.18 46.98 49.83
C GLY A 227 -57.81 46.49 50.33
N ALA A 228 -57.24 45.54 49.60
CA ALA A 228 -55.98 44.93 49.99
C ALA A 228 -54.94 45.07 48.88
N ILE A 229 -53.73 45.50 49.25
CA ILE A 229 -52.64 45.61 48.30
C ILE A 229 -51.76 44.37 48.30
N HIS A 230 -51.78 43.64 47.19
CA HIS A 230 -50.97 42.43 47.07
C HIS A 230 -51.06 41.85 45.66
N VAL A 231 -50.12 40.99 45.32
CA VAL A 231 -50.10 40.34 44.01
C VAL A 231 -50.39 38.85 44.13
N PRO A 232 -51.66 38.49 43.97
CA PRO A 232 -52.07 37.09 43.98
C PRO A 232 -51.75 36.42 42.65
N TYR A 233 -51.51 35.12 42.70
CA TYR A 233 -51.08 34.36 41.52
C TYR A 233 -51.32 32.87 41.70
N THR A 234 -51.26 32.13 40.59
CA THR A 234 -51.31 30.68 40.64
C THR A 234 -50.18 30.06 39.82
N GLN A 235 -49.55 29.03 40.37
CA GLN A 235 -48.48 28.34 39.68
C GLN A 235 -48.41 26.87 40.08
N ALA A 236 -47.84 26.05 39.19
CA ALA A 236 -47.72 24.62 39.45
C ALA A 236 -46.74 24.35 40.58
N PRO A 237 -47.09 23.42 41.47
CA PRO A 237 -46.21 23.01 42.54
C PRO A 237 -44.85 22.55 42.00
N SER A 238 -43.80 22.82 42.78
CA SER A 238 -42.45 22.46 42.37
C SER A 238 -42.36 21.00 41.98
N GLY A 239 -42.12 20.73 40.70
CA GLY A 239 -41.94 19.38 40.21
C GLY A 239 -40.62 18.78 40.72
N PHE A 240 -39.63 19.65 40.91
CA PHE A 240 -38.39 19.25 41.58
C PHE A 240 -38.66 18.74 42.99
N GLU A 241 -39.37 19.53 43.77
CA GLU A 241 -39.72 19.15 45.14
C GLU A 241 -40.52 17.86 45.16
N GLN A 242 -41.49 17.76 44.28
CA GLN A 242 -42.33 16.56 44.18
C GLN A 242 -41.48 15.33 43.87
N TRP A 243 -40.61 15.45 42.87
CA TRP A 243 -39.71 14.37 42.51
C TRP A 243 -38.86 13.93 43.68
N LYS A 244 -38.37 14.91 44.45
CA LYS A 244 -37.60 14.64 45.66
C LYS A 244 -38.30 13.61 46.54
N LYS A 245 -39.63 13.64 46.53
CA LYS A 245 -40.43 12.70 47.30
C LYS A 245 -40.57 11.36 46.58
N ASP A 246 -40.73 11.42 45.27
CA ASP A 246 -40.94 10.22 44.47
C ASP A 246 -39.68 9.86 43.67
N LYS A 247 -38.55 10.35 44.15
CA LYS A 247 -37.27 10.11 43.48
C LYS A 247 -36.97 8.61 43.39
N ALA A 248 -37.66 7.83 44.21
CA ALA A 248 -37.52 6.38 44.19
C ALA A 248 -36.14 5.95 44.66
N PRO A 249 -36.01 4.68 45.00
CA PRO A 249 -34.74 4.15 45.49
C PRO A 249 -33.62 4.42 44.51
N SER A 250 -32.39 4.50 45.04
CA SER A 250 -31.25 4.96 44.24
C SER A 250 -30.75 3.87 43.31
N LEU A 251 -29.98 4.26 42.31
CA LEU A 251 -29.37 3.32 41.39
C LEU A 251 -28.54 2.27 42.13
N LYS A 252 -27.82 2.71 43.15
CA LYS A 252 -27.02 1.81 43.98
C LYS A 252 -27.84 0.62 44.45
N PHE A 253 -29.13 0.86 44.72
CA PHE A 253 -29.99 -0.15 45.32
C PHE A 253 -30.58 -1.07 44.25
N THR A 254 -30.67 -0.57 43.02
CA THR A 254 -31.35 -1.27 41.95
C THR A 254 -30.35 -1.93 40.99
N ALA A 255 -29.09 -1.52 41.10
CA ALA A 255 -28.06 -1.98 40.17
C ALA A 255 -27.86 -3.48 40.27
N PRO A 256 -27.90 -4.15 39.11
CA PRO A 256 -27.75 -5.60 39.07
C PRO A 256 -26.30 -6.02 39.28
N PHE A 257 -26.09 -7.33 39.40
CA PHE A 257 -24.74 -7.87 39.52
C PHE A 257 -24.05 -7.36 40.78
N GLY A 258 -24.86 -6.94 41.75
CA GLY A 258 -24.32 -6.44 43.03
C GLY A 258 -23.44 -5.23 42.82
N CYS A 259 -23.63 -4.54 41.70
CA CYS A 259 -22.85 -3.36 41.38
C CYS A 259 -23.12 -2.23 42.37
N GLU A 260 -22.05 -1.69 42.95
CA GLU A 260 -22.17 -0.63 43.95
C GLU A 260 -21.82 0.73 43.35
N ILE A 261 -22.58 1.75 43.72
CA ILE A 261 -22.40 3.08 43.18
C ILE A 261 -21.74 4.02 44.20
N TYR A 262 -20.72 4.73 43.77
CA TYR A 262 -19.95 5.59 44.65
C TYR A 262 -19.86 7.01 44.12
N THR A 263 -19.59 7.95 45.01
CA THR A 263 -19.79 9.37 44.72
C THR A 263 -18.47 10.05 44.35
N ASN A 264 -18.44 11.37 44.45
CA ASN A 264 -17.26 12.14 44.10
C ASN A 264 -17.05 12.20 42.59
N PRO A 265 -16.73 11.05 41.99
CA PRO A 265 -16.52 10.96 40.54
C PRO A 265 -17.30 9.80 39.94
N ILE A 266 -18.57 10.02 39.64
CA ILE A 266 -19.42 8.99 39.07
C ILE A 266 -18.61 7.72 38.78
N ARG A 267 -18.93 6.65 39.51
CA ARG A 267 -18.21 5.39 39.35
C ARG A 267 -18.97 4.25 40.02
N ALA A 268 -18.82 3.05 39.46
CA ALA A 268 -19.36 1.84 40.09
C ALA A 268 -18.26 0.84 40.38
N GLU A 269 -18.35 0.19 41.55
CA GLU A 269 -17.35 -0.78 41.96
C GLU A 269 -18.00 -2.09 42.37
N ASN A 270 -17.23 -3.18 42.28
CA ASN A 270 -17.67 -4.47 42.76
C ASN A 270 -18.87 -4.98 41.96
N CYS A 271 -18.87 -4.68 40.66
CA CYS A 271 -19.88 -5.22 39.76
C CYS A 271 -19.44 -6.56 39.18
N ALA A 272 -20.05 -7.64 39.66
CA ALA A 272 -19.62 -8.99 39.33
C ALA A 272 -20.24 -9.45 38.03
N VAL A 273 -19.68 -9.00 36.91
CA VAL A 273 -20.19 -9.37 35.59
C VAL A 273 -19.07 -9.43 34.57
N GLY A 274 -19.06 -10.49 33.77
CA GLY A 274 -18.22 -10.54 32.57
C GLY A 274 -16.85 -11.11 32.89
N SER A 275 -15.91 -10.92 31.97
CA SER A 275 -14.54 -11.38 32.16
C SER A 275 -13.56 -10.58 31.31
N ILE A 276 -12.28 -10.69 31.63
CA ILE A 276 -11.25 -9.92 30.94
C ILE A 276 -10.07 -10.81 30.57
N PRO A 277 -9.74 -10.85 29.29
CA PRO A 277 -8.58 -11.59 28.81
C PRO A 277 -7.27 -10.90 29.22
N LEU A 278 -6.24 -11.69 29.44
CA LEU A 278 -4.96 -11.17 29.91
C LEU A 278 -3.79 -11.75 29.11
N ALA A 279 -2.82 -10.90 28.82
CA ALA A 279 -1.60 -11.34 28.15
C ALA A 279 -0.36 -10.82 28.87
N PHE A 280 0.60 -11.72 29.11
CA PHE A 280 1.75 -11.40 29.94
C PHE A 280 3.05 -11.65 29.17
N ASP A 281 3.63 -10.59 28.63
CA ASP A 281 4.90 -10.68 27.92
C ASP A 281 6.07 -10.54 28.87
N ILE A 282 6.65 -11.68 29.27
CA ILE A 282 7.73 -11.70 30.25
C ILE A 282 9.04 -12.11 29.59
N PRO A 283 10.09 -11.34 29.84
CA PRO A 283 11.40 -11.62 29.25
C PRO A 283 12.02 -12.87 29.86
N ASP A 284 12.80 -13.59 29.06
CA ASP A 284 13.48 -14.79 29.53
C ASP A 284 14.51 -14.45 30.60
N ALA A 285 14.96 -13.20 30.61
CA ALA A 285 15.91 -12.74 31.61
C ALA A 285 15.39 -12.98 33.02
N LEU A 286 14.06 -12.96 33.17
CA LEU A 286 13.44 -13.14 34.47
C LEU A 286 13.20 -14.62 34.77
N PHE A 287 13.37 -15.46 33.74
CA PHE A 287 13.18 -16.90 33.89
C PHE A 287 14.41 -17.55 34.53
N THR A 288 14.17 -18.59 35.31
CA THR A 288 15.25 -19.32 35.96
C THR A 288 15.38 -20.73 35.41
N ARG A 289 16.61 -21.17 35.20
CA ARG A 289 16.87 -22.48 34.62
C ARG A 289 16.49 -23.60 35.58
N VAL A 290 15.98 -24.71 35.04
CA VAL A 290 15.52 -25.81 35.85
C VAL A 290 16.65 -26.39 36.70
N SER A 291 17.86 -26.38 36.14
CA SER A 291 19.02 -26.94 36.83
C SER A 291 19.35 -26.15 38.08
N GLU A 292 18.79 -24.95 38.19
CA GLU A 292 19.00 -24.11 39.36
C GLU A 292 18.06 -24.50 40.49
N THR A 293 17.03 -25.25 40.16
CA THR A 293 16.05 -25.69 41.15
C THR A 293 16.35 -27.11 41.64
N PRO A 294 15.82 -27.45 42.80
CA PRO A 294 15.97 -28.79 43.36
C PRO A 294 15.24 -29.82 42.49
N THR A 295 15.77 -31.05 42.48
CA THR A 295 15.19 -32.11 41.67
C THR A 295 14.37 -33.06 42.54
N LEU A 296 13.12 -33.27 42.15
CA LEU A 296 12.18 -34.06 42.94
C LEU A 296 12.02 -35.47 42.36
N SER A 297 12.02 -36.46 43.24
CA SER A 297 11.73 -37.84 42.84
C SER A 297 10.98 -38.58 43.93
N ALA A 298 10.61 -39.82 43.65
CA ALA A 298 9.93 -40.67 44.62
C ALA A 298 8.73 -39.95 45.22
N ALA A 299 7.92 -39.34 44.37
CA ALA A 299 6.78 -38.54 44.81
C ALA A 299 5.53 -39.41 44.96
N GLU A 300 4.77 -39.17 46.02
CA GLU A 300 3.53 -39.90 46.26
C GLU A 300 2.49 -39.02 46.94
N CYS A 301 1.37 -38.81 46.28
CA CYS A 301 0.35 -37.89 46.77
C CYS A 301 -0.81 -38.66 47.39
N THR A 302 -1.08 -38.39 48.67
CA THR A 302 -2.23 -38.95 49.36
C THR A 302 -3.06 -37.85 50.02
N LEU A 303 -4.37 -38.09 50.13
CA LEU A 303 -5.27 -37.15 50.76
C LEU A 303 -5.62 -37.58 52.18
N ASN A 304 -4.99 -36.93 53.16
CA ASN A 304 -5.19 -37.30 54.56
C ASN A 304 -6.57 -36.90 55.05
N GLU A 305 -7.01 -35.71 54.66
CA GLU A 305 -8.32 -35.20 55.06
C GLU A 305 -8.76 -34.05 54.18
N CYS A 306 -10.08 -33.91 54.00
CA CYS A 306 -10.64 -32.85 53.17
C CYS A 306 -12.12 -32.66 53.46
N VAL A 307 -12.50 -31.43 53.77
CA VAL A 307 -13.90 -31.04 53.80
C VAL A 307 -14.17 -29.87 52.85
N TYR A 308 -15.01 -30.12 51.86
CA TYR A 308 -15.33 -29.11 50.85
C TYR A 308 -16.18 -27.99 51.44
N SER A 309 -15.58 -26.83 51.64
CA SER A 309 -16.26 -25.70 52.28
C SER A 309 -15.67 -24.38 51.83
N SER A 310 -16.06 -23.31 52.52
CA SER A 310 -15.69 -21.95 52.09
C SER A 310 -14.21 -21.85 51.80
N ASP A 311 -13.39 -22.21 52.78
CA ASP A 311 -11.94 -22.05 52.68
C ASP A 311 -11.30 -23.30 52.11
N PHE A 312 -9.97 -23.31 52.08
CA PHE A 312 -9.22 -24.47 51.59
C PHE A 312 -9.28 -25.62 52.58
N GLY A 313 -10.43 -26.27 52.64
CA GLY A 313 -10.68 -27.30 53.65
C GLY A 313 -10.07 -28.64 53.23
N GLY A 314 -9.53 -28.68 52.02
CA GLY A 314 -8.80 -29.84 51.55
C GLY A 314 -7.37 -29.86 52.10
N ILE A 315 -6.92 -31.03 52.53
CA ILE A 315 -5.60 -31.17 53.13
C ILE A 315 -4.85 -32.36 52.52
N ALA A 316 -4.00 -32.08 51.54
CA ALA A 316 -3.24 -33.12 50.86
C ALA A 316 -1.81 -33.19 51.37
N THR A 317 -1.29 -34.41 51.53
CA THR A 317 0.09 -34.61 51.93
C THR A 317 0.86 -35.40 50.88
N VAL A 318 2.01 -34.88 50.48
CA VAL A 318 2.80 -35.50 49.42
C VAL A 318 4.21 -35.83 49.92
N LYS A 319 4.57 -37.10 49.82
CA LYS A 319 5.94 -37.53 50.11
C LYS A 319 6.85 -37.29 48.91
N TYR A 320 8.08 -36.86 49.19
CA TYR A 320 9.01 -36.47 48.13
C TYR A 320 10.45 -36.79 48.53
N SER A 321 11.31 -36.88 47.53
CA SER A 321 12.76 -36.86 47.77
C SER A 321 13.45 -35.84 46.89
N ALA A 322 14.04 -34.83 47.52
CA ALA A 322 14.63 -33.70 46.79
C ALA A 322 16.15 -33.75 46.84
N SER A 323 16.78 -33.50 45.69
CA SER A 323 18.24 -33.42 45.63
C SER A 323 18.76 -32.19 46.37
N LYS A 324 17.95 -31.13 46.40
CA LYS A 324 18.28 -29.93 47.14
C LYS A 324 17.06 -29.36 47.85
N SER A 325 17.30 -28.56 48.89
CA SER A 325 16.23 -27.85 49.57
C SER A 325 15.83 -26.59 48.80
N GLY A 326 14.64 -26.09 49.08
CA GLY A 326 14.15 -24.87 48.44
C GLY A 326 12.65 -24.96 48.16
N LYS A 327 12.11 -23.89 47.58
CA LYS A 327 10.67 -23.82 47.34
C LYS A 327 10.33 -24.27 45.92
N CYS A 328 9.21 -24.95 45.77
CA CYS A 328 8.69 -25.31 44.46
C CYS A 328 7.33 -24.68 44.21
N ALA A 329 7.11 -24.21 42.99
CA ALA A 329 5.80 -23.75 42.56
C ALA A 329 4.82 -24.91 42.40
N VAL A 330 3.56 -24.68 42.75
CA VAL A 330 2.54 -25.72 42.66
C VAL A 330 1.36 -25.25 41.81
N HIS A 331 0.75 -26.20 41.11
CA HIS A 331 -0.37 -25.88 40.21
C HIS A 331 -1.17 -27.13 39.87
N VAL A 332 -2.49 -27.00 39.86
CA VAL A 332 -3.36 -28.04 39.33
C VAL A 332 -3.80 -27.74 37.91
N PRO A 333 -3.50 -28.67 37.00
CA PRO A 333 -3.81 -28.47 35.58
C PRO A 333 -5.28 -28.13 35.38
N SER A 334 -6.14 -28.79 36.14
CA SER A 334 -7.58 -28.53 36.07
C SER A 334 -8.00 -27.41 37.01
N GLY A 335 -8.92 -26.57 36.56
CA GLY A 335 -9.48 -25.52 37.39
C GLY A 335 -10.45 -26.07 38.41
N THR A 336 -10.74 -27.37 38.31
CA THR A 336 -11.64 -28.03 39.24
C THR A 336 -11.18 -27.84 40.68
N ALA A 337 -9.88 -27.91 40.90
CA ALA A 337 -9.32 -27.74 42.23
C ALA A 337 -8.46 -26.48 42.31
N THR A 338 -8.46 -25.84 43.47
CA THR A 338 -7.65 -24.64 43.69
C THR A 338 -6.76 -24.80 44.90
N LEU A 339 -5.51 -24.34 44.77
CA LEU A 339 -4.52 -24.51 45.83
C LEU A 339 -4.44 -23.27 46.70
N LYS A 340 -4.10 -23.47 47.98
CA LYS A 340 -3.97 -22.37 48.91
C LYS A 340 -2.71 -21.54 48.63
N GLU A 341 -1.56 -22.22 48.59
CA GLU A 341 -0.29 -21.54 48.38
C GLU A 341 0.15 -21.65 46.92
N ALA A 342 0.91 -20.66 46.47
CA ALA A 342 1.47 -20.68 45.12
C ALA A 342 2.75 -21.50 45.07
N ALA A 343 3.48 -21.54 46.18
CA ALA A 343 4.72 -22.29 46.26
C ALA A 343 4.94 -22.84 47.66
N VAL A 344 5.58 -24.00 47.73
CA VAL A 344 5.80 -24.67 49.01
C VAL A 344 7.29 -24.95 49.24
N GLU A 345 7.75 -24.65 50.45
CA GLU A 345 9.14 -24.90 50.82
C GLU A 345 9.38 -26.38 51.09
N LEU A 346 10.26 -26.99 50.30
CA LEU A 346 10.59 -28.40 50.48
C LEU A 346 11.95 -28.55 51.17
N THR A 347 12.04 -29.52 52.08
CA THR A 347 13.28 -29.80 52.79
C THR A 347 14.18 -30.72 51.99
N GLU A 348 14.48 -31.88 52.56
CA GLU A 348 15.38 -32.85 51.92
C GLU A 348 14.60 -34.02 51.35
N GLN A 349 14.19 -34.94 52.22
CA GLN A 349 13.50 -36.15 51.79
C GLN A 349 12.30 -36.44 52.68
N GLY A 350 11.53 -35.41 52.99
CA GLY A 350 10.40 -35.54 53.89
C GLY A 350 9.08 -35.55 53.13
N SER A 351 8.04 -35.00 53.75
CA SER A 351 6.75 -34.87 53.08
C SER A 351 6.12 -33.50 53.39
N ALA A 352 5.40 -32.97 52.41
CA ALA A 352 4.84 -31.62 52.52
C ALA A 352 3.33 -31.65 52.48
N THR A 353 2.70 -30.75 53.24
CA THR A 353 1.25 -30.65 53.27
C THR A 353 0.77 -29.33 52.69
N ILE A 354 -0.23 -29.41 51.81
CA ILE A 354 -0.79 -28.22 51.18
C ILE A 354 -2.31 -28.26 51.20
N HIS A 355 -2.92 -27.10 51.48
CA HIS A 355 -4.37 -27.00 51.52
C HIS A 355 -4.93 -26.68 50.14
N PHE A 356 -6.15 -27.14 49.89
CA PHE A 356 -6.81 -26.88 48.61
C PHE A 356 -8.34 -26.90 48.77
N SER A 357 -9.04 -26.66 47.67
CA SER A 357 -10.48 -26.89 47.62
C SER A 357 -10.94 -27.19 46.20
N THR A 358 -11.88 -28.13 46.07
CA THR A 358 -12.29 -28.62 44.76
C THR A 358 -13.82 -28.70 44.67
N ALA A 359 -14.34 -28.42 43.49
CA ALA A 359 -15.78 -28.57 43.24
C ALA A 359 -16.21 -30.02 43.36
N ASN A 360 -15.28 -30.94 43.10
CA ASN A 360 -15.58 -32.36 43.13
C ASN A 360 -15.31 -32.95 44.51
N ILE A 361 -16.38 -33.34 45.20
CA ILE A 361 -16.26 -33.86 46.56
C ILE A 361 -15.48 -35.17 46.58
N HIS A 362 -15.27 -35.74 45.40
CA HIS A 362 -14.39 -36.90 45.27
C HIS A 362 -13.16 -36.57 44.43
N PRO A 363 -12.13 -36.02 45.08
CA PRO A 363 -10.97 -35.49 44.38
C PRO A 363 -10.38 -36.54 43.45
N GLU A 364 -10.20 -36.16 42.19
CA GLU A 364 -9.42 -36.96 41.25
C GLU A 364 -8.75 -36.08 40.19
N PHE A 365 -7.50 -35.72 40.46
CA PHE A 365 -6.82 -34.71 39.65
C PHE A 365 -5.31 -34.84 39.77
N ARG A 366 -4.59 -34.15 38.90
CA ARG A 366 -3.12 -34.12 38.95
C ARG A 366 -2.63 -32.89 39.69
N LEU A 367 -1.53 -33.06 40.42
CA LEU A 367 -0.88 -31.93 41.08
C LEU A 367 0.57 -31.79 40.62
N GLN A 368 0.90 -30.64 40.03
CA GLN A 368 2.25 -30.37 39.55
C GLN A 368 3.09 -29.70 40.62
N ILE A 369 4.29 -30.22 40.85
CA ILE A 369 5.26 -29.57 41.72
C ILE A 369 6.60 -29.39 41.02
N CYS A 370 7.03 -28.14 40.88
CA CYS A 370 8.10 -27.80 39.96
C CYS A 370 7.82 -28.33 38.56
N THR A 371 8.82 -28.97 37.97
CA THR A 371 8.70 -29.48 36.60
C THR A 371 8.00 -30.83 36.57
N SER A 372 7.88 -31.46 37.73
CA SER A 372 7.24 -32.76 37.83
C SER A 372 5.78 -32.63 38.26
N TYR A 373 5.02 -33.72 38.09
CA TYR A 373 3.64 -33.76 38.55
C TYR A 373 3.23 -35.17 38.94
N VAL A 374 2.24 -35.27 39.82
CA VAL A 374 1.75 -36.57 40.29
C VAL A 374 0.24 -36.63 40.26
N THR A 375 -0.31 -37.84 40.35
CA THR A 375 -1.75 -38.02 40.39
C THR A 375 -2.26 -38.17 41.82
N CYS A 376 -3.23 -37.33 42.18
CA CYS A 376 -3.81 -37.37 43.51
C CYS A 376 -5.28 -37.74 43.45
N LYS A 377 -5.76 -38.41 44.50
CA LYS A 377 -7.15 -38.86 44.56
C LYS A 377 -7.56 -39.20 45.98
N GLY A 378 -8.82 -38.89 46.32
CA GLY A 378 -9.32 -39.11 47.67
C GLY A 378 -10.82 -38.85 47.74
N ASP A 379 -11.33 -38.68 48.95
CA ASP A 379 -12.76 -38.48 49.16
C ASP A 379 -13.01 -37.46 50.28
N CYS A 380 -13.58 -36.33 49.91
CA CYS A 380 -13.81 -35.24 50.86
C CYS A 380 -15.21 -35.31 51.45
N HIS A 381 -15.40 -34.65 52.58
CA HIS A 381 -16.72 -34.51 53.18
C HIS A 381 -17.45 -33.29 52.65
N PRO A 382 -18.74 -33.42 52.40
CA PRO A 382 -19.56 -32.30 51.94
C PRO A 382 -19.42 -31.10 52.88
N PRO A 383 -19.92 -29.96 52.43
CA PRO A 383 -19.76 -28.71 53.17
C PRO A 383 -20.45 -28.80 54.54
N LYS A 384 -19.92 -28.03 55.50
CA LYS A 384 -20.47 -28.04 56.84
C LYS A 384 -21.39 -26.83 57.08
N ASP A 385 -20.83 -25.64 56.94
CA ASP A 385 -21.57 -24.41 57.17
C ASP A 385 -22.24 -23.92 55.90
N HIS A 386 -23.57 -23.89 55.92
CA HIS A 386 -24.35 -23.65 54.71
C HIS A 386 -24.45 -22.15 54.42
N ILE A 387 -24.03 -21.33 55.38
CA ILE A 387 -24.11 -19.88 55.25
C ILE A 387 -22.73 -19.27 55.12
N VAL A 388 -22.53 -18.47 54.08
CA VAL A 388 -21.29 -17.73 53.90
C VAL A 388 -21.55 -16.31 53.44
N THR A 389 -20.54 -15.46 53.54
CA THR A 389 -20.65 -14.08 53.10
C THR A 389 -20.65 -13.96 51.59
N HIS A 390 -19.53 -14.35 50.98
CA HIS A 390 -19.50 -14.61 49.53
C HIS A 390 -18.10 -14.96 49.08
N PRO A 391 -17.70 -16.21 49.31
CA PRO A 391 -16.36 -16.66 48.97
C PRO A 391 -16.36 -17.46 47.67
N GLN A 392 -15.18 -17.87 47.24
CA GLN A 392 -15.03 -19.10 46.46
C GLN A 392 -15.41 -20.32 47.30
N TYR A 393 -16.02 -21.30 46.65
CA TYR A 393 -15.65 -21.67 45.29
C TYR A 393 -16.89 -22.03 44.47
N HIS A 394 -16.73 -22.01 43.14
CA HIS A 394 -15.87 -21.05 42.48
C HIS A 394 -14.40 -21.38 42.68
N ALA A 395 -13.88 -22.28 41.83
CA ALA A 395 -14.63 -23.44 41.38
C ALA A 395 -15.87 -23.02 40.60
N GLN A 396 -16.99 -23.67 40.87
CA GLN A 396 -18.13 -23.68 39.97
C GLN A 396 -17.75 -24.27 38.61
N THR A 397 -17.34 -25.53 38.62
CA THR A 397 -16.98 -26.24 37.39
C THR A 397 -17.94 -27.39 37.12
N PHE A 398 -17.79 -28.01 35.96
CA PHE A 398 -18.69 -29.08 35.54
C PHE A 398 -17.96 -30.41 35.42
N THR A 399 -18.11 -31.25 36.44
CA THR A 399 -17.46 -32.55 36.47
C THR A 399 -18.30 -33.60 35.73
N ALA A 400 -19.53 -33.78 36.18
CA ALA A 400 -20.36 -32.66 36.60
C ALA A 400 -20.24 -32.42 38.10
N ALA A 401 -20.57 -33.43 38.89
CA ALA A 401 -20.52 -33.32 40.34
C ALA A 401 -21.07 -34.57 41.01
N VAL A 402 -20.17 -35.39 41.55
CA VAL A 402 -20.55 -36.42 42.51
C VAL A 402 -21.68 -37.28 41.98
N SER A 403 -21.98 -38.36 42.69
CA SER A 403 -21.13 -38.81 43.80
C SER A 403 -20.58 -40.20 43.52
N LYS A 404 -19.63 -40.28 42.60
CA LYS A 404 -18.94 -41.54 42.31
C LYS A 404 -19.86 -42.73 42.56
N THR A 405 -19.46 -43.61 43.46
CA THR A 405 -20.30 -44.72 43.89
C THR A 405 -21.76 -44.46 43.57
N ALA A 406 -22.38 -43.58 44.34
CA ALA A 406 -23.82 -43.32 44.22
C ALA A 406 -24.17 -42.94 42.79
N TRP A 407 -23.32 -42.13 42.17
CA TRP A 407 -23.50 -41.76 40.77
C TRP A 407 -23.60 -43.00 39.87
N THR A 408 -22.69 -43.94 40.08
CA THR A 408 -22.66 -45.17 39.29
C THR A 408 -23.89 -46.03 39.57
N TRP A 409 -24.37 -45.98 40.81
CA TRP A 409 -25.53 -46.76 41.21
C TRP A 409 -26.68 -46.59 40.23
N LEU A 410 -27.03 -45.34 39.94
CA LEU A 410 -28.12 -45.04 39.02
C LEU A 410 -27.67 -45.15 37.57
N THR A 411 -26.44 -44.73 37.30
CA THR A 411 -25.87 -44.81 35.97
C THR A 411 -25.98 -46.23 35.41
N SER A 412 -25.76 -47.22 36.26
CA SER A 412 -25.76 -48.61 35.84
C SER A 412 -27.13 -49.05 35.36
N LEU A 413 -28.15 -48.29 35.75
CA LEU A 413 -29.52 -48.61 35.38
C LEU A 413 -29.79 -48.31 33.91
N LEU A 414 -28.94 -47.47 33.32
CA LEU A 414 -29.10 -47.08 31.92
C LEU A 414 -28.12 -47.80 31.02
N GLY A 415 -28.62 -48.39 29.95
CA GLY A 415 -27.76 -49.04 28.95
C GLY A 415 -27.87 -50.56 29.04
N GLY A 416 -28.19 -51.06 30.23
CA GLY A 416 -28.31 -52.49 30.45
C GLY A 416 -29.40 -53.10 29.57
N SER A 417 -30.56 -52.45 29.54
CA SER A 417 -31.68 -52.94 28.74
C SER A 417 -31.37 -52.87 27.26
N ALA A 418 -30.59 -51.87 26.87
CA ALA A 418 -30.16 -51.73 25.48
C ALA A 418 -29.30 -52.91 25.05
N VAL A 419 -28.35 -53.30 25.89
CA VAL A 419 -27.51 -54.45 25.62
C VAL A 419 -28.35 -55.72 25.50
N ILE A 420 -29.35 -55.84 26.36
CA ILE A 420 -30.22 -57.01 26.36
C ILE A 420 -30.94 -57.17 25.01
N ILE A 421 -31.52 -56.08 24.53
CA ILE A 421 -32.31 -56.12 23.31
C ILE A 421 -31.42 -56.26 22.08
N ILE A 422 -30.18 -55.80 22.20
CA ILE A 422 -29.18 -56.03 21.17
C ILE A 422 -28.80 -57.51 21.06
N ILE A 423 -28.60 -58.14 22.21
CA ILE A 423 -28.32 -59.57 22.25
C ILE A 423 -29.48 -60.37 21.70
N GLY A 424 -30.69 -60.03 22.11
CA GLY A 424 -31.89 -60.70 21.65
C GLY A 424 -32.07 -60.54 20.15
N LEU A 425 -31.79 -59.33 19.65
CA LEU A 425 -31.85 -59.05 18.23
C LEU A 425 -30.93 -59.97 17.43
N VAL A 426 -29.68 -60.07 17.87
CA VAL A 426 -28.71 -60.93 17.22
C VAL A 426 -29.15 -62.39 17.25
N LEU A 427 -29.64 -62.83 18.40
CA LEU A 427 -30.13 -64.19 18.56
C LEU A 427 -31.31 -64.47 17.63
N ALA A 428 -32.17 -63.48 17.46
CA ALA A 428 -33.31 -63.59 16.56
C ALA A 428 -32.85 -63.74 15.12
N THR A 429 -31.83 -62.97 14.74
CA THR A 429 -31.23 -63.09 13.42
C THR A 429 -30.67 -64.48 13.19
N ILE A 430 -30.00 -65.01 14.21
CA ILE A 430 -29.44 -66.36 14.14
C ILE A 430 -30.53 -67.40 13.89
N VAL A 431 -31.64 -67.27 14.62
CA VAL A 431 -32.78 -68.15 14.43
C VAL A 431 -33.37 -67.99 13.03
N ALA A 432 -33.45 -66.75 12.56
CA ALA A 432 -33.95 -66.48 11.21
C ALA A 432 -33.12 -67.20 10.16
N MET A 433 -31.80 -67.18 10.34
CA MET A 433 -30.89 -67.85 9.41
C MET A 433 -31.09 -69.36 9.45
N TYR A 434 -31.35 -69.89 10.64
CA TYR A 434 -31.66 -71.30 10.81
C TYR A 434 -32.94 -71.66 10.06
N VAL A 435 -33.94 -70.79 10.14
CA VAL A 435 -35.18 -70.97 9.41
C VAL A 435 -34.94 -70.95 7.90
N LEU A 436 -34.14 -69.99 7.45
CA LEU A 436 -33.77 -69.91 6.04
C LEU A 436 -33.05 -71.17 5.59
N THR A 437 -32.16 -71.69 6.43
CA THR A 437 -31.47 -72.94 6.15
C THR A 437 -32.44 -74.11 6.08
N ASN A 438 -33.42 -74.12 6.98
CA ASN A 438 -34.40 -75.19 7.02
C ASN A 438 -35.26 -75.21 5.76
N GLN A 439 -35.51 -74.03 5.22
CA GLN A 439 -36.24 -73.90 3.95
C GLN A 439 -35.37 -74.33 2.78
N LYS A 440 -34.10 -73.93 2.82
CA LYS A 440 -33.14 -74.30 1.79
C LYS A 440 -32.83 -75.79 1.83
N HIS A 441 -33.04 -76.40 3.01
CA HIS A 441 -32.83 -77.83 3.18
C HIS A 441 -33.61 -78.62 2.14
N ASN A 442 -34.86 -78.25 1.92
CA ASN A 442 -35.69 -78.89 0.91
C ASN A 442 -35.21 -78.54 -0.50
N SER B 1 -17.32 46.62 63.77
CA SER B 1 -16.10 46.58 62.98
C SER B 1 -16.41 46.37 61.51
N THR B 2 -16.21 47.40 60.70
CA THR B 2 -16.36 47.29 59.25
C THR B 2 -17.82 47.23 58.84
N GLU B 3 -18.12 47.67 57.63
CA GLU B 3 -19.50 47.87 57.19
C GLU B 3 -20.21 46.54 57.01
N GLU B 4 -19.44 45.50 56.72
CA GLU B 4 -19.99 44.16 56.53
C GLU B 4 -20.63 43.66 57.81
N LEU B 5 -20.04 44.00 58.94
CA LEU B 5 -20.55 43.59 60.25
C LEU B 5 -21.56 44.60 60.79
N PHE B 6 -21.41 45.85 60.37
CA PHE B 6 -22.42 46.87 60.64
C PHE B 6 -23.78 46.46 60.08
N ASN B 7 -23.77 45.89 58.89
CA ASN B 7 -24.98 45.30 58.31
C ASN B 7 -25.78 46.33 57.53
N GLU B 8 -26.44 45.88 56.46
CA GLU B 8 -27.31 46.75 55.69
C GLU B 8 -28.52 47.18 56.50
N TYR B 9 -28.66 46.62 57.71
CA TYR B 9 -29.65 47.09 58.67
C TYR B 9 -29.70 48.62 58.70
N LYS B 10 -28.52 49.25 58.68
CA LYS B 10 -28.43 50.70 58.71
C LYS B 10 -29.01 51.31 57.45
N LEU B 11 -28.92 50.58 56.34
CA LEU B 11 -29.43 51.05 55.07
C LEU B 11 -30.92 50.78 54.93
N THR B 12 -31.38 49.70 55.55
CA THR B 12 -32.73 49.20 55.32
C THR B 12 -33.75 49.91 56.20
N ARG B 13 -34.05 49.30 57.35
CA ARG B 13 -35.13 49.77 58.19
C ARG B 13 -36.33 48.84 58.11
N PRO B 14 -36.90 48.50 59.26
CA PRO B 14 -38.06 47.61 59.32
C PRO B 14 -39.29 48.27 58.74
N TYR B 15 -40.23 47.45 58.27
CA TYR B 15 -41.47 47.96 57.70
C TYR B 15 -42.63 47.03 58.02
N MET B 16 -43.85 47.48 57.71
CA MET B 16 -45.05 46.74 58.06
C MET B 16 -45.68 46.11 56.82
N ALA B 17 -46.43 45.03 57.03
CA ALA B 17 -47.16 44.37 55.95
C ALA B 17 -48.43 43.71 56.45
N ARG B 18 -49.30 43.34 55.53
CA ARG B 18 -50.63 42.84 55.88
C ARG B 18 -50.57 41.43 56.42
N CYS B 19 -51.23 41.20 57.56
CA CYS B 19 -51.51 39.85 58.02
C CYS B 19 -52.99 39.50 57.86
N ILE B 20 -53.25 38.25 57.52
CA ILE B 20 -54.62 37.81 57.22
C ILE B 20 -55.52 37.99 58.44
N ARG B 21 -55.01 37.65 59.62
CA ARG B 21 -55.73 37.87 60.86
C ARG B 21 -54.85 38.56 61.90
N CYS B 22 -55.34 39.66 62.44
CA CYS B 22 -54.67 40.35 63.54
C CYS B 22 -55.51 40.28 64.81
N ALA B 23 -56.52 39.42 64.81
CA ALA B 23 -57.57 39.46 65.83
C ALA B 23 -58.91 39.82 65.22
N VAL B 24 -59.25 41.11 65.27
CA VAL B 24 -60.43 41.62 64.59
C VAL B 24 -60.09 42.15 63.21
N GLY B 25 -59.98 41.25 62.24
CA GLY B 25 -59.74 41.63 60.85
C GLY B 25 -58.25 41.70 60.56
N SER B 26 -57.91 42.01 59.32
CA SER B 26 -56.51 42.12 58.90
C SER B 26 -55.93 43.47 59.28
N CYS B 27 -54.61 43.61 59.14
CA CYS B 27 -53.94 44.88 59.41
C CYS B 27 -52.52 44.86 58.86
N HIS B 28 -51.94 46.05 58.73
CA HIS B 28 -50.56 46.18 58.26
C HIS B 28 -49.58 46.26 59.43
N SER B 29 -49.15 45.10 59.91
CA SER B 29 -48.28 45.03 61.08
C SER B 29 -46.87 44.60 60.69
N PRO B 30 -45.89 45.04 61.45
CA PRO B 30 -44.50 44.66 61.23
C PRO B 30 -44.28 43.19 61.54
N ILE B 31 -45.25 42.59 62.24
CA ILE B 31 -45.16 41.17 62.60
C ILE B 31 -45.23 40.28 61.37
N ALA B 32 -45.76 40.83 60.28
CA ALA B 32 -45.99 40.05 59.07
C ALA B 32 -44.72 39.35 58.60
N ILE B 33 -44.85 38.08 58.22
CA ILE B 33 -43.72 37.33 57.69
C ILE B 33 -43.69 37.39 56.16
N GLU B 34 -42.54 37.83 55.62
CA GLU B 34 -42.43 38.05 54.18
C GLU B 34 -42.32 36.73 53.43
N ALA B 35 -41.43 35.85 53.90
CA ALA B 35 -41.17 34.59 53.22
C ALA B 35 -40.63 33.55 54.19
N VAL B 36 -40.80 32.27 53.84
CA VAL B 36 -40.36 31.18 54.68
C VAL B 36 -39.59 30.14 53.89
N LYS B 37 -38.38 29.84 54.33
CA LYS B 37 -37.57 28.80 53.71
C LYS B 37 -37.34 27.64 54.66
N SER B 38 -37.29 26.43 54.12
CA SER B 38 -37.20 25.22 54.93
C SER B 38 -36.23 24.21 54.31
N ASP B 39 -35.10 24.71 53.84
CA ASP B 39 -34.16 23.88 53.07
C ASP B 39 -33.24 23.10 54.00
N GLY B 40 -33.10 23.59 55.22
CA GLY B 40 -32.17 22.99 56.19
C GLY B 40 -32.61 21.57 56.55
N HIS B 41 -31.66 20.64 56.54
CA HIS B 41 -31.95 19.25 56.84
C HIS B 41 -31.99 19.00 58.35
N ASP B 42 -31.47 19.95 59.11
CA ASP B 42 -31.36 19.80 60.56
C ASP B 42 -32.66 20.20 61.25
N GLY B 43 -33.65 20.60 60.46
CA GLY B 43 -34.99 20.84 60.97
C GLY B 43 -35.19 22.30 61.33
N TYR B 44 -34.15 23.10 61.12
CA TYR B 44 -34.23 24.54 61.33
C TYR B 44 -34.88 25.23 60.14
N VAL B 45 -35.59 26.33 60.42
CA VAL B 45 -36.26 27.09 59.37
C VAL B 45 -35.64 28.48 59.20
N ARG B 46 -35.68 29.00 57.98
CA ARG B 46 -35.19 30.34 57.71
C ARG B 46 -36.32 31.28 57.33
N LEU B 47 -36.76 32.09 58.28
CA LEU B 47 -37.88 33.01 58.06
C LEU B 47 -37.37 34.40 57.72
N GLN B 48 -38.02 35.05 56.75
CA GLN B 48 -37.82 36.47 56.51
C GLN B 48 -39.05 37.28 56.87
N THR B 49 -38.90 38.18 57.85
CA THR B 49 -40.01 39.00 58.31
C THR B 49 -39.92 40.41 57.74
N SER B 50 -41.01 41.17 57.89
CA SER B 50 -41.02 42.56 57.48
C SER B 50 -40.31 43.44 58.50
N SER B 51 -40.21 42.96 59.73
CA SER B 51 -39.44 43.64 60.76
C SER B 51 -38.00 43.12 60.80
N GLN B 52 -37.17 43.76 61.61
CA GLN B 52 -35.77 43.37 61.74
C GLN B 52 -35.38 43.21 63.21
N TYR B 53 -34.44 42.31 63.46
CA TYR B 53 -33.88 42.14 64.80
C TYR B 53 -32.47 41.57 64.74
N GLY B 54 -31.81 41.51 65.89
CA GLY B 54 -30.40 41.17 65.95
C GLY B 54 -29.53 42.41 66.07
N LEU B 55 -30.00 43.51 65.48
CA LEU B 55 -29.39 44.82 65.69
C LEU B 55 -30.38 45.79 66.34
N ASP B 56 -29.88 46.60 67.26
CA ASP B 56 -30.73 47.52 68.01
C ASP B 56 -30.96 48.82 67.24
N SER B 57 -31.57 49.79 67.89
CA SER B 57 -32.01 51.01 67.22
C SER B 57 -30.83 51.78 66.66
N SER B 58 -29.66 51.57 67.25
CA SER B 58 -28.46 52.30 66.85
C SER B 58 -27.65 51.50 65.83
N GLY B 59 -28.09 50.27 65.57
CA GLY B 59 -27.42 49.42 64.59
C GLY B 59 -26.32 48.59 65.25
N ASN B 60 -26.34 48.55 66.57
CA ASN B 60 -25.37 47.73 67.31
C ASN B 60 -25.84 46.28 67.43
N LEU B 61 -24.89 45.36 67.47
CA LEU B 61 -25.20 43.93 67.48
C LEU B 61 -25.75 43.51 68.83
N LYS B 62 -27.05 43.25 68.88
CA LYS B 62 -27.69 42.77 70.10
C LYS B 62 -28.88 41.87 69.79
N GLY B 63 -28.68 40.57 69.87
CA GLY B 63 -29.72 39.60 69.55
C GLY B 63 -30.80 39.57 70.62
N ARG B 64 -30.58 40.32 71.68
CA ARG B 64 -31.51 40.33 72.81
C ARG B 64 -32.73 41.19 72.51
N THR B 65 -32.64 42.00 71.46
CA THR B 65 -33.68 42.97 71.14
C THR B 65 -34.21 42.77 69.72
N MET B 66 -35.41 43.27 69.47
CA MET B 66 -35.99 43.22 68.13
C MET B 66 -36.73 44.52 67.81
N ARG B 67 -36.64 44.94 66.56
CA ARG B 67 -37.14 46.25 66.15
C ARG B 67 -38.26 46.13 65.14
N TYR B 68 -39.40 46.74 65.46
CA TYR B 68 -40.60 46.61 64.63
C TYR B 68 -41.26 47.96 64.41
N ASP B 69 -41.88 48.13 63.24
CA ASP B 69 -42.46 49.41 62.86
C ASP B 69 -43.87 49.56 63.40
N MET B 70 -44.03 50.38 64.43
CA MET B 70 -45.33 50.61 65.04
C MET B 70 -46.05 51.77 64.35
N HIS B 71 -46.78 51.47 63.30
CA HIS B 71 -47.50 52.48 62.54
C HIS B 71 -46.57 53.60 62.08
N GLY B 72 -46.80 54.79 62.61
CA GLY B 72 -46.06 55.98 62.17
C GLY B 72 -44.68 56.02 62.80
N THR B 73 -44.47 55.20 63.82
CA THR B 73 -43.18 55.16 64.52
C THR B 73 -42.61 53.75 64.52
N ILE B 74 -41.38 53.62 65.01
CA ILE B 74 -40.72 52.32 65.11
C ILE B 74 -40.20 52.07 66.52
N LYS B 75 -40.53 50.91 67.06
CA LYS B 75 -40.17 50.59 68.44
C LYS B 75 -39.29 49.34 68.51
N GLU B 76 -38.67 49.13 69.66
CA GLU B 76 -37.86 47.93 69.88
C GLU B 76 -38.18 47.30 71.24
N ILE B 77 -38.25 45.97 71.26
CA ILE B 77 -38.53 45.25 72.50
C ILE B 77 -37.64 44.02 72.63
N PRO B 78 -37.59 43.46 73.83
CA PRO B 78 -36.84 42.24 74.08
C PRO B 78 -37.30 41.12 73.15
N LEU B 79 -36.34 40.36 72.64
CA LEU B 79 -36.62 39.31 71.66
C LEU B 79 -37.29 38.11 72.33
N HIS B 80 -36.85 37.80 73.55
CA HIS B 80 -37.32 36.62 74.25
C HIS B 80 -38.82 36.68 74.50
N GLN B 81 -39.37 37.89 74.44
CA GLN B 81 -40.81 38.08 74.54
C GLN B 81 -41.52 37.59 73.28
N VAL B 82 -40.81 37.62 72.16
CA VAL B 82 -41.36 37.16 70.89
C VAL B 82 -41.48 35.65 70.85
N SER B 83 -42.66 35.15 70.54
CA SER B 83 -42.91 33.72 70.47
C SER B 83 -43.47 33.32 69.11
N LEU B 84 -43.26 32.06 68.73
CA LEU B 84 -43.79 31.53 67.48
C LEU B 84 -43.97 30.02 67.56
N TYR B 85 -44.87 29.50 66.74
CA TYR B 85 -45.15 28.06 66.70
C TYR B 85 -45.79 27.65 65.38
N THR B 86 -45.80 26.35 65.12
CA THR B 86 -46.55 25.81 63.99
C THR B 86 -47.59 24.79 64.45
N SER B 87 -47.15 23.56 64.68
CA SER B 87 -47.89 22.63 65.52
C SER B 87 -47.48 22.73 66.98
N ARG B 88 -46.20 23.01 67.20
CA ARG B 88 -45.68 23.20 68.55
C ARG B 88 -44.74 24.41 68.61
N PRO B 89 -44.55 24.93 69.83
CA PRO B 89 -43.68 26.08 70.02
C PRO B 89 -42.29 25.83 69.46
N CYS B 90 -41.75 26.81 68.76
CA CYS B 90 -40.40 26.73 68.22
C CYS B 90 -39.37 27.24 69.23
N HIS B 91 -38.11 26.89 69.00
CA HIS B 91 -37.00 27.49 69.74
C HIS B 91 -36.13 28.34 68.83
N ILE B 92 -36.04 29.63 69.13
CA ILE B 92 -35.24 30.56 68.34
C ILE B 92 -33.75 30.34 68.61
N VAL B 93 -32.98 30.20 67.53
CA VAL B 93 -31.56 29.90 67.64
C VAL B 93 -30.70 31.13 67.32
N ASP B 94 -30.98 31.75 66.18
CA ASP B 94 -30.24 32.93 65.76
C ASP B 94 -31.07 33.80 64.81
N GLY B 95 -30.55 34.98 64.50
CA GLY B 95 -31.25 35.90 63.61
C GLY B 95 -30.32 37.04 63.17
N HIS B 96 -30.69 37.69 62.07
CA HIS B 96 -29.89 38.78 61.53
C HIS B 96 -30.68 39.61 60.52
N GLY B 97 -30.92 40.87 60.86
CA GLY B 97 -31.67 41.76 59.98
C GLY B 97 -33.11 41.30 59.82
N TYR B 98 -33.52 41.06 58.58
CA TYR B 98 -34.88 40.64 58.28
C TYR B 98 -35.09 39.17 58.66
N PHE B 99 -34.00 38.44 58.79
CA PHE B 99 -34.04 36.99 58.67
C PHE B 99 -33.99 36.32 60.04
N LEU B 100 -34.54 35.12 60.12
CA LEU B 100 -34.74 34.44 61.40
C LEU B 100 -34.41 32.95 61.29
N LEU B 101 -33.58 32.48 62.21
CA LEU B 101 -33.21 31.06 62.26
C LEU B 101 -33.70 30.41 63.55
N ALA B 102 -34.61 29.46 63.42
CA ALA B 102 -35.25 28.84 64.58
C ALA B 102 -35.64 27.39 64.28
N ARG B 103 -35.79 26.60 65.34
CA ARG B 103 -36.31 25.25 65.20
C ARG B 103 -37.82 25.21 65.40
N CYS B 104 -38.56 25.15 64.30
CA CYS B 104 -39.98 24.86 64.34
C CYS B 104 -40.27 23.42 63.90
N PRO B 105 -41.29 22.82 64.48
CA PRO B 105 -41.75 21.50 64.07
C PRO B 105 -42.53 21.57 62.77
N ALA B 106 -42.98 20.41 62.29
CA ALA B 106 -43.87 20.35 61.14
C ALA B 106 -45.21 21.02 61.44
N GLY B 107 -45.88 21.50 60.40
CA GLY B 107 -47.16 22.16 60.55
C GLY B 107 -47.67 22.70 59.22
N ASP B 108 -48.92 23.14 59.20
CA ASP B 108 -49.56 23.61 57.96
C ASP B 108 -49.41 25.12 57.80
N SER B 109 -49.12 25.80 58.91
CA SER B 109 -48.93 27.24 58.88
C SER B 109 -48.08 27.71 60.05
N ILE B 110 -47.61 28.96 59.98
CA ILE B 110 -46.77 29.52 61.03
C ILE B 110 -47.48 30.67 61.74
N THR B 111 -47.56 30.56 63.07
CA THR B 111 -48.15 31.62 63.88
C THR B 111 -47.10 32.29 64.75
N MET B 112 -47.02 33.61 64.66
CA MET B 112 -46.04 34.37 65.43
C MET B 112 -46.72 35.47 66.23
N GLU B 113 -46.24 35.70 67.45
CA GLU B 113 -46.81 36.71 68.33
C GLU B 113 -45.75 37.34 69.22
N PHE B 114 -46.02 38.54 69.72
CA PHE B 114 -45.16 39.18 70.71
C PHE B 114 -45.95 40.19 71.54
N LYS B 115 -45.42 40.51 72.73
CA LYS B 115 -46.04 41.50 73.59
C LYS B 115 -45.49 42.90 73.29
N LYS B 116 -46.39 43.83 73.01
CA LYS B 116 -46.03 45.24 72.85
C LYS B 116 -45.88 45.91 74.20
N ASP B 117 -46.61 47.01 74.39
CA ASP B 117 -46.70 47.66 75.69
C ASP B 117 -47.76 46.99 76.56
N SER B 118 -48.71 46.31 75.93
CA SER B 118 -49.79 45.65 76.64
C SER B 118 -50.28 44.42 75.89
N VAL B 119 -51.46 44.53 75.29
CA VAL B 119 -52.06 43.40 74.58
C VAL B 119 -51.09 42.81 73.56
N ARG B 120 -50.95 41.50 73.56
CA ARG B 120 -50.07 40.82 72.63
C ARG B 120 -50.66 40.79 71.23
N HIS B 121 -49.81 40.96 70.22
CA HIS B 121 -50.23 40.92 68.83
C HIS B 121 -49.72 39.68 68.13
N SER B 122 -50.52 39.13 67.22
CA SER B 122 -50.20 37.86 66.57
C SER B 122 -50.55 37.90 65.10
N CYS B 123 -49.91 37.03 64.32
CA CYS B 123 -50.20 36.91 62.90
C CYS B 123 -49.88 35.51 62.38
N SER B 124 -50.79 34.95 61.58
CA SER B 124 -50.59 33.63 61.01
C SER B 124 -50.37 33.71 59.50
N VAL B 125 -49.37 32.98 59.02
CA VAL B 125 -49.06 32.96 57.59
C VAL B 125 -48.99 31.53 57.07
N PRO B 126 -49.50 31.33 55.86
CA PRO B 126 -49.58 29.99 55.28
C PRO B 126 -48.24 29.58 54.67
N TYR B 127 -47.60 28.60 55.30
CA TYR B 127 -46.44 27.95 54.70
C TYR B 127 -46.31 26.50 55.18
N GLU B 128 -46.13 25.60 54.23
CA GLU B 128 -45.99 24.18 54.55
C GLU B 128 -44.64 23.87 55.16
N VAL B 129 -44.64 23.40 56.40
CA VAL B 129 -43.42 22.98 57.07
C VAL B 129 -43.42 21.47 57.32
N LYS B 130 -42.47 20.77 56.71
CA LYS B 130 -42.39 19.32 56.83
C LYS B 130 -41.05 18.80 56.36
N PHE B 131 -40.12 18.63 57.30
CA PHE B 131 -38.76 18.21 56.97
C PHE B 131 -38.67 16.70 56.77
N ASN B 132 -38.08 16.30 55.65
CA ASN B 132 -37.88 14.89 55.36
C ASN B 132 -36.71 14.32 56.16
N PRO B 133 -37.00 13.36 57.03
CA PRO B 133 -35.98 12.74 57.86
C PRO B 133 -34.84 12.20 57.03
N VAL B 134 -33.61 12.40 57.49
CA VAL B 134 -32.43 11.94 56.77
C VAL B 134 -32.14 10.47 57.08
N GLY B 135 -32.04 9.66 56.04
CA GLY B 135 -31.85 8.22 56.19
C GLY B 135 -33.11 7.45 55.86
N ARG B 136 -33.03 6.13 55.93
CA ARG B 136 -34.16 5.26 55.61
C ARG B 136 -35.10 5.12 56.79
N GLU B 137 -34.84 5.89 57.85
CA GLU B 137 -35.67 5.87 59.04
C GLU B 137 -36.46 7.17 59.19
N LEU B 138 -37.78 7.05 59.22
CA LEU B 138 -38.65 8.22 59.27
C LEU B 138 -39.01 8.58 60.70
N TYR B 139 -38.26 9.52 61.27
CA TYR B 139 -38.49 9.95 62.65
C TYR B 139 -39.14 11.33 62.68
N THR B 140 -39.74 11.66 63.83
CA THR B 140 -40.35 12.98 64.02
C THR B 140 -39.33 13.97 64.57
N HIS B 141 -38.62 13.56 65.63
CA HIS B 141 -37.56 14.37 66.20
C HIS B 141 -36.22 13.65 66.13
N PRO B 142 -35.14 14.42 66.11
CA PRO B 142 -33.79 13.85 66.09
C PRO B 142 -33.52 13.02 67.33
N PRO B 143 -32.86 11.88 67.15
CA PRO B 143 -32.63 10.95 68.24
C PRO B 143 -31.51 11.44 69.16
N GLU B 144 -31.51 10.94 70.38
CA GLU B 144 -30.40 11.20 71.31
C GLU B 144 -29.09 10.62 70.79
N HIS B 145 -29.17 9.42 70.22
CA HIS B 145 -27.98 8.74 69.71
C HIS B 145 -28.18 8.28 68.27
N GLY B 146 -27.09 8.23 67.51
CA GLY B 146 -27.16 7.86 66.11
C GLY B 146 -25.79 8.04 65.44
N VAL B 147 -25.76 7.82 64.12
CA VAL B 147 -24.52 7.92 63.37
C VAL B 147 -24.48 9.23 62.57
N GLU B 148 -23.27 9.65 62.20
CA GLU B 148 -23.08 10.91 61.50
C GLU B 148 -23.18 10.72 59.99
N GLN B 149 -24.13 11.42 59.37
CA GLN B 149 -24.29 11.37 57.92
C GLN B 149 -24.27 12.76 57.32
N ALA B 150 -23.89 12.84 56.04
CA ALA B 150 -23.78 14.12 55.35
C ALA B 150 -25.16 14.71 55.08
N CYS B 151 -25.25 16.04 55.16
CA CYS B 151 -26.51 16.73 54.91
C CYS B 151 -26.27 18.18 54.54
N GLN B 152 -27.34 18.90 54.23
CA GLN B 152 -27.26 20.32 53.92
C GLN B 152 -28.11 21.14 54.88
N VAL B 153 -27.50 22.13 55.52
CA VAL B 153 -28.16 22.90 56.56
C VAL B 153 -27.90 24.39 56.40
N TYR B 154 -28.73 25.21 57.04
CA TYR B 154 -28.50 26.65 57.11
C TYR B 154 -27.34 26.98 58.04
N ALA B 155 -26.32 27.62 57.49
CA ALA B 155 -25.18 28.06 58.28
C ALA B 155 -25.59 29.11 59.32
N HIS B 156 -24.99 29.02 60.50
CA HIS B 156 -25.26 29.99 61.57
C HIS B 156 -24.53 31.29 61.32
N ASP B 157 -23.57 31.26 60.40
CA ASP B 157 -22.79 32.45 60.07
C ASP B 157 -23.63 33.49 59.37
N ALA B 158 -23.56 34.72 59.87
CA ALA B 158 -24.28 35.84 59.24
C ALA B 158 -23.60 36.28 57.96
N GLN B 159 -22.36 35.84 57.77
CA GLN B 159 -21.63 36.14 56.54
C GLN B 159 -22.47 35.87 55.30
N ASN B 160 -22.43 36.78 54.35
CA ASN B 160 -23.30 36.72 53.18
C ASN B 160 -22.55 37.12 51.92
N ARG B 161 -22.53 36.23 50.94
CA ARG B 161 -21.76 36.44 49.72
C ARG B 161 -22.53 35.96 48.49
N GLY B 162 -23.13 34.78 48.60
CA GLY B 162 -23.77 34.14 47.46
C GLY B 162 -25.15 34.72 47.19
N ALA B 163 -26.05 34.57 48.15
CA ALA B 163 -27.46 34.88 47.95
C ALA B 163 -27.74 36.35 48.25
N TYR B 164 -28.67 36.94 47.50
CA TYR B 164 -28.99 38.35 47.64
C TYR B 164 -30.43 38.64 47.19
N VAL B 165 -30.97 39.75 47.67
CA VAL B 165 -32.32 40.15 47.30
C VAL B 165 -32.35 41.62 46.86
N GLU B 166 -33.46 42.02 46.24
CA GLU B 166 -33.61 43.38 45.76
C GLU B 166 -34.24 44.28 46.81
N MET B 167 -33.56 45.36 47.14
CA MET B 167 -34.12 46.37 48.03
C MET B 167 -34.05 47.76 47.41
N HIS B 168 -35.03 48.60 47.73
CA HIS B 168 -35.18 49.89 47.07
C HIS B 168 -35.93 50.88 47.95
N LEU B 169 -35.95 52.15 47.53
CA LEU B 169 -36.71 53.17 48.23
C LEU B 169 -38.19 52.82 48.27
N PRO B 170 -38.78 52.91 49.46
CA PRO B 170 -40.19 52.56 49.64
C PRO B 170 -41.10 53.61 49.00
N GLY B 171 -42.32 53.20 48.67
CA GLY B 171 -43.29 54.10 48.07
C GLY B 171 -43.93 55.00 49.12
N SER B 172 -44.76 55.94 48.68
CA SER B 172 -45.42 56.87 49.58
C SER B 172 -46.46 56.18 50.43
N GLU B 173 -46.43 56.46 51.74
CA GLU B 173 -47.38 55.86 52.66
C GLU B 173 -48.46 56.83 53.07
N VAL B 174 -49.70 56.55 52.67
CA VAL B 174 -50.84 57.40 53.01
C VAL B 174 -51.02 57.50 54.52
N ASP B 175 -51.32 58.72 54.98
CA ASP B 175 -51.55 58.95 56.41
C ASP B 175 -52.49 60.12 56.62
N SER B 176 -53.74 59.81 56.99
CA SER B 176 -54.77 60.83 57.13
C SER B 176 -54.45 61.77 58.29
N SER B 177 -53.55 61.34 59.18
CA SER B 177 -53.22 62.11 60.36
C SER B 177 -52.45 63.37 60.00
N LEU B 178 -51.95 63.43 58.76
CA LEU B 178 -51.24 64.60 58.27
C LEU B 178 -52.17 65.80 58.14
N VAL B 179 -53.45 65.51 57.91
CA VAL B 179 -54.40 66.55 57.53
C VAL B 179 -55.58 66.61 58.51
N SER B 180 -56.00 67.83 58.82
CA SER B 180 -57.19 68.04 59.65
C SER B 180 -57.94 69.29 59.24
N LEU B 181 -59.16 69.44 59.75
CA LEU B 181 -59.95 70.64 59.50
C LEU B 181 -59.93 71.56 60.70
N SER B 182 -59.37 72.76 60.51
CA SER B 182 -59.26 73.74 61.59
C SER B 182 -59.13 75.15 61.04
N GLY B 183 -60.08 76.01 61.40
CA GLY B 183 -61.24 75.58 62.18
C GLY B 183 -62.18 74.71 61.34
N SER B 184 -62.41 75.14 60.11
CA SER B 184 -63.24 74.37 59.18
C SER B 184 -62.60 74.29 57.81
N SER B 185 -61.28 74.44 57.76
CA SER B 185 -60.54 74.43 56.51
C SER B 185 -59.36 73.45 56.56
N VAL B 186 -58.95 72.98 55.40
CA VAL B 186 -57.93 71.93 55.32
C VAL B 186 -56.56 72.46 55.75
N THR B 187 -55.98 71.84 56.77
CA THR B 187 -54.63 72.18 57.20
C THR B 187 -53.78 70.93 57.35
N VAL B 188 -52.59 70.96 56.75
CA VAL B 188 -51.72 69.80 56.72
C VAL B 188 -50.38 70.10 57.37
N THR B 189 -49.94 69.21 58.26
CA THR B 189 -48.63 69.33 58.88
C THR B 189 -47.55 68.66 58.04
N PRO B 190 -46.31 69.08 58.23
CA PRO B 190 -45.18 68.53 57.47
C PRO B 190 -45.31 67.03 57.26
N PRO B 191 -44.97 66.23 58.26
CA PRO B 191 -44.52 66.77 59.55
C PRO B 191 -43.02 67.09 59.53
N ASP B 192 -42.44 67.31 60.71
CA ASP B 192 -41.04 67.66 60.82
C ASP B 192 -40.13 66.43 60.74
N GLY B 193 -39.52 66.24 59.58
CA GLY B 193 -38.59 65.12 59.37
C GLY B 193 -39.02 64.25 58.20
N THR B 194 -40.28 64.40 57.79
CA THR B 194 -40.82 63.63 56.67
C THR B 194 -41.29 64.55 55.56
N SER B 195 -41.04 64.15 54.31
CA SER B 195 -41.52 64.87 53.15
C SER B 195 -43.03 64.71 52.98
N ALA B 196 -43.73 65.83 52.87
CA ALA B 196 -45.19 65.81 52.81
C ALA B 196 -45.68 65.88 51.37
N LEU B 197 -46.33 64.81 50.91
CA LEU B 197 -46.96 64.80 49.61
C LEU B 197 -48.46 65.06 49.71
N VAL B 198 -48.89 66.20 49.18
CA VAL B 198 -50.27 66.63 49.34
C VAL B 198 -50.90 67.01 48.00
N GLU B 199 -52.09 66.49 47.74
CA GLU B 199 -52.82 66.83 46.52
C GLU B 199 -54.33 66.73 46.75
N CYS B 200 -55.07 67.66 46.15
CA CYS B 200 -56.53 67.69 46.29
C CYS B 200 -57.20 67.29 44.99
N GLU B 201 -58.36 66.65 45.11
CA GLU B 201 -59.16 66.28 43.94
C GLU B 201 -59.77 67.51 43.28
N CYS B 202 -60.04 68.53 44.09
CA CYS B 202 -60.60 69.78 43.57
C CYS B 202 -59.49 70.70 43.07
N GLY B 203 -59.88 71.85 42.54
CA GLY B 203 -58.93 72.82 42.01
C GLY B 203 -58.20 73.54 43.14
N GLY B 204 -57.67 74.73 42.84
CA GLY B 204 -56.90 75.48 43.82
C GLY B 204 -55.47 74.97 43.91
N THR B 205 -55.04 74.67 45.14
CA THR B 205 -53.68 74.21 45.38
C THR B 205 -53.61 72.68 45.39
N LYS B 206 -52.95 72.11 44.40
CA LYS B 206 -52.79 70.67 44.30
C LYS B 206 -51.33 70.26 44.39
N ILE B 207 -50.49 71.17 44.86
CA ILE B 207 -49.04 70.99 44.82
C ILE B 207 -48.47 70.80 46.21
N SER B 208 -47.29 70.19 46.28
CA SER B 208 -46.70 69.83 47.56
C SER B 208 -46.26 68.37 47.57
N GLU B 209 -44.97 68.14 47.77
CA GLU B 209 -43.98 69.18 47.58
C GLU B 209 -44.02 70.19 48.73
N THR B 210 -44.32 69.70 49.93
CA THR B 210 -44.11 70.47 51.14
C THR B 210 -42.95 69.89 51.96
N ILE B 211 -41.92 70.69 52.16
CA ILE B 211 -40.71 70.24 52.84
C ILE B 211 -40.88 70.30 54.35
N ASN B 212 -41.19 71.49 54.87
CA ASN B 212 -41.39 71.68 56.30
C ASN B 212 -42.19 72.94 56.59
N LYS B 213 -43.52 72.81 56.57
CA LYS B 213 -44.39 73.91 56.91
C LYS B 213 -45.84 73.44 57.08
N THR B 214 -46.52 73.98 58.08
CA THR B 214 -47.95 73.74 58.25
C THR B 214 -48.77 74.67 57.35
N LYS B 215 -49.44 74.09 56.36
CA LYS B 215 -50.06 74.87 55.30
C LYS B 215 -51.57 74.72 55.30
N GLN B 216 -52.26 75.77 54.89
CA GLN B 216 -53.71 75.69 54.69
C GLN B 216 -54.07 75.65 53.21
N PHE B 217 -55.10 74.89 52.87
CA PHE B 217 -55.45 74.65 51.47
C PHE B 217 -56.88 75.07 51.20
N SER B 218 -57.05 76.09 50.36
CA SER B 218 -58.37 76.58 50.01
C SER B 218 -58.99 75.76 48.89
N GLN B 219 -60.26 76.02 48.59
CA GLN B 219 -60.98 75.27 47.56
C GLN B 219 -61.13 73.81 47.94
N CYS B 220 -60.97 73.52 49.23
CA CYS B 220 -61.10 72.15 49.72
C CYS B 220 -62.12 72.05 50.84
N THR B 221 -63.38 71.84 50.46
CA THR B 221 -64.48 71.81 51.41
C THR B 221 -64.19 70.88 52.57
N LYS B 222 -63.76 69.66 52.25
CA LYS B 222 -63.46 68.67 53.27
C LYS B 222 -62.04 68.13 53.11
N LYS B 223 -61.43 67.75 54.23
CA LYS B 223 -60.12 67.10 54.21
C LYS B 223 -60.19 65.74 53.52
N GLU B 224 -61.40 65.18 53.47
CA GLU B 224 -61.62 63.92 52.77
C GLU B 224 -61.43 64.09 51.27
N GLN B 225 -61.60 65.31 50.78
CA GLN B 225 -61.45 65.59 49.36
C GLN B 225 -59.98 65.73 48.98
N CYS B 226 -59.10 65.66 49.98
CA CYS B 226 -57.67 65.74 49.76
C CYS B 226 -56.97 64.44 50.12
N ARG B 227 -55.74 64.29 49.67
CA ARG B 227 -54.92 63.13 50.02
C ARG B 227 -53.53 63.54 50.46
N ALA B 228 -52.94 62.77 51.37
CA ALA B 228 -51.65 63.12 51.96
C ALA B 228 -50.83 61.87 52.24
N TYR B 229 -49.56 61.90 51.85
CA TYR B 229 -48.67 60.77 52.02
C TYR B 229 -47.40 61.16 52.75
N ARG B 230 -46.87 60.24 53.55
CA ARG B 230 -45.53 60.39 54.11
C ARG B 230 -44.48 59.84 53.15
N LEU B 231 -43.53 60.69 52.77
CA LEU B 231 -42.44 60.30 51.89
C LEU B 231 -41.11 60.26 52.64
N GLN B 232 -40.37 59.17 52.46
CA GLN B 232 -39.06 59.03 53.07
C GLN B 232 -37.95 59.22 52.05
N ASN B 233 -37.74 58.21 51.21
CA ASN B 233 -36.75 58.28 50.14
C ASN B 233 -35.35 58.39 50.71
N ASP B 234 -35.16 57.88 51.92
CA ASP B 234 -33.87 57.92 52.58
C ASP B 234 -33.25 56.53 52.68
N LYS B 235 -34.08 55.53 52.97
CA LYS B 235 -33.61 54.18 53.23
C LYS B 235 -34.31 53.17 52.34
N TRP B 236 -33.72 51.98 52.22
CA TRP B 236 -34.26 50.95 51.35
C TRP B 236 -35.11 49.96 52.14
N VAL B 237 -36.02 49.28 51.45
CA VAL B 237 -36.65 48.08 51.97
C VAL B 237 -36.75 47.00 50.90
N TYR B 238 -37.02 45.76 51.33
CA TYR B 238 -37.22 44.66 50.41
C TYR B 238 -38.40 44.93 49.48
N ASN B 239 -38.22 44.61 48.21
CA ASN B 239 -39.28 44.77 47.22
C ASN B 239 -40.42 43.80 47.47
N SER B 240 -41.28 44.14 48.42
CA SER B 240 -42.45 43.32 48.73
C SER B 240 -43.58 43.59 47.76
N ASP B 241 -44.41 42.57 47.52
CA ASP B 241 -45.57 42.71 46.66
C ASP B 241 -46.76 43.29 47.42
N LYS B 242 -46.53 43.64 48.68
CA LYS B 242 -47.56 44.27 49.49
C LYS B 242 -47.33 45.77 49.62
N LEU B 243 -46.16 46.22 49.16
CA LEU B 243 -45.84 47.64 49.14
C LEU B 243 -45.88 48.21 47.73
N PRO B 244 -46.69 49.24 47.54
CA PRO B 244 -46.83 49.87 46.23
C PRO B 244 -45.57 50.59 45.80
N LYS B 245 -45.35 50.70 44.49
CA LYS B 245 -44.13 51.25 43.96
C LYS B 245 -44.14 52.78 44.00
N ALA B 246 -42.97 53.39 44.00
CA ALA B 246 -42.85 54.84 43.96
C ALA B 246 -42.91 55.35 42.52
N ALA B 247 -43.74 56.37 42.29
CA ALA B 247 -43.91 56.93 40.96
C ALA B 247 -42.79 57.91 40.63
N GLY B 248 -42.23 58.54 41.66
CA GLY B 248 -41.21 59.56 41.47
C GLY B 248 -39.92 58.95 40.97
N ALA B 249 -39.45 57.92 41.66
CA ALA B 249 -38.20 57.25 41.31
C ALA B 249 -38.07 55.91 42.02
N THR B 250 -37.30 55.00 41.42
CA THR B 250 -37.09 53.68 42.01
C THR B 250 -35.61 53.37 42.14
N LEU B 251 -34.96 53.99 43.12
CA LEU B 251 -33.57 53.70 43.42
C LEU B 251 -33.43 52.37 44.15
N LYS B 252 -32.69 51.45 43.55
CA LYS B 252 -32.69 50.05 43.98
C LYS B 252 -31.31 49.43 43.84
N GLY B 253 -31.08 48.35 44.58
CA GLY B 253 -29.83 47.60 44.46
C GLY B 253 -29.97 46.20 45.07
N LYS B 254 -28.90 45.43 45.02
CA LYS B 254 -28.91 44.06 45.52
C LYS B 254 -28.10 43.95 46.81
N LEU B 255 -28.68 43.29 47.80
CA LEU B 255 -28.02 43.11 49.09
C LEU B 255 -28.05 41.65 49.53
N HIS B 256 -26.91 41.15 50.01
CA HIS B 256 -26.74 39.72 50.27
C HIS B 256 -27.34 39.34 51.61
N VAL B 257 -27.68 38.06 51.76
CA VAL B 257 -28.50 37.60 52.87
C VAL B 257 -27.75 36.60 53.74
N PRO B 258 -28.02 36.62 55.04
CA PRO B 258 -27.29 35.78 55.99
C PRO B 258 -27.82 34.36 55.99
N PHE B 259 -27.19 33.50 56.79
CA PHE B 259 -27.71 32.16 57.01
C PHE B 259 -27.81 31.38 55.70
N LEU B 260 -26.70 31.33 54.96
CA LEU B 260 -26.68 30.67 53.66
C LEU B 260 -26.75 29.16 53.80
N LEU B 261 -27.43 28.51 52.85
CA LEU B 261 -27.52 27.06 52.83
C LEU B 261 -26.19 26.43 52.43
N ALA B 262 -25.67 25.55 53.29
CA ALA B 262 -24.34 24.98 53.09
C ALA B 262 -24.27 23.55 53.62
N ASP B 263 -23.30 22.79 53.12
CA ASP B 263 -23.14 21.40 53.52
C ASP B 263 -22.72 21.29 54.98
N GLY B 264 -23.09 20.18 55.61
CA GLY B 264 -22.69 19.92 56.99
C GLY B 264 -22.95 18.48 57.38
N LYS B 265 -22.88 18.20 58.67
CA LYS B 265 -23.12 16.84 59.17
C LYS B 265 -24.32 16.80 60.11
N CYS B 266 -25.07 15.70 60.04
CA CYS B 266 -26.24 15.53 60.89
C CYS B 266 -26.22 14.19 61.60
N THR B 267 -26.88 14.12 62.75
CA THR B 267 -27.00 12.86 63.49
C THR B 267 -28.31 12.16 63.15
N VAL B 268 -28.19 10.92 62.66
CA VAL B 268 -29.36 10.12 62.32
C VAL B 268 -29.35 8.80 63.06
N PRO B 269 -30.53 8.21 63.23
CA PRO B 269 -30.67 6.96 63.97
C PRO B 269 -30.06 5.79 63.19
N LEU B 270 -29.63 4.77 63.92
CA LEU B 270 -29.05 3.58 63.29
C LEU B 270 -29.93 2.36 63.52
N ALA B 271 -30.42 1.77 62.43
CA ALA B 271 -31.34 0.64 62.51
C ALA B 271 -30.74 -0.49 63.33
N PRO B 272 -31.41 -0.85 64.41
CA PRO B 272 -30.97 -1.94 65.27
C PRO B 272 -30.85 -3.24 64.48
N GLU B 273 -29.86 -4.06 64.84
CA GLU B 273 -29.64 -5.33 64.17
C GLU B 273 -30.74 -6.33 64.49
N PRO B 274 -31.43 -6.81 63.47
CA PRO B 274 -32.52 -7.75 63.64
C PRO B 274 -32.00 -9.15 63.93
N MET B 275 -32.88 -10.03 64.37
CA MET B 275 -32.54 -11.43 64.60
C MET B 275 -32.64 -12.25 63.31
N ILE B 276 -31.65 -13.09 63.08
CA ILE B 276 -31.51 -13.76 61.79
C ILE B 276 -31.53 -15.28 61.94
N THR B 277 -32.49 -15.91 61.28
CA THR B 277 -32.54 -17.37 61.23
C THR B 277 -32.33 -17.88 59.81
N PHE B 278 -31.41 -18.83 59.66
CA PHE B 278 -30.96 -19.26 58.34
C PHE B 278 -31.61 -20.58 57.94
N GLY B 279 -31.68 -20.83 56.63
CA GLY B 279 -32.17 -22.09 56.12
C GLY B 279 -31.79 -22.28 54.66
N PHE B 280 -32.34 -23.32 54.04
CA PHE B 280 -32.04 -23.63 52.64
C PHE B 280 -32.56 -22.53 51.72
N ARG B 281 -31.63 -21.75 51.18
CA ARG B 281 -31.98 -20.70 50.22
C ARG B 281 -33.12 -19.83 50.75
N SER B 282 -33.14 -19.63 52.07
CA SER B 282 -34.21 -18.89 52.70
C SER B 282 -33.79 -18.41 54.09
N VAL B 283 -34.14 -17.17 54.42
CA VAL B 283 -33.81 -16.59 55.72
C VAL B 283 -35.04 -15.95 56.36
N SER B 284 -35.24 -16.22 57.64
CA SER B 284 -36.31 -15.60 58.40
C SER B 284 -35.78 -14.47 59.28
N LEU B 285 -36.31 -13.27 59.06
CA LEU B 285 -35.76 -12.07 59.70
C LEU B 285 -36.79 -11.40 60.59
N LYS B 286 -36.42 -11.17 61.85
CA LYS B 286 -37.31 -10.53 62.81
C LYS B 286 -37.01 -9.04 62.93
N LEU B 287 -37.86 -8.22 62.32
CA LEU B 287 -37.68 -6.77 62.34
C LEU B 287 -38.47 -6.14 63.49
N HIS B 288 -37.91 -5.09 64.08
CA HIS B 288 -38.55 -4.39 65.18
C HIS B 288 -38.28 -2.89 65.12
N PRO B 289 -38.89 -2.22 64.15
CA PRO B 289 -38.71 -0.79 63.98
C PRO B 289 -39.45 -0.01 65.06
N LYS B 290 -38.87 1.10 65.50
CA LYS B 290 -39.57 2.05 66.35
C LYS B 290 -40.43 3.00 65.52
N ASN B 291 -40.13 3.10 64.24
CA ASN B 291 -40.86 3.97 63.33
C ASN B 291 -40.76 3.49 61.89
N PRO B 292 -41.54 4.13 61.01
CA PRO B 292 -41.54 3.76 59.60
C PRO B 292 -40.13 3.72 59.03
N THR B 293 -39.65 2.53 58.72
CA THR B 293 -38.29 2.34 58.21
C THR B 293 -38.29 1.56 56.90
N TYR B 294 -37.51 2.04 55.94
CA TYR B 294 -37.51 1.47 54.60
C TYR B 294 -36.68 0.19 54.55
N LEU B 295 -37.31 -0.91 54.13
CA LEU B 295 -36.60 -2.15 53.88
C LEU B 295 -36.36 -2.35 52.39
N ILE B 296 -35.11 -2.63 52.02
CA ILE B 296 -34.76 -2.91 50.65
C ILE B 296 -33.94 -4.19 50.53
N THR B 297 -34.29 -5.04 49.56
CA THR B 297 -33.57 -6.29 49.34
C THR B 297 -33.42 -6.57 47.85
N ARG B 298 -32.46 -7.42 47.51
CA ARG B 298 -32.20 -7.78 46.12
C ARG B 298 -31.35 -9.03 46.02
N GLN B 299 -31.40 -9.68 44.86
CA GLN B 299 -30.42 -10.70 44.52
C GLN B 299 -29.19 -10.09 43.85
N LEU B 300 -28.08 -10.83 43.87
CA LEU B 300 -26.84 -10.35 43.27
C LEU B 300 -26.67 -10.90 41.86
N ALA B 301 -27.75 -11.40 41.28
CA ALA B 301 -27.72 -11.95 39.92
C ALA B 301 -27.88 -10.84 38.89
N ASP B 302 -27.92 -11.23 37.62
CA ASP B 302 -28.23 -10.31 36.54
C ASP B 302 -29.65 -9.77 36.67
N GLU B 303 -30.53 -10.58 37.26
CA GLU B 303 -31.87 -10.13 37.63
C GLU B 303 -32.03 -10.05 39.13
N PRO B 304 -31.75 -8.88 39.70
CA PRO B 304 -31.78 -8.69 41.15
C PRO B 304 -33.19 -8.78 41.68
N HIS B 305 -34.17 -8.52 40.82
CA HIS B 305 -35.57 -8.50 41.23
C HIS B 305 -35.79 -7.56 42.41
N TYR B 306 -35.20 -6.37 42.32
CA TYR B 306 -35.18 -5.45 43.46
C TYR B 306 -36.58 -5.29 44.05
N THR B 307 -36.69 -5.56 45.35
CA THR B 307 -37.95 -5.43 46.06
C THR B 307 -37.78 -4.71 47.38
N HIS B 308 -38.71 -3.82 47.70
CA HIS B 308 -38.62 -2.99 48.89
C HIS B 308 -39.98 -2.77 49.53
N GLU B 309 -39.99 -2.36 50.78
CA GLU B 309 -41.23 -2.11 51.51
C GLU B 309 -40.99 -1.23 52.74
N LEU B 310 -41.90 -0.30 52.98
CA LEU B 310 -41.86 0.53 54.19
C LEU B 310 -42.50 -0.19 55.36
N ILE B 311 -41.70 -0.49 56.38
CA ILE B 311 -42.17 -1.24 57.53
C ILE B 311 -42.08 -0.41 58.81
N SER B 312 -43.22 -0.22 59.48
CA SER B 312 -43.29 0.62 60.65
C SER B 312 -43.51 -0.21 61.91
N GLU B 313 -43.98 -1.44 61.73
CA GLU B 313 -44.34 -2.29 62.85
C GLU B 313 -43.49 -3.55 62.87
N PRO B 314 -43.12 -4.00 64.07
CA PRO B 314 -42.36 -5.23 64.24
C PRO B 314 -43.07 -6.40 63.57
N ALA B 315 -42.28 -7.27 62.91
CA ALA B 315 -42.84 -8.40 62.18
C ALA B 315 -41.74 -9.35 61.72
N VAL B 316 -42.09 -10.61 61.56
CA VAL B 316 -41.15 -11.62 61.06
C VAL B 316 -41.48 -12.01 59.63
N ARG B 317 -40.52 -11.84 58.73
CA ARG B 317 -40.75 -12.04 57.31
C ARG B 317 -39.81 -13.10 56.74
N ASN B 318 -40.25 -13.76 55.68
CA ASN B 318 -39.45 -14.79 55.02
C ASN B 318 -38.86 -14.29 53.72
N PHE B 319 -37.55 -14.47 53.57
CA PHE B 319 -36.83 -13.96 52.40
C PHE B 319 -36.09 -15.07 51.67
N THR B 320 -35.95 -14.91 50.36
CA THR B 320 -35.31 -15.94 49.53
C THR B 320 -33.84 -15.61 49.27
N VAL B 321 -32.99 -16.62 49.39
CA VAL B 321 -31.57 -16.45 49.15
C VAL B 321 -31.07 -17.42 48.09
N THR B 322 -30.43 -16.89 47.05
CA THR B 322 -29.92 -17.71 45.96
C THR B 322 -28.42 -17.94 46.10
N GLU B 323 -27.91 -18.96 45.42
CA GLU B 323 -26.49 -19.27 45.44
C GLU B 323 -25.68 -18.18 44.75
N LYS B 324 -26.33 -17.45 43.84
CA LYS B 324 -25.71 -16.30 43.20
C LYS B 324 -25.47 -15.18 44.19
N GLY B 325 -26.20 -15.21 45.30
CA GLY B 325 -26.00 -14.24 46.38
C GLY B 325 -27.24 -13.38 46.57
N TRP B 326 -27.47 -12.96 47.81
CA TRP B 326 -28.64 -12.13 48.13
C TRP B 326 -28.28 -11.06 49.16
N GLU B 327 -28.64 -9.82 48.86
CA GLU B 327 -28.25 -8.69 49.68
C GLU B 327 -29.38 -8.25 50.59
N PHE B 328 -29.04 -7.78 51.79
CA PHE B 328 -30.03 -7.30 52.75
C PHE B 328 -29.63 -5.95 53.32
N VAL B 329 -30.53 -4.97 53.20
CA VAL B 329 -30.34 -3.68 53.83
C VAL B 329 -31.58 -3.26 54.60
N TRP B 330 -31.39 -2.87 55.86
CA TRP B 330 -32.51 -2.56 56.74
C TRP B 330 -32.31 -1.21 57.42
N GLY B 331 -33.03 -0.19 56.96
CA GLY B 331 -32.87 1.16 57.47
C GLY B 331 -31.46 1.67 57.24
N ASN B 332 -30.86 2.21 58.30
CA ASN B 332 -29.50 2.74 58.22
C ASN B 332 -28.47 1.69 58.59
N HIS B 333 -28.93 0.45 58.75
CA HIS B 333 -28.04 -0.68 59.01
C HIS B 333 -27.09 -0.91 57.83
N PRO B 334 -25.82 -1.11 58.14
CA PRO B 334 -24.82 -1.39 57.12
C PRO B 334 -25.27 -2.55 56.23
N PRO B 335 -25.17 -2.35 54.92
CA PRO B 335 -25.56 -3.37 53.96
C PRO B 335 -24.81 -4.68 54.21
N LYS B 336 -25.53 -5.80 54.14
CA LYS B 336 -24.93 -7.11 54.28
C LYS B 336 -25.20 -7.98 53.06
N ARG B 337 -24.26 -8.86 52.75
CA ARG B 337 -24.45 -9.83 51.67
C ARG B 337 -24.13 -11.25 52.15
N PHE B 338 -24.91 -12.21 51.67
CA PHE B 338 -24.70 -13.60 52.01
C PHE B 338 -24.90 -14.51 50.80
N TRP B 339 -24.02 -15.50 50.67
CA TRP B 339 -24.26 -16.61 49.76
C TRP B 339 -24.73 -17.85 50.51
N ALA B 340 -25.34 -18.79 49.79
CA ALA B 340 -25.85 -20.01 50.39
C ALA B 340 -25.33 -21.24 49.65
N GLN B 341 -25.24 -22.36 50.36
CA GLN B 341 -24.85 -23.63 49.76
C GLN B 341 -25.52 -24.80 50.46
N GLU B 342 -25.51 -25.96 49.81
CA GLU B 342 -26.17 -27.15 50.34
C GLU B 342 -26.52 -26.96 51.81
N THR B 343 -27.79 -26.69 52.08
CA THR B 343 -28.29 -26.64 53.46
C THR B 343 -29.09 -27.89 53.79
N ALA B 344 -30.19 -28.10 53.07
CA ALA B 344 -31.06 -29.24 53.31
C ALA B 344 -32.14 -29.34 52.25
N PRO B 345 -32.55 -30.58 51.95
CA PRO B 345 -31.97 -31.75 52.57
C PRO B 345 -30.59 -32.06 52.00
N GLY B 346 -30.22 -31.34 50.94
CA GLY B 346 -28.89 -31.49 50.35
C GLY B 346 -28.80 -32.77 49.52
N ASN B 347 -27.60 -33.33 49.44
CA ASN B 347 -27.38 -34.57 48.71
C ASN B 347 -26.24 -35.37 49.31
N PRO B 348 -26.51 -35.99 50.47
CA PRO B 348 -25.56 -36.91 51.06
C PRO B 348 -25.30 -38.11 50.14
N HIS B 349 -24.47 -39.04 50.62
CA HIS B 349 -23.99 -40.12 49.77
C HIS B 349 -25.07 -41.17 49.52
N GLY B 350 -25.98 -41.29 50.48
CA GLY B 350 -27.03 -42.30 50.41
C GLY B 350 -27.34 -42.87 51.79
N LEU B 351 -27.69 -44.14 51.83
CA LEU B 351 -27.73 -44.97 50.63
C LEU B 351 -28.60 -46.21 50.83
N PRO B 352 -29.06 -46.78 49.73
CA PRO B 352 -28.95 -46.13 48.42
C PRO B 352 -30.11 -45.17 48.18
N HIS B 353 -30.14 -44.59 46.99
CA HIS B 353 -31.26 -43.74 46.59
C HIS B 353 -31.48 -42.61 47.60
N GLU B 354 -32.69 -42.56 48.15
CA GLU B 354 -32.98 -41.68 49.28
C GLU B 354 -32.46 -40.27 49.02
N VAL B 355 -31.17 -40.07 49.28
CA VAL B 355 -30.56 -38.75 49.08
C VAL B 355 -30.78 -38.26 47.65
N ILE B 356 -31.03 -39.19 46.74
CA ILE B 356 -31.34 -38.84 45.37
C ILE B 356 -32.59 -37.96 45.29
N THR B 357 -33.57 -38.28 46.13
CA THR B 357 -34.79 -37.49 46.21
C THR B 357 -34.57 -36.21 47.01
N HIS B 358 -33.55 -36.22 47.86
CA HIS B 358 -33.07 -35.00 48.50
C HIS B 358 -32.44 -34.05 47.50
N TYR B 359 -31.72 -34.62 46.53
CA TYR B 359 -31.04 -33.82 45.52
C TYR B 359 -32.02 -32.91 44.78
N TYR B 360 -33.28 -33.32 44.73
CA TYR B 360 -34.30 -32.58 44.01
C TYR B 360 -34.19 -31.09 44.30
N HIS B 361 -33.92 -30.76 45.57
CA HIS B 361 -33.78 -29.36 45.98
C HIS B 361 -32.38 -28.83 45.67
N ARG B 362 -31.41 -29.73 45.66
CA ARG B 362 -30.02 -29.34 45.42
C ARG B 362 -29.70 -29.34 43.93
N TYR B 363 -29.16 -28.23 43.45
CA TYR B 363 -28.89 -28.06 42.02
C TYR B 363 -30.07 -28.49 41.18
N PRO B 364 -31.21 -27.84 41.38
CA PRO B 364 -32.43 -28.18 40.67
C PRO B 364 -32.34 -27.78 39.21
N MET B 365 -33.43 -27.99 38.46
CA MET B 365 -33.43 -27.77 37.02
C MET B 365 -32.69 -28.88 36.29
N SER B 366 -33.44 -29.69 35.56
CA SER B 366 -32.91 -30.94 35.01
C SER B 366 -33.40 -32.14 35.79
N THR B 367 -32.47 -32.96 36.28
CA THR B 367 -32.81 -34.06 37.18
C THR B 367 -33.97 -34.88 36.64
N ILE B 368 -35.18 -34.37 36.83
CA ILE B 368 -36.39 -35.06 36.36
C ILE B 368 -36.29 -35.37 34.86
N LEU B 369 -35.72 -34.44 34.11
CA LEU B 369 -35.54 -34.62 32.68
C LEU B 369 -34.79 -35.91 32.37
N GLY B 370 -33.58 -36.03 32.92
CA GLY B 370 -32.75 -37.20 32.68
C GLY B 370 -33.45 -38.47 33.17
N LEU B 371 -34.17 -38.36 34.28
CA LEU B 371 -34.89 -39.50 34.84
C LEU B 371 -35.94 -40.01 33.87
N SER B 372 -36.72 -39.10 33.29
CA SER B 372 -37.77 -39.46 32.36
C SER B 372 -37.18 -40.05 31.08
N ILE B 373 -36.05 -39.51 30.65
CA ILE B 373 -35.38 -39.99 29.45
C ILE B 373 -34.95 -41.44 29.61
N CYS B 374 -34.28 -41.75 30.71
CA CYS B 374 -33.80 -43.10 30.98
C CYS B 374 -34.95 -44.08 31.14
N ALA B 375 -36.01 -43.64 31.82
CA ALA B 375 -37.19 -44.46 32.02
C ALA B 375 -37.84 -44.82 30.69
N ALA B 376 -37.93 -43.84 29.80
CA ALA B 376 -38.52 -44.05 28.49
C ALA B 376 -37.70 -45.04 27.67
N ILE B 377 -36.38 -44.91 27.77
CA ILE B 377 -35.47 -45.82 27.06
C ILE B 377 -35.67 -47.25 27.52
N ALA B 378 -35.79 -47.44 28.84
CA ALA B 378 -35.99 -48.76 29.41
C ALA B 378 -37.30 -49.38 28.94
N THR B 379 -38.36 -48.57 28.93
CA THR B 379 -39.67 -49.02 28.49
C THR B 379 -39.62 -49.46 27.02
N VAL B 380 -38.97 -48.66 26.19
CA VAL B 380 -38.81 -49.00 24.78
C VAL B 380 -38.03 -50.29 24.60
N SER B 381 -36.99 -50.46 25.41
CA SER B 381 -36.21 -51.69 25.40
C SER B 381 -37.07 -52.90 25.71
N VAL B 382 -37.97 -52.76 26.68
CA VAL B 382 -38.91 -53.82 27.01
C VAL B 382 -39.84 -54.12 25.84
N ALA B 383 -40.34 -53.07 25.21
CA ALA B 383 -41.20 -53.22 24.04
C ALA B 383 -40.48 -53.97 22.92
N ALA B 384 -39.22 -53.62 22.70
CA ALA B 384 -38.41 -54.28 21.69
C ALA B 384 -38.23 -55.76 22.00
N SER B 385 -37.98 -56.07 23.27
CA SER B 385 -37.87 -57.46 23.71
C SER B 385 -39.15 -58.23 23.43
N THR B 386 -40.29 -57.59 23.68
CA THR B 386 -41.58 -58.19 23.39
C THR B 386 -41.72 -58.50 21.90
N TRP B 387 -41.34 -57.53 21.06
CA TRP B 387 -41.35 -57.73 19.62
C TRP B 387 -40.46 -58.90 19.22
N LEU B 388 -39.27 -58.98 19.83
CA LEU B 388 -38.35 -60.08 19.58
C LEU B 388 -38.96 -61.42 20.00
N PHE B 389 -39.62 -61.43 21.16
CA PHE B 389 -40.20 -62.65 21.69
C PHE B 389 -41.33 -63.16 20.79
N CYS B 390 -42.15 -62.23 20.31
CA CYS B 390 -43.26 -62.58 19.42
C CYS B 390 -42.75 -63.15 18.10
N ARG B 391 -41.69 -62.55 17.57
CA ARG B 391 -41.06 -63.05 16.36
C ARG B 391 -40.43 -64.42 16.57
N SER B 392 -39.88 -64.62 17.76
CA SER B 392 -39.34 -65.92 18.14
C SER B 392 -40.44 -66.96 18.26
N ARG B 393 -41.58 -66.56 18.80
CA ARG B 393 -42.73 -67.44 18.91
C ARG B 393 -43.26 -67.83 17.54
N VAL B 394 -43.25 -66.88 16.61
CA VAL B 394 -43.55 -67.17 15.22
C VAL B 394 -42.51 -68.11 14.61
N ALA B 395 -41.24 -67.85 14.91
CA ALA B 395 -40.15 -68.65 14.38
C ALA B 395 -40.31 -70.12 14.75
N CYS B 396 -40.76 -70.37 15.98
CA CYS B 396 -41.03 -71.72 16.44
C CYS B 396 -42.26 -72.30 15.75
N LEU B 397 -43.32 -71.50 15.68
CA LEU B 397 -44.60 -71.98 15.16
C LEU B 397 -44.54 -72.17 13.65
N THR B 398 -43.61 -71.49 13.00
CA THR B 398 -43.52 -71.51 11.55
C THR B 398 -43.36 -72.93 11.02
N PRO B 399 -42.33 -73.63 11.50
CA PRO B 399 -42.13 -75.03 11.14
C PRO B 399 -43.21 -75.91 11.73
N TYR B 400 -43.87 -75.42 12.79
CA TYR B 400 -44.94 -76.17 13.44
C TYR B 400 -46.27 -75.98 12.71
N ARG B 401 -46.26 -75.14 11.69
CA ARG B 401 -47.49 -74.72 11.03
C ARG B 401 -48.69 -75.50 11.57
N LEU B 402 -48.79 -76.77 11.19
CA LEU B 402 -49.74 -77.68 11.81
C LEU B 402 -49.04 -78.71 12.67
N THR B 403 -48.01 -79.35 12.11
CA THR B 403 -47.97 -79.61 10.68
C THR B 403 -48.85 -80.80 10.31
N PRO B 404 -49.26 -80.85 9.04
CA PRO B 404 -49.96 -82.02 8.52
C PRO B 404 -49.45 -83.30 9.15
N ASN B 405 -49.98 -83.60 10.34
CA ASN B 405 -49.49 -84.73 11.13
C ASN B 405 -49.92 -84.62 12.58
N ALA B 406 -49.94 -83.39 13.09
CA ALA B 406 -50.27 -83.14 14.49
C ALA B 406 -49.25 -83.80 15.41
N ARG B 407 -48.02 -83.94 14.93
CA ARG B 407 -46.97 -84.60 15.70
C ARG B 407 -45.66 -83.84 15.59
N ILE B 408 -45.32 -83.09 16.64
CA ILE B 408 -44.03 -82.44 16.73
C ILE B 408 -43.41 -82.63 18.12
N PRO B 409 -43.60 -83.81 18.70
CA PRO B 409 -43.02 -84.13 19.99
C PRO B 409 -41.56 -83.72 20.06
N PHE B 410 -40.81 -84.04 19.01
CA PHE B 410 -39.35 -84.00 19.07
C PHE B 410 -38.83 -82.61 18.74
N CYS B 411 -39.61 -81.86 17.97
CA CYS B 411 -39.29 -80.46 17.70
C CYS B 411 -39.36 -79.62 18.98
N LEU B 412 -40.36 -79.89 19.81
CA LEU B 412 -40.50 -79.23 21.10
C LEU B 412 -39.49 -79.77 22.10
N ALA B 413 -39.19 -81.06 21.99
CA ALA B 413 -38.26 -81.71 22.91
C ALA B 413 -36.85 -81.14 22.75
N VAL B 414 -36.49 -80.78 21.53
CA VAL B 414 -35.16 -80.23 21.24
C VAL B 414 -35.14 -78.72 21.47
N LEU B 415 -36.04 -78.02 20.79
CA LEU B 415 -36.01 -76.56 20.80
C LEU B 415 -36.61 -75.99 22.08
N CYS B 416 -37.66 -76.63 22.57
CA CYS B 416 -38.27 -76.24 23.83
C CYS B 416 -38.59 -74.76 23.87
N CYS B 417 -39.25 -74.27 22.83
CA CYS B 417 -39.63 -72.86 22.74
C CYS B 417 -40.45 -72.43 23.94
N ALA B 418 -41.19 -73.37 24.51
CA ALA B 418 -41.85 -73.17 25.80
C ALA B 418 -43.31 -73.59 25.75
N ARG B 419 -44.07 -73.21 26.78
CA ARG B 419 -45.49 -73.51 26.84
C ARG B 419 -45.75 -74.99 26.58
N THR B 420 -45.02 -75.84 27.29
CA THR B 420 -45.17 -77.29 27.14
C THR B 420 -46.47 -77.63 26.42
N ALA B 421 -46.35 -78.02 25.15
CA ALA B 421 -47.51 -78.41 24.36
C ALA B 421 -47.43 -79.87 23.96
N ARG B 422 -48.16 -80.72 24.69
CA ARG B 422 -49.19 -80.26 25.61
C ARG B 422 -49.63 -81.38 26.55
N ALA B 423 -49.65 -82.60 26.04
CA ALA B 423 -50.03 -83.76 26.84
C ALA B 423 -48.91 -84.78 26.91
N LYS C 1 -56.90 -91.62 -16.38
CA LYS C 1 -56.38 -91.43 -15.04
C LYS C 1 -57.04 -90.23 -14.35
N ARG C 2 -57.05 -89.10 -15.06
CA ARG C 2 -57.61 -87.87 -14.51
C ARG C 2 -59.04 -88.09 -14.01
N GLN C 3 -59.78 -88.94 -14.70
CA GLN C 3 -61.09 -89.37 -14.23
C GLN C 3 -61.01 -89.95 -12.83
N ARG C 4 -60.09 -90.88 -12.62
CA ARG C 4 -59.89 -91.49 -11.31
C ARG C 4 -59.39 -90.47 -10.30
N MET C 5 -58.60 -89.50 -10.78
CA MET C 5 -58.11 -88.42 -9.93
C MET C 5 -59.26 -87.61 -9.35
N VAL C 6 -60.24 -87.28 -10.19
CA VAL C 6 -61.39 -86.52 -9.76
C VAL C 6 -62.26 -87.33 -8.80
N MET C 7 -62.42 -88.62 -9.09
CA MET C 7 -63.21 -89.51 -8.26
C MET C 7 -62.67 -89.56 -6.83
N LYS C 8 -61.34 -89.62 -6.72
CA LYS C 8 -60.69 -89.59 -5.41
C LYS C 8 -60.85 -88.23 -4.74
N LEU C 9 -60.82 -87.17 -5.54
CA LEU C 9 -61.04 -85.82 -5.03
C LEU C 9 -62.47 -85.65 -4.54
N GLU C 10 -63.40 -86.34 -5.20
CA GLU C 10 -64.80 -86.30 -4.80
C GLU C 10 -65.02 -87.01 -3.47
N SER C 11 -64.33 -88.13 -3.28
CA SER C 11 -64.30 -88.81 -2.00
C SER C 11 -63.69 -87.91 -0.92
N ASP C 12 -62.63 -87.21 -1.27
CA ASP C 12 -62.03 -86.23 -0.38
C ASP C 12 -62.97 -85.05 -0.14
N LYS C 13 -63.21 -84.74 1.13
CA LYS C 13 -64.10 -83.66 1.50
C LYS C 13 -63.41 -82.30 1.41
N THR C 14 -63.86 -81.48 0.48
CA THR C 14 -63.30 -80.15 0.29
C THR C 14 -64.38 -79.07 0.31
N PHE C 15 -64.01 -77.88 0.76
CA PHE C 15 -64.98 -76.80 0.93
C PHE C 15 -64.43 -75.48 0.40
N PRO C 16 -65.14 -74.90 -0.57
CA PRO C 16 -64.74 -73.62 -1.15
C PRO C 16 -64.95 -72.48 -0.16
N ILE C 17 -64.30 -71.35 -0.42
CA ILE C 17 -64.47 -70.15 0.39
C ILE C 17 -65.46 -69.18 -0.24
N MET C 18 -66.69 -69.18 0.26
CA MET C 18 -67.78 -68.45 -0.37
C MET C 18 -67.85 -67.02 0.15
N LEU C 19 -67.95 -66.07 -0.77
CA LEU C 19 -68.24 -64.69 -0.41
C LEU C 19 -69.17 -64.04 -1.42
N GLU C 20 -70.36 -63.68 -0.97
CA GLU C 20 -71.40 -63.16 -1.86
C GLU C 20 -71.66 -64.12 -3.02
N GLY C 21 -71.54 -65.41 -2.73
CA GLY C 21 -71.88 -66.43 -3.72
C GLY C 21 -70.71 -66.72 -4.65
N LYS C 22 -69.56 -66.11 -4.36
CA LYS C 22 -68.38 -66.26 -5.21
C LYS C 22 -67.28 -67.02 -4.47
N ILE C 23 -66.70 -68.01 -5.14
CA ILE C 23 -65.60 -68.77 -4.59
C ILE C 23 -64.28 -68.03 -4.77
N ASN C 24 -63.67 -67.62 -3.65
CA ASN C 24 -62.44 -66.85 -3.69
C ASN C 24 -61.23 -67.72 -3.35
N GLY C 25 -61.49 -69.01 -3.12
CA GLY C 25 -60.44 -69.93 -2.70
C GLY C 25 -61.04 -71.23 -2.18
N TYR C 26 -60.18 -72.07 -1.60
CA TYR C 26 -60.62 -73.36 -1.05
C TYR C 26 -59.91 -73.65 0.26
N ALA C 27 -60.58 -74.42 1.12
CA ALA C 27 -60.00 -74.82 2.40
C ALA C 27 -60.39 -76.25 2.76
N CYS C 28 -59.50 -76.95 3.45
CA CYS C 28 -59.74 -78.34 3.81
C CYS C 28 -59.02 -78.70 5.10
N VAL C 29 -59.22 -79.93 5.57
CA VAL C 29 -58.59 -80.39 6.79
C VAL C 29 -57.54 -81.46 6.52
N VAL C 30 -56.30 -81.18 6.90
CA VAL C 30 -55.20 -82.12 6.73
C VAL C 30 -54.47 -82.35 8.06
N GLY C 31 -54.15 -83.60 8.34
CA GLY C 31 -53.47 -83.95 9.57
C GLY C 31 -54.32 -83.61 10.79
N GLY C 32 -55.62 -83.54 10.60
CA GLY C 32 -56.55 -83.34 11.70
C GLY C 32 -56.63 -81.87 12.09
N LYS C 33 -56.22 -80.99 11.18
CA LYS C 33 -56.26 -79.55 11.42
C LYS C 33 -56.75 -78.80 10.19
N LEU C 34 -57.62 -77.83 10.40
CA LEU C 34 -58.14 -77.02 9.32
C LEU C 34 -57.14 -75.98 8.85
N PHE C 35 -57.03 -75.80 7.54
CA PHE C 35 -56.21 -74.73 6.97
C PHE C 35 -57.01 -73.89 5.99
N ARG C 36 -56.67 -72.61 5.91
CA ARG C 36 -57.33 -71.70 4.96
C ARG C 36 -56.35 -70.65 4.45
N PRO C 37 -56.38 -70.41 3.14
CA PRO C 37 -55.57 -69.36 2.54
C PRO C 37 -55.97 -67.98 3.07
N MET C 38 -55.01 -67.29 3.67
CA MET C 38 -55.29 -66.07 4.41
C MET C 38 -55.67 -64.93 3.47
N HIS C 39 -55.02 -64.88 2.31
CA HIS C 39 -55.27 -63.83 1.34
C HIS C 39 -56.69 -63.90 0.79
N VAL C 40 -57.30 -65.08 0.92
CA VAL C 40 -58.66 -65.29 0.45
C VAL C 40 -59.67 -64.73 1.44
N GLU C 41 -60.56 -63.86 0.95
CA GLU C 41 -61.63 -63.31 1.77
C GLU C 41 -62.92 -64.09 1.60
N GLY C 42 -63.71 -64.16 2.66
CA GLY C 42 -64.95 -64.93 2.64
C GLY C 42 -64.96 -66.01 3.71
N LYS C 43 -65.99 -66.84 3.70
CA LYS C 43 -66.12 -67.91 4.69
C LYS C 43 -66.16 -69.28 4.02
N ILE C 44 -65.62 -70.28 4.70
CA ILE C 44 -65.65 -71.65 4.20
C ILE C 44 -67.08 -72.14 4.04
N ASP C 45 -67.30 -72.99 3.04
CA ASP C 45 -68.62 -73.56 2.79
C ASP C 45 -68.93 -74.67 3.78
N ASN C 46 -68.87 -74.35 5.07
CA ASN C 46 -69.15 -75.32 6.12
C ASN C 46 -69.32 -74.64 7.47
N ASP C 47 -70.57 -74.59 7.95
CA ASP C 47 -70.88 -73.88 9.18
C ASP C 47 -70.07 -74.43 10.36
N VAL C 48 -69.87 -75.74 10.37
CA VAL C 48 -69.17 -76.39 11.46
C VAL C 48 -67.73 -75.91 11.55
N LEU C 49 -67.06 -75.88 10.40
CA LEU C 49 -65.67 -75.41 10.34
C LEU C 49 -65.59 -73.91 10.53
N ALA C 50 -66.57 -73.19 9.99
CA ALA C 50 -66.61 -71.74 10.10
C ALA C 50 -66.82 -71.31 11.56
N ALA C 51 -67.48 -72.17 12.33
CA ALA C 51 -67.73 -71.90 13.74
C ALA C 51 -66.42 -71.89 14.54
N LEU C 52 -65.38 -72.46 13.95
CA LEU C 52 -64.09 -72.55 14.63
C LEU C 52 -63.25 -71.30 14.43
N LYS C 53 -62.65 -70.81 15.51
CA LYS C 53 -61.77 -69.65 15.44
C LYS C 53 -60.38 -70.05 14.94
N THR C 54 -59.89 -69.33 13.94
CA THR C 54 -58.62 -69.65 13.31
C THR C 54 -57.49 -68.81 13.88
N LYS C 55 -56.26 -69.28 13.73
CA LYS C 55 -55.08 -68.48 14.02
C LYS C 55 -54.33 -68.10 12.75
N LYS C 56 -53.67 -66.94 12.78
CA LYS C 56 -53.06 -66.37 11.58
C LYS C 56 -51.61 -66.81 11.44
N ALA C 57 -51.13 -66.85 10.21
CA ALA C 57 -49.72 -67.09 9.94
C ALA C 57 -49.21 -66.19 8.82
N SER C 58 -48.91 -64.95 9.17
CA SER C 58 -48.53 -63.95 8.17
C SER C 58 -47.34 -64.43 7.35
N LYS C 59 -46.35 -65.01 8.02
CA LYS C 59 -45.12 -65.44 7.35
C LYS C 59 -45.42 -66.18 6.06
N TYR C 60 -46.43 -67.06 6.10
CA TYR C 60 -46.81 -67.83 4.94
C TYR C 60 -48.18 -67.40 4.42
N ASP C 61 -48.75 -66.38 5.03
CA ASP C 61 -50.05 -65.85 4.62
C ASP C 61 -51.11 -66.94 4.67
N LEU C 62 -51.13 -67.70 5.76
CA LEU C 62 -52.10 -68.78 5.93
C LEU C 62 -52.77 -68.72 7.29
N GLU C 63 -53.99 -69.25 7.37
CA GLU C 63 -54.66 -69.44 8.65
C GLU C 63 -54.90 -70.92 8.93
N TYR C 64 -55.04 -71.26 10.21
CA TYR C 64 -55.21 -72.65 10.61
C TYR C 64 -56.08 -72.75 11.87
N ALA C 65 -56.59 -73.95 12.13
CA ALA C 65 -57.40 -74.20 13.31
C ALA C 65 -57.43 -75.68 13.67
N ASP C 66 -57.62 -75.96 14.95
CA ASP C 66 -57.66 -77.34 15.43
C ASP C 66 -59.03 -77.97 15.20
N VAL C 67 -59.02 -79.22 14.74
CA VAL C 67 -60.26 -79.94 14.47
C VAL C 67 -60.53 -80.99 15.54
N PRO C 68 -61.78 -81.05 16.00
CA PRO C 68 -62.16 -82.01 17.03
C PRO C 68 -61.76 -83.43 16.63
N GLN C 69 -61.28 -84.20 17.61
CA GLN C 69 -60.76 -85.54 17.35
C GLN C 69 -61.80 -86.39 16.61
N ASN C 70 -63.06 -86.25 17.00
CA ASN C 70 -64.14 -86.99 16.37
C ASN C 70 -64.21 -86.68 14.87
N MET C 71 -63.85 -85.46 14.50
CA MET C 71 -63.79 -85.06 13.10
C MET C 71 -62.43 -85.42 12.49
N ARG C 72 -61.44 -85.62 13.36
CA ARG C 72 -60.12 -86.07 12.91
C ARG C 72 -60.18 -87.52 12.43
N ALA C 73 -61.25 -88.21 12.79
CA ALA C 73 -61.42 -89.61 12.40
C ALA C 73 -61.19 -89.79 10.90
N ASP C 74 -61.54 -88.77 10.12
CA ASP C 74 -61.36 -88.81 8.68
C ASP C 74 -60.89 -87.46 8.15
N THR C 75 -59.58 -87.31 8.01
CA THR C 75 -59.00 -86.13 7.38
C THR C 75 -57.92 -86.51 6.37
N PHE C 76 -57.35 -85.50 5.72
CA PHE C 76 -56.38 -85.74 4.66
C PHE C 76 -55.06 -86.26 5.22
N LYS C 77 -54.46 -87.22 4.51
CA LYS C 77 -53.24 -87.86 4.97
C LYS C 77 -52.03 -87.36 4.20
N TYR C 78 -51.06 -86.79 4.91
CA TYR C 78 -49.86 -86.26 4.29
C TYR C 78 -48.74 -87.30 4.27
N THR C 79 -47.89 -87.22 3.25
CA THR C 79 -46.71 -88.09 3.17
C THR C 79 -45.47 -87.31 2.77
N HIS C 80 -44.31 -87.88 3.07
CA HIS C 80 -43.05 -87.19 2.82
C HIS C 80 -42.41 -87.67 1.52
N GLU C 81 -42.96 -88.72 0.94
CA GLU C 81 -42.42 -89.30 -0.29
C GLU C 81 -42.76 -88.44 -1.49
N LYS C 82 -41.81 -87.61 -1.91
CA LYS C 82 -42.03 -86.67 -3.01
C LYS C 82 -41.02 -86.87 -4.12
N PRO C 83 -41.13 -88.01 -4.81
CA PRO C 83 -40.24 -88.31 -5.92
C PRO C 83 -40.63 -87.51 -7.16
N GLN C 84 -39.69 -87.35 -8.09
CA GLN C 84 -39.97 -86.72 -9.37
C GLN C 84 -40.92 -87.57 -10.22
N GLY C 85 -41.71 -86.90 -11.05
CA GLY C 85 -42.75 -87.58 -11.81
C GLY C 85 -43.96 -86.67 -12.01
N TYR C 86 -45.16 -87.25 -11.97
CA TYR C 86 -46.39 -86.49 -12.10
C TYR C 86 -47.31 -86.74 -10.90
N TYR C 87 -47.99 -85.69 -10.47
CA TYR C 87 -48.97 -85.80 -9.39
C TYR C 87 -50.35 -85.35 -9.87
N SER C 88 -51.33 -85.45 -8.97
CA SER C 88 -52.72 -85.20 -9.34
C SER C 88 -53.29 -84.02 -8.56
N TRP C 89 -54.14 -83.24 -9.23
CA TRP C 89 -54.93 -82.22 -8.55
C TRP C 89 -56.21 -81.91 -9.32
N HIS C 90 -57.03 -81.02 -8.76
CA HIS C 90 -58.36 -80.76 -9.30
C HIS C 90 -58.29 -80.45 -10.79
N HIS C 91 -57.27 -79.70 -11.19
CA HIS C 91 -57.18 -79.18 -12.56
C HIS C 91 -56.39 -80.12 -13.46
N GLY C 92 -56.43 -81.41 -13.14
CA GLY C 92 -55.83 -82.42 -13.98
C GLY C 92 -54.56 -82.99 -13.35
N ALA C 93 -53.52 -83.15 -14.16
CA ALA C 93 -52.22 -83.61 -13.68
C ALA C 93 -51.27 -82.44 -13.46
N VAL C 94 -50.19 -82.69 -12.73
CA VAL C 94 -49.15 -81.69 -12.54
C VAL C 94 -47.76 -82.32 -12.61
N GLN C 95 -46.83 -81.64 -13.26
CA GLN C 95 -45.48 -82.14 -13.42
C GLN C 95 -44.58 -81.70 -12.27
N TYR C 96 -43.95 -82.66 -11.62
CA TYR C 96 -43.06 -82.37 -10.50
C TYR C 96 -41.62 -82.72 -10.84
N GLU C 97 -40.75 -81.72 -10.84
CA GLU C 97 -39.34 -81.92 -11.13
C GLU C 97 -38.49 -80.78 -10.60
N ASN C 98 -37.31 -81.10 -10.08
CA ASN C 98 -36.44 -80.11 -9.47
C ASN C 98 -37.06 -79.53 -8.22
N GLY C 99 -38.02 -80.25 -7.64
CA GLY C 99 -38.69 -79.81 -6.42
C GLY C 99 -39.77 -78.79 -6.74
N ARG C 100 -40.09 -78.66 -8.02
CA ARG C 100 -41.02 -77.63 -8.48
C ARG C 100 -42.20 -78.24 -9.23
N PHE C 101 -43.37 -77.65 -9.06
CA PHE C 101 -44.56 -78.07 -9.79
C PHE C 101 -44.84 -77.14 -10.97
N THR C 102 -45.08 -77.73 -12.14
CA THR C 102 -45.44 -76.96 -13.33
C THR C 102 -46.61 -77.59 -14.07
N VAL C 103 -47.45 -76.75 -14.66
CA VAL C 103 -48.58 -77.23 -15.44
C VAL C 103 -48.71 -76.47 -16.75
N PRO C 104 -49.42 -77.05 -17.70
CA PRO C 104 -49.69 -76.39 -18.98
C PRO C 104 -50.30 -75.02 -18.77
N LYS C 105 -49.97 -74.08 -19.65
CA LYS C 105 -50.48 -72.71 -19.56
C LYS C 105 -52.00 -72.70 -19.64
N GLY C 106 -52.61 -71.73 -18.96
CA GLY C 106 -54.06 -71.59 -18.96
C GLY C 106 -54.69 -72.41 -17.85
N VAL C 107 -53.85 -73.09 -17.07
CA VAL C 107 -54.32 -73.93 -15.98
C VAL C 107 -53.98 -73.32 -14.63
N GLY C 108 -55.02 -72.97 -13.86
CA GLY C 108 -54.83 -72.35 -12.56
C GLY C 108 -54.96 -70.83 -12.65
N ALA C 109 -55.62 -70.24 -11.66
CA ALA C 109 -55.82 -68.80 -11.64
C ALA C 109 -56.28 -68.33 -10.25
N LYS C 110 -56.40 -67.02 -10.10
CA LYS C 110 -56.85 -66.44 -8.84
C LYS C 110 -58.16 -67.06 -8.38
N GLY C 111 -58.16 -67.58 -7.16
CA GLY C 111 -59.36 -68.20 -6.59
C GLY C 111 -59.21 -69.70 -6.48
N ASP C 112 -58.13 -70.23 -7.04
CA ASP C 112 -57.89 -71.67 -7.01
C ASP C 112 -57.08 -72.07 -5.79
N SER C 113 -56.67 -71.08 -5.01
CA SER C 113 -55.87 -71.33 -3.81
C SER C 113 -56.55 -72.35 -2.91
N GLY C 114 -55.76 -73.30 -2.40
CA GLY C 114 -56.25 -74.26 -1.42
C GLY C 114 -56.29 -75.67 -2.00
N ARG C 115 -56.15 -75.77 -3.31
CA ARG C 115 -56.17 -77.06 -4.00
C ARG C 115 -54.94 -77.88 -3.65
N PRO C 116 -55.16 -79.06 -3.08
CA PRO C 116 -54.06 -79.92 -2.64
C PRO C 116 -53.46 -80.68 -3.80
N ILE C 117 -52.26 -81.23 -3.59
CA ILE C 117 -51.63 -82.11 -4.57
C ILE C 117 -51.47 -83.52 -4.01
N LEU C 118 -52.00 -84.50 -4.73
CA LEU C 118 -52.01 -85.88 -4.26
C LEU C 118 -51.08 -86.75 -5.07
N ASP C 119 -50.52 -87.78 -4.43
CA ASP C 119 -49.72 -88.77 -5.14
C ASP C 119 -50.58 -89.92 -5.64
N ASN C 120 -49.93 -90.98 -6.12
CA ASN C 120 -50.63 -92.11 -6.71
C ASN C 120 -51.48 -92.83 -5.66
N GLN C 121 -51.12 -92.67 -4.39
CA GLN C 121 -51.83 -93.31 -3.30
C GLN C 121 -52.89 -92.40 -2.71
N GLY C 122 -53.03 -91.21 -3.28
CA GLY C 122 -54.03 -90.25 -2.84
C GLY C 122 -53.57 -89.52 -1.59
N ARG C 123 -52.27 -89.58 -1.31
CA ARG C 123 -51.70 -88.89 -0.17
C ARG C 123 -51.24 -87.48 -0.53
N VAL C 124 -51.40 -86.55 0.41
CA VAL C 124 -51.03 -85.16 0.18
C VAL C 124 -49.51 -85.00 0.23
N VAL C 125 -48.97 -84.33 -0.80
CA VAL C 125 -47.54 -84.06 -0.86
C VAL C 125 -47.28 -82.56 -0.85
N ALA C 126 -48.29 -81.78 -1.21
CA ALA C 126 -48.17 -80.33 -1.23
C ALA C 126 -49.53 -79.66 -1.36
N ILE C 127 -49.59 -78.37 -1.05
CA ILE C 127 -50.81 -77.59 -1.25
C ILE C 127 -50.53 -76.36 -2.11
N VAL C 128 -51.35 -76.17 -3.13
CA VAL C 128 -51.16 -75.08 -4.08
C VAL C 128 -51.71 -73.78 -3.52
N LEU C 129 -50.86 -72.75 -3.46
CA LEU C 129 -51.24 -71.47 -2.89
C LEU C 129 -51.30 -70.38 -3.95
N GLY C 130 -50.45 -70.50 -4.97
CA GLY C 130 -50.42 -69.54 -6.06
C GLY C 130 -49.67 -70.09 -7.26
N GLY C 131 -49.21 -69.21 -8.13
CA GLY C 131 -48.44 -69.60 -9.30
C GLY C 131 -48.04 -68.39 -10.14
N VAL C 132 -47.30 -68.64 -11.22
CA VAL C 132 -46.88 -67.57 -12.12
C VAL C 132 -46.74 -68.06 -13.55
N ASN C 133 -47.17 -67.25 -14.49
CA ASN C 133 -47.13 -67.61 -15.91
C ASN C 133 -45.69 -67.87 -16.36
N GLU C 134 -45.46 -69.04 -16.94
CA GLU C 134 -44.16 -69.37 -17.51
C GLU C 134 -44.30 -69.88 -18.93
N GLY C 135 -44.83 -69.03 -19.80
CA GLY C 135 -44.91 -69.34 -21.23
C GLY C 135 -45.85 -70.51 -21.48
N SER C 136 -45.31 -71.58 -22.06
CA SER C 136 -46.11 -72.75 -22.41
C SER C 136 -46.65 -73.44 -21.16
N ARG C 137 -46.08 -73.11 -20.02
CA ARG C 137 -46.52 -73.67 -18.75
C ARG C 137 -46.65 -72.59 -17.68
N THR C 138 -47.03 -73.00 -16.48
CA THR C 138 -47.03 -72.11 -15.33
C THR C 138 -46.36 -72.76 -14.13
N ALA C 139 -45.63 -71.96 -13.35
CA ALA C 139 -44.95 -72.44 -12.16
C ALA C 139 -45.79 -72.20 -10.91
N LEU C 140 -46.01 -73.25 -10.12
CA LEU C 140 -46.91 -73.18 -8.98
C LEU C 140 -46.17 -72.81 -7.71
N SER C 141 -46.78 -71.94 -6.91
CA SER C 141 -46.30 -71.67 -5.56
C SER C 141 -47.01 -72.57 -4.54
N VAL C 142 -46.22 -73.37 -3.82
CA VAL C 142 -46.78 -74.45 -3.00
C VAL C 142 -46.14 -74.47 -1.63
N VAL C 143 -46.78 -75.19 -0.70
CA VAL C 143 -46.16 -75.48 0.59
C VAL C 143 -45.97 -76.97 0.79
N MET C 144 -44.79 -77.36 1.27
CA MET C 144 -44.48 -78.76 1.52
C MET C 144 -43.68 -78.91 2.81
N TRP C 145 -43.65 -80.13 3.34
CA TRP C 145 -43.07 -80.39 4.65
C TRP C 145 -41.99 -81.46 4.59
N ASN C 146 -40.89 -81.23 5.27
CA ASN C 146 -39.77 -82.17 5.28
C ASN C 146 -40.07 -83.35 6.20
N GLU C 147 -39.28 -84.41 6.08
CA GLU C 147 -39.46 -85.60 6.90
C GLU C 147 -39.20 -85.31 8.36
N LYS C 148 -38.57 -84.18 8.63
CA LYS C 148 -38.33 -83.74 10.00
C LYS C 148 -39.51 -82.96 10.55
N GLY C 149 -40.53 -82.77 9.71
CA GLY C 149 -41.73 -82.04 10.11
C GLY C 149 -41.54 -80.54 9.95
N VAL C 150 -40.66 -80.15 9.05
CA VAL C 150 -40.36 -78.74 8.82
C VAL C 150 -41.26 -78.17 7.73
N THR C 151 -41.95 -77.08 8.05
CA THR C 151 -42.83 -76.41 7.09
C THR C 151 -42.04 -75.48 6.18
N VAL C 152 -42.07 -75.77 4.88
CA VAL C 152 -41.35 -74.97 3.90
C VAL C 152 -42.28 -74.50 2.79
N LYS C 153 -42.33 -73.19 2.57
CA LYS C 153 -43.16 -72.62 1.52
C LYS C 153 -42.31 -72.23 0.31
N TYR C 154 -42.61 -72.82 -0.84
CA TYR C 154 -41.89 -72.51 -2.07
C TYR C 154 -42.66 -71.52 -2.93
N THR C 155 -42.09 -70.33 -3.11
CA THR C 155 -42.73 -69.29 -3.91
C THR C 155 -41.77 -68.71 -4.93
N PRO C 156 -42.06 -68.93 -6.20
CA PRO C 156 -41.29 -68.34 -7.29
C PRO C 156 -41.23 -66.81 -7.14
N GLU C 157 -40.14 -66.22 -7.62
CA GLU C 157 -39.95 -64.78 -7.52
C GLU C 157 -41.10 -64.02 -8.15
N ASN C 158 -41.77 -63.18 -7.36
CA ASN C 158 -42.86 -62.36 -7.86
C ASN C 158 -44.01 -63.20 -8.38
N CYS C 159 -44.23 -64.35 -7.74
CA CYS C 159 -45.34 -65.22 -8.08
C CYS C 159 -46.68 -64.58 -7.70
N GLU C 160 -47.68 -64.76 -8.55
CA GLU C 160 -48.99 -64.14 -8.33
C GLU C 160 -49.89 -65.05 -7.51
N GLN C 161 -50.69 -64.44 -6.64
CA GLN C 161 -51.64 -65.19 -5.82
C GLN C 161 -52.76 -65.79 -6.66
N TRP C 162 -52.65 -67.08 -6.93
CA TRP C 162 -53.66 -67.78 -7.72
C TRP C 162 -54.58 -68.60 -6.82
N TYR D 1 -51.35 21.48 12.56
CA TYR D 1 -50.91 20.49 11.59
C TYR D 1 -49.42 20.23 11.70
N GLU D 2 -49.04 18.96 11.60
CA GLU D 2 -47.63 18.59 11.58
C GLU D 2 -47.14 18.32 10.15
N HIS D 3 -46.29 19.20 9.64
CA HIS D 3 -45.72 19.04 8.32
C HIS D 3 -44.39 18.30 8.38
N ALA D 4 -44.26 17.26 7.56
CA ALA D 4 -43.05 16.45 7.53
C ALA D 4 -42.29 16.65 6.22
N THR D 5 -40.97 16.75 6.31
CA THR D 5 -40.11 16.86 5.14
C THR D 5 -38.70 16.37 5.43
N THR D 6 -37.83 16.48 4.43
CA THR D 6 -36.44 16.08 4.60
C THR D 6 -35.49 17.13 4.01
N MET D 7 -34.51 17.54 4.81
CA MET D 7 -33.55 18.54 4.37
C MET D 7 -32.17 17.92 4.16
N PRO D 8 -31.71 17.92 2.92
CA PRO D 8 -30.36 17.45 2.59
C PRO D 8 -29.32 18.21 3.41
N SER D 9 -28.23 17.52 3.76
CA SER D 9 -27.20 18.10 4.61
C SER D 9 -26.22 18.94 3.78
N GLN D 10 -26.59 20.20 3.57
CA GLN D 10 -25.69 21.14 2.91
C GLN D 10 -26.01 22.57 3.34
N ALA D 11 -25.02 23.22 3.96
CA ALA D 11 -25.20 24.59 4.45
C ALA D 11 -25.14 25.60 3.31
N GLY D 12 -25.78 26.75 3.50
CA GLY D 12 -25.76 27.81 2.51
C GLY D 12 -26.91 27.66 1.52
N ILE D 13 -27.69 26.60 1.69
CA ILE D 13 -28.82 26.33 0.80
C ILE D 13 -30.15 26.69 1.47
N SER D 14 -30.93 27.53 0.81
CA SER D 14 -32.24 27.91 1.31
C SER D 14 -33.28 26.82 1.03
N TYR D 15 -33.94 26.37 2.09
CA TYR D 15 -34.97 25.34 1.96
C TYR D 15 -36.34 25.89 2.31
N ASN D 16 -37.24 25.90 1.32
CA ASN D 16 -38.55 26.51 1.48
C ASN D 16 -39.65 25.46 1.45
N THR D 17 -40.66 25.63 2.30
CA THR D 17 -41.84 24.77 2.27
C THR D 17 -43.08 25.52 2.77
N ILE D 18 -44.25 25.06 2.36
CA ILE D 18 -45.50 25.70 2.75
C ILE D 18 -46.40 24.73 3.48
N VAL D 19 -47.02 25.21 4.56
CA VAL D 19 -48.02 24.43 5.29
C VAL D 19 -49.43 24.88 4.95
N ASN D 20 -50.17 24.03 4.23
CA ASN D 20 -51.53 24.35 3.84
C ASN D 20 -52.53 23.35 4.43
N ARG D 21 -53.24 23.78 5.46
CA ARG D 21 -54.14 22.89 6.20
C ARG D 21 -55.59 23.27 5.97
N ALA D 22 -56.30 22.40 5.24
CA ALA D 22 -57.74 22.60 5.03
C ALA D 22 -58.03 23.97 4.45
N GLY D 23 -58.76 24.78 5.21
CA GLY D 23 -59.24 26.08 4.72
C GLY D 23 -58.29 27.20 5.10
N TYR D 24 -57.10 26.83 5.57
CA TYR D 24 -56.07 27.80 5.90
C TYR D 24 -55.08 27.97 4.76
N ALA D 25 -54.61 29.19 4.56
CA ALA D 25 -53.70 29.50 3.45
C ALA D 25 -52.31 28.97 3.73
N PRO D 26 -51.54 28.75 2.66
CA PRO D 26 -50.18 28.25 2.78
C PRO D 26 -49.36 29.12 3.72
N LEU D 27 -48.80 28.49 4.76
CA LEU D 27 -47.87 29.18 5.65
C LEU D 27 -46.42 29.01 5.19
N PRO D 28 -45.82 30.11 4.76
CA PRO D 28 -44.46 30.07 4.21
C PRO D 28 -43.43 29.77 5.30
N ILE D 29 -42.60 28.77 5.06
CA ILE D 29 -41.50 28.46 5.97
C ILE D 29 -40.17 28.41 5.22
N SER D 30 -39.26 29.31 5.60
CA SER D 30 -37.95 29.38 4.94
C SER D 30 -36.83 29.14 5.95
N ILE D 31 -36.04 28.10 5.69
CA ILE D 31 -34.94 27.75 6.59
C ILE D 31 -33.62 27.68 5.83
N THR D 32 -32.64 28.45 6.28
CA THR D 32 -31.31 28.41 5.71
C THR D 32 -30.25 28.14 6.78
N PRO D 33 -29.67 26.94 6.73
CA PRO D 33 -28.55 26.59 7.60
C PRO D 33 -27.32 27.41 7.24
N THR D 34 -26.75 28.08 8.25
CA THR D 34 -25.66 29.02 8.02
C THR D 34 -24.32 28.42 8.44
N LYS D 35 -24.39 27.42 9.32
CA LYS D 35 -23.18 26.78 9.84
C LYS D 35 -23.51 25.45 10.51
N ILE D 36 -22.71 24.44 10.20
CA ILE D 36 -22.89 23.11 10.79
C ILE D 36 -21.61 22.62 11.46
N LYS D 37 -21.67 22.44 12.77
CA LYS D 37 -20.50 22.01 13.53
C LYS D 37 -20.62 20.54 13.92
N LEU D 38 -19.71 19.72 13.40
CA LEU D 38 -19.60 18.32 13.79
C LEU D 38 -18.49 18.13 14.82
N ILE D 39 -18.89 17.84 16.06
CA ILE D 39 -17.94 17.75 17.16
C ILE D 39 -17.97 16.35 17.79
N PRO D 40 -16.84 15.65 17.70
CA PRO D 40 -16.72 14.32 18.30
C PRO D 40 -16.57 14.42 19.81
N THR D 41 -16.80 13.30 20.50
CA THR D 41 -16.48 13.19 21.91
C THR D 41 -15.02 12.81 22.11
N VAL D 42 -14.24 13.72 22.69
CA VAL D 42 -12.79 13.66 22.62
C VAL D 42 -12.18 13.56 24.02
N ASN D 43 -11.28 12.59 24.20
CA ASN D 43 -10.54 12.46 25.44
C ASN D 43 -9.04 12.50 25.20
N LEU D 44 -8.34 13.32 25.98
CA LEU D 44 -6.88 13.40 25.91
C LEU D 44 -6.24 12.12 26.44
N GLU D 45 -5.39 11.51 25.62
CA GLU D 45 -4.65 10.33 26.04
C GLU D 45 -3.31 10.71 26.66
N TYR D 46 -2.56 11.57 25.97
CA TYR D 46 -1.31 12.08 26.50
C TYR D 46 -0.78 13.22 25.64
N VAL D 47 0.28 13.88 26.12
CA VAL D 47 0.95 14.92 25.36
C VAL D 47 2.39 14.56 25.06
N THR D 48 2.94 15.15 24.01
CA THR D 48 4.32 14.87 23.60
C THR D 48 4.97 16.10 22.99
N CYS D 49 6.29 16.19 23.12
CA CYS D 49 7.03 17.38 22.71
C CYS D 49 8.53 17.15 22.79
N HIS D 50 9.29 18.20 22.48
CA HIS D 50 10.74 18.16 22.66
C HIS D 50 11.12 17.94 24.12
N TYR D 51 12.33 17.44 24.33
CA TYR D 51 12.75 17.01 25.66
C TYR D 51 14.20 17.38 25.93
N LYS D 52 14.61 17.28 27.20
CA LYS D 52 15.98 17.57 27.58
C LYS D 52 16.59 16.40 28.35
N THR D 53 17.83 16.06 28.04
CA THR D 53 18.56 15.03 28.77
C THR D 53 19.28 15.62 29.97
N GLY D 54 18.68 15.47 31.15
CA GLY D 54 19.28 15.98 32.38
C GLY D 54 20.58 15.25 32.72
N MET D 55 21.66 16.01 32.81
CA MET D 55 22.97 15.43 33.09
C MET D 55 23.64 16.10 34.28
N ASP D 56 23.98 15.30 35.29
CA ASP D 56 24.55 15.83 36.52
C ASP D 56 26.05 16.08 36.36
N SER D 57 26.63 16.79 37.31
CA SER D 57 28.06 17.06 37.32
C SER D 57 28.85 15.78 37.58
N PRO D 58 29.93 15.60 36.83
CA PRO D 58 30.75 14.40 36.96
C PRO D 58 31.22 14.20 38.40
N ALA D 59 31.02 12.98 38.91
CA ALA D 59 31.54 12.62 40.22
C ALA D 59 32.96 12.06 40.11
N ILE D 60 33.95 12.94 40.17
CA ILE D 60 35.34 12.54 40.00
C ILE D 60 36.06 12.48 41.34
N LYS D 61 36.48 11.28 41.72
CA LYS D 61 37.34 11.11 42.89
C LYS D 61 38.78 10.79 42.47
N CYS D 62 39.69 11.70 42.76
CA CYS D 62 41.08 11.54 42.38
C CYS D 62 41.84 10.69 43.38
N CYS D 63 42.51 9.66 42.88
CA CYS D 63 43.22 8.71 43.75
C CYS D 63 42.27 8.05 44.73
N GLY D 64 41.11 7.63 44.24
CA GLY D 64 40.05 7.11 45.11
C GLY D 64 38.87 6.59 44.29
N SER D 65 37.74 6.42 44.96
CA SER D 65 36.57 5.83 44.31
C SER D 65 35.28 6.47 44.81
N GLN D 66 34.35 6.71 43.90
CA GLN D 66 33.03 7.23 44.25
C GLN D 66 32.03 6.10 44.44
N GLU D 67 30.91 6.41 45.10
CA GLU D 67 29.85 5.45 45.29
C GLU D 67 28.54 5.93 44.66
N CYS D 68 27.89 5.07 43.90
CA CYS D 68 26.65 5.42 43.22
C CYS D 68 25.44 5.18 44.12
N THR D 69 24.36 5.92 43.87
CA THR D 69 23.14 5.78 44.65
C THR D 69 21.92 5.69 43.74
N PRO D 70 20.85 5.11 44.25
CA PRO D 70 19.62 4.96 43.49
C PRO D 70 19.07 6.32 43.06
N THR D 71 18.65 6.41 41.80
CA THR D 71 18.00 7.62 41.30
C THR D 71 16.72 7.28 40.55
N TYR D 72 15.65 8.02 40.83
CA TYR D 72 14.34 7.73 40.29
C TYR D 72 13.95 8.72 39.21
N ARG D 73 14.49 8.54 38.01
CA ARG D 73 14.22 9.44 36.90
C ARG D 73 13.90 8.67 35.62
N PRO D 74 13.08 9.27 34.76
CA PRO D 74 12.70 8.63 33.50
C PRO D 74 13.92 8.32 32.65
N ASP D 75 13.98 7.10 32.15
CA ASP D 75 15.11 6.66 31.32
C ASP D 75 16.43 7.07 31.95
N GLU D 76 16.56 6.87 33.25
CA GLU D 76 17.76 7.27 33.98
C GLU D 76 18.88 6.27 33.78
N GLN D 77 20.04 6.76 33.32
CA GLN D 77 21.21 5.91 33.12
C GLN D 77 22.39 6.42 33.96
N CYS D 78 23.18 5.48 34.47
CA CYS D 78 24.36 5.82 35.25
C CYS D 78 25.45 4.76 35.11
N LYS D 79 26.68 5.22 34.90
CA LYS D 79 27.80 4.31 34.69
C LYS D 79 29.07 4.83 35.33
N VAL D 80 29.88 3.93 35.86
CA VAL D 80 31.17 4.31 36.46
C VAL D 80 32.33 3.95 35.55
N PHE D 81 33.21 4.91 35.32
CA PHE D 81 34.42 4.67 34.53
C PHE D 81 35.67 5.09 35.31
N THR D 82 36.69 4.24 35.27
CA THR D 82 37.88 4.43 36.09
C THR D 82 39.12 4.62 35.23
N GLY D 83 40.18 5.16 35.82
CA GLY D 83 41.44 5.34 35.12
C GLY D 83 41.39 6.59 34.22
N VAL D 84 40.86 7.68 34.76
CA VAL D 84 40.72 8.91 34.01
C VAL D 84 41.54 10.04 34.62
N TYR D 85 42.13 10.88 33.77
CA TYR D 85 42.97 11.97 34.23
C TYR D 85 42.74 13.22 33.41
N PRO D 86 41.67 13.94 33.73
CA PRO D 86 41.25 15.09 32.94
C PRO D 86 42.21 16.27 33.13
N PHE D 87 42.32 17.11 32.11
CA PHE D 87 43.10 18.34 32.20
C PHE D 87 42.19 19.56 32.21
N MET D 88 42.60 20.59 32.94
CA MET D 88 41.85 21.83 33.00
C MET D 88 42.74 23.04 32.73
N TRP D 89 42.14 24.22 32.64
CA TRP D 89 42.88 25.45 32.41
C TRP D 89 43.99 25.63 33.44
N GLY D 90 43.74 25.15 34.66
CA GLY D 90 44.67 25.34 35.76
C GLY D 90 45.67 24.20 35.86
N GLY D 91 45.64 23.32 34.87
CA GLY D 91 46.52 22.16 34.85
C GLY D 91 45.74 20.86 35.01
N ALA D 92 46.45 19.75 35.07
CA ALA D 92 45.84 18.45 35.29
C ALA D 92 44.99 18.46 36.56
N TYR D 93 43.74 18.03 36.44
CA TYR D 93 42.82 18.05 37.57
C TYR D 93 43.28 17.12 38.68
N CYS D 94 43.60 15.88 38.31
CA CYS D 94 44.07 14.90 39.28
C CYS D 94 45.52 14.52 39.02
N PHE D 95 46.30 14.41 40.09
CA PHE D 95 47.68 13.95 39.99
C PHE D 95 47.75 12.52 39.46
N CYS D 96 47.01 11.62 40.11
CA CYS D 96 47.02 10.21 39.74
C CYS D 96 46.45 10.01 38.34
N ASP D 97 47.01 9.05 37.61
CA ASP D 97 46.45 8.64 36.32
C ASP D 97 45.61 7.38 36.47
N THR D 98 45.91 6.58 37.49
CA THR D 98 45.14 5.38 37.77
C THR D 98 44.51 5.46 39.16
N GLU D 99 43.74 4.43 39.51
CA GLU D 99 42.98 4.43 40.76
C GLU D 99 42.08 5.66 40.84
N ASN D 100 41.58 6.10 39.69
CA ASN D 100 40.63 7.21 39.64
C ASN D 100 39.25 6.73 39.25
N THR D 101 38.22 7.32 39.85
CA THR D 101 36.84 6.91 39.59
C THR D 101 36.00 8.10 39.14
N GLN D 102 35.30 7.93 38.03
CA GLN D 102 34.40 8.96 37.53
C GLN D 102 33.00 8.40 37.27
N VAL D 103 32.06 8.76 38.12
CA VAL D 103 30.68 8.31 37.97
C VAL D 103 29.83 9.34 37.23
N SER D 104 29.20 8.90 36.14
CA SER D 104 28.34 9.77 35.35
C SER D 104 26.88 9.37 35.48
N LYS D 105 26.02 10.35 35.72
CA LYS D 105 24.59 10.11 35.89
C LYS D 105 23.77 11.05 35.02
N ALA D 106 22.78 10.49 34.32
CA ALA D 106 21.94 11.28 33.42
C ALA D 106 20.54 10.68 33.34
N TYR D 107 19.58 11.52 32.97
CA TYR D 107 18.19 11.09 32.83
C TYR D 107 17.44 11.94 31.81
N VAL D 108 16.29 11.45 31.36
CA VAL D 108 15.50 12.16 30.36
C VAL D 108 14.27 12.80 30.98
N MET D 109 14.06 14.07 30.67
CA MET D 109 12.92 14.81 31.19
C MET D 109 12.30 15.71 30.12
N LYS D 110 11.04 16.08 30.33
CA LYS D 110 10.35 16.95 29.39
C LYS D 110 11.00 18.32 29.32
N SER D 111 11.00 18.92 28.13
CA SER D 111 11.51 20.26 27.94
C SER D 111 10.56 21.29 28.54
N ASP D 112 11.12 22.36 29.10
CA ASP D 112 10.33 23.47 29.61
C ASP D 112 9.61 24.21 28.49
N ASP D 113 10.05 23.97 27.25
CA ASP D 113 9.42 24.56 26.09
C ASP D 113 8.12 23.86 25.74
N CYS D 114 7.92 22.67 26.31
CA CYS D 114 6.78 21.84 25.98
C CYS D 114 5.46 22.53 26.35
N LEU D 115 5.50 23.28 27.44
CA LEU D 115 4.29 23.90 27.98
C LEU D 115 3.55 24.67 26.90
N ALA D 116 4.29 25.43 26.09
CA ALA D 116 3.70 26.19 25.00
C ALA D 116 3.72 25.40 23.70
N ASP D 117 4.80 24.66 23.47
CA ASP D 117 4.99 23.94 22.22
C ASP D 117 4.94 22.44 22.44
N HIS D 118 3.76 21.84 22.22
CA HIS D 118 3.59 20.41 22.33
C HIS D 118 2.42 19.93 21.49
N ALA D 119 2.40 18.63 21.18
CA ALA D 119 1.26 18.01 20.52
C ALA D 119 0.41 17.24 21.51
N GLU D 120 -0.90 17.21 21.24
CA GLU D 120 -1.84 16.54 22.14
C GLU D 120 -2.53 15.38 21.44
N ALA D 121 -2.36 14.17 21.98
CA ALA D 121 -2.92 12.97 21.37
C ALA D 121 -4.29 12.65 21.95
N TYR D 122 -5.30 12.59 21.08
CA TYR D 122 -6.67 12.36 21.52
C TYR D 122 -7.22 11.06 20.97
N LYS D 123 -8.20 10.49 21.66
CA LYS D 123 -9.08 9.49 21.06
C LYS D 123 -10.52 9.97 21.06
N ALA D 124 -11.20 9.82 19.93
CA ALA D 124 -12.51 10.41 19.72
C ALA D 124 -13.55 9.35 19.39
N HIS D 125 -14.79 9.61 19.77
CA HIS D 125 -15.89 8.69 19.47
C HIS D 125 -17.23 9.40 19.55
N THR D 126 -18.28 8.71 19.14
CA THR D 126 -19.65 9.22 19.28
C THR D 126 -19.69 10.73 19.05
N ALA D 127 -19.79 11.13 17.79
CA ALA D 127 -19.81 12.54 17.42
C ALA D 127 -21.24 13.07 17.34
N SER D 128 -21.42 14.34 17.70
CA SER D 128 -22.71 14.99 17.58
C SER D 128 -22.61 16.26 16.75
N VAL D 129 -23.68 16.57 16.03
CA VAL D 129 -23.70 17.74 15.15
C VAL D 129 -24.63 18.82 15.68
N GLN D 130 -24.10 20.04 15.77
CA GLN D 130 -24.92 21.19 16.14
C GLN D 130 -24.97 22.22 15.01
N ALA D 131 -26.17 22.59 14.61
CA ALA D 131 -26.36 23.42 13.41
C ALA D 131 -26.93 24.78 13.78
N PHE D 132 -26.60 25.79 12.98
CA PHE D 132 -27.10 27.14 13.19
C PHE D 132 -28.02 27.58 12.05
N LEU D 133 -29.33 27.49 12.29
CA LEU D 133 -30.31 27.69 11.23
C LEU D 133 -30.96 29.06 11.33
N ASN D 134 -31.07 29.74 10.20
CA ASN D 134 -31.95 30.90 10.09
C ASN D 134 -33.36 30.50 9.67
N ILE D 135 -34.29 30.58 10.61
CA ILE D 135 -35.62 30.02 10.41
C ILE D 135 -36.69 31.12 10.41
N THR D 136 -37.45 31.19 9.32
CA THR D 136 -38.57 32.12 9.24
C THR D 136 -39.88 31.38 9.01
N VAL D 137 -40.78 31.46 9.99
CA VAL D 137 -42.08 30.82 9.90
C VAL D 137 -43.22 31.84 9.99
N GLY D 138 -43.79 32.17 8.84
CA GLY D 138 -44.86 33.16 8.78
C GLY D 138 -44.39 34.52 9.28
N GLU D 139 -43.29 35.01 8.71
CA GLU D 139 -42.73 36.29 9.12
C GLU D 139 -42.30 36.27 10.58
N HIS D 140 -41.75 35.14 11.01
CA HIS D 140 -41.15 35.03 12.33
C HIS D 140 -39.70 34.56 12.25
N SER D 141 -38.78 35.50 12.06
CA SER D 141 -37.38 35.18 11.82
C SER D 141 -36.63 34.94 13.13
N ILE D 142 -36.02 33.77 13.25
CA ILE D 142 -35.22 33.45 14.43
C ILE D 142 -33.91 32.77 14.04
N VAL D 143 -32.95 32.80 14.95
CA VAL D 143 -31.70 32.05 14.78
C VAL D 143 -31.61 30.91 15.78
N THR D 144 -31.72 29.68 15.28
CA THR D 144 -31.83 28.51 16.16
C THR D 144 -30.52 27.74 16.19
N THR D 145 -30.01 27.51 17.40
CA THR D 145 -28.86 26.63 17.59
C THR D 145 -29.28 25.32 18.26
N VAL D 146 -29.22 24.23 17.50
CA VAL D 146 -29.78 22.96 17.94
C VAL D 146 -29.02 21.79 17.34
N TYR D 147 -28.91 20.71 18.11
CA TYR D 147 -28.27 19.49 17.64
C TYR D 147 -29.14 18.75 16.64
N VAL D 148 -28.55 17.78 15.94
CA VAL D 148 -29.25 17.05 14.90
C VAL D 148 -29.97 15.82 15.46
N ASN D 149 -30.14 15.80 16.77
CA ASN D 149 -30.85 14.71 17.42
C ASN D 149 -32.34 15.01 17.54
N GLY D 150 -33.16 14.05 17.13
CA GLY D 150 -34.61 14.22 17.16
C GLY D 150 -35.16 14.09 18.57
N GLU D 151 -34.26 13.81 19.52
CA GLU D 151 -34.64 13.74 20.93
C GLU D 151 -35.01 15.11 21.48
N THR D 152 -34.40 16.15 20.92
CA THR D 152 -34.55 17.49 21.44
C THR D 152 -35.16 18.43 20.40
N PRO D 153 -36.48 18.60 20.47
CA PRO D 153 -37.16 19.57 19.63
C PRO D 153 -36.95 21.00 20.15
N VAL D 154 -37.26 21.98 19.31
CA VAL D 154 -37.21 23.37 19.71
C VAL D 154 -38.54 24.07 19.45
N ASN D 155 -39.00 24.83 20.44
CA ASN D 155 -40.31 25.46 20.36
C ASN D 155 -40.21 26.98 20.46
N PHE D 156 -40.54 27.66 19.37
CA PHE D 156 -40.55 29.12 19.35
C PHE D 156 -41.90 29.66 18.89
N ASN D 157 -42.47 30.55 19.69
CA ASN D 157 -43.73 31.20 19.34
C ASN D 157 -44.82 30.18 19.04
N GLY D 158 -44.79 29.07 19.76
CA GLY D 158 -45.84 28.06 19.66
C GLY D 158 -45.53 27.07 18.54
N VAL D 159 -44.44 27.29 17.84
CA VAL D 159 -44.04 26.42 16.73
C VAL D 159 -43.04 25.37 17.20
N LYS D 160 -43.46 24.11 17.20
CA LYS D 160 -42.62 23.01 17.65
C LYS D 160 -41.91 22.34 16.48
N ILE D 161 -40.60 22.55 16.40
CA ILE D 161 -39.81 22.00 15.30
C ILE D 161 -38.90 20.88 15.77
N THR D 162 -39.04 19.71 15.16
CA THR D 162 -38.18 18.58 15.45
C THR D 162 -37.19 18.32 14.33
N ALA D 163 -35.91 18.30 14.67
CA ALA D 163 -34.86 18.05 13.69
C ALA D 163 -34.15 16.73 13.97
N GLY D 164 -34.03 15.89 12.94
CA GLY D 164 -33.36 14.61 13.07
C GLY D 164 -34.33 13.52 13.53
N PRO D 165 -33.77 12.43 14.06
CA PRO D 165 -32.33 12.30 14.22
C PRO D 165 -31.64 12.22 12.87
N LEU D 166 -30.44 12.78 12.79
CA LEU D 166 -29.64 12.72 11.57
C LEU D 166 -29.60 11.31 11.00
N SER D 167 -29.84 11.20 9.70
CA SER D 167 -30.02 9.90 9.06
C SER D 167 -28.68 9.23 8.78
N THR D 168 -27.62 10.02 8.82
CA THR D 168 -26.28 9.53 8.49
C THR D 168 -25.43 9.38 9.74
N ALA D 169 -24.91 8.18 9.96
CA ALA D 169 -24.13 7.88 11.15
C ALA D 169 -22.63 8.07 10.89
N TRP D 170 -22.27 8.20 9.62
CA TRP D 170 -20.88 8.34 9.23
C TRP D 170 -20.26 9.59 9.83
N THR D 171 -19.01 9.48 10.28
CA THR D 171 -18.27 10.63 10.78
C THR D 171 -16.91 10.74 10.10
N PRO D 172 -16.46 11.98 9.90
CA PRO D 172 -15.21 12.23 9.20
C PRO D 172 -14.01 11.99 10.11
N PHE D 173 -14.26 12.00 11.41
CA PHE D 173 -13.18 11.89 12.40
C PHE D 173 -12.86 10.42 12.69
N ASP D 174 -11.58 10.12 12.81
CA ASP D 174 -11.12 8.77 13.10
C ASP D 174 -11.02 8.54 14.61
N ARG D 175 -10.79 7.29 14.99
CA ARG D 175 -10.65 6.94 16.40
C ARG D 175 -9.52 7.73 17.06
N LYS D 176 -8.37 7.77 16.38
CA LYS D 176 -7.20 8.47 16.91
C LYS D 176 -7.00 9.81 16.20
N ILE D 177 -6.73 10.85 16.97
CA ILE D 177 -6.48 12.17 16.41
C ILE D 177 -5.25 12.81 17.04
N VAL D 178 -4.44 13.47 16.21
CA VAL D 178 -3.27 14.19 16.69
C VAL D 178 -3.39 15.68 16.40
N GLN D 179 -3.46 16.48 17.46
CA GLN D 179 -3.54 17.93 17.33
C GLN D 179 -2.26 18.61 17.77
N TYR D 180 -1.46 19.06 16.81
CA TYR D 180 -0.22 19.75 17.11
C TYR D 180 -0.37 21.25 16.93
N ALA D 181 -0.50 21.98 18.03
CA ALA D 181 -0.58 23.43 18.00
C ALA D 181 -1.70 23.89 17.06
N GLY D 182 -2.85 23.24 17.15
CA GLY D 182 -4.01 23.63 16.37
C GLY D 182 -4.03 22.90 15.03
N GLU D 183 -2.99 22.15 14.75
CA GLU D 183 -2.88 21.40 13.49
C GLU D 183 -3.31 19.95 13.68
N ILE D 184 -4.47 19.61 13.12
CA ILE D 184 -5.09 18.32 13.38
C ILE D 184 -4.79 17.33 12.27
N TYR D 185 -4.27 16.16 12.64
CA TYR D 185 -3.89 15.15 11.66
C TYR D 185 -4.53 13.80 11.99
N ASN D 186 -4.83 13.03 10.95
CA ASN D 186 -5.23 11.64 11.12
C ASN D 186 -4.01 10.72 11.20
N TYR D 187 -3.58 10.42 12.42
CA TYR D 187 -2.38 9.63 12.64
C TYR D 187 -2.57 8.64 13.78
N ASP D 188 -2.24 7.37 13.53
CA ASP D 188 -2.32 6.35 14.56
C ASP D 188 -1.14 6.44 15.53
N PHE D 189 -1.22 7.39 16.45
CA PHE D 189 -0.16 7.60 17.42
C PHE D 189 -0.02 6.40 18.35
N PRO D 190 1.16 6.23 18.92
CA PRO D 190 1.45 5.09 19.78
C PRO D 190 0.73 5.20 21.11
N GLU D 191 0.50 4.06 21.76
CA GLU D 191 -0.25 4.03 23.00
C GLU D 191 0.56 4.59 24.16
N TYR D 192 -0.13 5.13 25.15
CA TYR D 192 0.53 5.72 26.32
C TYR D 192 1.40 4.69 27.04
N GLY D 193 2.70 4.97 27.09
CA GLY D 193 3.65 4.08 27.78
C GLY D 193 4.29 3.10 26.81
N ALA D 194 3.84 3.15 25.55
CA ALA D 194 4.36 2.25 24.53
C ALA D 194 5.29 2.99 23.56
N GLY D 195 5.73 4.18 23.97
CA GLY D 195 6.53 5.04 23.11
C GLY D 195 7.85 4.37 22.75
N GLN D 196 8.26 4.53 21.50
CA GLN D 196 9.52 3.97 21.03
C GLN D 196 10.55 5.04 20.76
N PRO D 197 11.82 4.67 20.83
CA PRO D 197 12.91 5.62 20.57
C PRO D 197 12.96 6.03 19.12
N GLY D 198 13.04 7.33 18.87
CA GLY D 198 13.12 7.86 17.51
C GLY D 198 11.75 7.84 16.84
N ALA D 199 10.71 7.63 17.64
CA ALA D 199 9.35 7.59 17.13
C ALA D 199 8.48 8.65 17.77
N PHE D 200 7.47 9.12 17.03
CA PHE D 200 6.53 10.09 17.56
C PHE D 200 5.90 9.61 18.86
N GLY D 201 6.11 10.36 19.94
CA GLY D 201 5.67 9.95 21.27
C GLY D 201 6.75 9.17 21.99
N ASP D 202 8.00 9.43 21.61
CA ASP D 202 9.16 8.87 22.33
C ASP D 202 9.21 9.38 23.75
N ILE D 203 8.80 10.63 23.96
CA ILE D 203 8.58 11.16 25.30
C ILE D 203 7.11 11.51 25.51
N GLN D 204 6.47 10.82 26.44
CA GLN D 204 5.05 10.97 26.66
C GLN D 204 4.75 11.40 28.09
N SER D 205 3.71 12.22 28.25
CA SER D 205 3.24 12.61 29.57
C SER D 205 1.72 12.63 29.63
N ARG D 206 1.15 11.94 30.61
CA ARG D 206 -0.29 11.79 30.72
C ARG D 206 -1.00 13.10 30.41
N THR D 207 -0.56 14.17 31.07
CA THR D 207 -1.07 15.51 30.78
C THR D 207 0.06 16.52 30.68
N VAL D 208 -0.27 17.72 30.21
CA VAL D 208 0.73 18.78 30.06
C VAL D 208 1.34 19.18 31.39
N SER D 209 0.50 19.19 32.42
CA SER D 209 0.93 19.63 33.76
C SER D 209 1.56 18.48 34.54
N SER D 210 1.45 17.27 33.99
CA SER D 210 1.95 16.08 34.66
C SER D 210 3.47 16.12 34.81
N SER D 211 3.95 15.95 36.04
CA SER D 211 5.37 15.96 36.32
C SER D 211 6.01 14.61 35.96
N ASP D 212 5.30 13.53 36.30
CA ASP D 212 5.72 12.20 35.89
C ASP D 212 5.51 12.01 34.39
N LEU D 213 6.43 11.30 33.75
CA LEU D 213 6.40 11.10 32.30
C LEU D 213 7.07 9.79 31.91
N TYR D 214 6.72 9.28 30.73
CA TYR D 214 7.40 8.13 30.17
C TYR D 214 8.48 8.55 29.18
N ALA D 215 9.64 7.91 29.27
CA ALA D 215 10.78 8.26 28.42
C ALA D 215 11.44 7.01 27.84
N ASN D 216 11.58 6.99 26.52
CA ASN D 216 12.26 5.88 25.85
C ASN D 216 13.11 6.38 24.69
N THR D 217 14.33 6.82 25.00
CA THR D 217 15.19 7.44 24.00
C THR D 217 16.37 6.53 23.65
N ASN D 218 16.46 5.40 24.35
CA ASN D 218 17.61 4.51 24.20
C ASN D 218 18.91 5.21 24.61
N LEU D 219 18.88 5.89 25.75
CA LEU D 219 20.05 6.59 26.25
C LEU D 219 21.09 5.61 26.80
N VAL D 220 22.28 5.65 26.23
CA VAL D 220 23.40 4.86 26.73
C VAL D 220 24.62 5.74 27.00
N LEU D 221 25.13 5.67 28.22
CA LEU D 221 26.30 6.46 28.60
C LEU D 221 27.59 5.78 28.15
N GLN D 222 28.58 6.59 27.78
CA GLN D 222 29.83 6.06 27.24
C GLN D 222 31.02 6.45 28.11
N ARG D 223 32.17 5.87 27.82
CA ARG D 223 33.41 6.24 28.50
C ARG D 223 33.94 7.58 27.98
N PRO D 224 34.24 8.48 28.90
CA PRO D 224 34.77 9.80 28.54
C PRO D 224 36.19 9.70 28.01
N LYS D 225 36.60 10.69 27.23
CA LYS D 225 37.95 10.72 26.67
C LYS D 225 38.97 11.16 27.71
N ALA D 226 40.12 10.47 27.73
CA ALA D 226 41.16 10.77 28.70
C ALA D 226 41.71 12.18 28.52
N GLY D 227 41.74 12.94 29.61
CA GLY D 227 42.28 14.29 29.58
C GLY D 227 41.21 15.30 29.18
N ALA D 228 39.99 14.80 28.97
CA ALA D 228 38.88 15.66 28.60
C ALA D 228 37.69 15.48 29.54
N ILE D 229 37.14 16.60 30.01
CA ILE D 229 36.01 16.57 30.92
C ILE D 229 34.68 16.69 30.17
N HIS D 230 33.90 15.62 30.17
CA HIS D 230 32.63 15.60 29.46
C HIS D 230 31.86 14.32 29.74
N VAL D 231 30.56 14.35 29.49
CA VAL D 231 29.73 13.15 29.62
C VAL D 231 29.23 12.68 28.25
N PRO D 232 29.91 11.68 27.69
CA PRO D 232 29.55 11.15 26.38
C PRO D 232 28.36 10.20 26.49
N TYR D 233 27.54 10.16 25.45
CA TYR D 233 26.36 9.31 25.43
C TYR D 233 25.81 9.17 24.01
N THR D 234 24.92 8.20 23.82
CA THR D 234 24.18 8.07 22.57
C THR D 234 22.68 7.94 22.84
N GLN D 235 21.88 8.62 22.02
CA GLN D 235 20.43 8.55 22.14
C GLN D 235 19.75 8.81 20.80
N ALA D 236 18.53 8.32 20.66
CA ALA D 236 17.77 8.48 19.42
C ALA D 236 17.35 9.94 19.23
N PRO D 237 17.47 10.42 18.00
CA PRO D 237 16.99 11.75 17.65
C PRO D 237 15.51 11.91 17.99
N SER D 238 15.12 13.14 18.30
CA SER D 238 13.73 13.42 18.67
C SER D 238 12.76 12.86 17.64
N GLY D 239 11.99 11.86 18.05
CA GLY D 239 10.96 11.29 17.19
C GLY D 239 9.81 12.27 16.99
N PHE D 240 9.56 13.10 18.00
CA PHE D 240 8.62 14.20 17.87
C PHE D 240 9.01 15.14 16.73
N GLU D 241 10.26 15.59 16.74
CA GLU D 241 10.77 16.46 15.69
C GLU D 241 10.67 15.79 14.32
N GLN D 242 11.04 14.51 14.28
CA GLN D 242 10.97 13.75 13.03
C GLN D 242 9.56 13.73 12.46
N TRP D 243 8.59 13.43 13.32
CA TRP D 243 7.19 13.40 12.92
C TRP D 243 6.74 14.75 12.38
N LYS D 244 7.20 15.82 13.03
CA LYS D 244 6.91 17.17 12.57
C LYS D 244 7.20 17.33 11.08
N LYS D 245 8.20 16.60 10.61
CA LYS D 245 8.54 16.59 9.19
C LYS D 245 7.63 15.65 8.41
N ASP D 246 7.29 14.51 9.01
CA ASP D 246 6.49 13.50 8.35
C ASP D 246 5.05 13.53 8.83
N LYS D 247 4.64 14.65 9.42
CA LYS D 247 3.31 14.80 9.98
C LYS D 247 2.25 14.65 8.89
N ALA D 248 2.67 14.76 7.64
CA ALA D 248 1.77 14.56 6.51
C ALA D 248 0.72 15.65 6.43
N PRO D 249 0.08 15.76 5.28
CA PRO D 249 -0.95 16.77 5.06
C PRO D 249 -2.04 16.67 6.12
N SER D 250 -2.69 17.80 6.39
CA SER D 250 -3.62 17.89 7.52
C SER D 250 -4.94 17.19 7.21
N LEU D 251 -5.68 16.84 8.26
CA LEU D 251 -6.98 16.20 8.10
C LEU D 251 -7.89 17.04 7.23
N LYS D 252 -7.87 18.35 7.44
CA LYS D 252 -8.67 19.27 6.63
C LYS D 252 -8.47 19.01 5.14
N PHE D 253 -7.25 18.63 4.76
CA PHE D 253 -6.89 18.50 3.37
C PHE D 253 -7.30 17.14 2.82
N THR D 254 -7.40 16.15 3.71
CA THR D 254 -7.60 14.77 3.29
C THR D 254 -9.04 14.33 3.51
N ALA D 255 -9.79 15.11 4.28
CA ALA D 255 -11.15 14.74 4.65
C ALA D 255 -12.07 14.72 3.43
N PRO D 256 -12.86 13.66 3.31
CA PRO D 256 -13.76 13.50 2.18
C PRO D 256 -14.96 14.43 2.30
N PHE D 257 -15.76 14.50 1.24
CA PHE D 257 -16.99 15.30 1.25
C PHE D 257 -16.67 16.77 1.48
N GLY D 258 -15.44 17.16 1.18
CA GLY D 258 -15.02 18.55 1.32
C GLY D 258 -15.13 19.03 2.75
N CYS D 259 -15.08 18.09 3.69
CA CYS D 259 -15.20 18.42 5.10
C CYS D 259 -14.02 19.26 5.58
N GLU D 260 -14.33 20.40 6.21
CA GLU D 260 -13.31 21.31 6.68
C GLU D 260 -13.13 21.19 8.20
N ILE D 261 -11.88 21.26 8.64
CA ILE D 261 -11.56 21.12 10.07
C ILE D 261 -11.23 22.47 10.69
N TYR D 262 -11.85 22.74 11.83
CA TYR D 262 -11.69 24.04 12.50
C TYR D 262 -11.16 23.87 13.92
N THR D 263 -10.59 24.93 14.47
CA THR D 263 -9.82 24.85 15.70
C THR D 263 -10.65 25.29 16.90
N ASN D 264 -9.96 25.61 17.99
CA ASN D 264 -10.63 26.02 19.23
C ASN D 264 -11.27 24.83 19.93
N PRO D 265 -12.30 24.26 19.31
CA PRO D 265 -12.99 23.11 19.86
C PRO D 265 -13.20 22.02 18.80
N ILE D 266 -12.19 21.19 18.59
CA ILE D 266 -12.28 20.11 17.61
C ILE D 266 -13.66 20.06 16.97
N ARG D 267 -13.73 20.37 15.69
CA ARG D 267 -15.00 20.40 14.97
C ARG D 267 -14.78 20.41 13.46
N ALA D 268 -15.74 19.82 12.74
CA ALA D 268 -15.72 19.87 11.28
C ALA D 268 -16.95 20.59 10.74
N GLU D 269 -16.75 21.43 9.72
CA GLU D 269 -17.83 22.21 9.15
C GLU D 269 -17.90 22.03 7.63
N ASN D 270 -19.08 22.25 7.06
CA ASN D 270 -19.25 22.20 5.62
C ASN D 270 -18.99 20.80 5.08
N CYS D 271 -19.40 19.79 5.85
CA CYS D 271 -19.27 18.40 5.42
C CYS D 271 -20.49 17.97 4.60
N ALA D 272 -20.28 17.82 3.29
CA ALA D 272 -21.39 17.56 2.37
C ALA D 272 -21.72 16.07 2.32
N VAL D 273 -22.43 15.59 3.34
CA VAL D 273 -22.83 14.19 3.38
C VAL D 273 -24.12 14.03 4.17
N GLY D 274 -25.06 13.25 3.62
CA GLY D 274 -26.18 12.74 4.40
C GLY D 274 -27.37 13.69 4.33
N SER D 275 -28.33 13.48 5.21
CA SER D 275 -29.52 14.33 5.27
C SER D 275 -30.17 14.27 6.64
N ILE D 276 -31.08 15.21 6.90
CA ILE D 276 -31.76 15.28 8.19
C ILE D 276 -33.25 15.53 8.02
N PRO D 277 -34.06 14.66 8.61
CA PRO D 277 -35.52 14.79 8.55
C PRO D 277 -36.00 15.94 9.42
N LEU D 278 -37.11 16.55 9.01
CA LEU D 278 -37.66 17.70 9.74
C LEU D 278 -39.15 17.54 9.95
N ALA D 279 -39.63 17.94 11.12
CA ALA D 279 -41.06 17.94 11.42
C ALA D 279 -41.50 19.28 11.99
N PHE D 280 -42.62 19.79 11.49
CA PHE D 280 -43.10 21.13 11.86
C PHE D 280 -44.52 21.07 12.42
N ASP D 281 -44.63 21.02 13.74
CA ASP D 281 -45.92 21.01 14.40
C ASP D 281 -46.38 22.42 14.73
N ILE D 282 -47.28 22.95 13.91
CA ILE D 282 -47.79 24.31 14.10
C ILE D 282 -49.28 24.31 14.40
N PRO D 283 -49.68 25.01 15.45
CA PRO D 283 -51.07 25.09 15.85
C PRO D 283 -51.89 25.88 14.84
N ASP D 284 -53.18 25.54 14.74
CA ASP D 284 -54.07 26.23 13.81
C ASP D 284 -54.19 27.71 14.15
N ALA D 285 -53.97 28.04 15.41
CA ALA D 285 -54.06 29.42 15.87
C ALA D 285 -53.12 30.33 15.09
N LEU D 286 -52.00 29.77 14.65
CA LEU D 286 -50.99 30.53 13.92
C LEU D 286 -51.28 30.54 12.43
N PHE D 287 -52.21 29.70 12.00
CA PHE D 287 -52.61 29.64 10.60
C PHE D 287 -53.51 30.80 10.23
N THR D 288 -53.42 31.25 8.98
CA THR D 288 -54.27 32.32 8.48
C THR D 288 -55.35 31.78 7.56
N ARG D 289 -56.60 32.19 7.81
CA ARG D 289 -57.74 31.66 7.09
C ARG D 289 -57.78 32.16 5.66
N VAL D 290 -58.21 31.30 4.74
CA VAL D 290 -58.31 31.66 3.34
C VAL D 290 -59.22 32.88 3.16
N SER D 291 -60.16 33.06 4.08
CA SER D 291 -61.10 34.17 4.00
C SER D 291 -60.38 35.51 4.15
N GLU D 292 -59.17 35.47 4.71
CA GLU D 292 -58.38 36.68 4.88
C GLU D 292 -57.53 36.98 3.66
N THR D 293 -57.37 35.97 2.80
CA THR D 293 -56.53 36.10 1.62
C THR D 293 -57.37 36.40 0.38
N PRO D 294 -56.73 36.95 -0.64
CA PRO D 294 -57.40 37.22 -1.91
C PRO D 294 -57.76 35.92 -2.63
N THR D 295 -58.85 35.96 -3.39
CA THR D 295 -59.30 34.78 -4.13
C THR D 295 -58.91 34.88 -5.61
N LEU D 296 -58.23 33.86 -6.10
CA LEU D 296 -57.70 33.87 -7.46
C LEU D 296 -58.58 33.04 -8.39
N SER D 297 -58.85 33.58 -9.58
CA SER D 297 -59.55 32.84 -10.61
C SER D 297 -59.02 33.21 -11.99
N ALA D 298 -59.54 32.52 -13.02
CA ALA D 298 -59.16 32.80 -14.40
C ALA D 298 -57.64 32.85 -14.55
N ALA D 299 -56.96 31.88 -13.96
CA ALA D 299 -55.50 31.86 -13.95
C ALA D 299 -54.95 31.09 -15.14
N GLU D 300 -53.87 31.59 -15.71
CA GLU D 300 -53.23 30.94 -16.85
C GLU D 300 -51.72 31.16 -16.84
N CYS D 301 -50.96 30.07 -16.80
CA CYS D 301 -49.52 30.15 -16.67
C CYS D 301 -48.83 29.94 -18.01
N THR D 302 -48.04 30.92 -18.43
CA THR D 302 -47.27 30.81 -19.65
C THR D 302 -45.79 31.09 -19.41
N LEU D 303 -44.93 30.47 -20.21
CA LEU D 303 -43.48 30.64 -20.05
C LEU D 303 -42.93 31.56 -21.11
N ASN D 304 -42.64 32.81 -20.72
CA ASN D 304 -42.15 33.80 -21.67
C ASN D 304 -40.69 33.54 -22.04
N GLU D 305 -39.89 33.16 -21.05
CA GLU D 305 -38.45 32.96 -21.25
C GLU D 305 -37.86 32.09 -20.16
N CYS D 306 -36.87 31.28 -20.51
CA CYS D 306 -36.19 30.42 -19.56
C CYS D 306 -34.88 29.89 -20.12
N VAL D 307 -33.79 30.11 -19.38
CA VAL D 307 -32.54 29.41 -19.63
C VAL D 307 -32.08 28.65 -18.40
N TYR D 308 -32.02 27.32 -18.53
CA TYR D 308 -31.65 26.47 -17.40
C TYR D 308 -30.16 26.59 -17.09
N SER D 309 -29.85 27.25 -15.98
CA SER D 309 -28.46 27.43 -15.57
C SER D 309 -28.36 27.65 -14.06
N SER D 310 -27.19 28.07 -13.61
CA SER D 310 -26.90 28.17 -12.18
C SER D 310 -28.03 28.90 -11.45
N ASP D 311 -28.37 30.08 -11.95
CA ASP D 311 -29.32 30.95 -11.26
C ASP D 311 -30.75 30.68 -11.72
N PHE D 312 -31.69 31.48 -11.23
CA PHE D 312 -33.08 31.36 -11.63
C PHE D 312 -33.31 31.92 -13.03
N GLY D 313 -32.83 31.20 -14.03
CA GLY D 313 -32.88 31.67 -15.41
C GLY D 313 -34.26 31.45 -16.02
N GLY D 314 -35.12 30.76 -15.28
CA GLY D 314 -36.51 30.57 -15.70
C GLY D 314 -37.34 31.81 -15.41
N ILE D 315 -38.19 32.18 -16.37
CA ILE D 315 -39.04 33.37 -16.23
C ILE D 315 -40.48 33.05 -16.62
N ALA D 316 -41.31 32.79 -15.62
CA ALA D 316 -42.70 32.43 -15.85
C ALA D 316 -43.63 33.62 -15.62
N THR D 317 -44.61 33.79 -16.50
CA THR D 317 -45.61 34.83 -16.34
C THR D 317 -47.01 34.24 -16.27
N VAL D 318 -47.75 34.61 -15.23
CA VAL D 318 -49.08 34.05 -14.99
C VAL D 318 -50.15 35.14 -14.98
N LYS D 319 -51.14 35.00 -15.84
CA LYS D 319 -52.31 35.86 -15.80
C LYS D 319 -53.32 35.39 -14.75
N TYR D 320 -53.91 36.35 -14.05
CA TYR D 320 -54.81 36.03 -12.94
C TYR D 320 -55.90 37.08 -12.80
N SER D 321 -56.98 36.71 -12.13
CA SER D 321 -57.97 37.67 -11.65
C SER D 321 -58.24 37.49 -10.17
N ALA D 322 -57.89 38.51 -9.38
CA ALA D 322 -57.99 38.42 -7.92
C ALA D 322 -59.14 39.27 -7.40
N SER D 323 -59.91 38.70 -6.47
CA SER D 323 -60.99 39.44 -5.82
C SER D 323 -60.44 40.56 -4.93
N LYS D 324 -59.24 40.34 -4.40
CA LYS D 324 -58.59 41.34 -3.57
C LYS D 324 -57.09 41.41 -3.87
N SER D 325 -56.48 42.53 -3.51
CA SER D 325 -55.03 42.66 -3.58
C SER D 325 -54.37 42.04 -2.36
N GLY D 326 -53.07 41.78 -2.46
CA GLY D 326 -52.30 41.24 -1.35
C GLY D 326 -51.24 40.26 -1.84
N LYS D 327 -50.49 39.69 -0.89
CA LYS D 327 -49.41 38.77 -1.24
C LYS D 327 -49.85 37.32 -1.11
N CYS D 328 -49.39 36.48 -2.03
CA CYS D 328 -49.64 35.05 -1.95
C CYS D 328 -48.33 34.27 -1.87
N ALA D 329 -48.31 33.23 -1.04
CA ALA D 329 -47.22 32.27 -1.03
C ALA D 329 -47.23 31.39 -2.26
N VAL D 330 -46.05 31.05 -2.77
CA VAL D 330 -45.93 30.26 -3.97
C VAL D 330 -45.10 29.00 -3.73
N HIS D 331 -45.44 27.92 -4.42
CA HIS D 331 -44.76 26.64 -4.25
C HIS D 331 -45.04 25.71 -5.41
N VAL D 332 -43.99 25.00 -5.86
CA VAL D 332 -44.17 23.93 -6.83
C VAL D 332 -44.21 22.57 -6.13
N PRO D 333 -45.32 21.86 -6.31
CA PRO D 333 -45.50 20.56 -5.67
C PRO D 333 -44.33 19.62 -5.97
N SER D 334 -43.84 19.68 -7.20
CA SER D 334 -42.70 18.87 -7.61
C SER D 334 -41.39 19.58 -7.32
N GLY D 335 -40.39 18.81 -6.87
CA GLY D 335 -39.06 19.36 -6.62
C GLY D 335 -38.31 19.61 -7.92
N THR D 336 -38.91 19.20 -9.03
CA THR D 336 -38.32 19.42 -10.36
C THR D 336 -37.97 20.89 -10.55
N ALA D 337 -38.84 21.77 -10.11
CA ALA D 337 -38.63 23.21 -10.27
C ALA D 337 -38.41 23.88 -8.91
N THR D 338 -37.58 24.92 -8.91
CA THR D 338 -37.35 25.71 -7.70
C THR D 338 -37.62 27.19 -7.96
N LEU D 339 -38.30 27.83 -7.01
CA LEU D 339 -38.74 29.21 -7.19
C LEU D 339 -37.78 30.19 -6.54
N LYS D 340 -37.68 31.38 -7.12
CA LYS D 340 -36.83 32.44 -6.57
C LYS D 340 -37.44 33.03 -5.30
N GLU D 341 -38.67 33.50 -5.41
CA GLU D 341 -39.35 34.16 -4.30
C GLU D 341 -40.27 33.18 -3.56
N ALA D 342 -40.45 33.40 -2.27
CA ALA D 342 -41.34 32.58 -1.46
C ALA D 342 -42.78 33.05 -1.58
N ALA D 343 -42.95 34.35 -1.81
CA ALA D 343 -44.28 34.93 -1.95
C ALA D 343 -44.27 36.10 -2.92
N VAL D 344 -45.38 36.30 -3.61
CA VAL D 344 -45.49 37.35 -4.62
C VAL D 344 -46.67 38.27 -4.35
N GLU D 345 -46.43 39.58 -4.42
CA GLU D 345 -47.49 40.56 -4.27
C GLU D 345 -48.33 40.69 -5.54
N LEU D 346 -49.61 40.39 -5.43
CA LEU D 346 -50.51 40.45 -6.58
C LEU D 346 -51.36 41.70 -6.55
N THR D 347 -51.67 42.23 -7.73
CA THR D 347 -52.50 43.42 -7.85
C THR D 347 -53.99 43.06 -7.84
N GLU D 348 -54.69 43.46 -8.89
CA GLU D 348 -56.12 43.16 -9.01
C GLU D 348 -56.37 42.06 -10.04
N GLN D 349 -56.29 42.42 -11.31
CA GLN D 349 -56.57 41.48 -12.40
C GLN D 349 -55.52 41.57 -13.49
N GLY D 350 -54.26 41.63 -13.10
CA GLY D 350 -53.16 41.77 -14.04
C GLY D 350 -52.44 40.43 -14.23
N SER D 351 -51.12 40.50 -14.42
CA SER D 351 -50.31 39.31 -14.53
C SER D 351 -48.99 39.47 -13.78
N ALA D 352 -48.49 38.37 -13.23
CA ALA D 352 -47.28 38.42 -12.40
C ALA D 352 -46.16 37.60 -13.02
N THR D 353 -44.92 38.07 -12.86
CA THR D 353 -43.76 37.36 -13.35
C THR D 353 -42.88 36.87 -12.21
N ILE D 354 -42.48 35.61 -12.26
CA ILE D 354 -41.65 35.02 -11.22
C ILE D 354 -40.49 34.24 -11.81
N HIS D 355 -39.32 34.36 -11.20
CA HIS D 355 -38.13 33.63 -11.64
C HIS D 355 -38.08 32.24 -11.01
N PHE D 356 -37.53 31.28 -11.76
CA PHE D 356 -37.39 29.91 -11.28
C PHE D 356 -36.24 29.20 -11.97
N SER D 357 -36.03 27.93 -11.60
CA SER D 357 -35.14 27.06 -12.35
C SER D 357 -35.55 25.61 -12.22
N THR D 358 -35.44 24.86 -13.31
CA THR D 358 -35.96 23.50 -13.37
C THR D 358 -34.93 22.53 -13.93
N ALA D 359 -34.91 21.32 -13.37
CA ALA D 359 -34.01 20.28 -13.85
C ALA D 359 -34.38 19.85 -15.27
N ASN D 360 -35.67 19.91 -15.59
CA ASN D 360 -36.16 19.48 -16.88
C ASN D 360 -36.20 20.64 -17.88
N ILE D 361 -35.34 20.56 -18.90
CA ILE D 361 -35.22 21.63 -19.87
C ILE D 361 -36.52 21.80 -20.66
N HIS D 362 -37.42 20.84 -20.52
CA HIS D 362 -38.77 20.97 -21.06
C HIS D 362 -39.80 21.06 -19.94
N PRO D 363 -40.01 22.26 -19.42
CA PRO D 363 -40.84 22.46 -18.24
C PRO D 363 -42.21 21.82 -18.42
N GLU D 364 -42.59 20.96 -17.48
CA GLU D 364 -43.96 20.50 -17.38
C GLU D 364 -44.34 20.17 -15.93
N PHE D 365 -44.94 21.15 -15.26
CA PHE D 365 -45.23 21.02 -13.83
C PHE D 365 -46.30 22.01 -13.39
N ARG D 366 -46.86 21.79 -12.22
CA ARG D 366 -47.88 22.68 -11.67
C ARG D 366 -47.28 23.70 -10.72
N LEU D 367 -47.85 24.89 -10.69
CA LEU D 367 -47.44 25.91 -9.75
C LEU D 367 -48.60 26.36 -8.86
N GLN D 368 -48.42 26.26 -7.56
CA GLN D 368 -49.46 26.64 -6.61
C GLN D 368 -49.29 28.08 -6.15
N ILE D 369 -50.36 28.86 -6.24
CA ILE D 369 -50.38 30.19 -5.68
C ILE D 369 -51.57 30.37 -4.72
N CYS D 370 -51.27 30.66 -3.47
CA CYS D 370 -52.23 30.51 -2.39
C CYS D 370 -52.84 29.12 -2.39
N THR D 371 -54.16 29.06 -2.29
CA THR D 371 -54.87 27.78 -2.21
C THR D 371 -55.10 27.20 -3.60
N SER D 372 -54.92 28.02 -4.63
CA SER D 372 -55.13 27.60 -6.00
C SER D 372 -53.82 27.17 -6.65
N TYR D 373 -53.93 26.46 -7.77
CA TYR D 373 -52.75 26.05 -8.52
C TYR D 373 -53.09 25.88 -10.00
N VAL D 374 -52.07 26.05 -10.86
CA VAL D 374 -52.25 25.90 -12.29
C VAL D 374 -51.14 25.07 -12.92
N THR D 375 -51.35 24.62 -14.14
CA THR D 375 -50.34 23.83 -14.84
C THR D 375 -49.52 24.71 -15.79
N CYS D 376 -48.21 24.63 -15.64
CA CYS D 376 -47.30 25.39 -16.50
C CYS D 376 -46.48 24.45 -17.39
N LYS D 377 -46.14 24.92 -18.59
CA LYS D 377 -45.42 24.10 -19.55
C LYS D 377 -44.77 24.97 -20.62
N GLY D 378 -43.55 24.60 -21.03
CA GLY D 378 -42.80 25.37 -22.00
C GLY D 378 -41.50 24.67 -22.38
N ASP D 379 -40.57 25.42 -22.94
CA ASP D 379 -39.30 24.86 -23.38
C ASP D 379 -38.15 25.83 -23.12
N CYS D 380 -37.23 25.42 -22.26
CA CYS D 380 -36.11 26.27 -21.87
C CYS D 380 -34.88 25.99 -22.72
N HIS D 381 -33.95 26.94 -22.73
CA HIS D 381 -32.65 26.73 -23.38
C HIS D 381 -31.63 26.18 -22.39
N PRO D 382 -30.81 25.25 -22.85
CA PRO D 382 -29.75 24.67 -22.03
C PRO D 382 -28.87 25.76 -21.43
N PRO D 383 -28.06 25.38 -20.45
CA PRO D 383 -27.20 26.33 -19.75
C PRO D 383 -26.15 26.91 -20.70
N LYS D 384 -25.68 28.12 -20.38
CA LYS D 384 -24.70 28.80 -21.21
C LYS D 384 -23.30 28.67 -20.63
N ASP D 385 -23.12 29.15 -19.41
CA ASP D 385 -21.82 29.11 -18.75
C ASP D 385 -21.60 27.79 -18.03
N HIS D 386 -20.64 27.01 -18.52
CA HIS D 386 -20.49 25.63 -18.08
C HIS D 386 -19.62 25.55 -16.83
N ILE D 387 -19.07 26.68 -16.42
CA ILE D 387 -18.27 26.76 -15.20
C ILE D 387 -19.01 27.50 -14.10
N VAL D 388 -19.11 26.88 -12.93
CA VAL D 388 -19.71 27.51 -11.76
C VAL D 388 -18.91 27.25 -10.50
N THR D 389 -19.16 28.02 -9.45
CA THR D 389 -18.46 27.85 -8.19
C THR D 389 -18.97 26.62 -7.44
N HIS D 390 -20.22 26.66 -7.02
CA HIS D 390 -20.91 25.46 -6.55
C HIS D 390 -22.32 25.79 -6.07
N PRO D 391 -23.23 25.95 -7.01
CA PRO D 391 -24.60 26.34 -6.69
C PRO D 391 -25.54 25.14 -6.70
N GLN D 392 -26.81 25.38 -6.40
CA GLN D 392 -27.89 24.63 -7.00
C GLN D 392 -27.98 24.89 -8.50
N TYR D 393 -28.31 23.85 -9.26
CA TYR D 393 -29.34 22.90 -8.84
C TYR D 393 -28.93 21.47 -9.20
N HIS D 394 -29.59 20.50 -8.58
CA HIS D 394 -30.01 20.62 -7.19
C HIS D 394 -31.21 21.56 -7.06
N ALA D 395 -32.41 21.01 -7.26
CA ALA D 395 -32.62 20.01 -8.29
C ALA D 395 -31.80 18.75 -8.02
N GLN D 396 -31.18 18.22 -9.06
CA GLN D 396 -30.73 16.83 -9.06
C GLN D 396 -31.91 15.87 -8.92
N THR D 397 -32.83 15.91 -9.87
CA THR D 397 -33.96 14.99 -9.89
C THR D 397 -33.88 14.04 -11.07
N PHE D 398 -34.74 13.02 -11.07
CA PHE D 398 -34.73 12.00 -12.11
C PHE D 398 -36.02 12.00 -12.90
N THR D 399 -36.00 12.58 -14.09
CA THR D 399 -37.16 12.61 -14.96
C THR D 399 -37.23 11.35 -15.82
N ALA D 400 -36.17 11.11 -16.59
CA ALA D 400 -34.81 11.34 -16.12
C ALA D 400 -34.32 12.72 -16.49
N ALA D 401 -34.34 13.03 -17.78
CA ALA D 401 -33.90 14.33 -18.28
C ALA D 401 -33.93 14.38 -19.80
N VAL D 402 -34.91 15.06 -20.36
CA VAL D 402 -34.89 15.43 -21.76
C VAL D 402 -34.60 14.23 -22.65
N SER D 403 -34.73 14.42 -23.95
CA SER D 403 -35.31 15.64 -24.51
C SER D 403 -36.57 15.34 -25.31
N LYS D 404 -37.65 15.05 -24.60
CA LYS D 404 -38.96 14.90 -25.24
C LYS D 404 -38.83 14.31 -26.64
N THR D 405 -39.25 15.06 -27.64
CA THR D 405 -39.03 14.69 -29.03
C THR D 405 -37.98 13.58 -29.14
N ALA D 406 -36.72 13.95 -28.96
CA ALA D 406 -35.61 13.02 -29.18
C ALA D 406 -35.81 11.73 -28.39
N TRP D 407 -36.28 11.87 -27.16
CA TRP D 407 -36.62 10.71 -26.34
C TRP D 407 -37.61 9.80 -27.05
N THR D 408 -38.63 10.39 -27.65
CA THR D 408 -39.66 9.64 -28.35
C THR D 408 -39.09 8.94 -29.58
N TRP D 409 -38.17 9.61 -30.26
CA TRP D 409 -37.52 9.05 -31.45
C TRP D 409 -36.97 7.66 -31.16
N LEU D 410 -36.25 7.53 -30.05
CA LEU D 410 -35.61 6.27 -29.71
C LEU D 410 -36.62 5.27 -29.16
N THR D 411 -37.51 5.75 -28.31
CA THR D 411 -38.53 4.90 -27.70
C THR D 411 -39.39 4.22 -28.76
N SER D 412 -39.71 4.96 -29.81
CA SER D 412 -40.62 4.46 -30.84
C SER D 412 -40.03 3.27 -31.58
N LEU D 413 -38.71 3.13 -31.50
CA LEU D 413 -38.01 2.09 -32.24
C LEU D 413 -38.20 0.72 -31.58
N LEU D 414 -38.49 0.74 -30.28
CA LEU D 414 -38.58 -0.49 -29.51
C LEU D 414 -40.02 -0.81 -29.16
N GLY D 415 -40.41 -2.07 -29.36
CA GLY D 415 -41.73 -2.54 -28.99
C GLY D 415 -42.59 -2.80 -30.21
N GLY D 416 -42.32 -2.06 -31.29
CA GLY D 416 -43.04 -2.25 -32.54
C GLY D 416 -42.84 -3.65 -33.09
N SER D 417 -41.60 -4.13 -33.06
CA SER D 417 -41.27 -5.46 -33.54
C SER D 417 -41.92 -6.53 -32.68
N ALA D 418 -42.09 -6.22 -31.39
CA ALA D 418 -42.79 -7.11 -30.48
C ALA D 418 -44.26 -7.27 -30.88
N VAL D 419 -44.89 -6.16 -31.20
CA VAL D 419 -46.27 -6.19 -31.70
C VAL D 419 -46.39 -7.01 -32.97
N ILE D 420 -45.39 -6.86 -33.85
CA ILE D 420 -45.39 -7.56 -35.13
C ILE D 420 -45.39 -9.07 -34.93
N ILE D 421 -44.51 -9.54 -34.05
CA ILE D 421 -44.34 -10.98 -33.83
C ILE D 421 -45.50 -11.56 -33.06
N ILE D 422 -46.16 -10.72 -32.26
CA ILE D 422 -47.39 -11.11 -31.58
C ILE D 422 -48.53 -11.30 -32.57
N ILE D 423 -48.67 -10.35 -33.50
CA ILE D 423 -49.68 -10.46 -34.55
C ILE D 423 -49.43 -11.66 -35.44
N GLY D 424 -48.17 -11.85 -35.82
CA GLY D 424 -47.79 -12.98 -36.67
C GLY D 424 -48.08 -14.30 -35.97
N LEU D 425 -47.80 -14.36 -34.67
CA LEU D 425 -48.11 -15.54 -33.87
C LEU D 425 -49.60 -15.86 -33.93
N VAL D 426 -50.43 -14.84 -33.72
CA VAL D 426 -51.88 -15.02 -33.77
C VAL D 426 -52.33 -15.50 -35.14
N LEU D 427 -51.77 -14.89 -36.18
CA LEU D 427 -52.12 -15.25 -37.56
C LEU D 427 -51.77 -16.70 -37.86
N ALA D 428 -50.63 -17.15 -37.35
CA ALA D 428 -50.20 -18.54 -37.50
C ALA D 428 -51.17 -19.48 -36.81
N THR D 429 -51.62 -19.11 -35.62
CA THR D 429 -52.63 -19.86 -34.90
C THR D 429 -53.94 -19.95 -35.70
N ILE D 430 -54.33 -18.82 -36.29
CA ILE D 430 -55.55 -18.76 -37.09
C ILE D 430 -55.48 -19.73 -38.27
N VAL D 431 -54.35 -19.71 -38.97
CA VAL D 431 -54.14 -20.62 -40.09
C VAL D 431 -54.14 -22.07 -39.64
N ALA D 432 -53.52 -22.32 -38.49
CA ALA D 432 -53.51 -23.66 -37.90
C ALA D 432 -54.93 -24.17 -37.66
N MET D 433 -55.79 -23.29 -37.16
CA MET D 433 -57.18 -23.63 -36.91
C MET D 433 -57.92 -23.90 -38.22
N TYR D 434 -57.56 -23.17 -39.26
CA TYR D 434 -58.10 -23.41 -40.60
C TYR D 434 -57.76 -24.81 -41.09
N VAL D 435 -56.51 -25.22 -40.87
CA VAL D 435 -56.09 -26.58 -41.20
C VAL D 435 -56.84 -27.61 -40.39
N LEU D 436 -57.00 -27.34 -39.10
CA LEU D 436 -57.76 -28.22 -38.22
C LEU D 436 -59.19 -28.38 -38.70
N THR D 437 -59.80 -27.27 -39.12
CA THR D 437 -61.14 -27.29 -39.68
C THR D 437 -61.17 -28.05 -41.01
N ASN D 438 -60.11 -27.88 -41.80
CA ASN D 438 -60.02 -28.53 -43.10
C ASN D 438 -59.99 -30.04 -42.97
N GLN D 439 -59.34 -30.53 -41.91
CA GLN D 439 -59.29 -31.95 -41.62
C GLN D 439 -60.62 -32.45 -41.04
N LYS D 440 -61.17 -31.66 -40.12
CA LYS D 440 -62.44 -32.02 -39.48
C LYS D 440 -63.59 -31.96 -40.47
N HIS D 441 -63.40 -31.21 -41.55
CA HIS D 441 -64.36 -31.17 -42.64
C HIS D 441 -64.66 -32.57 -43.17
N ASN D 442 -63.61 -33.37 -43.35
CA ASN D 442 -63.76 -34.74 -43.81
C ASN D 442 -64.42 -35.61 -42.75
N SER E 1 14.93 47.90 37.93
CA SER E 1 13.54 47.85 38.38
C SER E 1 13.07 46.42 38.54
N THR E 2 12.80 46.02 39.77
CA THR E 2 12.21 44.71 40.05
C THR E 2 13.25 43.60 39.91
N GLU E 3 13.01 42.50 40.61
CA GLU E 3 14.03 41.45 40.75
C GLU E 3 14.31 40.77 39.41
N GLU E 4 13.33 40.84 38.50
CA GLU E 4 13.48 40.24 37.18
C GLU E 4 14.63 40.89 36.41
N LEU E 5 14.79 42.20 36.59
CA LEU E 5 15.86 42.93 35.91
C LEU E 5 17.13 42.95 36.75
N PHE E 6 16.98 42.84 38.05
CA PHE E 6 18.11 42.65 38.95
C PHE E 6 18.92 41.41 38.56
N ASN E 7 18.22 40.32 38.30
CA ASN E 7 18.84 39.14 37.69
C ASN E 7 19.55 38.29 38.74
N GLU E 8 19.44 36.98 38.58
CA GLU E 8 20.23 36.05 39.40
C GLU E 8 21.71 36.11 39.04
N TYR E 9 22.03 36.92 38.03
CA TYR E 9 23.42 37.22 37.71
C TYR E 9 24.24 37.46 38.97
N LYS E 10 23.67 38.19 39.92
CA LYS E 10 24.36 38.50 41.16
C LYS E 10 24.63 37.25 41.98
N LEU E 11 23.76 36.25 41.84
CA LEU E 11 23.92 35.00 42.57
C LEU E 11 24.84 34.04 41.84
N THR E 12 24.80 34.09 40.51
CA THR E 12 25.45 33.07 39.68
C THR E 12 26.92 33.38 39.49
N ARG E 13 27.25 34.02 38.36
CA ARG E 13 28.63 34.17 37.94
C ARG E 13 28.95 33.29 36.74
N PRO E 14 29.63 33.87 35.75
CA PRO E 14 29.97 33.15 34.53
C PRO E 14 30.99 32.05 34.82
N TYR E 15 31.03 31.04 33.95
CA TYR E 15 31.95 29.92 34.10
C TYR E 15 32.48 29.45 32.76
N MET E 16 33.47 28.58 32.79
CA MET E 16 34.15 28.14 31.58
C MET E 16 33.76 26.69 31.24
N ALA E 17 33.86 26.35 29.96
CA ALA E 17 33.57 25.00 29.51
C ALA E 17 34.35 24.66 28.25
N ARG E 18 34.35 23.39 27.88
CA ARG E 18 35.15 22.91 26.76
C ARG E 18 34.49 23.24 25.42
N CYS E 19 35.28 23.78 24.50
CA CYS E 19 34.87 23.85 23.10
C CYS E 19 35.62 22.84 22.24
N ILE E 20 34.92 22.22 21.30
CA ILE E 20 35.52 21.22 20.43
C ILE E 20 36.66 21.82 19.62
N ARG E 21 36.42 22.98 19.02
CA ARG E 21 37.46 23.73 18.35
C ARG E 21 37.46 25.19 18.78
N CYS E 22 38.61 25.68 19.23
CA CYS E 22 38.75 27.08 19.63
C CYS E 22 39.62 27.85 18.65
N ALA E 23 39.84 27.26 17.48
CA ALA E 23 40.91 27.70 16.59
C ALA E 23 42.00 26.65 16.46
N VAL E 24 43.03 26.77 17.29
CA VAL E 24 44.06 25.73 17.39
C VAL E 24 43.75 24.74 18.50
N GLY E 25 42.87 23.79 18.20
CA GLY E 25 42.56 22.71 19.15
C GLY E 25 41.46 23.13 20.11
N SER E 26 41.11 22.24 21.03
CA SER E 26 40.08 22.51 22.02
C SER E 26 40.62 23.37 23.17
N CYS E 27 39.73 23.85 24.02
CA CYS E 27 40.12 24.65 25.17
C CYS E 27 38.98 24.79 26.16
N HIS E 28 39.31 25.16 27.39
CA HIS E 28 38.30 25.42 28.42
C HIS E 28 37.98 26.91 28.53
N SER E 29 37.11 27.39 27.66
CA SER E 29 36.86 28.82 27.53
C SER E 29 35.45 29.19 27.97
N PRO E 30 35.29 30.41 28.46
CA PRO E 30 33.98 30.91 28.85
C PRO E 30 33.10 31.15 27.62
N ILE E 31 33.73 31.18 26.44
CA ILE E 31 33.01 31.40 25.20
C ILE E 31 32.09 30.23 24.87
N ALA E 32 32.37 29.08 25.48
CA ALA E 32 31.66 27.86 25.16
C ALA E 32 30.15 28.05 25.26
N ILE E 33 29.43 27.49 24.29
CA ILE E 33 27.97 27.54 24.30
C ILE E 33 27.38 26.31 24.96
N GLU E 34 26.53 26.53 25.96
CA GLU E 34 25.98 25.44 26.75
C GLU E 34 24.92 24.66 25.97
N ALA E 35 23.99 25.39 25.37
CA ALA E 35 22.88 24.77 24.65
C ALA E 35 22.32 25.71 23.59
N VAL E 36 21.70 25.14 22.57
CA VAL E 36 21.12 25.93 21.48
C VAL E 36 19.72 25.43 21.14
N LYS E 37 18.76 26.36 21.14
CA LYS E 37 17.40 26.04 20.70
C LYS E 37 17.02 26.86 19.48
N SER E 38 16.23 26.25 18.59
CA SER E 38 15.88 26.87 17.32
C SER E 38 14.42 26.60 16.96
N ASP E 39 13.54 26.72 17.94
CA ASP E 39 12.15 26.32 17.77
C ASP E 39 11.32 27.44 17.15
N GLY E 40 11.79 28.68 17.31
CA GLY E 40 11.03 29.85 16.89
C GLY E 40 10.84 29.86 15.38
N HIS E 41 9.64 30.25 14.94
CA HIS E 41 9.34 30.33 13.52
C HIS E 41 9.88 31.62 12.91
N ASP E 42 10.24 32.57 13.78
CA ASP E 42 10.67 33.89 13.33
C ASP E 42 12.12 33.86 12.87
N GLY E 43 12.75 32.69 12.98
CA GLY E 43 14.11 32.49 12.47
C GLY E 43 15.14 32.85 13.52
N TYR E 44 14.68 33.26 14.70
CA TYR E 44 15.57 33.58 15.80
C TYR E 44 16.02 32.33 16.54
N VAL E 45 17.23 32.38 17.09
CA VAL E 45 17.75 31.26 17.87
C VAL E 45 17.93 31.65 19.33
N ARG E 46 17.74 30.68 20.22
CA ARG E 46 17.93 30.90 21.65
C ARG E 46 19.16 30.17 22.17
N LEU E 47 20.25 30.91 22.36
CA LEU E 47 21.51 30.32 22.83
C LEU E 47 21.68 30.53 24.33
N GLN E 48 22.12 29.49 25.01
CA GLN E 48 22.63 29.62 26.37
C GLN E 48 24.12 29.38 26.44
N THR E 49 24.86 30.40 26.86
CA THR E 49 26.32 30.32 26.94
C THR E 49 26.77 30.09 28.37
N SER E 50 28.05 29.72 28.53
CA SER E 50 28.64 29.55 29.86
C SER E 50 29.00 30.89 30.47
N SER E 51 29.18 31.90 29.62
CA SER E 51 29.43 33.26 30.08
C SER E 51 28.13 34.04 30.22
N GLN E 52 28.21 35.23 30.79
CA GLN E 52 27.04 36.06 31.00
C GLN E 52 27.25 37.47 30.48
N TYR E 53 26.17 38.11 30.05
CA TYR E 53 26.23 39.49 29.59
C TYR E 53 24.89 40.19 29.79
N GLY E 54 24.88 41.51 29.58
CA GLY E 54 23.71 42.33 29.87
C GLY E 54 23.88 43.06 31.20
N LEU E 55 24.62 42.46 32.12
CA LEU E 55 25.01 43.13 33.35
C LEU E 55 26.53 43.24 33.46
N ASP E 56 27.01 44.36 33.98
CA ASP E 56 28.44 44.61 34.09
C ASP E 56 29.01 43.99 35.36
N SER E 57 30.26 44.30 35.66
CA SER E 57 30.99 43.64 36.73
C SER E 57 30.36 43.94 38.09
N SER E 58 29.66 45.06 38.17
CA SER E 58 29.04 45.49 39.42
C SER E 58 27.59 45.03 39.51
N GLY E 59 27.10 44.42 38.44
CA GLY E 59 25.74 43.91 38.40
C GLY E 59 24.76 44.96 37.92
N ASN E 60 25.29 46.03 37.34
CA ASN E 60 24.47 47.09 36.77
C ASN E 60 24.04 46.75 35.35
N LEU E 61 22.84 47.19 34.96
CA LEU E 61 22.27 46.84 33.67
C LEU E 61 22.97 47.58 32.54
N LYS E 62 23.76 46.85 31.76
CA LYS E 62 24.42 47.42 30.60
C LYS E 62 24.61 46.38 29.50
N GLY E 63 23.74 46.42 28.49
CA GLY E 63 23.77 45.43 27.42
C GLY E 63 24.95 45.68 26.48
N ARG E 64 25.68 46.76 26.73
CA ARG E 64 26.78 47.16 25.86
C ARG E 64 28.03 46.32 26.14
N THR E 65 28.02 45.62 27.28
CA THR E 65 29.20 44.90 27.73
C THR E 65 28.87 43.43 28.00
N MET E 66 29.91 42.60 28.06
CA MET E 66 29.74 41.20 28.40
C MET E 66 30.88 40.71 29.29
N ARG E 67 30.56 39.79 30.20
CA ARG E 67 31.51 39.37 31.22
C ARG E 67 31.84 37.89 31.09
N TYR E 68 33.12 37.59 30.98
CA TYR E 68 33.57 36.22 30.73
C TYR E 68 34.72 35.83 31.64
N ASP E 69 34.78 34.55 32.01
CA ASP E 69 35.76 34.08 32.97
C ASP E 69 37.08 33.75 32.30
N MET E 70 38.07 34.61 32.48
CA MET E 70 39.39 34.40 31.91
C MET E 70 40.29 33.61 32.85
N HIS E 71 40.25 32.29 32.73
CA HIS E 71 41.06 31.42 33.58
C HIS E 71 40.79 31.70 35.05
N GLY E 72 41.82 32.18 35.76
CA GLY E 72 41.74 32.37 37.20
C GLY E 72 41.00 33.65 37.55
N THR E 73 40.79 34.50 36.55
CA THR E 73 40.10 35.77 36.76
C THR E 73 38.92 35.90 35.82
N ILE E 74 38.13 36.96 36.01
CA ILE E 74 36.99 37.24 35.14
C ILE E 74 37.07 38.64 34.58
N LYS E 75 36.92 38.76 33.26
CA LYS E 75 37.12 40.03 32.58
C LYS E 75 35.83 40.49 31.90
N GLU E 76 35.80 41.77 31.52
CA GLU E 76 34.63 42.33 30.85
C GLU E 76 35.04 43.14 29.63
N ILE E 77 34.34 42.90 28.52
CA ILE E 77 34.61 43.62 27.28
C ILE E 77 33.33 44.03 26.58
N PRO E 78 33.43 44.96 25.63
CA PRO E 78 32.29 45.39 24.84
C PRO E 78 31.61 44.21 24.16
N LEU E 79 30.29 44.18 24.21
CA LEU E 79 29.53 43.12 23.56
C LEU E 79 29.57 43.26 22.05
N HIS E 80 29.57 44.49 21.57
CA HIS E 80 29.56 44.77 20.14
C HIS E 80 30.81 44.22 19.47
N GLN E 81 31.86 44.00 20.27
CA GLN E 81 33.07 43.36 19.78
C GLN E 81 32.85 41.88 19.50
N VAL E 82 31.92 41.28 20.24
CA VAL E 82 31.62 39.87 20.08
C VAL E 82 30.82 39.61 18.81
N SER E 83 31.31 38.69 17.98
CA SER E 83 30.65 38.35 16.73
C SER E 83 30.26 36.88 16.68
N LEU E 84 29.25 36.57 15.87
CA LEU E 84 28.80 35.18 15.71
C LEU E 84 28.15 34.97 14.36
N TYR E 85 28.25 33.75 13.85
CA TYR E 85 27.66 33.40 12.56
C TYR E 85 27.47 31.90 12.43
N THR E 86 26.72 31.49 11.40
CA THR E 86 26.62 30.08 11.05
C THR E 86 27.12 29.83 9.63
N SER E 87 26.27 30.09 8.65
CA SER E 87 26.73 30.30 7.28
C SER E 87 26.96 31.79 7.00
N ARG E 88 26.19 32.63 7.67
CA ARG E 88 26.35 34.08 7.54
C ARG E 88 26.19 34.78 8.89
N PRO E 89 26.69 36.00 8.98
CA PRO E 89 26.64 36.76 10.22
C PRO E 89 25.21 36.89 10.73
N CYS E 90 25.05 36.76 12.04
CA CYS E 90 23.73 36.88 12.67
C CYS E 90 23.44 38.32 13.05
N HIS E 91 22.17 38.61 13.33
CA HIS E 91 21.78 39.88 13.92
C HIS E 91 21.31 39.71 15.35
N ILE E 92 22.09 40.21 16.29
CA ILE E 92 21.76 40.09 17.71
C ILE E 92 20.59 41.00 18.08
N VAL E 93 19.60 40.44 18.76
CA VAL E 93 18.38 41.16 19.07
C VAL E 93 18.32 41.53 20.55
N ASP E 94 18.48 40.53 21.41
CA ASP E 94 18.40 40.74 22.85
C ASP E 94 19.18 39.67 23.61
N GLY E 95 19.34 39.87 24.92
CA GLY E 95 20.04 38.91 25.75
C GLY E 95 19.82 39.22 27.24
N HIS E 96 20.08 38.22 28.08
CA HIS E 96 19.92 38.39 29.52
C HIS E 96 20.59 37.25 30.29
N GLY E 97 21.63 37.59 31.05
CA GLY E 97 22.36 36.61 31.83
C GLY E 97 23.12 35.65 30.93
N TYR E 98 22.78 34.36 31.02
CA TYR E 98 23.44 33.33 30.22
C TYR E 98 22.93 33.32 28.79
N PHE E 99 21.75 33.92 28.59
CA PHE E 99 20.92 33.58 27.45
C PHE E 99 21.04 34.62 26.35
N LEU E 100 20.84 34.20 25.10
CA LEU E 100 21.11 35.05 23.96
C LEU E 100 20.04 34.87 22.88
N LEU E 101 19.43 35.97 22.46
CA LEU E 101 18.43 35.92 21.39
C LEU E 101 18.89 36.69 20.17
N ALA E 102 19.08 35.98 19.06
CA ALA E 102 19.64 36.56 17.85
C ALA E 102 19.09 35.88 16.60
N ARG E 103 19.10 36.60 15.48
CA ARG E 103 18.71 36.03 14.20
C ARG E 103 19.92 35.51 13.44
N CYS E 104 20.13 34.20 13.49
CA CYS E 104 21.12 33.55 12.65
C CYS E 104 20.46 32.85 11.46
N PRO E 105 21.18 32.78 10.35
CA PRO E 105 20.72 32.04 9.17
C PRO E 105 20.90 30.54 9.37
N ALA E 106 20.49 29.77 8.37
CA ALA E 106 20.72 28.33 8.36
C ALA E 106 22.21 28.02 8.29
N GLY E 107 22.58 26.84 8.77
CA GLY E 107 23.99 26.44 8.79
C GLY E 107 24.16 25.09 9.49
N ASP E 108 25.38 24.56 9.45
CA ASP E 108 25.66 23.24 10.00
C ASP E 108 26.21 23.34 11.42
N SER E 109 26.73 24.52 11.75
CA SER E 109 27.31 24.75 13.07
C SER E 109 27.30 26.24 13.42
N ILE E 110 27.54 26.55 14.70
CA ILE E 110 27.56 27.93 15.16
C ILE E 110 28.95 28.34 15.60
N THR E 111 29.46 29.43 15.03
CA THR E 111 30.77 29.95 15.40
C THR E 111 30.66 31.30 16.08
N MET E 112 31.25 31.40 17.26
CA MET E 112 31.27 32.66 18.00
C MET E 112 32.69 33.06 18.37
N GLU E 113 32.98 34.36 18.29
CA GLU E 113 34.34 34.85 18.51
C GLU E 113 34.31 36.25 19.12
N PHE E 114 35.42 36.64 19.75
CA PHE E 114 35.58 38.00 20.22
C PHE E 114 37.06 38.37 20.32
N LYS E 115 37.36 39.66 20.23
CA LYS E 115 38.72 40.14 20.33
C LYS E 115 39.08 40.48 21.78
N LYS E 116 40.16 39.89 22.26
CA LYS E 116 40.70 40.23 23.57
C LYS E 116 41.58 41.48 23.50
N ASP E 117 42.81 41.35 23.96
CA ASP E 117 43.79 42.43 23.83
C ASP E 117 44.47 42.38 22.46
N SER E 118 44.47 41.21 21.85
CA SER E 118 45.12 41.02 20.55
C SER E 118 44.42 39.94 19.73
N VAL E 119 45.05 38.79 19.61
CA VAL E 119 44.52 37.70 18.80
C VAL E 119 43.09 37.36 19.21
N ARG E 120 42.21 37.24 18.22
CA ARG E 120 40.80 36.97 18.47
C ARG E 120 40.61 35.52 18.94
N HIS E 121 39.68 35.34 19.87
CA HIS E 121 39.35 33.99 20.36
C HIS E 121 37.97 33.55 19.89
N SER E 122 37.85 32.29 19.53
CA SER E 122 36.63 31.78 18.91
C SER E 122 36.30 30.38 19.42
N CYS E 123 35.06 29.95 19.19
CA CYS E 123 34.66 28.58 19.46
C CYS E 123 33.52 28.14 18.55
N SER E 124 33.66 26.96 17.97
CA SER E 124 32.63 26.41 17.09
C SER E 124 31.94 25.21 17.72
N VAL E 125 30.62 25.18 17.67
CA VAL E 125 29.84 24.05 18.17
C VAL E 125 28.92 23.51 17.08
N PRO E 126 28.81 22.18 17.03
CA PRO E 126 27.98 21.52 16.03
C PRO E 126 26.50 21.63 16.38
N TYR E 127 25.73 22.26 15.51
CA TYR E 127 24.29 22.34 15.67
C TYR E 127 23.60 22.66 14.35
N GLU E 128 22.63 21.83 13.98
CA GLU E 128 21.89 22.02 12.74
C GLU E 128 20.89 23.17 12.86
N VAL E 129 21.09 24.20 12.04
CA VAL E 129 20.16 25.33 11.98
C VAL E 129 19.43 25.36 10.65
N LYS E 130 18.11 25.23 10.69
CA LYS E 130 17.30 25.24 9.48
C LYS E 130 15.82 25.44 9.81
N PHE E 131 15.37 26.69 9.77
CA PHE E 131 14.02 27.03 10.20
C PHE E 131 12.98 26.69 9.15
N ASN E 132 11.92 26.01 9.55
CA ASN E 132 10.87 25.62 8.63
C ASN E 132 9.95 26.79 8.31
N PRO E 133 9.92 27.19 7.04
CA PRO E 133 9.08 28.28 6.60
C PRO E 133 7.62 28.05 6.98
N VAL E 134 6.96 29.12 7.42
CA VAL E 134 5.56 29.03 7.84
C VAL E 134 4.62 29.13 6.63
N GLY E 135 3.73 28.16 6.51
CA GLY E 135 2.78 28.12 5.40
C GLY E 135 3.14 27.04 4.40
N ARG E 136 2.36 26.93 3.33
CA ARG E 136 2.61 25.94 2.29
C ARG E 136 3.67 26.43 1.30
N GLU E 137 4.29 27.55 1.62
CA GLU E 137 5.33 28.12 0.77
C GLU E 137 6.69 28.07 1.46
N LEU E 138 7.65 27.42 0.81
CA LEU E 138 8.98 27.25 1.38
C LEU E 138 9.93 28.36 0.91
N TYR E 139 10.05 29.40 1.72
CA TYR E 139 10.88 30.55 1.38
C TYR E 139 12.15 30.58 2.21
N THR E 140 13.14 31.33 1.74
CA THR E 140 14.39 31.51 2.49
C THR E 140 14.31 32.71 3.42
N HIS E 141 13.87 33.85 2.89
CA HIS E 141 13.69 35.05 3.69
C HIS E 141 12.24 35.53 3.62
N PRO E 142 11.80 36.19 4.68
CA PRO E 142 10.43 36.71 4.74
C PRO E 142 10.21 37.80 3.69
N PRO E 143 9.03 37.78 3.08
CA PRO E 143 8.70 38.74 2.03
C PRO E 143 8.36 40.10 2.63
N GLU E 144 8.43 41.14 1.80
CA GLU E 144 8.01 42.47 2.21
C GLU E 144 6.51 42.50 2.50
N HIS E 145 5.73 41.80 1.66
CA HIS E 145 4.29 41.71 1.87
C HIS E 145 3.85 40.25 1.96
N GLY E 146 2.81 40.01 2.74
CA GLY E 146 2.30 38.66 2.95
C GLY E 146 1.10 38.66 3.89
N VAL E 147 0.62 37.46 4.23
CA VAL E 147 -0.55 37.32 5.08
C VAL E 147 -0.15 36.88 6.49
N GLU E 148 -1.04 37.12 7.45
CA GLU E 148 -0.75 36.82 8.85
C GLU E 148 -1.18 35.40 9.21
N GLN E 149 -0.22 34.59 9.63
CA GLN E 149 -0.50 33.22 10.04
C GLN E 149 0.00 32.96 11.47
N ALA E 150 -0.61 31.98 12.13
CA ALA E 150 -0.23 31.64 13.49
C ALA E 150 1.12 30.91 13.52
N CYS E 151 1.93 31.23 14.53
CA CYS E 151 3.21 30.56 14.71
C CYS E 151 3.70 30.69 16.15
N GLN E 152 4.82 30.04 16.45
CA GLN E 152 5.42 30.12 17.77
C GLN E 152 6.84 30.67 17.70
N VAL E 153 7.12 31.68 18.51
CA VAL E 153 8.41 32.38 18.44
C VAL E 153 8.98 32.60 19.84
N TYR E 154 10.29 32.82 19.90
CA TYR E 154 10.95 33.15 21.16
C TYR E 154 10.66 34.58 21.58
N ALA E 155 10.01 34.73 22.72
CA ALA E 155 9.70 36.05 23.25
C ALA E 155 10.98 36.80 23.65
N HIS E 156 11.02 38.09 23.34
CA HIS E 156 12.11 38.95 23.79
C HIS E 156 11.93 39.34 25.25
N ASP E 157 10.75 39.06 25.80
CA ASP E 157 10.44 39.42 27.17
C ASP E 157 11.32 38.68 28.16
N ALA E 158 11.94 39.41 29.07
CA ALA E 158 12.76 38.81 30.11
C ALA E 158 11.91 38.11 31.16
N GLN E 159 10.61 38.38 31.13
CA GLN E 159 9.67 37.73 32.03
C GLN E 159 9.83 36.21 31.99
N ASN E 160 9.84 35.60 33.17
CA ASN E 160 10.10 34.16 33.27
C ASN E 160 9.21 33.52 34.33
N ARG E 161 8.48 32.48 33.92
CA ARG E 161 7.49 31.85 34.79
C ARG E 161 7.54 30.34 34.66
N GLY E 162 7.59 29.85 33.43
CA GLY E 162 7.49 28.42 33.15
C GLY E 162 8.83 27.73 33.35
N ALA E 163 9.83 28.16 32.57
CA ALA E 163 11.07 27.42 32.45
C ALA E 163 12.07 27.79 33.54
N TYR E 164 12.83 26.81 33.99
CA TYR E 164 13.83 27.03 35.03
C TYR E 164 14.95 26.00 34.95
N VAL E 165 16.10 26.33 35.52
CA VAL E 165 17.26 25.45 35.49
C VAL E 165 17.85 25.26 36.88
N GLU E 166 18.69 24.25 37.03
CA GLU E 166 19.32 23.95 38.31
C GLU E 166 20.68 24.64 38.43
N MET E 167 20.86 25.40 39.51
CA MET E 167 22.15 26.01 39.80
C MET E 167 22.61 25.68 41.21
N HIS E 168 23.92 25.55 41.39
CA HIS E 168 24.48 25.04 42.65
C HIS E 168 25.89 25.56 42.85
N LEU E 169 26.41 25.38 44.06
CA LEU E 169 27.79 25.70 44.37
C LEU E 169 28.75 24.84 43.55
N PRO E 170 29.73 25.48 42.91
CA PRO E 170 30.70 24.77 42.10
C PRO E 170 31.65 23.95 42.96
N GLY E 171 32.22 22.91 42.38
CA GLY E 171 33.18 22.06 43.09
C GLY E 171 34.55 22.70 43.14
N SER E 172 35.51 22.00 43.73
CA SER E 172 36.87 22.50 43.84
C SER E 172 37.52 22.61 42.46
N GLU E 173 38.10 23.78 42.19
CA GLU E 173 38.70 24.05 40.89
C GLU E 173 40.22 23.97 40.96
N VAL E 174 40.78 22.97 40.29
CA VAL E 174 42.24 22.78 40.28
C VAL E 174 42.95 24.02 39.75
N ASP E 175 44.03 24.40 40.42
CA ASP E 175 44.81 25.56 40.01
C ASP E 175 46.26 25.43 40.45
N SER E 176 47.13 25.07 39.50
CA SER E 176 48.54 24.85 39.80
C SER E 176 49.24 26.15 40.18
N SER E 177 48.60 27.27 39.83
CA SER E 177 49.18 28.58 40.09
C SER E 177 49.23 28.89 41.58
N LEU E 178 48.50 28.10 42.36
CA LEU E 178 48.55 28.19 43.81
C LEU E 178 49.92 27.79 44.34
N VAL E 179 50.60 26.92 43.61
CA VAL E 179 51.81 26.27 44.11
C VAL E 179 52.98 26.51 43.18
N SER E 180 54.15 26.75 43.76
CA SER E 180 55.38 26.90 42.98
C SER E 180 56.59 26.37 43.76
N LEU E 181 57.72 26.25 43.08
CA LEU E 181 58.96 25.85 43.73
C LEU E 181 59.84 27.06 44.03
N SER E 182 60.04 27.32 45.32
CA SER E 182 60.81 28.48 45.75
C SER E 182 61.39 28.27 47.15
N GLY E 183 62.71 28.33 47.25
CA GLY E 183 63.56 28.48 46.09
C GLY E 183 63.54 27.21 45.23
N SER E 184 63.61 26.06 45.88
CA SER E 184 63.50 24.78 45.19
C SER E 184 62.58 23.83 45.94
N SER E 185 61.67 24.38 46.73
CA SER E 185 60.77 23.58 47.55
C SER E 185 59.33 24.04 47.39
N VAL E 186 58.40 23.15 47.69
CA VAL E 186 56.98 23.40 47.47
C VAL E 186 56.46 24.50 48.40
N THR E 187 55.97 25.59 47.81
CA THR E 187 55.35 26.66 48.57
C THR E 187 54.02 27.06 47.97
N VAL E 188 52.98 27.14 48.81
CA VAL E 188 51.63 27.41 48.35
C VAL E 188 51.08 28.69 48.96
N THR E 189 50.53 29.55 48.12
CA THR E 189 49.88 30.77 48.59
C THR E 189 48.42 30.52 48.92
N PRO E 190 47.83 31.40 49.73
CA PRO E 190 46.43 31.27 50.13
C PRO E 190 45.56 30.72 49.00
N PRO E 191 45.17 31.57 48.06
CA PRO E 191 45.56 32.98 48.11
C PRO E 191 44.62 33.80 48.99
N ASP E 192 44.73 35.12 48.92
CA ASP E 192 43.90 36.01 49.72
C ASP E 192 42.54 36.22 49.07
N GLY E 193 41.51 35.60 49.64
CA GLY E 193 40.15 35.74 49.13
C GLY E 193 39.59 34.40 48.69
N THR E 194 40.48 33.42 48.49
CA THR E 194 40.07 32.08 48.09
C THR E 194 40.54 31.04 49.10
N SER E 195 39.69 30.06 49.38
CA SER E 195 40.05 28.95 50.25
C SER E 195 40.99 27.97 49.55
N ALA E 196 42.11 27.67 50.20
CA ALA E 196 43.15 26.85 49.58
C ALA E 196 43.03 25.40 50.03
N LEU E 197 42.74 24.52 49.09
CA LEU E 197 42.73 23.08 49.35
C LEU E 197 44.01 22.42 48.84
N VAL E 198 44.82 21.92 49.76
CA VAL E 198 46.14 21.39 49.41
C VAL E 198 46.35 20.01 50.01
N GLU E 199 46.82 19.08 49.18
CA GLU E 199 47.18 17.75 49.65
C GLU E 199 48.28 17.15 48.79
N CYS E 200 49.21 16.45 49.44
CA CYS E 200 50.37 15.88 48.75
C CYS E 200 50.26 14.37 48.63
N GLU E 201 50.78 13.82 47.53
CA GLU E 201 50.83 12.38 47.35
C GLU E 201 51.87 11.75 48.26
N CYS E 202 52.94 12.49 48.54
CA CYS E 202 53.98 12.02 49.45
C CYS E 202 53.62 12.31 50.89
N GLY E 203 54.47 11.87 51.82
CA GLY E 203 54.22 12.04 53.24
C GLY E 203 54.41 13.50 53.66
N GLY E 204 54.65 13.71 54.95
CA GLY E 204 54.79 15.06 55.48
C GLY E 204 53.42 15.70 55.73
N THR E 205 53.24 16.92 55.25
CA THR E 205 52.00 17.66 55.46
C THR E 205 51.05 17.47 54.28
N LYS E 206 49.93 16.81 54.53
CA LYS E 206 48.95 16.56 53.49
C LYS E 206 47.64 17.28 53.78
N ILE E 207 47.69 18.23 54.70
CA ILE E 207 46.47 18.86 55.22
C ILE E 207 46.37 20.31 54.77
N SER E 208 45.15 20.84 54.80
CA SER E 208 44.88 22.18 54.26
C SER E 208 43.69 22.15 53.32
N GLU E 209 42.66 22.92 53.65
CA GLU E 209 42.50 23.43 55.01
C GLU E 209 43.50 24.54 55.30
N THR E 210 43.78 25.35 54.28
CA THR E 210 44.48 26.61 54.49
C THR E 210 43.55 27.80 54.25
N ILE E 211 43.34 28.60 55.30
CA ILE E 211 42.47 29.76 55.19
C ILE E 211 43.20 30.96 54.62
N ASN E 212 44.30 31.33 55.25
CA ASN E 212 45.10 32.46 54.80
C ASN E 212 46.52 32.39 55.32
N LYS E 213 47.38 31.67 54.59
CA LYS E 213 48.79 31.58 54.94
C LYS E 213 49.60 30.97 53.80
N THR E 214 50.79 31.52 53.57
CA THR E 214 51.74 30.91 52.63
C THR E 214 52.55 29.81 53.31
N LYS E 215 52.31 28.58 52.89
CA LYS E 215 52.82 27.41 53.61
C LYS E 215 53.85 26.66 52.77
N GLN E 216 54.83 26.06 53.44
CA GLN E 216 55.81 25.19 52.79
C GLN E 216 55.55 23.73 53.10
N PHE E 217 55.74 22.88 52.11
CA PHE E 217 55.41 21.46 52.23
C PHE E 217 56.62 20.59 51.93
N SER E 218 57.11 19.88 52.95
CA SER E 218 58.30 19.06 52.83
C SER E 218 57.97 17.69 52.24
N GLN E 219 59.00 16.93 51.91
CA GLN E 219 58.82 15.59 51.36
C GLN E 219 58.14 15.63 50.00
N CYS E 220 58.19 16.81 49.37
CA CYS E 220 57.63 16.98 48.03
C CYS E 220 58.66 17.56 47.08
N THR E 221 59.45 16.69 46.45
CA THR E 221 60.54 17.12 45.58
C THR E 221 60.04 18.13 44.55
N LYS E 222 58.93 17.81 43.90
CA LYS E 222 58.34 18.68 42.89
C LYS E 222 56.90 19.03 43.24
N LYS E 223 56.46 20.22 42.83
CA LYS E 223 55.08 20.65 43.05
C LYS E 223 54.11 19.75 42.30
N GLU E 224 54.62 19.02 41.31
CA GLU E 224 53.81 18.04 40.59
C GLU E 224 53.38 16.89 41.49
N GLN E 225 54.11 16.71 42.58
CA GLN E 225 53.82 15.64 43.52
C GLN E 225 52.68 16.02 44.46
N CYS E 226 52.24 17.27 44.36
CA CYS E 226 51.14 17.77 45.18
C CYS E 226 49.95 18.18 44.32
N ARG E 227 48.81 18.38 44.97
CA ARG E 227 47.63 18.90 44.29
C ARG E 227 47.02 20.08 45.06
N ALA E 228 46.48 21.03 44.33
CA ALA E 228 45.97 22.26 44.94
C ALA E 228 44.73 22.77 44.20
N TYR E 229 43.69 23.10 44.95
CA TYR E 229 42.42 23.53 44.37
C TYR E 229 41.97 24.86 44.95
N ARG E 230 41.35 25.69 44.12
CA ARG E 230 40.67 26.88 44.60
C ARG E 230 39.23 26.58 44.99
N LEU E 231 38.89 26.89 46.25
CA LEU E 231 37.53 26.72 46.73
C LEU E 231 36.84 28.06 46.94
N GLN E 232 35.64 28.19 46.37
CA GLN E 232 34.86 29.41 46.53
C GLN E 232 33.69 29.19 47.48
N ASN E 233 32.67 28.48 47.00
CA ASN E 233 31.48 28.20 47.81
C ASN E 233 30.73 29.47 48.16
N ASP E 234 30.82 30.46 47.27
CA ASP E 234 30.17 31.76 47.50
C ASP E 234 28.97 31.95 46.59
N LYS E 235 29.12 31.52 45.33
CA LYS E 235 28.10 31.76 44.32
C LYS E 235 27.69 30.47 43.62
N TRP E 236 26.56 30.50 42.94
CA TRP E 236 26.07 29.34 42.22
C TRP E 236 26.48 29.38 40.74
N VAL E 237 26.48 28.22 40.10
CA VAL E 237 26.55 28.15 38.65
C VAL E 237 25.58 27.11 38.10
N TYR E 238 25.30 27.20 36.80
CA TYR E 238 24.50 26.19 36.12
C TYR E 238 25.13 24.82 36.23
N ASN E 239 24.31 23.81 36.51
CA ASN E 239 24.79 22.44 36.61
C ASN E 239 25.25 21.91 35.26
N SER E 240 26.49 22.24 34.90
CA SER E 240 27.09 21.73 33.66
C SER E 240 27.67 20.34 33.87
N ASP E 241 27.60 19.52 32.82
CA ASP E 241 28.18 18.18 32.86
C ASP E 241 29.67 18.22 32.53
N LYS E 242 30.20 19.42 32.34
CA LYS E 242 31.62 19.61 32.11
C LYS E 242 32.32 20.16 33.34
N LEU E 243 31.53 20.51 34.35
CA LEU E 243 32.08 20.88 35.65
C LEU E 243 31.84 19.79 36.69
N PRO E 244 32.91 19.33 37.32
CA PRO E 244 32.81 18.27 38.31
C PRO E 244 32.08 18.75 39.56
N LYS E 245 31.39 17.82 40.24
CA LYS E 245 30.53 18.18 41.35
C LYS E 245 31.33 18.40 42.62
N ALA E 246 30.73 19.11 43.57
CA ALA E 246 31.36 19.32 44.87
C ALA E 246 31.17 18.13 45.79
N ALA E 247 32.27 17.64 46.34
CA ALA E 247 32.23 16.45 47.20
C ALA E 247 31.83 16.82 48.62
N GLY E 248 32.16 18.04 49.03
CA GLY E 248 31.86 18.50 50.38
C GLY E 248 30.36 18.65 50.60
N ALA E 249 29.70 19.31 49.66
CA ALA E 249 28.27 19.55 49.76
C ALA E 249 27.69 19.98 48.42
N THR E 250 26.39 19.76 48.24
CA THR E 250 25.71 20.12 47.00
C THR E 250 24.51 21.03 47.27
N LEU E 251 24.79 22.28 47.63
CA LEU E 251 23.74 23.28 47.79
C LEU E 251 23.25 23.78 46.43
N LYS E 252 21.97 23.59 46.17
CA LYS E 252 21.42 23.81 44.83
C LYS E 252 19.98 24.31 44.91
N GLY E 253 19.52 24.93 43.83
CA GLY E 253 18.13 25.39 43.74
C GLY E 253 17.73 25.63 42.29
N LYS E 254 16.48 26.03 42.10
CA LYS E 254 15.94 26.24 40.75
C LYS E 254 15.70 27.71 40.49
N LEU E 255 16.11 28.18 39.32
CA LEU E 255 15.89 29.57 38.92
C LEU E 255 15.30 29.65 37.52
N HIS E 256 14.30 30.52 37.36
CA HIS E 256 13.55 30.60 36.11
C HIS E 256 14.30 31.42 35.06
N VAL E 257 14.03 31.14 33.79
CA VAL E 257 14.85 31.65 32.71
C VAL E 257 14.01 32.46 31.72
N PRO E 258 14.64 33.48 31.12
CA PRO E 258 13.92 34.42 30.27
C PRO E 258 13.75 33.85 28.86
N PHE E 259 13.14 34.64 27.98
CA PHE E 259 13.07 34.29 26.56
C PHE E 259 12.32 32.99 26.36
N LEU E 260 11.11 32.91 26.88
CA LEU E 260 10.29 31.71 26.74
C LEU E 260 9.68 31.62 25.34
N LEU E 261 9.54 30.39 24.85
CA LEU E 261 8.83 30.15 23.61
C LEU E 261 7.33 30.37 23.75
N ALA E 262 6.78 31.24 22.92
CA ALA E 262 5.41 31.69 23.08
C ALA E 262 4.73 31.91 21.73
N ASP E 263 3.40 31.86 21.73
CA ASP E 263 2.63 31.99 20.50
C ASP E 263 2.71 33.42 19.95
N GLY E 264 2.58 33.55 18.64
CA GLY E 264 2.52 34.86 18.00
C GLY E 264 2.05 34.74 16.56
N LYS E 265 2.20 35.84 15.81
CA LYS E 265 1.80 35.86 14.41
C LYS E 265 3.00 36.14 13.50
N CYS E 266 2.99 35.52 12.33
CA CYS E 266 4.08 35.70 11.37
C CYS E 266 3.55 36.11 10.00
N THR E 267 4.35 36.89 9.28
CA THR E 267 3.98 37.31 7.92
C THR E 267 4.56 36.36 6.87
N VAL E 268 3.68 35.77 6.08
CA VAL E 268 4.08 34.77 5.10
C VAL E 268 3.65 35.17 3.69
N PRO E 269 4.37 34.68 2.69
CA PRO E 269 4.09 35.03 1.31
C PRO E 269 2.73 34.48 0.86
N LEU E 270 2.17 35.10 -0.17
CA LEU E 270 0.92 34.62 -0.76
C LEU E 270 1.15 34.05 -2.15
N ALA E 271 0.90 32.76 -2.32
CA ALA E 271 1.15 32.09 -3.57
C ALA E 271 0.45 32.78 -4.73
N PRO E 272 1.23 33.19 -5.72
CA PRO E 272 0.69 33.87 -6.90
C PRO E 272 -0.41 33.05 -7.56
N GLU E 273 -1.47 33.72 -7.98
CA GLU E 273 -2.59 33.05 -8.64
C GLU E 273 -2.20 32.59 -10.04
N PRO E 274 -2.37 31.29 -10.29
CA PRO E 274 -2.00 30.71 -11.58
C PRO E 274 -3.03 31.06 -12.65
N MET E 275 -2.66 30.85 -13.90
CA MET E 275 -3.58 31.05 -15.02
C MET E 275 -4.47 29.82 -15.22
N ILE E 276 -5.76 30.08 -15.41
CA ILE E 276 -6.76 29.02 -15.36
C ILE E 276 -7.49 28.89 -16.70
N THR E 277 -7.36 27.72 -17.33
CA THR E 277 -8.11 27.44 -18.55
C THR E 277 -9.11 26.32 -18.33
N PHE E 278 -10.35 26.56 -18.70
CA PHE E 278 -11.46 25.68 -18.34
C PHE E 278 -11.84 24.76 -19.51
N GLY E 279 -12.45 23.63 -19.18
CA GLY E 279 -13.00 22.75 -20.20
C GLY E 279 -14.00 21.77 -19.60
N PHE E 280 -14.46 20.83 -20.41
CA PHE E 280 -15.43 19.84 -19.96
C PHE E 280 -14.82 18.92 -18.91
N ARG E 281 -15.23 19.10 -17.66
CA ARG E 281 -14.76 18.28 -16.56
C ARG E 281 -13.23 18.21 -16.54
N SER E 282 -12.59 19.29 -16.96
CA SER E 282 -11.14 19.33 -17.05
C SER E 282 -10.62 20.77 -17.05
N VAL E 283 -9.59 21.02 -16.27
CA VAL E 283 -9.01 22.36 -16.16
C VAL E 283 -7.50 22.31 -16.31
N SER E 284 -6.95 23.19 -17.16
CA SER E 284 -5.51 23.31 -17.33
C SER E 284 -4.97 24.51 -16.57
N LEU E 285 -4.02 24.26 -15.67
CA LEU E 285 -3.53 25.29 -14.77
C LEU E 285 -2.04 25.55 -14.98
N LYS E 286 -1.69 26.81 -15.17
CA LYS E 286 -0.30 27.20 -15.38
C LYS E 286 0.33 27.71 -14.09
N LEU E 287 1.17 26.87 -13.48
CA LEU E 287 1.79 27.20 -12.20
C LEU E 287 3.11 27.93 -12.41
N HIS E 288 3.37 28.93 -11.58
CA HIS E 288 4.59 29.73 -11.69
C HIS E 288 5.15 30.08 -10.31
N PRO E 289 5.59 29.05 -9.59
CA PRO E 289 6.15 29.25 -8.27
C PRO E 289 7.52 29.92 -8.34
N LYS E 290 7.79 30.80 -7.39
CA LYS E 290 9.14 31.34 -7.20
C LYS E 290 9.98 30.42 -6.32
N ASN E 291 9.31 29.56 -5.57
CA ASN E 291 10.01 28.62 -4.69
C ASN E 291 9.15 27.38 -4.43
N PRO E 292 9.74 26.39 -3.78
CA PRO E 292 9.04 25.15 -3.48
C PRO E 292 7.71 25.41 -2.80
N THR E 293 6.62 25.15 -3.50
CA THR E 293 5.29 25.41 -2.96
C THR E 293 4.40 24.17 -3.05
N TYR E 294 3.66 23.91 -1.98
CA TYR E 294 2.87 22.68 -1.89
C TYR E 294 1.57 22.82 -2.66
N LEU E 295 1.35 21.92 -3.61
CA LEU E 295 0.07 21.82 -4.31
C LEU E 295 -0.77 20.68 -3.76
N ILE E 296 -2.02 20.99 -3.41
CA ILE E 296 -2.96 19.98 -2.94
C ILE E 296 -4.29 20.09 -3.66
N THR E 297 -4.83 18.96 -4.11
CA THR E 297 -6.11 18.93 -4.79
C THR E 297 -6.93 17.73 -4.36
N ARG E 298 -8.25 17.83 -4.55
CA ARG E 298 -9.16 16.75 -4.17
C ARG E 298 -10.52 16.92 -4.83
N GLN E 299 -11.27 15.83 -4.91
CA GLN E 299 -12.69 15.90 -5.25
C GLN E 299 -13.55 16.11 -4.01
N LEU E 300 -14.76 16.60 -4.21
CA LEU E 300 -15.69 16.82 -3.11
C LEU E 300 -16.61 15.62 -2.91
N ALA E 301 -16.26 14.51 -3.54
CA ALA E 301 -17.05 13.28 -3.42
C ALA E 301 -16.66 12.49 -2.18
N ASP E 302 -17.29 11.34 -1.99
CA ASP E 302 -16.92 10.42 -0.92
C ASP E 302 -15.51 9.89 -1.11
N GLU E 303 -15.08 9.81 -2.37
CA GLU E 303 -13.69 9.50 -2.69
C GLU E 303 -12.97 10.71 -3.26
N PRO E 304 -12.33 11.48 -2.38
CA PRO E 304 -11.67 12.72 -2.79
C PRO E 304 -10.45 12.44 -3.66
N HIS E 305 -9.90 11.23 -3.52
CA HIS E 305 -8.68 10.87 -4.22
C HIS E 305 -7.57 11.88 -3.96
N TYR E 306 -7.40 12.26 -2.70
CA TYR E 306 -6.51 13.35 -2.34
C TYR E 306 -5.14 13.17 -3.00
N THR E 307 -4.72 14.18 -3.77
CA THR E 307 -3.42 14.14 -4.43
C THR E 307 -2.68 15.46 -4.25
N HIS E 308 -1.39 15.37 -3.98
CA HIS E 308 -0.57 16.55 -3.69
C HIS E 308 0.84 16.39 -4.24
N GLU E 309 1.53 17.53 -4.39
CA GLU E 309 2.89 17.52 -4.91
C GLU E 309 3.60 18.82 -4.58
N LEU E 310 4.88 18.72 -4.21
CA LEU E 310 5.71 19.90 -3.99
C LEU E 310 6.32 20.39 -5.30
N ILE E 311 5.90 21.58 -5.72
CA ILE E 311 6.32 22.12 -7.01
C ILE E 311 7.10 23.41 -6.84
N SER E 312 8.32 23.44 -7.38
CA SER E 312 9.21 24.58 -7.19
C SER E 312 9.41 25.34 -8.50
N GLU E 313 9.12 24.67 -9.61
CA GLU E 313 9.38 25.23 -10.94
C GLU E 313 8.08 25.41 -11.72
N PRO E 314 8.01 26.49 -12.50
CA PRO E 314 6.85 26.75 -13.35
C PRO E 314 6.57 25.56 -14.27
N ALA E 315 5.29 25.28 -14.47
CA ALA E 315 4.89 24.12 -15.26
C ALA E 315 3.39 24.17 -15.56
N VAL E 316 2.99 23.48 -16.63
CA VAL E 316 1.58 23.41 -17.01
C VAL E 316 1.00 22.04 -16.68
N ARG E 317 -0.06 22.03 -15.87
CA ARG E 317 -0.62 20.79 -15.37
C ARG E 317 -2.09 20.66 -15.74
N ASN E 318 -2.54 19.42 -15.94
CA ASN E 318 -3.94 19.17 -16.28
C ASN E 318 -4.65 18.44 -15.14
N PHE E 319 -5.82 18.94 -14.77
CA PHE E 319 -6.59 18.39 -13.66
C PHE E 319 -8.00 18.02 -14.08
N THR E 320 -8.55 17.00 -13.45
CA THR E 320 -9.91 16.54 -13.75
C THR E 320 -10.92 17.11 -12.77
N VAL E 321 -12.05 17.56 -13.29
CA VAL E 321 -13.09 18.16 -12.46
C VAL E 321 -14.42 17.44 -12.63
N THR E 322 -15.02 17.03 -11.52
CA THR E 322 -16.30 16.32 -11.56
C THR E 322 -17.45 17.27 -11.24
N GLU E 323 -18.66 16.87 -11.63
CA GLU E 323 -19.86 17.65 -11.34
C GLU E 323 -20.14 17.69 -9.84
N LYS E 324 -19.65 16.69 -9.12
CA LYS E 324 -19.77 16.65 -7.67
C LYS E 324 -18.96 17.77 -7.03
N GLY E 325 -17.97 18.26 -7.76
CA GLY E 325 -17.17 19.40 -7.31
C GLY E 325 -15.71 19.01 -7.12
N TRP E 326 -14.81 19.95 -7.39
CA TRP E 326 -13.38 19.70 -7.27
C TRP E 326 -12.66 20.90 -6.67
N GLU E 327 -11.86 20.65 -5.64
CA GLU E 327 -11.22 21.71 -4.88
C GLU E 327 -9.78 21.93 -5.32
N PHE E 328 -9.33 23.17 -5.32
CA PHE E 328 -7.96 23.50 -5.69
C PHE E 328 -7.34 24.44 -4.67
N VAL E 329 -6.20 24.02 -4.11
CA VAL E 329 -5.42 24.87 -3.22
C VAL E 329 -3.95 24.91 -3.64
N TRP E 330 -3.42 26.11 -3.77
CA TRP E 330 -2.06 26.30 -4.28
C TRP E 330 -1.24 27.18 -3.34
N GLY E 331 -0.36 26.54 -2.58
CA GLY E 331 0.42 27.25 -1.57
C GLY E 331 -0.47 27.90 -0.53
N ASN E 332 -0.23 29.16 -0.25
CA ASN E 332 -1.02 29.91 0.73
C ASN E 332 -2.19 30.62 0.06
N HIS E 333 -2.42 30.31 -1.21
CA HIS E 333 -3.57 30.85 -1.94
C HIS E 333 -4.88 30.35 -1.33
N PRO E 334 -5.83 31.27 -1.17
CA PRO E 334 -7.14 30.92 -0.64
C PRO E 334 -7.75 29.75 -1.41
N PRO E 335 -8.21 28.74 -0.67
CA PRO E 335 -8.85 27.58 -1.28
C PRO E 335 -10.02 27.99 -2.17
N LYS E 336 -10.08 27.40 -3.35
CA LYS E 336 -11.19 27.64 -4.27
C LYS E 336 -11.88 26.34 -4.66
N ARG E 337 -13.18 26.41 -4.91
CA ARG E 337 -13.94 25.26 -5.36
C ARG E 337 -14.75 25.60 -6.61
N PHE E 338 -14.86 24.63 -7.51
CA PHE E 338 -15.62 24.82 -8.74
C PHE E 338 -16.45 23.59 -9.08
N TRP E 339 -17.69 23.81 -9.51
CA TRP E 339 -18.48 22.76 -10.12
C TRP E 339 -18.55 22.93 -11.64
N ALA E 340 -18.96 21.88 -12.33
CA ALA E 340 -19.06 21.91 -13.79
C ALA E 340 -20.44 21.46 -14.25
N GLN E 341 -20.83 21.91 -15.43
CA GLN E 341 -22.08 21.46 -16.05
C GLN E 341 -21.99 21.50 -17.56
N GLU E 342 -22.93 20.83 -18.22
CA GLU E 342 -22.90 20.68 -19.67
C GLU E 342 -21.92 21.66 -20.30
N THR E 343 -20.76 21.16 -20.69
CA THR E 343 -19.80 21.96 -21.45
C THR E 343 -19.84 21.62 -22.93
N ALA E 344 -19.52 20.37 -23.26
CA ALA E 344 -19.47 19.94 -24.66
C ALA E 344 -19.25 18.43 -24.75
N PRO E 345 -19.78 17.82 -25.81
CA PRO E 345 -20.55 18.56 -26.80
C PRO E 345 -21.96 18.87 -26.28
N GLY E 346 -22.29 18.32 -25.11
CA GLY E 346 -23.57 18.60 -24.48
C GLY E 346 -24.69 17.82 -25.15
N ASN E 347 -25.91 18.37 -25.10
CA ASN E 347 -27.07 17.73 -25.70
C ASN E 347 -28.06 18.76 -26.22
N PRO E 348 -27.72 19.39 -27.35
CA PRO E 348 -28.66 20.25 -28.06
C PRO E 348 -29.89 19.47 -28.51
N HIS E 349 -30.80 20.16 -29.18
CA HIS E 349 -32.08 19.57 -29.56
C HIS E 349 -31.92 18.60 -30.72
N GLY E 350 -30.87 18.79 -31.50
CA GLY E 350 -30.64 17.99 -32.70
C GLY E 350 -29.97 18.81 -33.79
N LEU E 351 -30.27 18.47 -35.04
CA LEU E 351 -31.19 17.37 -35.34
C LEU E 351 -30.95 16.83 -36.74
N PRO E 352 -31.39 15.60 -36.98
CA PRO E 352 -31.89 14.74 -35.90
C PRO E 352 -30.75 13.97 -35.25
N HIS E 353 -31.08 13.11 -34.30
CA HIS E 353 -30.12 12.20 -33.70
C HIS E 353 -28.91 12.97 -33.15
N GLU E 354 -27.73 12.62 -33.64
CA GLU E 354 -26.54 13.43 -33.40
C GLU E 354 -26.41 13.79 -31.92
N VAL E 355 -27.13 14.83 -31.51
CA VAL E 355 -27.02 15.33 -30.14
C VAL E 355 -27.24 14.22 -29.12
N ILE E 356 -27.98 13.19 -29.53
CA ILE E 356 -28.19 12.02 -28.69
C ILE E 356 -26.88 11.32 -28.36
N THR E 357 -26.00 11.23 -29.36
CA THR E 357 -24.68 10.64 -29.17
C THR E 357 -23.72 11.65 -28.53
N HIS E 358 -24.04 12.92 -28.67
CA HIS E 358 -23.31 13.98 -27.97
C HIS E 358 -23.48 13.87 -26.47
N TYR E 359 -24.71 13.58 -26.04
CA TYR E 359 -25.00 13.44 -24.62
C TYR E 359 -24.17 12.32 -23.99
N TYR E 360 -23.76 11.37 -24.81
CA TYR E 360 -22.97 10.23 -24.33
C TYR E 360 -21.89 10.68 -23.36
N HIS E 361 -21.25 11.80 -23.67
CA HIS E 361 -20.14 12.29 -22.87
C HIS E 361 -20.64 12.93 -21.58
N ARG E 362 -21.88 13.41 -21.60
CA ARG E 362 -22.54 13.92 -20.40
C ARG E 362 -23.30 12.81 -19.68
N TYR E 363 -23.08 12.69 -18.38
CA TYR E 363 -23.62 11.57 -17.61
C TYR E 363 -23.37 10.24 -18.32
N PRO E 364 -22.09 9.93 -18.55
CA PRO E 364 -21.73 8.69 -19.22
C PRO E 364 -21.99 7.48 -18.33
N MET E 365 -21.58 6.30 -18.80
CA MET E 365 -21.85 5.07 -18.10
C MET E 365 -23.30 4.64 -18.25
N SER E 366 -23.52 3.56 -18.99
CA SER E 366 -24.86 3.18 -19.43
C SER E 366 -25.06 3.46 -20.91
N THR E 367 -26.10 4.22 -21.23
CA THR E 367 -26.33 4.66 -22.61
C THR E 367 -26.21 3.49 -23.57
N ILE E 368 -24.97 3.16 -23.94
CA ILE E 368 -24.72 2.08 -24.88
C ILE E 368 -25.32 0.77 -24.38
N LEU E 369 -25.25 0.55 -23.07
CA LEU E 369 -25.84 -0.64 -22.46
C LEU E 369 -27.31 -0.78 -22.83
N GLY E 370 -28.10 0.25 -22.52
CA GLY E 370 -29.52 0.25 -22.82
C GLY E 370 -29.77 0.12 -24.31
N LEU E 371 -28.93 0.77 -25.11
CA LEU E 371 -29.04 0.71 -26.56
C LEU E 371 -28.85 -0.71 -27.06
N SER E 372 -27.85 -1.41 -26.52
CA SER E 372 -27.58 -2.78 -26.91
C SER E 372 -28.71 -3.71 -26.48
N ILE E 373 -29.29 -3.43 -25.33
CA ILE E 373 -30.43 -4.21 -24.83
C ILE E 373 -31.62 -4.10 -25.77
N CYS E 374 -31.94 -2.88 -26.17
CA CYS E 374 -33.05 -2.64 -27.08
C CYS E 374 -32.79 -3.26 -28.45
N ALA E 375 -31.56 -3.16 -28.92
CA ALA E 375 -31.16 -3.78 -30.17
C ALA E 375 -31.30 -5.30 -30.11
N ALA E 376 -30.90 -5.87 -28.98
CA ALA E 376 -31.00 -7.31 -28.78
C ALA E 376 -32.45 -7.77 -28.81
N ILE E 377 -33.33 -6.99 -28.20
CA ILE E 377 -34.76 -7.29 -28.22
C ILE E 377 -35.30 -7.30 -29.63
N ALA E 378 -34.92 -6.30 -30.42
CA ALA E 378 -35.31 -6.22 -31.82
C ALA E 378 -34.79 -7.42 -32.60
N THR E 379 -33.55 -7.82 -32.31
CA THR E 379 -32.94 -8.98 -32.94
C THR E 379 -33.75 -10.25 -32.67
N VAL E 380 -34.16 -10.43 -31.43
CA VAL E 380 -34.98 -11.56 -31.04
C VAL E 380 -36.33 -11.52 -31.77
N SER E 381 -36.89 -10.34 -31.90
CA SER E 381 -38.14 -10.15 -32.63
C SER E 381 -38.01 -10.60 -34.08
N VAL E 382 -36.91 -10.21 -34.72
CA VAL E 382 -36.64 -10.60 -36.09
C VAL E 382 -36.52 -12.11 -36.23
N ALA E 383 -35.80 -12.72 -35.28
CA ALA E 383 -35.66 -14.17 -35.25
C ALA E 383 -37.01 -14.85 -35.05
N ALA E 384 -37.83 -14.27 -34.17
CA ALA E 384 -39.18 -14.79 -33.93
C ALA E 384 -40.03 -14.72 -35.19
N SER E 385 -39.92 -13.61 -35.91
CA SER E 385 -40.64 -13.45 -37.18
C SER E 385 -40.24 -14.54 -38.17
N THR E 386 -38.95 -14.78 -38.30
CA THR E 386 -38.44 -15.80 -39.21
C THR E 386 -38.96 -17.18 -38.84
N TRP E 387 -38.91 -17.51 -37.55
CA TRP E 387 -39.42 -18.77 -37.05
C TRP E 387 -40.90 -18.93 -37.35
N LEU E 388 -41.66 -17.86 -37.13
CA LEU E 388 -43.08 -17.85 -37.46
C LEU E 388 -43.31 -18.02 -38.95
N PHE E 389 -42.47 -17.38 -39.76
CA PHE E 389 -42.58 -17.44 -41.21
C PHE E 389 -42.36 -18.87 -41.71
N CYS E 390 -41.37 -19.55 -41.13
CA CYS E 390 -41.08 -20.93 -41.49
C CYS E 390 -42.24 -21.85 -41.14
N ARG E 391 -42.83 -21.62 -39.98
CA ARG E 391 -43.99 -22.38 -39.55
C ARG E 391 -45.19 -22.11 -40.46
N SER E 392 -45.32 -20.86 -40.88
CA SER E 392 -46.37 -20.48 -41.84
C SER E 392 -46.14 -21.13 -43.20
N ARG E 393 -44.87 -21.22 -43.59
CA ARG E 393 -44.51 -21.88 -44.85
C ARG E 393 -44.87 -23.36 -44.82
N VAL E 394 -44.70 -23.98 -43.66
CA VAL E 394 -45.19 -25.34 -43.45
C VAL E 394 -46.71 -25.39 -43.56
N ALA E 395 -47.38 -24.42 -42.94
CA ALA E 395 -48.83 -24.35 -42.98
C ALA E 395 -49.34 -24.29 -44.42
N CYS E 396 -48.61 -23.57 -45.26
CA CYS E 396 -48.92 -23.52 -46.68
C CYS E 396 -48.67 -24.87 -47.35
N LEU E 397 -47.52 -25.47 -47.04
CA LEU E 397 -47.13 -26.73 -47.66
C LEU E 397 -47.99 -27.88 -47.17
N THR E 398 -48.63 -27.69 -46.03
CA THR E 398 -49.40 -28.76 -45.39
C THR E 398 -50.43 -29.34 -46.34
N PRO E 399 -51.33 -28.48 -46.82
CA PRO E 399 -52.34 -28.89 -47.79
C PRO E 399 -51.70 -29.26 -49.13
N TYR E 400 -50.49 -28.77 -49.36
CA TYR E 400 -49.79 -29.01 -50.62
C TYR E 400 -49.14 -30.38 -50.63
N ARG E 401 -49.11 -31.03 -49.47
CA ARG E 401 -48.26 -32.19 -49.27
C ARG E 401 -47.65 -32.67 -50.59
N LEU E 402 -48.47 -33.29 -51.42
CA LEU E 402 -48.12 -33.54 -52.81
C LEU E 402 -48.96 -32.71 -53.76
N THR E 403 -50.27 -32.76 -53.57
CA THR E 403 -50.93 -33.93 -53.00
C THR E 403 -51.09 -35.04 -54.04
N PRO E 404 -51.29 -36.26 -53.57
CA PRO E 404 -51.51 -37.39 -54.45
C PRO E 404 -52.26 -36.97 -55.71
N ASN E 405 -51.52 -36.48 -56.70
CA ASN E 405 -52.11 -35.86 -57.88
C ASN E 405 -51.11 -34.98 -58.62
N ALA E 406 -50.23 -34.33 -57.86
CA ALA E 406 -49.30 -33.37 -58.42
C ALA E 406 -50.03 -32.18 -59.02
N ARG E 407 -51.23 -31.92 -58.52
CA ARG E 407 -52.06 -30.82 -59.03
C ARG E 407 -52.72 -30.06 -57.89
N ILE E 408 -52.22 -28.85 -57.63
CA ILE E 408 -52.81 -27.98 -56.62
C ILE E 408 -52.98 -26.57 -57.14
N PRO E 409 -53.39 -26.45 -58.40
CA PRO E 409 -53.61 -25.14 -59.02
C PRO E 409 -54.40 -24.22 -58.09
N PHE E 410 -55.47 -24.75 -57.51
CA PHE E 410 -56.49 -23.92 -56.87
C PHE E 410 -56.10 -23.60 -55.44
N CYS E 411 -55.35 -24.50 -54.82
CA CYS E 411 -54.79 -24.25 -53.50
C CYS E 411 -53.78 -23.10 -53.53
N LEU E 412 -52.98 -23.06 -54.59
CA LEU E 412 -52.06 -21.96 -54.81
C LEU E 412 -52.78 -20.69 -55.23
N ALA E 413 -53.87 -20.85 -56.00
CA ALA E 413 -54.63 -19.72 -56.50
C ALA E 413 -55.30 -18.96 -55.36
N VAL E 414 -55.70 -19.69 -54.32
CA VAL E 414 -56.37 -19.09 -53.17
C VAL E 414 -55.36 -18.55 -52.17
N LEU E 415 -54.44 -19.41 -51.73
CA LEU E 415 -53.52 -19.06 -50.65
C LEU E 415 -52.40 -18.16 -51.15
N CYS E 416 -51.87 -18.49 -52.32
CA CYS E 416 -50.82 -17.68 -52.93
C CYS E 416 -49.69 -17.39 -51.95
N CYS E 417 -49.27 -18.42 -51.22
CA CYS E 417 -48.17 -18.30 -50.28
C CYS E 417 -46.88 -17.89 -50.99
N ALA E 418 -46.75 -18.29 -52.25
CA ALA E 418 -45.62 -17.90 -53.08
C ALA E 418 -45.00 -19.11 -53.77
N ARG E 419 -43.78 -18.92 -54.29
CA ARG E 419 -43.08 -20.00 -54.96
C ARG E 419 -43.92 -20.63 -56.06
N THR E 420 -44.63 -19.78 -56.82
CA THR E 420 -45.43 -20.25 -57.95
C THR E 420 -44.94 -21.61 -58.43
N ALA E 421 -45.71 -22.65 -58.12
CA ALA E 421 -45.44 -23.99 -58.63
C ALA E 421 -46.60 -24.54 -59.43
N ARG E 422 -46.58 -24.30 -60.75
CA ARG E 422 -45.36 -23.86 -61.42
C ARG E 422 -45.66 -23.34 -62.81
N ALA E 423 -46.65 -23.95 -63.47
CA ALA E 423 -47.03 -23.55 -64.81
C ALA E 423 -48.49 -23.10 -64.85
N LYS F 1 -60.26 -63.98 -55.87
CA LYS F 1 -60.19 -62.55 -56.14
C LYS F 1 -58.89 -61.96 -55.59
N ARG F 2 -58.63 -62.19 -54.32
CA ARG F 2 -57.43 -61.68 -53.67
C ARG F 2 -56.18 -62.05 -54.44
N GLN F 3 -56.22 -63.21 -55.09
CA GLN F 3 -55.14 -63.64 -55.99
C GLN F 3 -54.83 -62.56 -57.02
N ARG F 4 -55.86 -62.13 -57.74
CA ARG F 4 -55.70 -61.10 -58.77
C ARG F 4 -55.38 -59.74 -58.13
N MET F 5 -55.91 -59.51 -56.95
CA MET F 5 -55.66 -58.28 -56.21
C MET F 5 -54.16 -58.12 -55.91
N VAL F 6 -53.53 -59.20 -55.47
CA VAL F 6 -52.10 -59.20 -55.23
C VAL F 6 -51.31 -59.07 -56.52
N MET F 7 -51.79 -59.73 -57.57
CA MET F 7 -51.17 -59.64 -58.89
C MET F 7 -51.15 -58.19 -59.38
N LYS F 8 -52.23 -57.47 -59.11
CA LYS F 8 -52.29 -56.05 -59.46
C LYS F 8 -51.34 -55.23 -58.60
N LEU F 9 -51.20 -55.61 -57.35
CA LEU F 9 -50.26 -54.96 -56.45
C LEU F 9 -48.81 -55.20 -56.89
N GLU F 10 -48.56 -56.37 -57.42
CA GLU F 10 -47.23 -56.73 -57.91
C GLU F 10 -46.92 -56.01 -59.22
N SER F 11 -47.92 -55.93 -60.09
CA SER F 11 -47.79 -55.15 -61.31
C SER F 11 -47.55 -53.68 -61.01
N ASP F 12 -48.25 -53.16 -60.01
CA ASP F 12 -47.99 -51.82 -59.50
C ASP F 12 -46.60 -51.72 -58.88
N LYS F 13 -45.86 -50.70 -59.29
CA LYS F 13 -44.46 -50.56 -58.88
C LYS F 13 -44.35 -50.14 -57.42
N THR F 14 -43.88 -51.06 -56.58
CA THR F 14 -43.66 -50.75 -55.18
C THR F 14 -42.25 -51.15 -54.74
N PHE F 15 -41.70 -50.41 -53.78
CA PHE F 15 -40.33 -50.63 -53.34
C PHE F 15 -40.22 -50.56 -51.82
N PRO F 16 -39.74 -51.65 -51.22
CA PRO F 16 -39.58 -51.72 -49.78
C PRO F 16 -38.44 -50.82 -49.31
N ILE F 17 -38.43 -50.51 -48.02
CA ILE F 17 -37.36 -49.71 -47.43
C ILE F 17 -36.33 -50.59 -46.74
N MET F 18 -35.20 -50.80 -47.40
CA MET F 18 -34.21 -51.77 -46.96
C MET F 18 -33.21 -51.15 -45.99
N LEU F 19 -33.02 -51.80 -44.85
CA LEU F 19 -31.96 -51.41 -43.92
C LEU F 19 -31.31 -52.64 -43.28
N GLU F 20 -30.02 -52.82 -43.53
CA GLU F 20 -29.32 -54.00 -43.05
C GLU F 20 -30.00 -55.28 -43.53
N GLY F 21 -30.62 -55.22 -44.71
CA GLY F 21 -31.24 -56.39 -45.32
C GLY F 21 -32.65 -56.59 -44.79
N LYS F 22 -33.12 -55.65 -43.98
CA LYS F 22 -34.44 -55.77 -43.35
C LYS F 22 -35.39 -54.70 -43.88
N ILE F 23 -36.60 -55.12 -44.24
CA ILE F 23 -37.64 -54.19 -44.66
C ILE F 23 -38.33 -53.53 -43.48
N ASN F 24 -38.15 -52.22 -43.35
CA ASN F 24 -38.71 -51.48 -42.23
C ASN F 24 -39.98 -50.74 -42.64
N GLY F 25 -40.38 -50.89 -43.90
CA GLY F 25 -41.51 -50.17 -44.44
C GLY F 25 -41.53 -50.24 -45.96
N TYR F 26 -42.43 -49.47 -46.56
CA TYR F 26 -42.56 -49.44 -48.02
C TYR F 26 -42.73 -48.02 -48.54
N ALA F 27 -42.32 -47.79 -49.77
CA ALA F 27 -42.53 -46.51 -50.43
C ALA F 27 -42.93 -46.70 -51.89
N CYS F 28 -43.79 -45.82 -52.39
CA CYS F 28 -44.32 -45.93 -53.74
C CYS F 28 -44.60 -44.56 -54.34
N VAL F 29 -44.96 -44.55 -55.62
CA VAL F 29 -45.16 -43.30 -56.35
C VAL F 29 -46.63 -43.10 -56.70
N VAL F 30 -47.20 -42.00 -56.22
CA VAL F 30 -48.57 -41.64 -56.54
C VAL F 30 -48.66 -40.26 -57.17
N GLY F 31 -49.43 -40.14 -58.25
CA GLY F 31 -49.57 -38.87 -58.96
C GLY F 31 -48.22 -38.39 -59.49
N GLY F 32 -47.29 -39.31 -59.66
CA GLY F 32 -45.99 -38.99 -60.23
C GLY F 32 -45.05 -38.41 -59.18
N LYS F 33 -45.36 -38.67 -57.92
CA LYS F 33 -44.52 -38.22 -56.82
C LYS F 33 -44.26 -39.34 -55.82
N LEU F 34 -42.99 -39.51 -55.44
CA LEU F 34 -42.61 -40.53 -54.48
C LEU F 34 -42.96 -40.11 -53.06
N PHE F 35 -43.51 -41.03 -52.27
CA PHE F 35 -43.74 -40.80 -50.86
C PHE F 35 -43.09 -41.89 -50.00
N ARG F 36 -42.63 -41.51 -48.82
CA ARG F 36 -41.98 -42.46 -47.91
C ARG F 36 -42.28 -42.11 -46.46
N PRO F 37 -42.64 -43.12 -45.68
CA PRO F 37 -42.85 -42.95 -44.25
C PRO F 37 -41.56 -42.54 -43.55
N MET F 38 -41.58 -41.38 -42.90
CA MET F 38 -40.37 -40.79 -42.35
C MET F 38 -39.88 -41.57 -41.13
N HIS F 39 -40.82 -42.10 -40.35
CA HIS F 39 -40.49 -42.87 -39.16
C HIS F 39 -39.75 -44.16 -39.52
N VAL F 40 -39.90 -44.58 -40.77
CA VAL F 40 -39.19 -45.76 -41.26
C VAL F 40 -37.75 -45.43 -41.63
N GLU F 41 -36.82 -46.18 -41.06
CA GLU F 41 -35.40 -45.98 -41.34
C GLU F 41 -34.92 -46.93 -42.43
N GLY F 42 -33.94 -46.48 -43.20
CA GLY F 42 -33.41 -47.27 -44.31
C GLY F 42 -33.53 -46.52 -45.63
N LYS F 43 -33.21 -47.19 -46.73
CA LYS F 43 -33.31 -46.59 -48.05
C LYS F 43 -34.24 -47.41 -48.94
N ILE F 44 -34.94 -46.72 -49.85
CA ILE F 44 -35.84 -47.37 -50.78
C ILE F 44 -35.11 -48.39 -51.64
N ASP F 45 -35.80 -49.47 -52.00
CA ASP F 45 -35.22 -50.49 -52.87
C ASP F 45 -35.22 -50.03 -54.32
N ASN F 46 -34.57 -48.90 -54.58
CA ASN F 46 -34.47 -48.38 -55.94
C ASN F 46 -33.40 -47.29 -56.02
N ASP F 47 -32.27 -47.62 -56.64
CA ASP F 47 -31.14 -46.71 -56.72
C ASP F 47 -31.53 -45.40 -57.39
N VAL F 48 -32.38 -45.49 -58.41
CA VAL F 48 -32.80 -44.31 -59.17
C VAL F 48 -33.56 -43.33 -58.28
N LEU F 49 -34.50 -43.85 -57.50
CA LEU F 49 -35.28 -43.02 -56.59
C LEU F 49 -34.44 -42.59 -55.40
N ALA F 50 -33.55 -43.47 -54.95
CA ALA F 50 -32.68 -43.17 -53.82
C ALA F 50 -31.71 -42.04 -54.16
N ALA F 51 -31.37 -41.92 -55.43
CA ALA F 51 -30.49 -40.85 -55.89
C ALA F 51 -31.16 -39.49 -55.75
N LEU F 52 -32.48 -39.50 -55.60
CA LEU F 52 -33.25 -38.27 -55.48
C LEU F 52 -33.37 -37.83 -54.03
N LYS F 53 -33.14 -36.55 -53.77
CA LYS F 53 -33.26 -36.00 -52.44
C LYS F 53 -34.72 -35.73 -52.08
N THR F 54 -35.12 -36.16 -50.90
CA THR F 54 -36.52 -36.05 -50.47
C THR F 54 -36.74 -34.80 -49.64
N LYS F 55 -37.99 -34.36 -49.55
CA LYS F 55 -38.37 -33.30 -48.63
C LYS F 55 -39.17 -33.83 -47.45
N LYS F 56 -39.01 -33.18 -46.29
CA LYS F 56 -39.56 -33.70 -45.05
C LYS F 56 -40.92 -33.08 -44.74
N ALA F 57 -41.74 -33.81 -44.02
CA ALA F 57 -43.01 -33.28 -43.52
C ALA F 57 -43.28 -33.72 -42.10
N SER F 58 -42.67 -33.03 -41.14
CA SER F 58 -42.74 -33.43 -39.74
C SER F 58 -44.18 -33.57 -39.27
N LYS F 59 -45.02 -32.62 -39.67
CA LYS F 59 -46.39 -32.57 -39.21
C LYS F 59 -47.05 -33.95 -39.31
N TYR F 60 -46.78 -34.65 -40.40
CA TYR F 60 -47.36 -35.98 -40.61
C TYR F 60 -46.30 -37.07 -40.49
N ASP F 61 -45.06 -36.65 -40.24
CA ASP F 61 -43.95 -37.59 -40.18
C ASP F 61 -43.79 -38.34 -41.50
N LEU F 62 -43.81 -37.61 -42.60
CA LEU F 62 -43.71 -38.21 -43.92
C LEU F 62 -42.66 -37.49 -44.77
N GLU F 63 -42.08 -38.22 -45.73
CA GLU F 63 -41.21 -37.61 -46.73
C GLU F 63 -41.76 -37.82 -48.13
N TYR F 64 -41.32 -36.97 -49.05
CA TYR F 64 -41.80 -37.03 -50.43
C TYR F 64 -40.75 -36.55 -51.40
N ALA F 65 -40.94 -36.84 -52.69
CA ALA F 65 -40.02 -36.41 -53.72
C ALA F 65 -40.67 -36.47 -55.10
N ASP F 66 -40.15 -35.66 -56.02
CA ASP F 66 -40.67 -35.64 -57.39
C ASP F 66 -40.04 -36.74 -58.23
N VAL F 67 -40.85 -37.37 -59.07
CA VAL F 67 -40.40 -38.47 -59.91
C VAL F 67 -40.22 -38.03 -61.36
N PRO F 68 -39.13 -38.46 -61.98
CA PRO F 68 -38.83 -38.09 -63.36
C PRO F 68 -40.01 -38.39 -64.27
N GLN F 69 -40.25 -37.49 -65.23
CA GLN F 69 -41.41 -37.61 -66.11
C GLN F 69 -41.47 -38.99 -66.75
N ASN F 70 -40.34 -39.47 -67.24
CA ASN F 70 -40.28 -40.77 -67.91
C ASN F 70 -40.74 -41.89 -66.99
N MET F 71 -40.50 -41.71 -65.69
CA MET F 71 -40.91 -42.70 -64.71
C MET F 71 -42.35 -42.49 -64.28
N ARG F 72 -42.88 -41.30 -64.56
CA ARG F 72 -44.26 -40.99 -64.26
C ARG F 72 -45.22 -41.76 -65.16
N ALA F 73 -44.67 -42.36 -66.21
CA ALA F 73 -45.48 -43.08 -67.19
C ALA F 73 -46.43 -44.05 -66.51
N ASP F 74 -45.99 -44.64 -65.40
CA ASP F 74 -46.77 -45.64 -64.69
C ASP F 74 -46.66 -45.46 -63.19
N THR F 75 -47.64 -44.79 -62.59
CA THR F 75 -47.68 -44.61 -61.15
C THR F 75 -49.06 -44.91 -60.59
N PHE F 76 -49.21 -44.81 -59.28
CA PHE F 76 -50.50 -45.02 -58.62
C PHE F 76 -51.46 -43.87 -58.89
N LYS F 77 -52.72 -44.21 -59.11
CA LYS F 77 -53.75 -43.19 -59.35
C LYS F 77 -54.66 -43.04 -58.14
N TYR F 78 -54.76 -41.82 -57.63
CA TYR F 78 -55.55 -41.55 -56.43
C TYR F 78 -56.97 -41.14 -56.79
N THR F 79 -57.92 -41.44 -55.92
CA THR F 79 -59.29 -40.99 -56.09
C THR F 79 -59.88 -40.50 -54.77
N HIS F 80 -60.92 -39.68 -54.86
CA HIS F 80 -61.57 -39.13 -53.68
C HIS F 80 -62.84 -39.89 -53.34
N GLU F 81 -63.23 -40.82 -54.22
CA GLU F 81 -64.44 -41.60 -54.03
C GLU F 81 -64.24 -42.67 -52.96
N LYS F 82 -64.64 -42.35 -51.74
CA LYS F 82 -64.37 -43.22 -50.60
C LYS F 82 -65.66 -43.60 -49.88
N PRO F 83 -66.48 -44.42 -50.54
CA PRO F 83 -67.75 -44.85 -49.97
C PRO F 83 -67.54 -45.93 -48.92
N GLN F 84 -68.55 -46.13 -48.08
CA GLN F 84 -68.53 -47.22 -47.10
C GLN F 84 -68.55 -48.58 -47.80
N GLY F 85 -67.93 -49.57 -47.17
CA GLY F 85 -67.82 -50.90 -47.76
C GLY F 85 -66.50 -51.56 -47.38
N TYR F 86 -65.94 -52.32 -48.32
CA TYR F 86 -64.65 -52.97 -48.09
C TYR F 86 -63.68 -52.64 -49.22
N TYR F 87 -62.41 -52.48 -48.86
CA TYR F 87 -61.36 -52.24 -49.85
C TYR F 87 -60.31 -53.34 -49.83
N SER F 88 -59.34 -53.24 -50.74
CA SER F 88 -58.33 -54.29 -50.89
C SER F 88 -56.94 -53.73 -50.65
N TRP F 89 -56.10 -54.50 -49.96
CA TRP F 89 -54.69 -54.17 -49.81
C TRP F 89 -53.83 -55.42 -49.66
N HIS F 90 -52.53 -55.22 -49.48
CA HIS F 90 -51.58 -56.32 -49.50
C HIS F 90 -52.00 -57.44 -48.54
N HIS F 91 -52.49 -57.04 -47.37
CA HIS F 91 -52.75 -58.00 -46.30
C HIS F 91 -54.22 -58.42 -46.29
N GLY F 92 -54.83 -58.43 -47.47
CA GLY F 92 -56.18 -58.96 -47.62
C GLY F 92 -57.20 -57.85 -47.85
N ALA F 93 -58.34 -57.96 -47.19
CA ALA F 93 -59.39 -56.95 -47.30
C ALA F 93 -59.34 -55.98 -46.12
N VAL F 94 -60.05 -54.86 -46.25
CA VAL F 94 -60.18 -53.91 -45.15
C VAL F 94 -61.58 -53.30 -45.12
N GLN F 95 -62.13 -53.14 -43.92
CA GLN F 95 -63.44 -52.53 -43.75
C GLN F 95 -63.33 -51.02 -43.58
N TYR F 96 -64.11 -50.28 -44.36
CA TYR F 96 -64.15 -48.83 -44.25
C TYR F 96 -65.47 -48.35 -43.65
N GLU F 97 -65.39 -47.72 -42.48
CA GLU F 97 -66.57 -47.30 -41.76
C GLU F 97 -66.25 -46.18 -40.78
N ASN F 98 -67.16 -45.20 -40.69
CA ASN F 98 -66.94 -44.04 -39.83
C ASN F 98 -65.76 -43.21 -40.32
N GLY F 99 -65.42 -43.36 -41.59
CA GLY F 99 -64.29 -42.64 -42.17
C GLY F 99 -62.97 -43.29 -41.77
N ARG F 100 -63.05 -44.45 -41.15
CA ARG F 100 -61.86 -45.13 -40.64
C ARG F 100 -61.73 -46.54 -41.20
N PHE F 101 -60.50 -47.01 -41.35
CA PHE F 101 -60.25 -48.36 -41.82
C PHE F 101 -59.98 -49.30 -40.67
N THR F 102 -60.61 -50.48 -40.71
CA THR F 102 -60.37 -51.51 -39.72
C THR F 102 -60.20 -52.88 -40.37
N VAL F 103 -59.35 -53.72 -39.78
CA VAL F 103 -59.09 -55.05 -40.31
C VAL F 103 -59.17 -56.10 -39.22
N PRO F 104 -59.36 -57.35 -39.62
CA PRO F 104 -59.39 -58.46 -38.68
C PRO F 104 -58.14 -58.47 -37.81
N LYS F 105 -58.31 -58.85 -36.54
CA LYS F 105 -57.20 -58.86 -35.60
C LYS F 105 -56.08 -59.78 -36.09
N GLY F 106 -54.84 -59.41 -35.77
CA GLY F 106 -53.68 -60.20 -36.16
C GLY F 106 -53.18 -59.80 -37.54
N VAL F 107 -53.79 -58.77 -38.12
CA VAL F 107 -53.43 -58.30 -39.45
C VAL F 107 -52.70 -56.97 -39.40
N GLY F 108 -51.46 -56.97 -39.87
CA GLY F 108 -50.66 -55.75 -39.91
C GLY F 108 -49.73 -55.67 -38.70
N ALA F 109 -48.51 -55.18 -38.92
CA ALA F 109 -47.54 -55.05 -37.85
C ALA F 109 -46.40 -54.10 -38.26
N LYS F 110 -45.52 -53.80 -37.31
CA LYS F 110 -44.42 -52.89 -37.55
C LYS F 110 -43.61 -53.31 -38.76
N GLY F 111 -43.45 -52.40 -39.72
CA GLY F 111 -42.68 -52.68 -40.93
C GLY F 111 -43.59 -52.76 -42.15
N ASP F 112 -44.89 -52.74 -41.92
CA ASP F 112 -45.87 -52.80 -43.00
C ASP F 112 -46.23 -51.41 -43.50
N SER F 113 -45.69 -50.39 -42.83
CA SER F 113 -45.98 -49.01 -43.20
C SER F 113 -45.69 -48.75 -44.67
N GLY F 114 -46.60 -48.05 -45.33
CA GLY F 114 -46.39 -47.63 -46.71
C GLY F 114 -47.36 -48.34 -47.65
N ARG F 115 -48.02 -49.38 -47.15
CA ARG F 115 -49.00 -50.13 -47.94
C ARG F 115 -50.25 -49.30 -48.17
N PRO F 116 -50.56 -49.05 -49.44
CA PRO F 116 -51.73 -48.26 -49.79
C PRO F 116 -53.01 -49.08 -49.73
N ILE F 117 -54.15 -48.41 -49.77
CA ILE F 117 -55.44 -49.07 -49.85
C ILE F 117 -56.13 -48.79 -51.18
N LEU F 118 -56.50 -49.85 -51.89
CA LEU F 118 -57.04 -49.72 -53.24
C LEU F 118 -58.51 -50.08 -53.28
N ASP F 119 -59.26 -49.43 -54.17
CA ASP F 119 -60.66 -49.75 -54.38
C ASP F 119 -60.83 -50.79 -55.49
N ASN F 120 -62.07 -50.99 -55.91
CA ASN F 120 -62.37 -51.98 -56.94
C ASN F 120 -61.73 -51.61 -58.27
N GLN F 121 -61.44 -50.31 -58.43
CA GLN F 121 -60.84 -49.82 -59.67
C GLN F 121 -59.32 -49.79 -59.58
N GLY F 122 -58.80 -50.21 -58.42
CA GLY F 122 -57.35 -50.24 -58.20
C GLY F 122 -56.82 -48.84 -57.90
N ARG F 123 -57.72 -47.93 -57.53
CA ARG F 123 -57.34 -46.56 -57.20
C ARG F 123 -57.01 -46.42 -55.73
N VAL F 124 -56.04 -45.57 -55.42
CA VAL F 124 -55.64 -45.32 -54.04
C VAL F 124 -56.64 -44.41 -53.34
N VAL F 125 -57.06 -44.80 -52.14
CA VAL F 125 -57.98 -43.99 -51.34
C VAL F 125 -57.34 -43.57 -50.02
N ALA F 126 -56.30 -44.29 -49.62
CA ALA F 126 -55.62 -44.02 -48.35
C ALA F 126 -54.30 -44.76 -48.27
N ILE F 127 -53.44 -44.32 -47.35
CA ILE F 127 -52.18 -45.00 -47.10
C ILE F 127 -52.03 -45.37 -45.63
N VAL F 128 -51.70 -46.63 -45.37
CA VAL F 128 -51.58 -47.13 -44.00
C VAL F 128 -50.21 -46.81 -43.41
N LEU F 129 -50.22 -46.17 -42.25
CA LEU F 129 -48.97 -45.82 -41.58
C LEU F 129 -48.81 -46.62 -40.29
N GLY F 130 -49.93 -46.93 -39.63
CA GLY F 130 -49.90 -47.71 -38.41
C GLY F 130 -51.30 -48.22 -38.06
N GLY F 131 -51.48 -48.61 -36.81
CA GLY F 131 -52.77 -49.10 -36.33
C GLY F 131 -52.71 -49.48 -34.86
N VAL F 132 -53.85 -49.90 -34.32
CA VAL F 132 -53.92 -50.33 -32.93
C VAL F 132 -55.02 -51.36 -32.72
N ASN F 133 -54.73 -52.36 -31.90
CA ASN F 133 -55.66 -53.46 -31.66
C ASN F 133 -56.97 -52.95 -31.06
N GLU F 134 -58.09 -53.33 -31.69
CA GLU F 134 -59.40 -53.00 -31.17
C GLU F 134 -60.29 -54.23 -31.12
N GLY F 135 -59.92 -55.19 -30.28
CA GLY F 135 -60.74 -56.39 -30.07
C GLY F 135 -60.66 -57.33 -31.26
N SER F 136 -61.82 -57.68 -31.81
CA SER F 136 -61.89 -58.62 -32.91
C SER F 136 -61.23 -58.06 -34.17
N ARG F 137 -61.04 -56.74 -34.19
CA ARG F 137 -60.41 -56.08 -35.32
C ARG F 137 -59.31 -55.13 -34.85
N THR F 138 -58.68 -54.46 -35.80
CA THR F 138 -57.69 -53.42 -35.48
C THR F 138 -58.00 -52.12 -36.21
N ALA F 139 -57.80 -51.00 -35.52
CA ALA F 139 -58.05 -49.69 -36.11
C ALA F 139 -56.76 -49.11 -36.69
N LEU F 140 -56.80 -48.75 -37.97
CA LEU F 140 -55.60 -48.35 -38.69
C LEU F 140 -55.38 -46.85 -38.59
N SER F 141 -54.12 -46.45 -38.40
CA SER F 141 -53.72 -45.06 -38.57
C SER F 141 -53.32 -44.78 -40.01
N VAL F 142 -54.09 -43.92 -40.68
CA VAL F 142 -53.98 -43.75 -42.12
C VAL F 142 -53.96 -42.28 -42.51
N VAL F 143 -53.54 -42.00 -43.74
CA VAL F 143 -53.71 -40.67 -44.32
C VAL F 143 -54.56 -40.74 -45.60
N MET F 144 -55.52 -39.84 -45.71
CA MET F 144 -56.37 -39.76 -46.89
C MET F 144 -56.66 -38.31 -47.26
N TRP F 145 -57.12 -38.10 -48.49
CA TRP F 145 -57.32 -36.76 -49.02
C TRP F 145 -58.74 -36.59 -49.54
N ASN F 146 -59.39 -35.51 -49.11
CA ASN F 146 -60.77 -35.24 -49.51
C ASN F 146 -60.82 -34.52 -50.85
N GLU F 147 -62.03 -34.29 -51.34
CA GLU F 147 -62.21 -33.65 -52.64
C GLU F 147 -61.68 -32.23 -52.64
N LYS F 148 -61.42 -31.70 -51.44
CA LYS F 148 -60.88 -30.36 -51.29
C LYS F 148 -59.35 -30.38 -51.40
N GLY F 149 -58.79 -31.57 -51.52
CA GLY F 149 -57.35 -31.72 -51.69
C GLY F 149 -56.62 -31.59 -50.36
N VAL F 150 -57.35 -31.81 -49.27
CA VAL F 150 -56.79 -31.63 -47.93
C VAL F 150 -56.17 -32.93 -47.42
N THR F 151 -54.94 -32.82 -46.93
CA THR F 151 -54.26 -33.96 -46.32
C THR F 151 -54.78 -34.21 -44.90
N VAL F 152 -55.40 -35.36 -44.69
CA VAL F 152 -56.01 -35.68 -43.41
C VAL F 152 -55.44 -36.97 -42.83
N LYS F 153 -54.91 -36.90 -41.62
CA LYS F 153 -54.33 -38.06 -40.97
C LYS F 153 -55.18 -38.53 -39.81
N TYR F 154 -55.69 -39.76 -39.91
CA TYR F 154 -56.48 -40.34 -38.84
C TYR F 154 -55.64 -41.27 -37.98
N THR F 155 -55.43 -40.88 -36.73
CA THR F 155 -54.57 -41.63 -35.82
C THR F 155 -55.26 -41.89 -34.49
N PRO F 156 -55.59 -43.15 -34.23
CA PRO F 156 -56.13 -43.55 -32.93
C PRO F 156 -55.19 -43.14 -31.79
N GLU F 157 -55.76 -42.88 -30.63
CA GLU F 157 -54.98 -42.50 -29.45
C GLU F 157 -53.97 -43.59 -29.11
N ASN F 158 -52.69 -43.22 -29.08
CA ASN F 158 -51.63 -44.14 -28.72
C ASN F 158 -51.53 -45.30 -29.70
N CYS F 159 -51.79 -45.00 -30.98
CA CYS F 159 -51.66 -46.00 -32.04
C CYS F 159 -50.20 -46.40 -32.23
N GLU F 160 -49.97 -47.68 -32.50
CA GLU F 160 -48.63 -48.20 -32.68
C GLU F 160 -48.19 -48.13 -34.13
N GLN F 161 -46.91 -47.84 -34.34
CA GLN F 161 -46.35 -47.79 -35.69
C GLN F 161 -46.30 -49.17 -36.32
N TRP F 162 -47.24 -49.45 -37.23
CA TRP F 162 -47.30 -50.72 -37.92
C TRP F 162 -46.78 -50.59 -39.35
N TYR G 1 51.64 -45.55 20.29
CA TYR G 1 50.50 -45.59 19.39
C TYR G 1 50.38 -44.30 18.59
N GLU G 2 50.15 -44.43 17.29
CA GLU G 2 49.91 -43.27 16.44
C GLU G 2 48.42 -43.09 16.16
N HIS G 3 47.84 -42.04 16.74
CA HIS G 3 46.43 -41.74 16.53
C HIS G 3 46.22 -40.79 15.36
N ALA G 4 45.37 -41.19 14.43
CA ALA G 4 45.05 -40.36 13.27
C ALA G 4 43.62 -39.83 13.35
N THR G 5 43.46 -38.55 13.03
CA THR G 5 42.14 -37.92 13.03
C THR G 5 42.10 -36.73 12.09
N THR G 6 40.98 -36.02 12.09
CA THR G 6 40.82 -34.82 11.28
C THR G 6 40.19 -33.68 12.08
N MET G 7 40.82 -32.52 12.05
CA MET G 7 40.30 -31.35 12.75
C MET G 7 39.72 -30.34 11.77
N PRO G 8 38.41 -30.15 11.85
CA PRO G 8 37.73 -29.11 11.08
C PRO G 8 38.36 -27.74 11.34
N SER G 9 38.38 -26.90 10.32
CA SER G 9 39.01 -25.59 10.41
C SER G 9 38.09 -24.58 11.09
N GLN G 10 38.09 -24.58 12.42
CA GLN G 10 37.36 -23.57 13.18
C GLN G 10 38.01 -23.35 14.55
N ALA G 11 38.51 -22.13 14.75
CA ALA G 11 39.16 -21.78 16.02
C ALA G 11 38.12 -21.47 17.10
N GLY G 12 38.51 -21.67 18.36
CA GLY G 12 37.62 -21.42 19.48
C GLY G 12 36.78 -22.64 19.80
N ILE G 13 36.93 -23.69 19.00
CA ILE G 13 36.21 -24.94 19.23
C ILE G 13 37.13 -26.01 19.79
N SER G 14 36.73 -26.58 20.92
CA SER G 14 37.51 -27.63 21.57
C SER G 14 37.31 -28.97 20.88
N TYR G 15 38.41 -29.60 20.49
CA TYR G 15 38.37 -30.92 19.87
C TYR G 15 39.04 -31.97 20.75
N ASN G 16 38.24 -32.92 21.24
CA ASN G 16 38.73 -33.90 22.20
C ASN G 16 38.83 -35.29 21.58
N THR G 17 39.83 -36.04 21.99
CA THR G 17 39.98 -37.43 21.55
C THR G 17 40.63 -38.28 22.62
N ILE G 18 40.33 -39.58 22.62
CA ILE G 18 40.85 -40.50 23.62
C ILE G 18 41.52 -41.70 22.97
N VAL G 19 42.69 -42.06 23.48
CA VAL G 19 43.43 -43.20 22.95
C VAL G 19 43.29 -44.43 23.84
N ASN G 20 42.64 -45.46 23.31
CA ASN G 20 42.51 -46.73 24.03
C ASN G 20 43.26 -47.84 23.32
N ARG G 21 44.48 -48.12 23.78
CA ARG G 21 45.39 -49.01 23.06
C ARG G 21 45.67 -50.28 23.85
N ALA G 22 45.15 -51.40 23.37
CA ALA G 22 45.49 -52.70 23.92
C ALA G 22 45.25 -52.73 25.43
N GLY G 23 46.32 -52.95 26.18
CA GLY G 23 46.22 -53.18 27.62
C GLY G 23 46.38 -51.87 28.39
N TYR G 24 46.42 -50.76 27.67
CA TYR G 24 46.50 -49.44 28.29
C TYR G 24 45.12 -48.81 28.40
N ALA G 25 44.90 -48.08 29.49
CA ALA G 25 43.62 -47.41 29.71
C ALA G 25 43.47 -46.20 28.80
N PRO G 26 42.22 -45.81 28.55
CA PRO G 26 41.94 -44.68 27.68
C PRO G 26 42.66 -43.42 28.14
N LEU G 27 43.48 -42.86 27.28
CA LEU G 27 44.18 -41.61 27.58
C LEU G 27 43.43 -40.40 27.02
N PRO G 28 42.93 -39.56 27.93
CA PRO G 28 42.19 -38.36 27.53
C PRO G 28 43.13 -37.32 26.91
N ILE G 29 42.77 -36.85 25.73
CA ILE G 29 43.53 -35.80 25.06
C ILE G 29 42.61 -34.66 24.63
N SER G 30 42.95 -33.44 25.07
CA SER G 30 42.14 -32.27 24.76
C SER G 30 42.94 -31.25 23.96
N ILE G 31 42.50 -30.96 22.74
CA ILE G 31 43.18 -30.02 21.87
C ILE G 31 42.23 -28.93 21.39
N THR G 32 42.59 -27.68 21.67
CA THR G 32 41.78 -26.54 21.24
C THR G 32 42.62 -25.54 20.43
N PRO G 33 42.34 -25.47 19.14
CA PRO G 33 42.92 -24.42 18.30
C PRO G 33 42.38 -23.06 18.67
N THR G 34 43.28 -22.12 18.99
CA THR G 34 42.90 -20.83 19.54
C THR G 34 43.04 -19.73 18.50
N LYS G 35 43.83 -19.99 17.47
CA LYS G 35 44.16 -18.98 16.47
C LYS G 35 44.63 -19.62 15.17
N ILE G 36 44.12 -19.11 14.05
CA ILE G 36 44.55 -19.58 12.74
C ILE G 36 45.03 -18.42 11.87
N LYS G 37 46.31 -18.43 11.54
CA LYS G 37 46.93 -17.36 10.77
C LYS G 37 47.20 -17.79 9.34
N LEU G 38 46.51 -17.17 8.39
CA LEU G 38 46.74 -17.43 6.97
C LEU G 38 47.48 -16.27 6.32
N ILE G 39 48.74 -16.49 5.95
CA ILE G 39 49.56 -15.45 5.36
C ILE G 39 50.06 -15.87 3.97
N PRO G 40 49.64 -15.12 2.96
CA PRO G 40 50.04 -15.42 1.59
C PRO G 40 51.49 -15.00 1.33
N THR G 41 52.06 -15.49 0.25
CA THR G 41 53.34 -15.00 -0.24
C THR G 41 53.16 -13.82 -1.17
N VAL G 42 53.67 -12.66 -0.76
CA VAL G 42 53.30 -11.39 -1.37
C VAL G 42 54.50 -10.70 -1.99
N ASN G 43 54.35 -10.24 -3.23
CA ASN G 43 55.39 -9.49 -3.91
C ASN G 43 54.88 -8.13 -4.37
N LEU G 44 55.65 -7.08 -4.07
CA LEU G 44 55.32 -5.73 -4.53
C LEU G 44 55.56 -5.60 -6.03
N GLU G 45 54.53 -5.14 -6.74
CA GLU G 45 54.66 -4.89 -8.17
C GLU G 45 54.99 -3.43 -8.43
N TYR G 46 54.23 -2.52 -7.84
CA TYR G 46 54.50 -1.09 -7.93
C TYR G 46 53.63 -0.30 -6.96
N VAL G 47 53.92 0.98 -6.82
CA VAL G 47 53.15 1.87 -5.96
C VAL G 47 52.57 3.04 -6.76
N THR G 48 51.54 3.67 -6.21
CA THR G 48 50.88 4.79 -6.87
C THR G 48 50.34 5.79 -5.86
N CYS G 49 50.26 7.05 -6.26
CA CYS G 49 49.83 8.12 -5.37
C CYS G 49 49.61 9.42 -6.14
N HIS G 50 49.27 10.48 -5.41
CA HIS G 50 49.06 11.79 -6.02
C HIS G 50 50.35 12.32 -6.63
N TYR G 51 50.21 13.27 -7.54
CA TYR G 51 51.34 13.75 -8.32
C TYR G 51 51.28 15.27 -8.50
N LYS G 52 52.40 15.85 -8.92
CA LYS G 52 52.47 17.28 -9.20
C LYS G 52 53.01 17.55 -10.60
N THR G 53 52.41 18.50 -11.29
CA THR G 53 52.86 18.90 -12.61
C THR G 53 53.95 19.96 -12.51
N GLY G 54 55.21 19.54 -12.68
CA GLY G 54 56.34 20.46 -12.64
C GLY G 54 56.36 21.37 -13.85
N MET G 55 56.35 22.68 -13.61
CA MET G 55 56.33 23.66 -14.69
C MET G 55 57.49 24.63 -14.57
N ASP G 56 58.30 24.71 -15.62
CA ASP G 56 59.48 25.58 -15.61
C ASP G 56 59.11 27.02 -15.90
N SER G 57 60.05 27.93 -15.65
CA SER G 57 59.85 29.34 -15.96
C SER G 57 59.82 29.58 -17.46
N PRO G 58 58.88 30.39 -17.90
CA PRO G 58 58.71 30.67 -19.33
C PRO G 58 60.00 31.18 -19.94
N ALA G 59 60.37 30.61 -21.09
CA ALA G 59 61.48 31.12 -21.88
C ALA G 59 61.02 32.17 -22.87
N ILE G 60 61.07 33.44 -22.46
CA ILE G 60 60.57 34.53 -23.27
C ILE G 60 61.71 35.29 -23.94
N LYS G 61 61.77 35.22 -25.27
CA LYS G 61 62.70 36.03 -26.04
C LYS G 61 62.00 37.18 -26.74
N CYS G 62 62.34 38.41 -26.34
CA CYS G 62 61.73 39.60 -26.94
C CYS G 62 62.45 40.00 -28.22
N CYS G 63 61.68 40.22 -29.28
CA CYS G 63 62.24 40.60 -30.57
C CYS G 63 63.21 39.53 -31.07
N GLY G 64 62.84 38.27 -30.90
CA GLY G 64 63.72 37.16 -31.23
C GLY G 64 63.02 35.82 -31.06
N SER G 65 63.79 34.74 -30.99
CA SER G 65 63.24 33.40 -30.92
C SER G 65 64.09 32.50 -30.03
N GLN G 66 63.42 31.68 -29.23
CA GLN G 66 64.11 30.69 -28.39
C GLN G 66 64.21 29.35 -29.12
N GLU G 67 65.13 28.51 -28.66
CA GLU G 67 65.27 27.17 -29.18
C GLU G 67 65.11 26.13 -28.07
N CYS G 68 64.35 25.08 -28.35
CA CYS G 68 64.04 24.05 -27.37
C CYS G 68 65.17 23.03 -27.28
N THR G 69 65.34 22.43 -26.10
CA THR G 69 66.38 21.44 -25.89
C THR G 69 65.83 20.20 -25.20
N PRO G 70 66.52 19.07 -25.36
CA PRO G 70 66.10 17.82 -24.78
C PRO G 70 66.01 17.91 -23.26
N THR G 71 64.93 17.39 -22.69
CA THR G 71 64.79 17.32 -21.24
C THR G 71 64.35 15.94 -20.80
N TYR G 72 64.98 15.42 -19.75
CA TYR G 72 64.75 14.06 -19.31
C TYR G 72 63.83 14.02 -18.09
N ARG G 73 62.53 14.18 -18.34
CA ARG G 73 61.54 14.11 -17.28
C ARG G 73 60.36 13.25 -17.68
N PRO G 74 59.73 12.60 -16.70
CA PRO G 74 58.56 11.78 -16.95
C PRO G 74 57.44 12.59 -17.57
N ASP G 75 56.85 12.06 -18.64
CA ASP G 75 55.77 12.75 -19.35
C ASP G 75 56.11 14.22 -19.57
N GLU G 76 57.34 14.48 -20.00
CA GLU G 76 57.80 15.84 -20.23
C GLU G 76 57.32 16.37 -21.58
N GLN G 77 56.63 17.50 -21.55
CA GLN G 77 56.16 18.14 -22.78
C GLN G 77 56.66 19.58 -22.88
N CYS G 78 56.96 20.01 -24.09
CA CYS G 78 57.44 21.37 -24.33
C CYS G 78 57.03 21.87 -25.70
N LYS G 79 56.54 23.10 -25.76
CA LYS G 79 55.99 23.66 -26.99
C LYS G 79 56.22 25.17 -27.07
N VAL G 80 56.46 25.67 -28.27
CA VAL G 80 56.76 27.08 -28.47
C VAL G 80 55.54 27.83 -29.01
N PHE G 81 55.27 28.99 -28.43
CA PHE G 81 54.24 29.89 -28.95
C PHE G 81 54.81 31.27 -29.25
N THR G 82 54.50 31.78 -30.43
CA THR G 82 55.07 33.05 -30.89
C THR G 82 53.98 34.09 -31.12
N GLY G 83 54.39 35.35 -31.18
CA GLY G 83 53.46 36.45 -31.39
C GLY G 83 52.77 36.83 -30.08
N VAL G 84 53.55 36.89 -29.00
CA VAL G 84 53.01 37.20 -27.69
C VAL G 84 53.64 38.45 -27.10
N TYR G 85 52.88 39.18 -26.30
CA TYR G 85 53.36 40.40 -25.67
C TYR G 85 52.87 40.52 -24.23
N PRO G 86 53.54 39.80 -23.32
CA PRO G 86 53.08 39.70 -21.94
C PRO G 86 53.28 41.02 -21.20
N PHE G 87 52.38 41.31 -20.26
CA PHE G 87 52.51 42.51 -19.45
C PHE G 87 52.85 42.16 -18.01
N MET G 88 53.57 43.06 -17.34
CA MET G 88 53.89 42.88 -15.93
C MET G 88 53.50 44.11 -15.12
N TRP G 89 53.59 44.00 -13.80
CA TRP G 89 53.29 45.11 -12.91
C TRP G 89 54.13 46.34 -13.25
N GLY G 90 55.33 46.09 -13.76
CA GLY G 90 56.26 47.17 -14.07
C GLY G 90 56.07 47.67 -15.50
N GLY G 91 55.04 47.16 -16.17
CA GLY G 91 54.73 47.57 -17.53
C GLY G 91 54.92 46.40 -18.50
N ALA G 92 54.69 46.67 -19.78
CA ALA G 92 54.88 45.66 -20.82
C ALA G 92 56.30 45.10 -20.80
N TYR G 93 56.41 43.78 -20.77
CA TYR G 93 57.70 43.12 -20.65
C TYR G 93 58.58 43.41 -21.87
N CYS G 94 58.03 43.19 -23.05
CA CYS G 94 58.78 43.34 -24.29
C CYS G 94 58.30 44.54 -25.09
N PHE G 95 59.24 45.29 -25.65
CA PHE G 95 58.90 46.43 -26.52
C PHE G 95 58.16 45.95 -27.76
N CYS G 96 58.75 44.99 -28.48
CA CYS G 96 58.19 44.52 -29.74
C CYS G 96 56.83 43.87 -29.54
N ASP G 97 55.95 44.03 -30.52
CA ASP G 97 54.66 43.36 -30.51
C ASP G 97 54.69 42.08 -31.34
N THR G 98 55.60 42.04 -32.31
CA THR G 98 55.77 40.86 -33.14
C THR G 98 57.19 40.31 -33.02
N GLU G 99 57.45 39.18 -33.69
CA GLU G 99 58.74 38.52 -33.60
C GLU G 99 59.10 38.21 -32.15
N ASN G 100 58.10 37.86 -31.36
CA ASN G 100 58.32 37.43 -29.98
C ASN G 100 58.08 35.94 -29.82
N THR G 101 58.89 35.29 -29.00
CA THR G 101 58.82 33.85 -28.81
C THR G 101 58.74 33.48 -27.34
N GLN G 102 57.79 32.61 -27.01
CA GLN G 102 57.66 32.11 -25.64
C GLN G 102 57.57 30.59 -25.62
N VAL G 103 58.63 29.95 -25.11
CA VAL G 103 58.67 28.49 -25.02
C VAL G 103 58.24 28.02 -23.64
N SER G 104 57.27 27.11 -23.61
CA SER G 104 56.77 26.56 -22.35
C SER G 104 57.18 25.10 -22.19
N LYS G 105 57.68 24.76 -21.00
CA LYS G 105 58.12 23.40 -20.72
C LYS G 105 57.56 22.91 -19.40
N ALA G 106 57.05 21.68 -19.40
CA ALA G 106 56.44 21.10 -18.20
C ALA G 106 56.61 19.59 -18.18
N TYR G 107 56.53 19.00 -16.99
CA TYR G 107 56.68 17.56 -16.83
C TYR G 107 55.88 17.05 -15.63
N VAL G 108 55.70 15.74 -15.56
CA VAL G 108 54.94 15.12 -14.48
C VAL G 108 55.86 14.41 -13.50
N MET G 109 55.65 14.66 -12.21
CA MET G 109 56.44 14.01 -11.17
C MET G 109 55.56 13.61 -9.99
N LYS G 110 56.01 12.60 -9.25
CA LYS G 110 55.29 12.16 -8.06
C LYS G 110 55.29 13.24 -6.99
N SER G 111 54.22 13.29 -6.20
CA SER G 111 54.13 14.21 -5.08
C SER G 111 55.08 13.80 -3.96
N ASP G 112 55.69 14.79 -3.31
CA ASP G 112 56.53 14.54 -2.15
C ASP G 112 55.72 14.00 -0.97
N ASP G 113 54.40 14.16 -1.05
CA ASP G 113 53.51 13.62 -0.03
C ASP G 113 53.32 12.12 -0.19
N CYS G 114 53.70 11.60 -1.36
CA CYS G 114 53.52 10.19 -1.66
C CYS G 114 54.23 9.31 -0.65
N LEU G 115 55.34 9.81 -0.13
CA LEU G 115 56.15 9.04 0.81
C LEU G 115 55.30 8.48 1.95
N ALA G 116 54.40 9.31 2.46
CA ALA G 116 53.49 8.88 3.52
C ALA G 116 52.16 8.40 2.94
N ASP G 117 51.68 9.10 1.92
CA ASP G 117 50.36 8.84 1.37
C ASP G 117 50.44 8.20 -0.01
N HIS G 118 50.36 6.88 -0.05
CA HIS G 118 50.39 6.15 -1.31
C HIS G 118 49.72 4.79 -1.17
N ALA G 119 49.32 4.21 -2.31
CA ALA G 119 48.84 2.84 -2.33
C ALA G 119 49.90 1.90 -2.90
N GLU G 120 49.92 0.66 -2.40
CA GLU G 120 50.91 -0.31 -2.81
C GLU G 120 50.26 -1.52 -3.48
N ALA G 121 50.64 -1.77 -4.72
CA ALA G 121 50.05 -2.85 -5.50
C ALA G 121 50.86 -4.13 -5.38
N TYR G 122 50.22 -5.18 -4.88
CA TYR G 122 50.89 -6.45 -4.66
C TYR G 122 50.29 -7.55 -5.53
N LYS G 123 51.07 -8.59 -5.81
CA LYS G 123 50.54 -9.86 -6.26
C LYS G 123 50.89 -10.98 -5.30
N ALA G 124 49.91 -11.82 -4.98
CA ALA G 124 50.05 -12.82 -3.93
C ALA G 124 49.86 -14.23 -4.48
N HIS G 125 50.54 -15.19 -3.88
CA HIS G 125 50.42 -16.59 -4.28
C HIS G 125 50.86 -17.52 -3.16
N THR G 126 50.62 -18.82 -3.36
CA THR G 126 51.09 -19.83 -2.42
C THR G 126 51.05 -19.31 -0.98
N ALA G 127 49.89 -19.44 -0.35
CA ALA G 127 49.70 -19.00 1.02
C ALA G 127 49.99 -20.14 2.00
N SER G 128 50.51 -19.77 3.17
CA SER G 128 50.77 -20.75 4.22
C SER G 128 50.00 -20.41 5.49
N VAL G 129 49.56 -21.44 6.21
CA VAL G 129 48.79 -21.24 7.43
C VAL G 129 49.58 -21.72 8.65
N GLN G 130 49.63 -20.89 9.68
CA GLN G 130 50.21 -21.28 10.97
C GLN G 130 49.17 -21.26 12.08
N ALA G 131 49.09 -22.35 12.83
CA ALA G 131 48.03 -22.53 13.82
C ALA G 131 48.59 -22.50 15.23
N PHE G 132 47.79 -21.99 16.16
CA PHE G 132 48.18 -21.94 17.56
C PHE G 132 47.29 -22.82 18.42
N LEU G 133 47.78 -24.01 18.76
CA LEU G 133 46.96 -25.02 19.42
C LEU G 133 47.32 -25.11 20.91
N ASN G 134 46.30 -25.16 21.75
CA ASN G 134 46.47 -25.57 23.15
C ASN G 134 46.27 -27.08 23.30
N ILE G 135 47.36 -27.79 23.55
CA ILE G 135 47.34 -29.25 23.52
C ILE G 135 47.66 -29.82 24.91
N THR G 136 46.73 -30.60 25.45
CA THR G 136 46.96 -31.30 26.70
C THR G 136 46.85 -32.81 26.52
N VAL G 137 47.96 -33.50 26.72
CA VAL G 137 47.99 -34.95 26.56
C VAL G 137 48.31 -35.65 27.88
N GLY G 138 47.26 -36.18 28.52
CA GLY G 138 47.41 -36.82 29.82
C GLY G 138 47.94 -35.84 30.87
N GLU G 139 47.28 -34.69 30.97
CA GLU G 139 47.70 -33.65 31.89
C GLU G 139 49.11 -33.15 31.57
N HIS G 140 49.40 -33.03 30.28
CA HIS G 140 50.62 -32.38 29.83
C HIS G 140 50.31 -31.21 28.91
N SER G 141 50.13 -30.04 29.50
CA SER G 141 49.66 -28.86 28.76
C SER G 141 50.81 -28.17 28.04
N ILE G 142 50.65 -27.99 26.73
CA ILE G 142 51.64 -27.27 25.94
C ILE G 142 50.96 -26.29 24.98
N VAL G 143 51.73 -25.30 24.53
CA VAL G 143 51.26 -24.38 23.49
C VAL G 143 52.07 -24.57 22.20
N THR G 144 51.42 -25.10 21.17
CA THR G 144 52.12 -25.47 19.94
C THR G 144 51.87 -24.45 18.84
N THR G 145 52.96 -23.86 18.35
CA THR G 145 52.88 -22.99 17.18
C THR G 145 53.55 -23.64 15.97
N VAL G 146 52.76 -24.03 14.99
CA VAL G 146 53.24 -24.84 13.87
C VAL G 146 52.44 -24.58 12.61
N TYR G 147 53.09 -24.65 11.46
CA TYR G 147 52.42 -24.50 10.17
C TYR G 147 51.57 -25.71 9.85
N VAL G 148 50.70 -25.57 8.86
CA VAL G 148 49.76 -26.64 8.50
C VAL G 148 50.36 -27.56 7.44
N ASN G 149 51.67 -27.49 7.29
CA ASN G 149 52.38 -28.39 6.36
C ASN G 149 52.86 -29.64 7.07
N GLY G 150 52.55 -30.80 6.50
CA GLY G 150 52.91 -32.08 7.11
C GLY G 150 54.37 -32.42 6.86
N GLU G 151 55.07 -31.53 6.16
CA GLU G 151 56.49 -31.73 5.86
C GLU G 151 57.34 -31.65 7.13
N THR G 152 56.90 -30.83 8.08
CA THR G 152 57.67 -30.59 9.29
C THR G 152 56.84 -30.88 10.53
N PRO G 153 57.03 -32.06 11.10
CA PRO G 153 56.35 -32.44 12.34
C PRO G 153 56.98 -31.74 13.54
N VAL G 154 56.26 -31.71 14.65
CA VAL G 154 56.76 -31.11 15.89
C VAL G 154 56.68 -32.09 17.05
N ASN G 155 57.73 -32.15 17.84
CA ASN G 155 57.83 -33.13 18.92
C ASN G 155 57.89 -32.46 20.29
N PHE G 156 56.86 -32.65 21.09
CA PHE G 156 56.82 -32.11 22.44
C PHE G 156 56.60 -33.21 23.47
N ASN G 157 57.44 -33.24 24.49
CA ASN G 157 57.29 -34.18 25.59
C ASN G 157 57.27 -35.62 25.09
N GLY G 158 58.04 -35.89 24.04
CA GLY G 158 58.17 -37.24 23.50
C GLY G 158 57.05 -37.55 22.52
N VAL G 159 56.11 -36.62 22.38
CA VAL G 159 54.97 -36.80 21.48
C VAL G 159 55.21 -36.16 20.13
N LYS G 160 55.29 -36.98 19.09
CA LYS G 160 55.54 -36.49 17.74
C LYS G 160 54.25 -36.22 16.99
N ILE G 161 53.97 -34.95 16.75
CA ILE G 161 52.71 -34.54 16.15
C ILE G 161 52.91 -34.08 14.70
N THR G 162 52.17 -34.70 13.78
CA THR G 162 52.17 -34.26 12.39
C THR G 162 50.88 -33.54 12.04
N ALA G 163 51.00 -32.30 11.56
CA ALA G 163 49.85 -31.51 11.19
C ALA G 163 49.79 -31.27 9.68
N GLY G 164 48.66 -31.60 9.08
CA GLY G 164 48.48 -31.40 7.65
C GLY G 164 49.00 -32.59 6.85
N PRO G 165 49.27 -32.37 5.57
CA PRO G 165 49.12 -31.03 4.97
C PRO G 165 47.66 -30.61 4.95
N LEU G 166 47.43 -29.32 5.14
CA LEU G 166 46.08 -28.77 5.08
C LEU G 166 45.34 -29.24 3.83
N SER G 167 44.11 -29.70 4.01
CA SER G 167 43.36 -30.35 2.94
C SER G 167 42.75 -29.32 2.01
N THR G 168 42.65 -28.08 2.48
CA THR G 168 42.03 -27.01 1.70
C THR G 168 43.08 -26.03 1.21
N ALA G 169 43.17 -25.86 -0.11
CA ALA G 169 44.17 -25.00 -0.71
C ALA G 169 43.61 -23.60 -0.96
N TRP G 170 42.30 -23.46 -0.79
CA TRP G 170 41.62 -22.19 -1.06
C TRP G 170 42.16 -21.08 -0.18
N THR G 171 42.29 -19.89 -0.75
CA THR G 171 42.70 -18.71 0.01
C THR G 171 41.70 -17.58 -0.15
N PRO G 172 41.56 -16.76 0.89
CA PRO G 172 40.65 -15.62 0.85
C PRO G 172 41.19 -14.49 -0.01
N PHE G 173 42.51 -14.52 -0.25
CA PHE G 173 43.17 -13.46 -1.00
C PHE G 173 43.18 -13.77 -2.50
N ASP G 174 43.00 -12.73 -3.31
CA ASP G 174 43.04 -12.88 -4.75
C ASP G 174 44.46 -12.71 -5.29
N ARG G 175 44.65 -13.03 -6.56
CA ARG G 175 45.97 -12.92 -7.19
C ARG G 175 46.51 -11.51 -7.10
N LYS G 176 45.66 -10.53 -7.40
CA LYS G 176 46.03 -9.13 -7.32
C LYS G 176 45.47 -8.48 -6.06
N ILE G 177 46.31 -7.72 -5.37
CA ILE G 177 45.89 -7.04 -4.15
C ILE G 177 46.33 -5.57 -4.15
N VAL G 178 45.45 -4.70 -3.69
CA VAL G 178 45.79 -3.29 -3.54
C VAL G 178 45.67 -2.85 -2.08
N GLN G 179 46.79 -2.45 -1.49
CA GLN G 179 46.81 -1.97 -0.12
C GLN G 179 47.07 -0.47 -0.07
N TYR G 180 46.01 0.29 0.21
CA TYR G 180 46.12 1.75 0.31
C TYR G 180 46.26 2.20 1.76
N ALA G 181 47.46 2.57 2.15
CA ALA G 181 47.74 2.98 3.52
C ALA G 181 47.26 1.94 4.52
N GLY G 182 47.53 0.67 4.22
CA GLY G 182 47.19 -0.42 5.11
C GLY G 182 45.79 -0.95 4.85
N GLU G 183 45.08 -0.29 3.94
CA GLU G 183 43.72 -0.68 3.60
C GLU G 183 43.69 -1.60 2.38
N ILE G 184 43.31 -2.85 2.59
CA ILE G 184 43.47 -3.88 1.56
C ILE G 184 42.18 -4.03 0.75
N TYR G 185 42.31 -3.94 -0.58
CA TYR G 185 41.15 -4.05 -1.47
C TYR G 185 41.39 -5.09 -2.55
N ASN G 186 40.33 -5.77 -2.96
CA ASN G 186 40.38 -6.64 -4.12
C ASN G 186 40.13 -5.88 -5.41
N TYR G 187 41.20 -5.51 -6.10
CA TYR G 187 41.11 -4.70 -7.31
C TYR G 187 42.07 -5.18 -8.38
N ASP G 188 41.56 -5.38 -9.59
CA ASP G 188 42.38 -5.80 -10.71
C ASP G 188 43.18 -4.63 -11.28
N PHE G 189 44.22 -4.22 -10.57
CA PHE G 189 45.05 -3.10 -10.99
C PHE G 189 45.80 -3.42 -12.28
N PRO G 190 46.13 -2.38 -13.04
CA PRO G 190 46.77 -2.56 -14.35
C PRO G 190 48.23 -2.95 -14.20
N GLU G 191 48.80 -3.50 -15.26
CA GLU G 191 50.22 -3.86 -15.28
C GLU G 191 51.10 -2.63 -15.24
N TYR G 192 52.28 -2.76 -14.65
CA TYR G 192 53.21 -1.65 -14.53
C TYR G 192 53.62 -1.13 -15.91
N GLY G 193 53.37 0.17 -16.14
CA GLY G 193 53.71 0.79 -17.42
C GLY G 193 52.51 0.81 -18.35
N ALA G 194 51.40 0.23 -17.91
CA ALA G 194 50.18 0.19 -18.71
C ALA G 194 49.14 1.16 -18.17
N GLY G 195 49.58 2.05 -17.29
CA GLY G 195 48.66 2.98 -16.63
C GLY G 195 48.01 3.92 -17.63
N GLN G 196 46.73 4.19 -17.43
CA GLN G 196 45.98 5.09 -18.31
C GLN G 196 45.64 6.39 -17.60
N PRO G 197 45.43 7.45 -18.39
CA PRO G 197 45.06 8.74 -17.84
C PRO G 197 43.66 8.72 -17.25
N GLY G 198 43.52 9.23 -16.04
CA GLY G 198 42.23 9.25 -15.35
C GLY G 198 41.89 7.88 -14.79
N ALA G 199 42.88 6.99 -14.77
CA ALA G 199 42.69 5.65 -14.25
C ALA G 199 43.64 5.36 -13.08
N PHE G 200 43.21 4.48 -12.19
CA PHE G 200 44.05 4.08 -11.06
C PHE G 200 45.40 3.56 -11.53
N GLY G 201 46.47 4.21 -11.09
CA GLY G 201 47.82 3.87 -11.54
C GLY G 201 48.22 4.71 -12.75
N ASP G 202 47.62 5.88 -12.88
CA ASP G 202 48.03 6.84 -13.91
C ASP G 202 49.45 7.32 -13.68
N ILE G 203 49.83 7.46 -12.41
CA ILE G 203 51.22 7.67 -12.04
C ILE G 203 51.76 6.51 -11.23
N GLN G 204 52.72 5.78 -11.80
CA GLN G 204 53.22 4.55 -11.20
C GLN G 204 54.71 4.65 -10.89
N SER G 205 55.14 3.96 -9.84
CA SER G 205 56.55 3.84 -9.52
C SER G 205 56.90 2.43 -9.04
N ARG G 206 57.87 1.82 -9.72
CA ARG G 206 58.25 0.44 -9.40
C ARG G 206 58.31 0.22 -7.90
N THR G 207 59.00 1.11 -7.19
CA THR G 207 59.03 1.08 -5.74
C THR G 207 58.83 2.46 -5.15
N VAL G 208 58.65 2.53 -3.83
CA VAL G 208 58.44 3.79 -3.15
C VAL G 208 59.65 4.70 -3.29
N SER G 209 60.84 4.12 -3.19
CA SER G 209 62.08 4.90 -3.18
C SER G 209 62.55 5.21 -4.60
N SER G 210 61.90 4.59 -5.57
CA SER G 210 62.28 4.76 -6.98
C SER G 210 62.07 6.19 -7.43
N SER G 211 63.12 6.81 -7.96
CA SER G 211 63.05 8.17 -8.45
C SER G 211 62.43 8.22 -9.84
N ASP G 212 62.84 7.31 -10.70
CA ASP G 212 62.20 7.13 -12.01
C ASP G 212 60.80 6.57 -11.85
N LEU G 213 59.87 7.04 -12.69
CA LEU G 213 58.46 6.70 -12.55
C LEU G 213 57.76 6.71 -13.90
N TYR G 214 56.65 5.99 -13.99
CA TYR G 214 55.80 6.03 -15.17
C TYR G 214 54.67 7.04 -15.00
N ALA G 215 54.43 7.83 -16.04
CA ALA G 215 53.42 8.88 -15.98
C ALA G 215 52.59 8.91 -17.26
N ASN G 216 51.27 8.92 -17.10
CA ASN G 216 50.36 9.05 -18.23
C ASN G 216 49.20 9.96 -17.90
N THR G 217 49.41 11.27 -18.04
CA THR G 217 48.40 12.26 -17.69
C THR G 217 47.78 12.88 -18.94
N ASN G 218 48.36 12.56 -20.10
CA ASN G 218 47.91 13.16 -21.35
C ASN G 218 48.01 14.67 -21.31
N LEU G 219 49.16 15.18 -20.89
CA LEU G 219 49.37 16.61 -20.74
C LEU G 219 49.47 17.29 -22.11
N VAL G 220 48.61 18.28 -22.33
CA VAL G 220 48.65 19.07 -23.56
C VAL G 220 48.81 20.55 -23.25
N LEU G 221 49.84 21.16 -23.84
CA LEU G 221 50.12 22.58 -23.62
C LEU G 221 49.26 23.45 -24.52
N GLN G 222 48.87 24.62 -24.01
CA GLN G 222 48.02 25.54 -24.76
C GLN G 222 48.73 26.87 -24.99
N ARG G 223 48.15 27.70 -25.84
CA ARG G 223 48.68 29.04 -26.10
C ARG G 223 48.34 29.99 -24.95
N PRO G 224 49.35 30.68 -24.45
CA PRO G 224 49.15 31.62 -23.35
C PRO G 224 48.35 32.84 -23.80
N LYS G 225 47.70 33.50 -22.85
CA LYS G 225 46.88 34.66 -23.14
C LYS G 225 47.73 35.90 -23.34
N ALA G 226 47.36 36.72 -24.32
CA ALA G 226 48.12 37.92 -24.64
C ALA G 226 48.10 38.91 -23.48
N GLY G 227 49.28 39.37 -23.09
CA GLY G 227 49.41 40.35 -22.02
C GLY G 227 49.46 39.68 -20.66
N ALA G 228 49.48 38.35 -20.66
CA ALA G 228 49.52 37.58 -19.42
C ALA G 228 50.65 36.55 -19.46
N ILE G 229 51.41 36.47 -18.37
CA ILE G 229 52.46 35.48 -18.24
C ILE G 229 51.97 34.25 -17.50
N HIS G 230 51.88 33.12 -18.20
CA HIS G 230 51.40 31.88 -17.61
C HIS G 230 51.55 30.72 -18.58
N VAL G 231 51.51 29.50 -18.05
CA VAL G 231 51.57 28.30 -18.88
C VAL G 231 50.25 27.53 -18.82
N PRO G 232 49.40 27.74 -19.81
CA PRO G 232 48.12 27.04 -19.88
C PRO G 232 48.30 25.61 -20.37
N TYR G 233 47.44 24.71 -19.89
CA TYR G 233 47.54 23.30 -20.21
C TYR G 233 46.26 22.55 -19.86
N THR G 234 46.12 21.34 -20.40
CA THR G 234 45.05 20.45 -20.00
C THR G 234 45.57 19.06 -19.64
N GLN G 235 45.01 18.48 -18.59
CA GLN G 235 45.41 17.14 -18.16
C GLN G 235 44.24 16.40 -17.53
N ALA G 236 44.32 15.06 -17.55
CA ALA G 236 43.28 14.23 -16.96
C ALA G 236 43.31 14.32 -15.43
N PRO G 237 42.11 14.39 -14.83
CA PRO G 237 42.00 14.38 -13.37
C PRO G 237 42.68 13.16 -12.78
N SER G 238 43.22 13.32 -11.58
CA SER G 238 43.92 12.23 -10.90
C SER G 238 43.05 10.98 -10.83
N GLY G 239 43.49 9.93 -11.53
CA GLY G 239 42.80 8.65 -11.51
C GLY G 239 42.96 7.97 -10.16
N PHE G 240 44.10 8.19 -9.52
CA PHE G 240 44.32 7.71 -8.16
C PHE G 240 43.31 8.32 -7.19
N GLU G 241 43.17 9.64 -7.24
CA GLU G 241 42.20 10.34 -6.41
C GLU G 241 40.78 9.83 -6.67
N GLN G 242 40.45 9.66 -7.94
CA GLN G 242 39.14 9.13 -8.33
C GLN G 242 38.89 7.76 -7.70
N TRP G 243 39.86 6.87 -7.83
CA TRP G 243 39.76 5.54 -7.23
C TRP G 243 39.58 5.63 -5.73
N LYS G 244 40.31 6.54 -5.10
CA LYS G 244 40.17 6.78 -3.67
C LYS G 244 38.71 6.98 -3.28
N LYS G 245 37.94 7.56 -4.20
CA LYS G 245 36.51 7.79 -3.97
C LYS G 245 35.70 6.53 -4.26
N ASP G 246 36.08 5.82 -5.32
CA ASP G 246 35.35 4.63 -5.75
C ASP G 246 36.12 3.36 -5.40
N LYS G 247 37.01 3.47 -4.42
CA LYS G 247 37.83 2.33 -4.00
C LYS G 247 36.95 1.17 -3.53
N ALA G 248 35.70 1.46 -3.24
CA ALA G 248 34.74 0.44 -2.85
C ALA G 248 35.09 -0.16 -1.48
N PRO G 249 34.12 -0.84 -0.88
CA PRO G 249 34.32 -1.42 0.45
C PRO G 249 35.53 -2.34 0.47
N SER G 250 36.14 -2.50 1.64
CA SER G 250 37.41 -3.18 1.76
C SER G 250 37.23 -4.70 1.66
N LEU G 251 38.32 -5.40 1.38
CA LEU G 251 38.29 -6.86 1.28
C LEU G 251 37.72 -7.49 2.54
N LYS G 252 38.14 -6.96 3.69
CA LYS G 252 37.69 -7.48 4.98
C LYS G 252 36.17 -7.59 5.03
N PHE G 253 35.49 -6.66 4.37
CA PHE G 253 34.03 -6.58 4.42
C PHE G 253 33.39 -7.59 3.49
N THR G 254 34.13 -8.01 2.46
CA THR G 254 33.60 -8.90 1.44
C THR G 254 34.10 -10.32 1.64
N ALA G 255 35.11 -10.48 2.49
CA ALA G 255 35.76 -11.78 2.68
C ALA G 255 34.78 -12.79 3.25
N PRO G 256 34.68 -13.94 2.59
CA PRO G 256 33.75 -14.99 3.00
C PRO G 256 34.28 -15.77 4.19
N PHE G 257 33.45 -16.65 4.74
CA PHE G 257 33.88 -17.53 5.81
C PHE G 257 34.27 -16.75 7.05
N GLY G 258 33.79 -15.52 7.14
CA GLY G 258 34.04 -14.68 8.30
C GLY G 258 35.53 -14.39 8.45
N CYS G 259 36.27 -14.50 7.34
CA CYS G 259 37.71 -14.29 7.36
C CYS G 259 38.05 -12.84 7.71
N GLU G 260 38.92 -12.67 8.70
CA GLU G 260 39.29 -11.33 9.16
C GLU G 260 40.63 -10.90 8.59
N ILE G 261 40.72 -9.62 8.23
CA ILE G 261 41.92 -9.08 7.61
C ILE G 261 42.71 -8.23 8.60
N TYR G 262 44.01 -8.48 8.69
CA TYR G 262 44.86 -7.79 9.65
C TYR G 262 46.07 -7.16 8.95
N THR G 263 46.70 -6.21 9.64
CA THR G 263 47.66 -5.32 8.99
C THR G 263 49.09 -5.77 9.26
N ASN G 264 50.03 -4.84 9.12
CA ASN G 264 51.44 -5.13 9.32
C ASN G 264 52.01 -5.94 8.16
N PRO G 265 51.65 -7.21 8.08
CA PRO G 265 52.12 -8.09 7.01
C PRO G 265 50.96 -8.83 6.35
N ILE G 266 50.34 -8.20 5.36
CA ILE G 266 49.22 -8.81 4.64
C ILE G 266 48.94 -10.22 5.16
N ARG G 267 47.81 -10.39 5.83
CA ARG G 267 47.44 -11.67 6.39
C ARG G 267 45.97 -11.70 6.81
N ALA G 268 45.37 -12.88 6.76
CA ALA G 268 44.01 -13.06 7.24
C ALA G 268 43.96 -14.12 8.34
N GLU G 269 43.11 -13.89 9.35
CA GLU G 269 43.00 -14.80 10.48
C GLU G 269 41.55 -15.16 10.75
N ASN G 270 41.33 -16.30 11.39
CA ASN G 270 40.00 -16.70 11.82
C ASN G 270 39.07 -16.92 10.63
N CYS G 271 39.63 -17.45 9.54
CA CYS G 271 38.83 -17.84 8.39
C CYS G 271 38.33 -19.28 8.53
N ALA G 272 37.02 -19.43 8.73
CA ALA G 272 36.44 -20.73 9.04
C ALA G 272 36.14 -21.51 7.77
N VAL G 273 37.16 -22.13 7.20
CA VAL G 273 37.00 -22.91 5.98
C VAL G 273 37.99 -24.07 5.94
N GLY G 274 37.49 -25.26 5.57
CA GLY G 274 38.36 -26.38 5.25
C GLY G 274 38.60 -27.26 6.46
N SER G 275 39.62 -28.10 6.39
CA SER G 275 39.99 -28.96 7.51
C SER G 275 41.44 -29.41 7.41
N ILE G 276 41.97 -29.92 8.51
CA ILE G 276 43.36 -30.35 8.57
C ILE G 276 43.50 -31.72 9.24
N PRO G 277 44.16 -32.65 8.55
CA PRO G 277 44.43 -33.95 9.11
C PRO G 277 45.52 -33.88 10.18
N LEU G 278 45.40 -34.73 11.20
CA LEU G 278 46.33 -34.72 12.32
C LEU G 278 46.78 -36.14 12.67
N ALA G 279 48.05 -36.27 13.01
CA ALA G 279 48.59 -37.55 13.48
C ALA G 279 49.37 -37.38 14.77
N PHE G 280 49.09 -38.23 15.75
CA PHE G 280 49.66 -38.09 17.08
C PHE G 280 50.40 -39.36 17.50
N ASP G 281 51.73 -39.34 17.34
CA ASP G 281 52.55 -40.45 17.76
C ASP G 281 52.95 -40.33 19.23
N ILE G 282 52.25 -41.07 20.08
CA ILE G 282 52.48 -40.99 21.52
C ILE G 282 53.11 -42.27 22.05
N PRO G 283 54.17 -42.11 22.83
CA PRO G 283 54.90 -43.25 23.38
C PRO G 283 54.08 -43.96 24.45
N ASP G 284 54.28 -45.27 24.56
CA ASP G 284 53.58 -46.07 25.57
C ASP G 284 53.97 -45.63 26.98
N ALA G 285 55.15 -45.03 27.10
CA ALA G 285 55.63 -44.54 28.39
C ALA G 285 54.64 -43.56 29.01
N LEU G 286 53.92 -42.84 28.16
CA LEU G 286 52.93 -41.87 28.61
C LEU G 286 51.57 -42.53 28.85
N PHE G 287 51.43 -43.74 28.35
CA PHE G 287 50.21 -44.51 28.56
C PHE G 287 50.19 -45.16 29.94
N THR G 288 48.99 -45.29 30.51
CA THR G 288 48.83 -45.96 31.79
C THR G 288 48.09 -47.28 31.63
N ARG G 289 48.59 -48.32 32.29
CA ARG G 289 48.01 -49.66 32.17
C ARG G 289 46.66 -49.74 32.85
N VAL G 290 45.76 -50.55 32.28
CA VAL G 290 44.42 -50.72 32.84
C VAL G 290 44.49 -51.24 34.27
N SER G 291 45.49 -52.06 34.55
CA SER G 291 45.67 -52.62 35.89
C SER G 291 45.99 -51.54 36.91
N GLU G 292 46.39 -50.37 36.42
CA GLU G 292 46.73 -49.25 37.29
C GLU G 292 45.49 -48.42 37.62
N THR G 293 44.42 -48.66 36.88
CA THR G 293 43.18 -47.91 37.06
C THR G 293 42.23 -48.65 38.00
N PRO G 294 41.27 -47.92 38.57
CA PRO G 294 40.25 -48.52 39.41
C PRO G 294 39.31 -49.41 38.59
N THR G 295 38.73 -50.40 39.25
CA THR G 295 37.82 -51.33 38.59
C THR G 295 36.36 -50.94 38.84
N LEU G 296 35.61 -50.74 37.77
CA LEU G 296 34.25 -50.25 37.86
C LEU G 296 33.24 -51.38 37.67
N SER G 297 32.22 -51.41 38.52
CA SER G 297 31.11 -52.33 38.36
C SER G 297 29.80 -51.72 38.86
N ALA G 298 28.72 -52.47 38.70
CA ALA G 298 27.41 -52.03 39.19
C ALA G 298 27.09 -50.62 38.73
N ALA G 299 27.31 -50.35 37.44
CA ALA G 299 27.13 -49.03 36.88
C ALA G 299 25.70 -48.84 36.37
N GLU G 300 25.16 -47.64 36.57
CA GLU G 300 23.82 -47.32 36.10
C GLU G 300 23.71 -45.86 35.69
N CYS G 301 23.38 -45.63 34.43
CA CYS G 301 23.37 -44.28 33.87
C CYS G 301 21.94 -43.74 33.79
N THR G 302 21.71 -42.61 34.45
CA THR G 302 20.42 -41.92 34.35
C THR G 302 20.63 -40.44 34.01
N LEU G 303 19.66 -39.86 33.31
CA LEU G 303 19.73 -38.46 32.93
C LEU G 303 18.84 -37.60 33.82
N ASN G 304 19.44 -36.91 34.77
CA ASN G 304 18.70 -36.11 35.75
C ASN G 304 18.10 -34.87 35.09
N GLU G 305 18.87 -34.24 34.22
CA GLU G 305 18.43 -33.02 33.55
C GLU G 305 19.28 -32.72 32.32
N CYS G 306 18.67 -32.11 31.32
CA CYS G 306 19.37 -31.76 30.08
C CYS G 306 18.60 -30.71 29.29
N VAL G 307 19.27 -29.61 28.98
CA VAL G 307 18.73 -28.63 28.03
C VAL G 307 19.68 -28.43 26.86
N TYR G 308 19.21 -28.78 25.66
CA TYR G 308 20.05 -28.69 24.47
C TYR G 308 20.23 -27.24 24.03
N SER G 309 21.43 -26.70 24.26
CA SER G 309 21.69 -25.29 24.03
C SER G 309 23.17 -25.05 23.72
N SER G 310 23.56 -23.79 23.70
CA SER G 310 24.91 -23.41 23.30
C SER G 310 25.96 -24.26 24.01
N ASP G 311 25.91 -24.26 25.34
CA ASP G 311 26.90 -24.96 26.14
C ASP G 311 26.46 -26.38 26.46
N PHE G 312 27.25 -27.07 27.28
CA PHE G 312 26.92 -28.43 27.70
C PHE G 312 25.77 -28.45 28.69
N GLY G 313 24.56 -28.18 28.20
CA GLY G 313 23.40 -28.03 29.07
C GLY G 313 22.85 -29.40 29.48
N GLY G 314 23.42 -30.45 28.93
CA GLY G 314 23.10 -31.81 29.36
C GLY G 314 23.79 -32.16 30.67
N ILE G 315 23.05 -32.80 31.57
CA ILE G 315 23.58 -33.16 32.88
C ILE G 315 23.27 -34.61 33.22
N ALA G 316 24.22 -35.49 32.97
CA ALA G 316 24.04 -36.92 33.21
C ALA G 316 24.68 -37.36 34.52
N THR G 317 23.97 -38.20 35.26
CA THR G 317 24.49 -38.75 36.51
C THR G 317 24.55 -40.27 36.45
N VAL G 318 25.72 -40.82 36.75
CA VAL G 318 25.94 -42.26 36.65
C VAL G 318 26.37 -42.84 38.00
N LYS G 319 25.60 -43.81 38.49
CA LYS G 319 25.98 -44.56 39.68
C LYS G 319 27.01 -45.63 39.36
N TYR G 320 27.95 -45.84 40.27
CA TYR G 320 29.06 -46.76 40.03
C TYR G 320 29.52 -47.41 41.33
N SER G 321 30.23 -48.53 41.20
CA SER G 321 31.00 -49.09 42.30
C SER G 321 32.44 -49.34 41.90
N ALA G 322 33.36 -48.60 42.50
CA ALA G 322 34.77 -48.67 42.12
C ALA G 322 35.59 -49.36 43.19
N SER G 323 36.48 -50.26 42.77
CA SER G 323 37.40 -50.92 43.69
C SER G 323 38.41 -49.95 44.26
N LYS G 324 38.73 -48.91 43.49
CA LYS G 324 39.65 -47.87 43.93
C LYS G 324 39.15 -46.49 43.51
N SER G 325 39.67 -45.46 44.18
CA SER G 325 39.44 -44.09 43.75
C SER G 325 40.36 -43.70 42.60
N GLY G 326 39.97 -42.67 41.87
CA GLY G 326 40.79 -42.18 40.76
C GLY G 326 39.91 -41.73 39.59
N LYS G 327 40.55 -41.24 38.53
CA LYS G 327 39.82 -40.71 37.39
C LYS G 327 39.70 -41.76 36.29
N CYS G 328 38.54 -41.77 35.63
CA CYS G 328 38.37 -42.55 34.40
C CYS G 328 37.99 -41.66 33.23
N ALA G 329 38.56 -41.94 32.07
CA ALA G 329 38.17 -41.26 30.84
C ALA G 329 36.81 -41.77 30.34
N VAL G 330 36.03 -40.86 29.76
CA VAL G 330 34.69 -41.20 29.28
C VAL G 330 34.52 -40.82 27.82
N HIS G 331 33.67 -41.57 27.11
CA HIS G 331 33.48 -41.37 25.68
C HIS G 331 32.16 -41.96 25.23
N VAL G 332 31.47 -41.25 24.34
CA VAL G 332 30.32 -41.79 23.64
C VAL G 332 30.70 -42.31 22.25
N PRO G 333 30.42 -43.57 22.00
CA PRO G 333 30.81 -44.22 20.75
C PRO G 333 30.31 -43.42 19.56
N SER G 334 29.12 -42.86 19.66
CA SER G 334 28.55 -42.03 18.61
C SER G 334 28.97 -40.58 18.75
N GLY G 335 29.27 -39.94 17.63
CA GLY G 335 29.60 -38.52 17.62
C GLY G 335 28.35 -37.66 17.80
N THR G 336 27.19 -38.30 17.80
CA THR G 336 25.93 -37.61 18.01
C THR G 336 25.95 -36.78 19.29
N ALA G 337 26.56 -37.34 20.33
CA ALA G 337 26.67 -36.65 21.60
C ALA G 337 28.12 -36.25 21.90
N THR G 338 28.29 -35.10 22.54
CA THR G 338 29.62 -34.62 22.91
C THR G 338 29.70 -34.33 24.41
N LEU G 339 30.79 -34.77 25.03
CA LEU G 339 30.94 -34.64 26.48
C LEU G 339 31.77 -33.42 26.83
N LYS G 340 31.50 -32.84 28.00
CA LYS G 340 32.25 -31.68 28.47
C LYS G 340 33.65 -32.06 28.90
N GLU G 341 33.75 -33.04 29.79
CA GLU G 341 35.04 -33.49 30.31
C GLU G 341 35.51 -34.74 29.59
N ALA G 342 36.83 -34.88 29.46
CA ALA G 342 37.42 -36.08 28.88
C ALA G 342 37.54 -37.19 29.92
N ALA G 343 37.67 -36.79 31.18
CA ALA G 343 37.76 -37.76 32.28
C ALA G 343 37.10 -37.23 33.53
N VAL G 344 36.56 -38.14 34.34
CA VAL G 344 35.85 -37.77 35.56
C VAL G 344 36.44 -38.47 36.78
N GLU G 345 36.63 -37.71 37.85
CA GLU G 345 37.15 -38.27 39.09
C GLU G 345 36.08 -39.04 39.86
N LEU G 346 36.32 -40.33 40.05
CA LEU G 346 35.40 -41.17 40.81
C LEU G 346 35.91 -41.42 42.22
N THR G 347 34.99 -41.46 43.18
CA THR G 347 35.34 -41.77 44.57
C THR G 347 35.37 -43.27 44.79
N GLU G 348 34.49 -43.76 45.66
CA GLU G 348 34.44 -45.17 46.01
C GLU G 348 33.25 -45.85 45.34
N GLN G 349 32.07 -45.65 45.92
CA GLN G 349 30.85 -46.30 45.44
C GLN G 349 29.69 -45.32 45.37
N GLY G 350 29.97 -44.12 44.87
CA GLY G 350 28.96 -43.06 44.80
C GLY G 350 28.41 -42.92 43.39
N SER G 351 28.14 -41.68 42.99
CA SER G 351 27.71 -41.39 41.63
C SER G 351 28.38 -40.14 41.08
N ALA G 352 28.65 -40.13 39.79
CA ALA G 352 29.38 -39.04 39.15
C ALA G 352 28.51 -38.30 38.15
N THR G 353 28.68 -36.99 38.09
CA THR G 353 27.91 -36.16 37.16
C THR G 353 28.80 -35.52 36.11
N ILE G 354 28.38 -35.61 34.85
CA ILE G 354 29.12 -35.00 33.75
C ILE G 354 28.19 -34.24 32.82
N HIS G 355 28.64 -33.08 32.35
CA HIS G 355 27.87 -32.27 31.42
C HIS G 355 28.13 -32.69 29.98
N PHE G 356 27.12 -32.56 29.13
CA PHE G 356 27.22 -32.95 27.74
C PHE G 356 26.25 -32.17 26.86
N SER G 357 26.29 -32.43 25.56
CA SER G 357 25.26 -31.94 24.65
C SER G 357 25.19 -32.80 23.39
N THR G 358 23.98 -33.05 22.91
CA THR G 358 23.77 -33.99 21.82
C THR G 358 22.80 -33.42 20.79
N ALA G 359 23.00 -33.79 19.53
CA ALA G 359 22.14 -33.34 18.44
C ALA G 359 20.71 -33.85 18.63
N ASN G 360 20.59 -35.02 19.24
CA ASN G 360 19.28 -35.65 19.43
C ASN G 360 18.64 -35.22 20.74
N ILE G 361 17.57 -34.44 20.65
CA ILE G 361 16.91 -33.91 21.84
C ILE G 361 16.34 -35.03 22.70
N HIS G 362 16.30 -36.24 22.15
CA HIS G 362 15.92 -37.42 22.90
C HIS G 362 17.09 -38.39 23.06
N PRO G 363 17.91 -38.16 24.07
CA PRO G 363 19.13 -38.94 24.25
C PRO G 363 18.84 -40.43 24.27
N GLU G 364 19.49 -41.18 23.39
CA GLU G 364 19.48 -42.63 23.45
C GLU G 364 20.77 -43.21 22.89
N PHE G 365 21.73 -43.49 23.77
CA PHE G 365 23.07 -43.86 23.36
C PHE G 365 23.83 -44.55 24.49
N ARG G 366 24.95 -45.16 24.15
CA ARG G 366 25.82 -45.79 25.14
C ARG G 366 26.92 -44.84 25.59
N LEU G 367 27.29 -44.92 26.86
CA LEU G 367 28.40 -44.13 27.40
C LEU G 367 29.49 -45.03 27.97
N GLN G 368 30.70 -44.90 27.44
CA GLN G 368 31.82 -45.70 27.89
C GLN G 368 32.61 -44.98 28.98
N ILE G 369 32.90 -45.69 30.06
CA ILE G 369 33.82 -45.20 31.08
C ILE G 369 34.90 -46.22 31.40
N CYS G 370 36.17 -45.82 31.25
CA CYS G 370 37.26 -46.78 31.19
C CYS G 370 37.00 -47.86 30.15
N THR G 371 37.20 -49.11 30.54
CA THR G 371 37.04 -50.23 29.63
C THR G 371 35.59 -50.68 29.54
N SER G 372 34.77 -50.20 30.47
CA SER G 372 33.37 -50.59 30.53
C SER G 372 32.48 -49.54 29.86
N TYR G 373 31.24 -49.92 29.58
CA TYR G 373 30.26 -48.99 29.04
C TYR G 373 28.84 -49.39 29.43
N VAL G 374 27.94 -48.41 29.47
CA VAL G 374 26.56 -48.66 29.83
C VAL G 374 25.60 -47.94 28.87
N THR G 375 24.32 -48.27 28.97
CA THR G 375 23.31 -47.65 28.12
C THR G 375 22.65 -46.48 28.84
N CYS G 376 22.67 -45.31 28.20
CA CYS G 376 22.02 -44.12 28.75
C CYS G 376 20.87 -43.67 27.87
N LYS G 377 19.86 -43.08 28.49
CA LYS G 377 18.67 -42.62 27.76
C LYS G 377 17.87 -41.64 28.59
N GLY G 378 17.30 -40.63 27.93
CA GLY G 378 16.54 -39.60 28.62
C GLY G 378 15.85 -38.67 27.63
N ASP G 379 15.41 -37.51 28.11
CA ASP G 379 14.70 -36.55 27.27
C ASP G 379 15.10 -35.12 27.62
N CYS G 380 15.75 -34.45 26.67
CA CYS G 380 16.24 -33.09 26.90
C CYS G 380 15.22 -32.06 26.40
N HIS G 381 15.35 -30.83 26.90
CA HIS G 381 14.52 -29.73 26.43
C HIS G 381 15.20 -29.01 25.26
N PRO G 382 14.41 -28.71 24.24
CA PRO G 382 14.89 -27.91 23.12
C PRO G 382 15.41 -26.55 23.61
N PRO G 383 16.25 -25.92 22.80
CA PRO G 383 16.80 -24.61 23.13
C PRO G 383 15.70 -23.56 23.19
N LYS G 384 15.88 -22.57 24.06
CA LYS G 384 14.88 -21.51 24.25
C LYS G 384 15.25 -20.27 23.46
N ASP G 385 16.43 -19.72 23.76
CA ASP G 385 16.86 -18.47 23.14
C ASP G 385 17.34 -18.70 21.71
N HIS G 386 16.60 -18.15 20.75
CA HIS G 386 16.82 -18.46 19.35
C HIS G 386 18.02 -17.70 18.79
N ILE G 387 18.54 -16.77 19.58
CA ILE G 387 19.66 -15.94 19.16
C ILE G 387 20.93 -16.32 19.90
N VAL G 388 22.00 -16.59 19.14
CA VAL G 388 23.29 -16.89 19.73
C VAL G 388 24.41 -16.18 18.98
N THR G 389 25.60 -16.13 19.59
CA THR G 389 26.75 -15.50 18.97
C THR G 389 27.31 -16.37 17.85
N HIS G 390 27.82 -17.54 18.21
CA HIS G 390 28.14 -18.57 17.23
C HIS G 390 28.78 -19.79 17.89
N PRO G 391 27.94 -20.61 18.51
CA PRO G 391 28.43 -21.75 19.28
C PRO G 391 28.31 -23.05 18.49
N GLN G 392 28.83 -24.14 19.04
CA GLN G 392 28.24 -25.45 18.86
C GLN G 392 26.87 -25.54 19.53
N TYR G 393 25.96 -26.29 18.91
CA TYR G 393 26.30 -27.55 18.28
C TYR G 393 25.54 -27.74 16.98
N HIS G 394 26.02 -28.66 16.15
CA HIS G 394 27.46 -28.89 16.00
C HIS G 394 28.02 -29.64 17.20
N ALA G 395 27.91 -30.97 17.16
CA ALA G 395 26.72 -31.62 16.61
C ALA G 395 26.54 -31.30 15.14
N GLN G 396 25.31 -31.02 14.74
CA GLN G 396 24.93 -31.09 13.33
C GLN G 396 25.16 -32.48 12.77
N THR G 397 24.48 -33.47 13.33
CA THR G 397 24.58 -34.84 12.86
C THR G 397 23.26 -35.32 12.26
N PHE G 398 23.27 -36.51 11.70
CA PHE G 398 22.09 -37.05 11.02
C PHE G 398 21.54 -38.26 11.78
N THR G 399 20.49 -38.03 12.56
CA THR G 399 19.81 -39.11 13.26
C THR G 399 18.73 -39.73 12.40
N ALA G 400 17.79 -38.90 11.92
CA ALA G 400 18.13 -37.57 11.45
C ALA G 400 18.00 -36.54 12.55
N ALA G 401 16.84 -36.49 13.19
CA ALA G 401 16.58 -35.53 14.26
C ALA G 401 15.14 -35.62 14.73
N VAL G 402 14.94 -36.22 15.91
CA VAL G 402 13.68 -36.11 16.62
C VAL G 402 12.50 -36.45 15.71
N SER G 403 11.32 -36.55 16.29
CA SER G 403 11.17 -36.55 17.74
C SER G 403 10.58 -37.86 18.24
N LYS G 404 11.41 -38.91 18.24
CA LYS G 404 11.01 -40.19 18.81
C LYS G 404 9.51 -40.43 18.65
N THR G 405 8.81 -40.56 19.78
CA THR G 405 7.36 -40.67 19.77
C THR G 405 6.77 -40.15 18.47
N ALA G 406 6.77 -38.83 18.31
CA ALA G 406 6.14 -38.20 17.16
C ALA G 406 6.72 -38.73 15.86
N TRP G 407 8.04 -38.94 15.85
CA TRP G 407 8.72 -39.52 14.69
C TRP G 407 8.11 -40.86 14.32
N THR G 408 7.86 -41.69 15.33
CA THR G 408 7.28 -43.01 15.11
C THR G 408 5.84 -42.89 14.62
N TRP G 409 5.11 -41.92 15.15
CA TRP G 409 3.74 -41.68 14.73
C TRP G 409 3.63 -41.53 13.22
N LEU G 410 4.52 -40.73 12.65
CA LEU G 410 4.51 -40.47 11.21
C LEU G 410 5.14 -41.64 10.45
N THR G 411 6.18 -42.22 11.02
CA THR G 411 6.83 -43.38 10.43
C THR G 411 5.83 -44.50 10.20
N SER G 412 4.94 -44.72 11.17
CA SER G 412 4.01 -45.83 11.13
C SER G 412 3.01 -45.66 9.99
N LEU G 413 2.89 -44.45 9.49
CA LEU G 413 1.92 -44.14 8.44
C LEU G 413 2.35 -44.73 7.10
N LEU G 414 3.64 -45.01 6.97
CA LEU G 414 4.20 -45.53 5.73
C LEU G 414 4.51 -47.01 5.85
N GLY G 415 4.01 -47.80 4.91
CA GLY G 415 4.31 -49.23 4.86
C GLY G 415 3.10 -50.06 5.27
N GLY G 416 2.23 -49.47 6.09
CA GLY G 416 1.05 -50.16 6.57
C GLY G 416 0.15 -50.59 5.43
N SER G 417 -0.08 -49.67 4.49
CA SER G 417 -0.91 -49.96 3.32
C SER G 417 -0.25 -51.00 2.42
N ALA G 418 1.07 -51.00 2.40
CA ALA G 418 1.83 -51.97 1.62
C ALA G 418 1.61 -53.38 2.14
N VAL G 419 1.66 -53.52 3.46
CA VAL G 419 1.43 -54.81 4.09
C VAL G 419 0.04 -55.36 3.75
N ILE G 420 -0.95 -54.46 3.73
CA ILE G 420 -2.32 -54.86 3.45
C ILE G 420 -2.43 -55.49 2.07
N ILE G 421 -1.85 -54.84 1.07
CA ILE G 421 -1.96 -55.30 -0.32
C ILE G 421 -1.11 -56.54 -0.55
N ILE G 422 -0.07 -56.71 0.26
CA ILE G 422 0.73 -57.92 0.24
C ILE G 422 -0.08 -59.11 0.75
N ILE G 423 -0.79 -58.91 1.85
CA ILE G 423 -1.65 -59.94 2.43
C ILE G 423 -2.75 -60.34 1.45
N GLY G 424 -3.39 -59.35 0.85
CA GLY G 424 -4.47 -59.59 -0.10
C GLY G 424 -3.95 -60.35 -1.33
N LEU G 425 -2.77 -59.96 -1.79
CA LEU G 425 -2.15 -60.62 -2.93
C LEU G 425 -1.94 -62.10 -2.67
N VAL G 426 -1.37 -62.43 -1.52
CA VAL G 426 -1.12 -63.81 -1.15
C VAL G 426 -2.41 -64.60 -1.03
N LEU G 427 -3.42 -63.99 -0.40
CA LEU G 427 -4.71 -64.65 -0.23
C LEU G 427 -5.38 -64.92 -1.58
N ALA G 428 -5.24 -63.97 -2.50
CA ALA G 428 -5.78 -64.13 -3.84
C ALA G 428 -5.12 -65.30 -4.56
N THR G 429 -3.81 -65.43 -4.39
CA THR G 429 -3.07 -66.57 -4.93
C THR G 429 -3.58 -67.88 -4.35
N ILE G 430 -3.78 -67.89 -3.03
CA ILE G 430 -4.25 -69.09 -2.34
C ILE G 430 -5.61 -69.52 -2.86
N VAL G 431 -6.52 -68.57 -3.00
CA VAL G 431 -7.86 -68.85 -3.53
C VAL G 431 -7.78 -69.33 -4.98
N ALA G 432 -6.90 -68.71 -5.75
CA ALA G 432 -6.68 -69.12 -7.14
C ALA G 432 -6.28 -70.59 -7.22
N MET G 433 -5.40 -71.01 -6.32
CA MET G 433 -4.97 -72.40 -6.26
C MET G 433 -6.12 -73.31 -5.86
N TYR G 434 -6.99 -72.82 -4.99
CA TYR G 434 -8.21 -73.54 -4.63
C TYR G 434 -9.11 -73.74 -5.85
N VAL G 435 -9.23 -72.70 -6.67
CA VAL G 435 -10.00 -72.77 -7.90
C VAL G 435 -9.39 -73.78 -8.87
N LEU G 436 -8.07 -73.72 -9.00
CA LEU G 436 -7.35 -74.67 -9.86
C LEU G 436 -7.57 -76.10 -9.40
N THR G 437 -7.51 -76.31 -8.09
CA THR G 437 -7.76 -77.63 -7.52
C THR G 437 -9.19 -78.08 -7.75
N ASN G 438 -10.13 -77.14 -7.62
CA ASN G 438 -11.55 -77.43 -7.78
C ASN G 438 -11.86 -77.86 -9.21
N GLN G 439 -11.15 -77.28 -10.17
CA GLN G 439 -11.29 -77.66 -11.57
C GLN G 439 -10.59 -78.99 -11.85
N LYS G 440 -9.39 -79.14 -11.30
CA LYS G 440 -8.64 -80.39 -11.47
C LYS G 440 -9.33 -81.54 -10.76
N HIS G 441 -10.17 -81.22 -9.78
CA HIS G 441 -10.97 -82.22 -9.09
C HIS G 441 -11.76 -83.07 -10.08
N ASN G 442 -12.34 -82.41 -11.08
CA ASN G 442 -13.05 -83.12 -12.14
C ASN G 442 -12.11 -83.92 -13.01
N SER H 1 69.24 28.85 15.73
CA SER H 1 70.11 27.70 15.95
C SER H 1 70.12 26.78 14.73
N THR H 2 71.25 26.73 14.04
CA THR H 2 71.43 25.82 12.91
C THR H 2 70.67 26.31 11.68
N GLU H 3 71.14 25.90 10.51
CA GLU H 3 70.64 26.46 9.26
C GLU H 3 69.20 26.06 9.00
N GLU H 4 68.81 24.91 9.55
CA GLU H 4 67.45 24.40 9.37
C GLU H 4 66.43 25.34 10.01
N LEU H 5 66.80 25.94 11.12
CA LEU H 5 65.93 26.88 11.82
C LEU H 5 66.15 28.31 11.33
N PHE H 6 67.36 28.59 10.87
CA PHE H 6 67.64 29.84 10.18
C PHE H 6 66.72 30.05 8.99
N ASN H 7 66.48 28.98 8.24
CA ASN H 7 65.49 29.00 7.17
C ASN H 7 66.11 29.49 5.87
N GLU H 8 65.70 28.88 4.75
CA GLU H 8 66.09 29.33 3.44
C GLU H 8 65.45 30.68 3.10
N TYR H 9 64.53 31.11 3.97
CA TYR H 9 63.99 32.46 3.89
C TYR H 9 65.07 33.49 3.61
N LYS H 10 66.22 33.31 4.26
CA LYS H 10 67.34 34.23 4.09
C LYS H 10 67.90 34.15 2.67
N LEU H 11 67.78 32.98 2.05
CA LEU H 11 68.28 32.77 0.70
C LEU H 11 67.25 33.22 -0.33
N THR H 12 65.97 33.07 0.00
CA THR H 12 64.90 33.22 -0.97
C THR H 12 64.50 34.68 -1.13
N ARG H 13 63.46 35.08 -0.39
CA ARG H 13 62.82 36.37 -0.61
C ARG H 13 61.45 36.20 -1.27
N PRO H 14 60.46 36.92 -0.76
CA PRO H 14 59.11 36.85 -1.29
C PRO H 14 59.04 37.42 -2.70
N TYR H 15 58.05 36.97 -3.47
CA TYR H 15 57.87 37.45 -4.84
C TYR H 15 56.40 37.54 -5.19
N MET H 16 56.11 38.11 -6.36
CA MET H 16 54.74 38.41 -6.76
C MET H 16 54.28 37.50 -7.89
N ALA H 17 52.98 37.31 -7.99
CA ALA H 17 52.40 36.51 -9.07
C ALA H 17 50.99 36.98 -9.40
N ARG H 18 50.45 36.51 -10.52
CA ARG H 18 49.21 37.03 -11.06
C ARG H 18 48.00 36.51 -10.29
N CYS H 19 47.11 37.40 -9.91
CA CYS H 19 45.79 37.02 -9.42
C CYS H 19 44.70 37.36 -10.43
N ILE H 20 43.67 36.53 -10.49
CA ILE H 20 42.57 36.74 -11.44
C ILE H 20 41.87 38.07 -11.19
N ARG H 21 41.63 38.37 -9.93
CA ARG H 21 41.04 39.66 -9.55
C ARG H 21 41.82 40.32 -8.42
N CYS H 22 42.21 41.56 -8.64
CA CYS H 22 42.82 42.37 -7.58
C CYS H 22 41.92 43.54 -7.21
N ALA H 23 40.67 43.48 -7.65
CA ALA H 23 39.81 44.66 -7.64
C ALA H 23 39.46 45.11 -9.05
N VAL H 24 40.24 46.07 -9.56
CA VAL H 24 40.10 46.52 -10.94
C VAL H 24 41.05 45.76 -11.86
N GLY H 25 40.63 44.58 -12.28
CA GLY H 25 41.43 43.78 -13.22
C GLY H 25 42.44 42.91 -12.49
N SER H 26 43.22 42.15 -13.26
CA SER H 26 44.25 41.30 -12.68
C SER H 26 45.51 42.10 -12.36
N CYS H 27 46.42 41.48 -11.62
CA CYS H 27 47.70 42.11 -11.30
C CYS H 27 48.68 41.10 -10.72
N HIS H 28 49.96 41.47 -10.70
CA HIS H 28 51.00 40.62 -10.14
C HIS H 28 51.26 40.96 -8.68
N SER H 29 50.49 40.35 -7.78
CA SER H 29 50.56 40.69 -6.36
C SER H 29 51.20 39.56 -5.57
N PRO H 30 51.83 39.92 -4.45
CA PRO H 30 52.45 38.93 -3.57
C PRO H 30 51.40 38.08 -2.86
N ILE H 31 50.16 38.54 -2.89
CA ILE H 31 49.06 37.83 -2.24
C ILE H 31 48.78 36.50 -2.93
N ALA H 32 49.23 36.39 -4.19
CA ALA H 32 48.88 35.24 -5.02
C ALA H 32 49.25 33.93 -4.33
N ILE H 33 48.35 32.96 -4.40
CA ILE H 33 48.62 31.62 -3.90
C ILE H 33 49.14 30.71 -5.01
N GLU H 34 50.34 30.17 -4.80
CA GLU H 34 51.01 29.39 -5.84
C GLU H 34 50.40 28.01 -5.98
N ALA H 35 50.16 27.35 -4.84
CA ALA H 35 49.71 25.97 -4.84
C ALA H 35 48.89 25.65 -3.59
N VAL H 36 48.03 24.65 -3.69
CA VAL H 36 47.17 24.26 -2.57
C VAL H 36 47.17 22.75 -2.39
N LYS H 37 47.47 22.31 -1.17
CA LYS H 37 47.34 20.91 -0.81
C LYS H 37 46.28 20.71 0.27
N SER H 38 45.54 19.61 0.17
CA SER H 38 44.42 19.36 1.07
C SER H 38 44.32 17.88 1.43
N ASP H 39 45.47 17.26 1.68
CA ASP H 39 45.55 15.82 1.89
C ASP H 39 45.26 15.46 3.34
N GLY H 40 45.46 16.42 4.23
CA GLY H 40 45.32 16.16 5.67
C GLY H 40 43.90 15.81 6.03
N HIS H 41 43.75 14.81 6.91
CA HIS H 41 42.43 14.37 7.35
C HIS H 41 41.90 15.26 8.46
N ASP H 42 42.78 16.09 9.03
CA ASP H 42 42.42 16.92 10.17
C ASP H 42 41.69 18.18 9.72
N GLY H 43 41.53 18.33 8.41
CA GLY H 43 40.71 19.41 7.86
C GLY H 43 41.56 20.65 7.61
N TYR H 44 42.84 20.57 7.94
CA TYR H 44 43.77 21.66 7.69
C TYR H 44 44.24 21.66 6.23
N VAL H 45 44.54 22.84 5.71
CA VAL H 45 45.07 22.97 4.36
C VAL H 45 46.51 23.45 4.38
N ARG H 46 47.30 22.99 3.42
CA ARG H 46 48.68 23.43 3.27
C ARG H 46 48.84 24.33 2.06
N LEU H 47 48.87 25.65 2.32
CA LEU H 47 48.92 26.63 1.24
C LEU H 47 50.36 27.05 0.96
N GLN H 48 50.69 27.17 -0.32
CA GLN H 48 51.93 27.82 -0.74
C GLN H 48 51.66 29.16 -1.41
N THR H 49 52.12 30.23 -0.77
CA THR H 49 51.94 31.58 -1.32
C THR H 49 53.23 32.08 -1.96
N SER H 50 53.10 33.15 -2.76
CA SER H 50 54.26 33.77 -3.37
C SER H 50 55.00 34.66 -2.38
N SER H 51 54.30 35.08 -1.34
CA SER H 51 54.91 35.86 -0.27
C SER H 51 55.40 34.96 0.86
N GLN H 52 56.14 35.54 1.80
CA GLN H 52 56.68 34.80 2.93
C GLN H 52 56.36 35.48 4.25
N TYR H 53 56.24 34.68 5.30
CA TYR H 53 56.01 35.21 6.64
C TYR H 53 56.51 34.25 7.71
N GLY H 54 56.49 34.69 8.96
CA GLY H 54 57.06 33.92 10.06
C GLY H 54 58.46 34.42 10.42
N LEU H 55 59.17 34.95 9.44
CA LEU H 55 60.44 35.61 9.68
C LEU H 55 60.39 37.07 9.27
N ASP H 56 61.01 37.93 10.07
CA ASP H 56 61.01 39.37 9.81
C ASP H 56 62.11 39.76 8.83
N SER H 57 62.32 41.07 8.69
CA SER H 57 63.20 41.58 7.65
C SER H 57 64.63 41.12 7.85
N SER H 58 64.97 40.81 9.10
CA SER H 58 66.33 40.41 9.45
C SER H 58 66.46 38.89 9.46
N GLY H 59 65.34 38.20 9.28
CA GLY H 59 65.34 36.73 9.27
C GLY H 59 65.12 36.17 10.66
N ASN H 60 64.70 37.03 11.59
CA ASN H 60 64.39 36.60 12.95
C ASN H 60 62.97 36.05 13.04
N LEU H 61 62.78 35.08 13.94
CA LEU H 61 61.51 34.37 14.02
C LEU H 61 60.43 35.25 14.65
N LYS H 62 59.48 35.68 13.84
CA LYS H 62 58.34 36.45 14.33
C LYS H 62 57.09 36.17 13.52
N GLY H 63 56.22 35.31 14.04
CA GLY H 63 54.99 34.92 13.35
C GLY H 63 53.95 36.03 13.42
N ARG H 64 54.28 37.10 14.13
CA ARG H 64 53.33 38.19 14.34
C ARG H 64 53.18 39.04 13.10
N THR H 65 54.17 38.95 12.20
CA THR H 65 54.19 39.77 11.00
C THR H 65 54.33 38.92 9.75
N MET H 66 54.02 39.50 8.60
CA MET H 66 54.16 38.82 7.33
C MET H 66 54.73 39.74 6.25
N ARG H 67 55.55 39.18 5.37
CA ARG H 67 56.36 39.98 4.46
C ARG H 67 55.94 39.77 3.01
N TYR H 68 55.57 40.86 2.35
CA TYR H 68 55.06 40.79 0.99
C TYR H 68 55.69 41.85 0.10
N ASP H 69 55.89 41.51 -1.18
CA ASP H 69 56.54 42.41 -2.11
C ASP H 69 55.56 43.40 -2.71
N MET H 70 55.61 44.64 -2.25
CA MET H 70 54.73 45.69 -2.75
C MET H 70 55.33 46.38 -3.97
N HIS H 71 55.06 45.83 -5.15
CA HIS H 71 55.62 46.36 -6.39
C HIS H 71 57.14 46.44 -6.31
N GLY H 72 57.67 47.65 -6.35
CA GLY H 72 59.10 47.87 -6.42
C GLY H 72 59.75 47.72 -5.05
N THR H 73 58.93 47.69 -4.01
CA THR H 73 59.41 47.59 -2.64
C THR H 73 58.79 46.40 -1.92
N ILE H 74 59.27 46.13 -0.71
CA ILE H 74 58.74 45.05 0.10
C ILE H 74 58.30 45.55 1.48
N LYS H 75 57.08 45.22 1.87
CA LYS H 75 56.51 45.74 3.11
C LYS H 75 56.16 44.60 4.06
N GLU H 76 55.95 44.96 5.33
CA GLU H 76 55.56 43.97 6.34
C GLU H 76 54.37 44.46 7.14
N ILE H 77 53.43 43.56 7.40
CA ILE H 77 52.25 43.89 8.20
C ILE H 77 51.92 42.78 9.18
N PRO H 78 51.08 43.08 10.16
CA PRO H 78 50.61 42.09 11.12
C PRO H 78 49.97 40.90 10.40
N LEU H 79 50.31 39.70 10.85
CA LEU H 79 49.78 38.48 10.25
C LEU H 79 48.31 38.27 10.60
N HIS H 80 47.96 38.58 11.84
CA HIS H 80 46.59 38.40 12.32
C HIS H 80 45.62 39.28 11.54
N GLN H 81 46.14 40.35 10.94
CA GLN H 81 45.34 41.21 10.07
C GLN H 81 44.98 40.49 8.78
N VAL H 82 45.84 39.58 8.35
CA VAL H 82 45.61 38.81 7.13
C VAL H 82 44.51 37.78 7.34
N SER H 83 43.50 37.81 6.47
CA SER H 83 42.34 36.93 6.61
C SER H 83 42.13 36.12 5.35
N LEU H 84 41.46 34.99 5.48
CA LEU H 84 41.09 34.16 4.34
C LEU H 84 39.86 33.30 4.65
N TYR H 85 39.14 32.91 3.60
CA TYR H 85 37.92 32.14 3.76
C TYR H 85 37.59 31.36 2.48
N THR H 86 36.69 30.39 2.60
CA THR H 86 36.10 29.74 1.44
C THR H 86 34.58 29.84 1.48
N SER H 87 33.97 28.99 2.30
CA SER H 87 32.56 29.17 2.68
C SER H 87 32.44 30.04 3.92
N ARG H 88 33.36 29.86 4.86
CA ARG H 88 33.44 30.71 6.04
C ARG H 88 34.89 30.99 6.41
N PRO H 89 35.10 32.01 7.24
CA PRO H 89 36.44 32.41 7.65
C PRO H 89 37.21 31.23 8.23
N CYS H 90 38.47 31.12 7.86
CA CYS H 90 39.33 30.04 8.35
C CYS H 90 40.00 30.41 9.66
N HIS H 91 40.56 29.42 10.33
CA HIS H 91 41.41 29.66 11.50
C HIS H 91 42.86 29.32 11.21
N ILE H 92 43.70 30.36 11.16
CA ILE H 92 45.12 30.18 10.90
C ILE H 92 45.83 29.56 12.10
N VAL H 93 46.59 28.49 11.85
CA VAL H 93 47.21 27.73 12.92
C VAL H 93 48.71 28.02 13.01
N ASP H 94 49.39 27.86 11.87
CA ASP H 94 50.83 28.07 11.83
C ASP H 94 51.30 28.42 10.41
N GLY H 95 52.56 28.79 10.28
CA GLY H 95 53.14 29.13 8.98
C GLY H 95 54.65 29.18 9.04
N HIS H 96 55.29 29.07 7.88
CA HIS H 96 56.75 29.09 7.80
C HIS H 96 57.22 29.31 6.38
N GLY H 97 57.88 30.45 6.15
CA GLY H 97 58.38 30.79 4.83
C GLY H 97 57.24 31.07 3.86
N TYR H 98 57.21 30.33 2.76
CA TYR H 98 56.19 30.50 1.74
C TYR H 98 54.85 29.92 2.19
N PHE H 99 54.90 29.04 3.17
CA PHE H 99 53.84 28.06 3.37
C PHE H 99 52.93 28.46 4.53
N LEU H 100 51.68 28.02 4.47
CA LEU H 100 50.68 28.42 5.45
C LEU H 100 49.79 27.25 5.85
N LEU H 101 49.63 27.04 7.16
CA LEU H 101 48.79 25.97 7.67
C LEU H 101 47.59 26.55 8.42
N ALA H 102 46.39 26.28 7.91
CA ALA H 102 45.17 26.86 8.46
C ALA H 102 43.98 25.93 8.27
N ARG H 103 42.95 26.12 9.09
CA ARG H 103 41.71 25.38 8.95
C ARG H 103 40.68 26.17 8.14
N CYS H 104 40.55 25.83 6.86
CA CYS H 104 39.45 26.32 6.04
C CYS H 104 38.39 25.25 5.83
N PRO H 105 37.14 25.68 5.66
CA PRO H 105 36.06 24.76 5.33
C PRO H 105 36.09 24.38 3.86
N ALA H 106 35.16 23.52 3.46
CA ALA H 106 35.00 23.17 2.05
C ALA H 106 34.56 24.37 1.22
N GLY H 107 34.81 24.30 -0.08
CA GLY H 107 34.45 25.40 -0.98
C GLY H 107 34.94 25.13 -2.40
N ASP H 108 34.53 25.98 -3.33
CA ASP H 108 34.90 25.81 -4.73
C ASP H 108 36.16 26.61 -5.06
N SER H 109 36.50 27.55 -4.20
CA SER H 109 37.70 28.36 -4.37
C SER H 109 38.19 28.92 -3.04
N ILE H 110 39.42 29.41 -3.03
CA ILE H 110 40.00 29.98 -1.82
C ILE H 110 40.24 31.48 -1.97
N THR H 111 39.70 32.25 -1.04
CA THR H 111 39.83 33.71 -1.08
C THR H 111 40.73 34.21 0.05
N MET H 112 41.75 34.97 -0.31
CA MET H 112 42.66 35.56 0.68
C MET H 112 42.73 37.07 0.53
N GLU H 113 42.68 37.77 1.65
CA GLU H 113 42.72 39.24 1.65
C GLU H 113 43.36 39.77 2.92
N PHE H 114 43.86 41.00 2.85
CA PHE H 114 44.45 41.66 4.02
C PHE H 114 44.40 43.18 3.87
N LYS H 115 44.43 43.88 4.99
CA LYS H 115 44.48 45.33 4.99
C LYS H 115 45.92 45.83 5.01
N LYS H 116 46.25 46.68 4.04
CA LYS H 116 47.56 47.32 4.01
C LYS H 116 47.60 48.53 4.93
N ASP H 117 47.97 49.68 4.38
CA ASP H 117 47.87 50.94 5.12
C ASP H 117 46.48 51.55 4.98
N SER H 118 45.75 51.14 3.95
CA SER H 118 44.42 51.67 3.70
C SER H 118 43.54 50.63 3.00
N VAL H 119 43.29 50.84 1.71
CA VAL H 119 42.41 49.95 0.95
C VAL H 119 42.87 48.50 1.07
N ARG H 120 41.92 47.62 1.38
CA ARG H 120 42.23 46.20 1.54
C ARG H 120 42.50 45.54 0.20
N HIS H 121 43.43 44.59 0.18
CA HIS H 121 43.75 43.86 -1.03
C HIS H 121 43.31 42.41 -0.95
N SER H 122 42.84 41.87 -2.06
CA SER H 122 42.23 40.54 -2.07
C SER H 122 42.59 39.78 -3.35
N CYS H 123 42.59 38.46 -3.27
CA CYS H 123 42.80 37.62 -4.43
C CYS H 123 42.19 36.23 -4.24
N SER H 124 41.45 35.76 -5.23
CA SER H 124 40.82 34.45 -5.17
C SER H 124 41.44 33.49 -6.18
N VAL H 125 41.64 32.24 -5.75
CA VAL H 125 42.15 31.20 -6.63
C VAL H 125 41.21 30.01 -6.68
N PRO H 126 41.05 29.43 -7.86
CA PRO H 126 40.17 28.29 -8.04
C PRO H 126 40.79 27.00 -7.52
N TYR H 127 40.14 26.38 -6.55
CA TYR H 127 40.58 25.09 -6.03
C TYR H 127 39.45 24.39 -5.29
N GLU H 128 39.22 23.12 -5.63
CA GLU H 128 38.21 22.32 -4.96
C GLU H 128 38.66 21.90 -3.57
N VAL H 129 37.94 22.36 -2.55
CA VAL H 129 38.20 21.96 -1.17
C VAL H 129 37.05 21.13 -0.61
N LYS H 130 37.36 19.89 -0.23
CA LYS H 130 36.35 18.98 0.31
C LYS H 130 36.99 17.80 1.02
N PHE H 131 37.13 17.90 2.33
CA PHE H 131 37.80 16.88 3.12
C PHE H 131 36.88 15.69 3.39
N ASN H 132 37.37 14.50 3.10
CA ASN H 132 36.61 13.27 3.33
C ASN H 132 36.66 12.87 4.81
N PRO H 133 35.50 12.87 5.45
CA PRO H 133 35.41 12.48 6.85
C PRO H 133 35.98 11.09 7.07
N VAL H 134 36.71 10.92 8.18
CA VAL H 134 37.35 9.65 8.48
C VAL H 134 36.37 8.67 9.12
N GLY H 135 36.26 7.48 8.53
CA GLY H 135 35.36 6.46 9.03
C GLY H 135 34.16 6.29 8.10
N ARG H 136 33.27 5.37 8.46
CA ARG H 136 32.08 5.11 7.66
C ARG H 136 30.98 6.11 7.97
N GLU H 137 31.31 7.13 8.76
CA GLU H 137 30.38 8.19 9.09
C GLU H 137 30.77 9.51 8.44
N LEU H 138 29.87 10.05 7.63
CA LEU H 138 30.15 11.30 6.90
C LEU H 138 29.65 12.51 7.67
N TYR H 139 30.55 13.13 8.44
CA TYR H 139 30.19 14.28 9.27
C TYR H 139 30.79 15.56 8.71
N THR H 140 30.22 16.69 9.11
CA THR H 140 30.71 17.99 8.67
C THR H 140 31.74 18.55 9.66
N HIS H 141 31.38 18.51 10.95
CA HIS H 141 32.26 19.02 12.00
C HIS H 141 32.62 17.92 12.98
N PRO H 142 33.77 18.07 13.64
CA PRO H 142 34.23 17.10 14.63
C PRO H 142 33.21 16.96 15.76
N PRO H 143 33.02 15.72 16.22
CA PRO H 143 32.02 15.44 17.25
C PRO H 143 32.53 15.88 18.63
N GLU H 144 31.59 16.05 19.56
CA GLU H 144 31.94 16.32 20.95
C GLU H 144 32.65 15.12 21.57
N HIS H 145 32.14 13.92 21.29
CA HIS H 145 32.78 12.70 21.75
C HIS H 145 32.78 11.64 20.64
N GLY H 146 33.74 10.73 20.70
CA GLY H 146 33.90 9.71 19.67
C GLY H 146 35.14 8.86 19.91
N VAL H 147 35.46 8.00 18.96
CA VAL H 147 36.59 7.08 19.11
C VAL H 147 37.77 7.53 18.25
N GLU H 148 38.96 7.06 18.61
CA GLU H 148 40.18 7.45 17.93
C GLU H 148 40.51 6.49 16.79
N GLN H 149 40.64 7.03 15.58
CA GLN H 149 41.01 6.22 14.42
C GLN H 149 42.24 6.77 13.73
N ALA H 150 42.97 5.90 13.02
CA ALA H 150 44.20 6.30 12.36
C ALA H 150 43.92 7.20 11.17
N CYS H 151 44.80 8.18 10.95
CA CYS H 151 44.67 9.10 9.83
C CYS H 151 46.01 9.73 9.46
N GLN H 152 46.02 10.52 8.41
CA GLN H 152 47.23 11.21 7.98
C GLN H 152 47.01 12.72 7.92
N VAL H 153 47.87 13.46 8.59
CA VAL H 153 47.68 14.90 8.77
C VAL H 153 48.98 15.66 8.53
N TYR H 154 48.85 16.96 8.24
CA TYR H 154 50.00 17.83 8.09
C TYR H 154 50.60 18.18 9.45
N ALA H 155 51.86 17.82 9.66
CA ALA H 155 52.57 18.16 10.89
C ALA H 155 52.76 19.67 11.01
N HIS H 156 52.61 20.18 12.23
CA HIS H 156 52.84 21.59 12.49
C HIS H 156 54.32 21.92 12.56
N ASP H 157 55.14 20.88 12.64
CA ASP H 157 56.58 21.06 12.78
C ASP H 157 57.19 21.70 11.54
N ALA H 158 58.01 22.73 11.76
CA ALA H 158 58.72 23.37 10.67
C ALA H 158 59.86 22.50 10.16
N GLN H 159 60.21 21.48 10.93
CA GLN H 159 61.21 20.51 10.53
C GLN H 159 60.93 19.97 9.13
N ASN H 160 61.96 19.89 8.30
CA ASN H 160 61.79 19.52 6.90
C ASN H 160 62.92 18.60 6.44
N ARG H 161 62.55 17.42 5.93
CA ARG H 161 63.52 16.40 5.56
C ARG H 161 63.14 15.73 4.26
N GLY H 162 61.87 15.37 4.13
CA GLY H 162 61.40 14.58 3.00
C GLY H 162 61.18 15.45 1.77
N ALA H 163 60.26 16.41 1.88
CA ALA H 163 59.78 17.14 0.72
C ALA H 163 60.65 18.35 0.42
N TYR H 164 60.79 18.69 -0.86
CA TYR H 164 61.62 19.81 -1.27
C TYR H 164 61.15 20.37 -2.61
N VAL H 165 61.52 21.62 -2.88
CA VAL H 165 61.13 22.28 -4.12
C VAL H 165 62.33 22.93 -4.79
N GLU H 166 62.16 23.32 -6.06
CA GLU H 166 63.24 23.93 -6.83
C GLU H 166 63.19 25.44 -6.74
N MET H 167 64.30 26.05 -6.33
CA MET H 167 64.41 27.50 -6.31
C MET H 167 65.67 27.96 -7.04
N HIS H 168 65.59 29.14 -7.66
CA HIS H 168 66.65 29.61 -8.54
C HIS H 168 66.66 31.13 -8.63
N LEU H 169 67.72 31.68 -9.20
CA LEU H 169 67.81 33.11 -9.44
C LEU H 169 66.73 33.57 -10.42
N PRO H 170 66.03 34.65 -10.07
CA PRO H 170 64.97 35.17 -10.91
C PRO H 170 65.52 35.83 -12.16
N GLY H 171 64.71 35.88 -13.21
CA GLY H 171 65.09 36.53 -14.46
C GLY H 171 64.92 38.05 -14.36
N SER H 172 65.21 38.74 -15.46
CA SER H 172 65.09 40.19 -15.49
C SER H 172 63.64 40.62 -15.37
N GLU H 173 63.39 41.56 -14.45
CA GLU H 173 62.03 42.04 -14.20
C GLU H 173 61.82 43.43 -14.79
N VAL H 174 60.98 43.52 -15.81
CA VAL H 174 60.72 44.80 -16.47
C VAL H 174 60.18 45.83 -15.49
N ASP H 175 60.67 47.06 -15.60
CA ASP H 175 60.22 48.14 -14.74
C ASP H 175 60.34 49.49 -15.44
N SER H 176 59.20 50.02 -15.91
CA SER H 176 59.18 51.25 -16.67
C SER H 176 59.51 52.44 -15.77
N SER H 177 59.39 52.26 -14.47
CA SER H 177 59.62 53.34 -13.51
C SER H 177 61.09 53.72 -13.46
N LEU H 178 61.95 52.86 -14.02
CA LEU H 178 63.37 53.16 -14.12
C LEU H 178 63.63 54.34 -15.04
N VAL H 179 62.74 54.54 -16.01
CA VAL H 179 62.99 55.45 -17.11
C VAL H 179 61.94 56.54 -17.19
N SER H 180 62.39 57.77 -17.48
CA SER H 180 61.47 58.88 -17.72
C SER H 180 62.02 59.84 -18.76
N LEU H 181 61.19 60.77 -19.20
CA LEU H 181 61.61 61.80 -20.14
C LEU H 181 61.88 63.12 -19.42
N SER H 182 63.14 63.57 -19.45
CA SER H 182 63.53 64.80 -18.78
C SER H 182 64.78 65.39 -19.42
N GLY H 183 64.65 66.60 -19.94
CA GLY H 183 63.37 67.28 -20.00
C GLY H 183 62.43 66.60 -21.00
N SER H 184 62.98 66.25 -22.17
CA SER H 184 62.22 65.55 -23.19
C SER H 184 63.03 64.39 -23.78
N SER H 185 64.00 63.91 -23.01
CA SER H 185 64.89 62.85 -23.48
C SER H 185 64.96 61.71 -22.48
N VAL H 186 65.31 60.52 -22.96
CA VAL H 186 65.29 59.32 -22.14
C VAL H 186 66.37 59.36 -21.07
N THR H 187 65.95 59.30 -19.81
CA THR H 187 66.90 59.22 -18.70
C THR H 187 66.52 58.10 -17.74
N VAL H 188 67.48 57.25 -17.41
CA VAL H 188 67.22 56.07 -16.61
C VAL H 188 68.02 56.10 -15.30
N THR H 189 67.33 55.83 -14.19
CA THR H 189 67.98 55.73 -12.89
C THR H 189 68.48 54.30 -12.65
N PRO H 190 69.45 54.17 -11.75
CA PRO H 190 70.03 52.87 -11.42
C PRO H 190 68.98 51.76 -11.37
N PRO H 191 68.23 51.68 -10.27
CA PRO H 191 68.41 52.62 -9.15
C PRO H 191 69.53 52.19 -8.23
N ASP H 192 69.59 52.80 -7.04
CA ASP H 192 70.64 52.50 -6.07
C ASP H 192 70.34 51.22 -5.30
N GLY H 193 71.04 50.14 -5.66
CA GLY H 193 70.88 48.86 -4.97
C GLY H 193 70.47 47.76 -5.95
N THR H 194 69.99 48.16 -7.12
CA THR H 194 69.57 47.21 -8.13
C THR H 194 70.36 47.39 -9.43
N SER H 195 70.70 46.28 -10.07
CA SER H 195 71.38 46.32 -11.36
C SER H 195 70.42 46.72 -12.47
N ALA H 196 70.79 47.75 -13.22
CA ALA H 196 69.92 48.30 -14.27
C ALA H 196 70.28 47.72 -15.63
N LEU H 197 69.35 46.98 -16.22
CA LEU H 197 69.50 46.48 -17.58
C LEU H 197 68.73 47.34 -18.57
N VAL H 198 69.47 48.06 -19.41
CA VAL H 198 68.87 49.05 -20.30
C VAL H 198 69.31 48.83 -21.74
N GLU H 199 68.34 48.83 -22.66
CA GLU H 199 68.64 48.73 -24.09
C GLU H 199 67.61 49.46 -24.92
N CYS H 200 68.05 50.11 -25.98
CA CYS H 200 67.17 50.90 -26.84
C CYS H 200 67.01 50.25 -28.21
N GLU H 201 65.82 50.37 -28.79
CA GLU H 201 65.58 49.90 -30.15
C GLU H 201 66.29 50.79 -31.16
N CYS H 202 66.43 52.06 -30.83
CA CYS H 202 67.12 53.01 -31.70
C CYS H 202 68.63 52.96 -31.47
N GLY H 203 69.36 53.76 -32.24
CA GLY H 203 70.82 53.80 -32.14
C GLY H 203 71.27 54.48 -30.85
N GLY H 204 72.51 54.95 -30.85
CA GLY H 204 73.08 55.58 -29.65
C GLY H 204 73.57 54.54 -28.67
N THR H 205 73.17 54.69 -27.41
CA THR H 205 73.59 53.78 -26.35
C THR H 205 72.57 52.68 -26.12
N LYS H 206 72.96 51.44 -26.43
CA LYS H 206 72.07 50.30 -26.22
C LYS H 206 72.61 49.37 -25.15
N ILE H 207 73.60 49.86 -24.39
CA ILE H 207 74.32 49.01 -23.45
C ILE H 207 74.04 49.44 -22.00
N SER H 208 74.29 48.54 -21.07
CA SER H 208 73.90 48.75 -19.68
C SER H 208 73.15 47.55 -19.12
N GLU H 209 73.69 46.96 -18.07
CA GLU H 209 75.09 47.16 -17.70
C GLU H 209 75.30 48.54 -17.10
N THR H 210 74.31 49.02 -16.36
CA THR H 210 74.50 50.17 -15.48
C THR H 210 74.47 49.74 -14.02
N ILE H 211 75.59 49.95 -13.33
CA ILE H 211 75.72 49.54 -11.95
C ILE H 211 75.09 50.55 -11.00
N ASN H 212 75.53 51.79 -11.10
CA ASN H 212 75.00 52.87 -10.26
C ASN H 212 75.25 54.23 -10.89
N LYS H 213 74.35 54.66 -11.75
CA LYS H 213 74.42 55.99 -12.36
C LYS H 213 73.15 56.34 -13.11
N THR H 214 72.71 57.58 -12.97
CA THR H 214 71.61 58.10 -13.78
C THR H 214 72.09 58.57 -15.15
N LYS H 215 71.68 57.88 -16.19
CA LYS H 215 72.26 58.07 -17.51
C LYS H 215 71.24 58.62 -18.49
N GLN H 216 71.70 59.41 -19.46
CA GLN H 216 70.84 59.91 -20.53
C GLN H 216 71.11 59.17 -21.83
N PHE H 217 70.07 58.93 -22.61
CA PHE H 217 70.17 58.09 -23.80
C PHE H 217 69.68 58.86 -25.03
N SER H 218 70.61 59.14 -25.95
CA SER H 218 70.29 59.89 -27.15
C SER H 218 69.67 59.01 -28.22
N GLN H 219 69.13 59.63 -29.27
CA GLN H 219 68.50 58.89 -30.36
C GLN H 219 67.25 58.15 -29.88
N CYS H 220 66.72 58.58 -28.73
CA CYS H 220 65.53 57.97 -28.17
C CYS H 220 64.45 59.01 -27.90
N THR H 221 63.63 59.27 -28.91
CA THR H 221 62.59 60.28 -28.82
C THR H 221 61.71 60.06 -27.61
N LYS H 222 61.24 58.83 -27.43
CA LYS H 222 60.37 58.50 -26.31
C LYS H 222 60.93 57.33 -25.50
N LYS H 223 60.61 57.31 -24.21
CA LYS H 223 61.03 56.23 -23.34
C LYS H 223 60.41 54.90 -23.78
N GLU H 224 59.34 54.97 -24.55
CA GLU H 224 58.71 53.79 -25.11
C GLU H 224 59.64 53.09 -26.09
N GLN H 225 60.58 53.85 -26.67
CA GLN H 225 61.52 53.30 -27.63
C GLN H 225 62.64 52.54 -26.94
N CYS H 226 62.67 52.62 -25.61
CA CYS H 226 63.68 51.91 -24.83
C CYS H 226 63.04 50.88 -23.92
N ARG H 227 63.85 49.97 -23.39
CA ARG H 227 63.39 49.00 -22.40
C ARG H 227 64.35 48.93 -21.22
N ALA H 228 63.80 48.66 -20.04
CA ALA H 228 64.57 48.68 -18.80
C ALA H 228 64.11 47.61 -17.84
N TYR H 229 65.07 46.87 -17.27
CA TYR H 229 64.76 45.78 -16.36
C TYR H 229 65.51 45.92 -15.06
N ARG H 230 64.88 45.51 -13.96
CA ARG H 230 65.56 45.38 -12.68
C ARG H 230 66.18 43.99 -12.52
N LEU H 231 67.48 43.96 -12.30
CA LEU H 231 68.20 42.69 -12.10
C LEU H 231 68.64 42.54 -10.66
N GLN H 232 68.37 41.37 -10.07
CA GLN H 232 68.79 41.07 -8.72
C GLN H 232 69.98 40.10 -8.71
N ASN H 233 69.71 38.84 -8.99
CA ASN H 233 70.76 37.84 -9.09
C ASN H 233 71.48 37.65 -7.76
N ASP H 234 70.79 37.99 -6.67
CA ASP H 234 71.36 37.87 -5.34
C ASP H 234 70.69 36.75 -4.54
N LYS H 235 69.38 36.63 -4.71
CA LYS H 235 68.59 35.68 -3.93
C LYS H 235 67.76 34.79 -4.84
N TRP H 236 67.27 33.68 -4.27
CA TRP H 236 66.49 32.71 -5.04
C TRP H 236 65.00 32.98 -4.91
N VAL H 237 64.23 32.49 -5.88
CA VAL H 237 62.79 32.34 -5.71
C VAL H 237 62.31 30.99 -6.23
N TYR H 238 61.11 30.60 -5.81
CA TYR H 238 60.49 29.37 -6.30
C TYR H 238 60.29 29.42 -7.81
N ASN H 239 60.58 28.30 -8.47
CA ASN H 239 60.43 28.21 -9.92
C ASN H 239 58.96 28.28 -10.32
N SER H 240 58.42 29.50 -10.38
CA SER H 240 57.05 29.71 -10.81
C SER H 240 56.94 29.77 -12.32
N ASP H 241 55.80 29.32 -12.85
CA ASP H 241 55.55 29.38 -14.28
C ASP H 241 55.02 30.74 -14.70
N LYS H 242 54.94 31.66 -13.74
CA LYS H 242 54.52 33.02 -14.01
C LYS H 242 55.70 33.98 -13.99
N LEU H 243 56.85 33.49 -13.55
CA LEU H 243 58.08 34.27 -13.58
C LEU H 243 59.01 33.78 -14.68
N PRO H 244 59.46 34.70 -15.54
CA PRO H 244 60.33 34.35 -16.65
C PRO H 244 61.70 33.89 -16.17
N LYS H 245 62.33 33.02 -16.94
CA LYS H 245 63.61 32.44 -16.55
C LYS H 245 64.76 33.38 -16.84
N ALA H 246 65.88 33.17 -16.16
CA ALA H 246 67.08 33.98 -16.38
C ALA H 246 67.90 33.44 -17.55
N ALA H 247 68.22 34.33 -18.49
CA ALA H 247 69.00 33.94 -19.67
C ALA H 247 70.50 34.02 -19.37
N GLY H 248 70.88 34.92 -18.47
CA GLY H 248 72.28 35.14 -18.15
C GLY H 248 72.89 33.92 -17.46
N ALA H 249 72.18 33.41 -16.47
CA ALA H 249 72.64 32.24 -15.72
C ALA H 249 71.50 31.57 -14.98
N THR H 250 71.65 30.28 -14.71
CA THR H 250 70.61 29.50 -14.04
C THR H 250 71.15 28.81 -12.79
N LEU H 251 71.42 29.61 -11.76
CA LEU H 251 71.81 29.05 -10.47
C LEU H 251 70.59 28.58 -9.68
N LYS H 252 70.55 27.29 -9.40
CA LYS H 252 69.38 26.67 -8.80
C LYS H 252 69.76 25.53 -7.87
N GLY H 253 68.85 25.18 -6.96
CA GLY H 253 69.06 24.06 -6.06
C GLY H 253 67.75 23.61 -5.43
N LYS H 254 67.82 22.56 -4.62
CA LYS H 254 66.63 22.00 -3.98
C LYS H 254 66.59 22.34 -2.50
N LEU H 255 65.44 22.83 -2.03
CA LEU H 255 65.28 23.23 -0.64
C LEU H 255 64.04 22.60 -0.02
N HIS H 256 64.19 22.08 1.19
CA HIS H 256 63.14 21.26 1.80
C HIS H 256 62.06 22.13 2.43
N VAL H 257 60.86 21.58 2.55
CA VAL H 257 59.68 22.37 2.89
C VAL H 257 59.02 21.86 4.16
N PRO H 258 58.40 22.75 4.91
CA PRO H 258 57.84 22.42 6.21
C PRO H 258 56.48 21.77 6.07
N PHE H 259 55.87 21.43 7.21
CA PHE H 259 54.49 20.96 7.23
C PHE H 259 54.32 19.70 6.40
N LEU H 260 55.13 18.69 6.71
CA LEU H 260 55.09 17.43 5.97
C LEU H 260 53.87 16.60 6.37
N LEU H 261 53.31 15.88 5.40
CA LEU H 261 52.22 14.95 5.67
C LEU H 261 52.72 13.73 6.43
N ALA H 262 52.10 13.45 7.57
CA ALA H 262 52.57 12.40 8.47
C ALA H 262 51.40 11.70 9.16
N ASP H 263 51.62 10.47 9.59
CA ASP H 263 50.57 9.68 10.22
C ASP H 263 50.24 10.23 11.61
N GLY H 264 48.99 10.03 12.02
CA GLY H 264 48.55 10.43 13.36
C GLY H 264 47.20 9.81 13.70
N LYS H 265 46.60 10.29 14.79
CA LYS H 265 45.29 9.81 15.22
C LYS H 265 44.27 10.94 15.21
N CYS H 266 43.03 10.60 14.85
CA CYS H 266 41.95 11.58 14.79
C CYS H 266 40.74 11.11 15.59
N THR H 267 39.96 12.07 16.09
CA THR H 267 38.75 11.76 16.81
C THR H 267 37.54 11.75 15.90
N VAL H 268 36.88 10.60 15.80
CA VAL H 268 35.71 10.45 14.94
C VAL H 268 34.50 9.95 15.73
N PRO H 269 33.31 10.20 15.19
CA PRO H 269 32.07 9.79 15.85
C PRO H 269 31.93 8.27 15.84
N LEU H 270 31.18 7.75 16.80
CA LEU H 270 30.91 6.32 16.88
C LEU H 270 29.43 6.03 16.62
N ALA H 271 29.16 5.28 15.56
CA ALA H 271 27.79 5.01 15.15
C ALA H 271 26.95 4.45 16.29
N PRO H 272 25.91 5.17 16.67
CA PRO H 272 25.01 4.72 17.73
C PRO H 272 24.39 3.38 17.39
N GLU H 273 24.26 2.52 18.39
CA GLU H 273 23.67 1.20 18.21
C GLU H 273 22.17 1.30 17.96
N PRO H 274 21.72 0.72 16.86
CA PRO H 274 20.30 0.74 16.51
C PRO H 274 19.51 -0.23 17.38
N MET H 275 18.19 -0.11 17.34
CA MET H 275 17.31 -1.02 18.08
C MET H 275 17.12 -2.33 17.33
N ILE H 276 17.22 -3.44 18.05
CA ILE H 276 17.31 -4.75 17.42
C ILE H 276 16.15 -5.64 17.84
N THR H 277 15.32 -6.03 16.88
CA THR H 277 14.25 -6.98 17.12
C THR H 277 14.47 -8.27 16.34
N PHE H 278 14.41 -9.40 17.04
CA PHE H 278 14.81 -10.67 16.47
C PHE H 278 13.62 -11.48 16.01
N GLY H 279 13.84 -12.38 15.05
CA GLY H 279 12.80 -13.30 14.60
C GLY H 279 13.40 -14.50 13.87
N PHE H 280 12.53 -15.34 13.32
CA PHE H 280 12.98 -16.55 12.63
C PHE H 280 13.81 -16.22 11.40
N ARG H 281 15.10 -16.54 11.46
CA ARG H 281 15.99 -16.32 10.33
C ARG H 281 15.86 -14.90 9.79
N SER H 282 15.56 -13.96 10.68
CA SER H 282 15.27 -12.59 10.29
C SER H 282 15.37 -11.64 11.46
N VAL H 283 15.96 -10.46 11.23
CA VAL H 283 16.07 -9.44 12.26
C VAL H 283 15.59 -8.09 11.73
N SER H 284 14.73 -7.43 12.50
CA SER H 284 14.25 -6.09 12.15
C SER H 284 15.00 -5.02 12.93
N LEU H 285 15.63 -4.10 12.21
CA LEU H 285 16.54 -3.14 12.82
C LEU H 285 16.03 -1.72 12.63
N LYS H 286 15.94 -0.97 13.73
CA LYS H 286 15.56 0.44 13.67
C LYS H 286 16.77 1.35 13.73
N LEU H 287 17.18 1.86 12.58
CA LEU H 287 18.38 2.69 12.49
C LEU H 287 18.05 4.17 12.66
N HIS H 288 18.94 4.89 13.32
CA HIS H 288 18.72 6.31 13.60
C HIS H 288 20.01 7.11 13.43
N PRO H 289 20.47 7.21 12.19
CA PRO H 289 21.70 7.95 11.89
C PRO H 289 21.48 9.45 12.05
N LYS H 290 22.50 10.13 12.58
CA LYS H 290 22.52 11.58 12.61
C LYS H 290 23.06 12.15 11.30
N ASN H 291 23.79 11.33 10.56
CA ASN H 291 24.35 11.74 9.28
C ASN H 291 24.57 10.55 8.36
N PRO H 292 24.92 10.83 7.11
CA PRO H 292 25.14 9.78 6.13
C PRO H 292 26.14 8.74 6.65
N THR H 293 25.64 7.55 6.95
CA THR H 293 26.46 6.50 7.53
C THR H 293 26.32 5.19 6.74
N TYR H 294 27.46 4.55 6.46
CA TYR H 294 27.48 3.37 5.60
C TYR H 294 27.06 2.13 6.37
N LEU H 295 26.02 1.45 5.86
CA LEU H 295 25.63 0.16 6.41
C LEU H 295 26.11 -0.98 5.53
N ILE H 296 26.75 -1.97 6.14
CA ILE H 296 27.22 -3.15 5.42
C ILE H 296 26.79 -4.43 6.14
N THR H 297 26.30 -5.38 5.35
CA THR H 297 25.86 -6.67 5.89
C THR H 297 26.29 -7.82 5.01
N ARG H 298 26.41 -9.01 5.59
CA ARG H 298 26.85 -10.19 4.85
C ARG H 298 26.49 -11.47 5.59
N GLN H 299 26.45 -12.58 4.87
CA GLN H 299 26.45 -13.90 5.48
C GLN H 299 27.86 -14.38 5.78
N LEU H 300 27.97 -15.35 6.68
CA LEU H 300 29.27 -15.93 7.02
C LEU H 300 29.53 -17.21 6.24
N ALA H 301 28.73 -17.42 5.19
CA ALA H 301 28.89 -18.60 4.34
C ALA H 301 29.94 -18.37 3.26
N ASP H 302 30.11 -19.35 2.38
CA ASP H 302 30.93 -19.18 1.20
C ASP H 302 30.35 -18.15 0.25
N GLU H 303 29.03 -17.99 0.30
CA GLU H 303 28.36 -16.92 -0.44
C GLU H 303 27.81 -15.85 0.51
N PRO H 304 28.63 -14.85 0.79
CA PRO H 304 28.28 -13.81 1.75
C PRO H 304 27.15 -12.93 1.23
N HIS H 305 27.02 -12.87 -0.10
CA HIS H 305 26.05 -11.98 -0.73
C HIS H 305 26.20 -10.55 -0.23
N TYR H 306 27.44 -10.08 -0.17
CA TYR H 306 27.74 -8.79 0.45
C TYR H 306 26.82 -7.70 -0.09
N THR H 307 26.08 -7.07 0.81
CA THR H 307 25.17 -5.99 0.44
C THR H 307 25.30 -4.81 1.40
N HIS H 308 25.31 -3.61 0.84
CA HIS H 308 25.55 -2.40 1.63
C HIS H 308 24.73 -1.23 1.10
N GLU H 309 24.60 -0.19 1.91
CA GLU H 309 23.85 1.00 1.53
C GLU H 309 24.19 2.19 2.42
N LEU H 310 24.25 3.37 1.84
CA LEU H 310 24.46 4.60 2.59
C LEU H 310 23.14 5.12 3.15
N ILE H 311 23.03 5.15 4.47
CA ILE H 311 21.80 5.58 5.13
C ILE H 311 22.04 6.83 5.97
N SER H 312 21.29 7.88 5.68
CA SER H 312 21.48 9.17 6.34
C SER H 312 20.31 9.51 7.25
N GLU H 313 19.17 8.86 7.00
CA GLU H 313 17.96 9.15 7.75
C GLU H 313 17.46 7.90 8.48
N PRO H 314 16.85 8.11 9.64
CA PRO H 314 16.28 7.02 10.41
C PRO H 314 15.32 6.19 9.55
N ALA H 315 15.34 4.88 9.73
CA ALA H 315 14.55 3.97 8.91
C ALA H 315 14.55 2.56 9.49
N VAL H 316 13.51 1.80 9.17
CA VAL H 316 13.39 0.44 9.67
C VAL H 316 13.59 -0.57 8.54
N ARG H 317 14.56 -1.45 8.71
CA ARG H 317 14.93 -2.40 7.67
C ARG H 317 14.88 -3.83 8.19
N ASN H 318 14.55 -4.76 7.30
CA ASN H 318 14.53 -6.18 7.65
C ASN H 318 15.66 -6.94 6.99
N PHE H 319 16.38 -7.73 7.77
CA PHE H 319 17.55 -8.45 7.27
C PHE H 319 17.42 -9.95 7.54
N THR H 320 18.03 -10.75 6.67
CA THR H 320 17.92 -12.20 6.74
C THR H 320 19.10 -12.82 7.48
N VAL H 321 18.80 -13.76 8.37
CA VAL H 321 19.85 -14.43 9.14
C VAL H 321 19.77 -15.94 8.96
N THR H 322 20.89 -16.53 8.55
CA THR H 322 20.95 -17.98 8.32
C THR H 322 21.67 -18.69 9.47
N GLU H 323 21.49 -20.00 9.55
CA GLU H 323 22.17 -20.79 10.55
C GLU H 323 23.68 -20.81 10.32
N LYS H 324 24.08 -20.57 9.08
CA LYS H 324 25.49 -20.45 8.73
C LYS H 324 26.11 -19.23 9.39
N GLY H 325 25.28 -18.25 9.73
CA GLY H 325 25.74 -17.07 10.45
C GLY H 325 25.56 -15.81 9.61
N TRP H 326 25.28 -14.70 10.28
CA TRP H 326 25.07 -13.43 9.60
C TRP H 326 25.71 -12.28 10.37
N GLU H 327 26.52 -11.49 9.67
CA GLU H 327 27.30 -10.43 10.30
C GLU H 327 26.68 -9.06 10.08
N PHE H 328 26.79 -8.19 11.08
CA PHE H 328 26.21 -6.86 11.01
C PHE H 328 27.24 -5.80 11.39
N VAL H 329 27.47 -4.84 10.49
CA VAL H 329 28.30 -3.69 10.79
C VAL H 329 27.60 -2.39 10.41
N TRP H 330 27.56 -1.45 11.35
CA TRP H 330 26.81 -0.21 11.16
C TRP H 330 27.67 1.01 11.45
N GLY H 331 28.13 1.67 10.39
CA GLY H 331 29.06 2.80 10.54
C GLY H 331 30.35 2.37 11.23
N ASN H 332 30.75 3.11 12.25
CA ASN H 332 31.96 2.80 12.99
C ASN H 332 31.68 1.86 14.16
N HIS H 333 30.45 1.37 14.23
CA HIS H 333 30.07 0.43 15.27
C HIS H 333 30.86 -0.87 15.17
N PRO H 334 31.35 -1.34 16.30
CA PRO H 334 32.08 -2.61 16.34
C PRO H 334 31.29 -3.72 15.67
N PRO H 335 31.95 -4.46 14.78
CA PRO H 335 31.31 -5.56 14.06
C PRO H 335 30.72 -6.58 15.03
N LYS H 336 29.50 -7.00 14.74
CA LYS H 336 28.86 -8.06 15.52
C LYS H 336 28.43 -9.22 14.64
N ARG H 337 28.43 -10.42 15.20
CA ARG H 337 27.96 -11.61 14.50
C ARG H 337 26.89 -12.34 15.29
N PHE H 338 25.90 -12.87 14.58
CA PHE H 338 24.82 -13.61 15.21
C PHE H 338 24.44 -14.85 14.40
N TRP H 339 24.26 -15.97 15.09
CA TRP H 339 23.61 -17.13 14.50
C TRP H 339 22.16 -17.24 14.96
N ALA H 340 21.36 -18.00 14.21
CA ALA H 340 19.95 -18.17 14.53
C ALA H 340 19.58 -19.64 14.64
N GLN H 341 18.56 -19.94 15.43
CA GLN H 341 18.07 -21.31 15.57
C GLN H 341 16.58 -21.32 15.89
N GLU H 342 15.95 -22.46 15.67
CA GLU H 342 14.50 -22.58 15.83
C GLU H 342 13.93 -21.40 16.61
N THR H 343 13.31 -20.48 15.89
CA THR H 343 12.61 -19.35 16.52
C THR H 343 11.10 -19.57 16.51
N ALA H 344 10.52 -19.64 15.31
CA ALA H 344 9.08 -19.77 15.17
C ALA H 344 8.69 -20.02 13.71
N PRO H 345 7.64 -20.79 13.51
CA PRO H 345 6.92 -21.41 14.62
C PRO H 345 7.69 -22.59 15.20
N GLY H 346 8.78 -22.96 14.54
CA GLY H 346 9.64 -24.04 15.01
C GLY H 346 9.01 -25.40 14.70
N ASN H 347 9.35 -26.39 15.52
CA ASN H 347 8.77 -27.73 15.39
C ASN H 347 8.68 -28.42 16.73
N PRO H 348 7.75 -27.96 17.57
CA PRO H 348 7.46 -28.62 18.83
C PRO H 348 6.92 -30.03 18.60
N HIS H 349 6.60 -30.72 19.69
CA HIS H 349 6.18 -32.12 19.61
C HIS H 349 4.76 -32.24 19.06
N GLY H 350 3.98 -31.18 19.24
CA GLY H 350 2.57 -31.20 18.85
C GLY H 350 1.72 -30.37 19.81
N LEU H 351 0.47 -30.80 20.00
CA LEU H 351 -0.04 -32.00 19.36
C LEU H 351 -1.56 -31.98 19.30
N PRO H 352 -2.12 -32.78 18.39
CA PRO H 352 -1.32 -33.46 17.37
C PRO H 352 -1.12 -32.58 16.16
N HIS H 353 -0.48 -33.13 15.13
CA HIS H 353 -0.32 -32.43 13.86
C HIS H 353 0.33 -31.07 14.06
N GLU H 354 -0.36 -30.03 13.63
CA GLU H 354 0.04 -28.66 13.96
C GLU H 354 1.52 -28.44 13.71
N VAL H 355 2.34 -28.84 14.67
CA VAL H 355 3.78 -28.60 14.60
C VAL H 355 4.37 -29.14 13.31
N ILE H 356 3.70 -30.13 12.73
CA ILE H 356 4.11 -30.68 11.44
C ILE H 356 4.05 -29.62 10.34
N THR H 357 3.00 -28.80 10.38
CA THR H 357 2.86 -27.70 9.43
C THR H 357 3.72 -26.51 9.84
N HIS H 358 4.09 -26.45 11.11
CA HIS H 358 5.05 -25.47 11.60
C HIS H 358 6.43 -25.72 11.01
N TYR H 359 6.83 -26.99 10.99
CA TYR H 359 8.14 -27.36 10.46
C TYR H 359 8.30 -26.92 9.01
N TYR H 360 7.17 -26.75 8.32
CA TYR H 360 7.18 -26.29 6.94
C TYR H 360 8.15 -25.14 6.75
N HIS H 361 8.17 -24.21 7.69
CA HIS H 361 9.06 -23.06 7.63
C HIS H 361 10.42 -23.37 8.25
N ARG H 362 10.46 -24.36 9.12
CA ARG H 362 11.69 -24.76 9.78
C ARG H 362 12.47 -25.76 8.93
N TYR H 363 13.76 -25.49 8.75
CA TYR H 363 14.60 -26.34 7.92
C TYR H 363 13.95 -26.66 6.60
N PRO H 364 13.63 -25.62 5.83
CA PRO H 364 12.91 -25.79 4.57
C PRO H 364 13.78 -26.49 3.52
N MET H 365 13.23 -26.69 2.34
CA MET H 365 13.87 -27.50 1.32
C MET H 365 13.79 -28.99 1.66
N SER H 366 12.92 -29.71 0.94
CA SER H 366 12.54 -31.05 1.34
C SER H 366 11.16 -31.07 1.98
N THR H 367 11.08 -31.58 3.20
CA THR H 367 9.83 -31.56 3.96
C THR H 367 8.66 -32.04 3.12
N ILE H 368 8.12 -31.15 2.30
CA ILE H 368 7.02 -31.51 1.41
C ILE H 368 7.40 -32.68 0.50
N LEU H 369 8.68 -32.72 0.10
CA LEU H 369 9.18 -33.81 -0.73
C LEU H 369 8.87 -35.17 -0.10
N GLY H 370 9.37 -35.38 1.11
CA GLY H 370 9.18 -36.66 1.80
C GLY H 370 7.71 -36.96 2.01
N LEU H 371 6.93 -35.93 2.32
CA LEU H 371 5.50 -36.08 2.54
C LEU H 371 4.79 -36.56 1.28
N SER H 372 5.14 -35.96 0.14
CA SER H 372 4.52 -36.30 -1.13
C SER H 372 4.90 -37.71 -1.56
N ILE H 373 6.14 -38.10 -1.28
CA ILE H 373 6.62 -39.43 -1.62
C ILE H 373 5.83 -40.50 -0.89
N CYS H 374 5.65 -40.33 0.41
CA CYS H 374 4.91 -41.28 1.24
C CYS H 374 3.44 -41.34 0.82
N ALA H 375 2.88 -40.17 0.52
CA ALA H 375 1.50 -40.09 0.06
C ALA H 375 1.30 -40.82 -1.27
N ALA H 376 2.27 -40.65 -2.16
CA ALA H 376 2.22 -41.30 -3.46
C ALA H 376 2.29 -42.82 -3.32
N ILE H 377 3.12 -43.28 -2.40
CA ILE H 377 3.24 -44.70 -2.11
C ILE H 377 1.91 -45.28 -1.61
N ALA H 378 1.27 -44.55 -0.69
CA ALA H 378 -0.03 -44.95 -0.18
C ALA H 378 -1.07 -45.01 -1.30
N THR H 379 -1.02 -44.03 -2.20
CA THR H 379 -1.93 -44.00 -3.34
C THR H 379 -1.77 -45.25 -4.20
N VAL H 380 -0.53 -45.64 -4.45
CA VAL H 380 -0.24 -46.84 -5.21
C VAL H 380 -0.80 -48.09 -4.51
N SER H 381 -0.67 -48.11 -3.18
CA SER H 381 -1.21 -49.21 -2.40
C SER H 381 -2.73 -49.30 -2.54
N VAL H 382 -3.38 -48.15 -2.53
CA VAL H 382 -4.83 -48.10 -2.71
C VAL H 382 -5.25 -48.67 -4.06
N ALA H 383 -4.53 -48.28 -5.11
CA ALA H 383 -4.80 -48.77 -6.45
C ALA H 383 -4.61 -50.28 -6.52
N ALA H 384 -3.53 -50.77 -5.92
CA ALA H 384 -3.25 -52.20 -5.89
C ALA H 384 -4.34 -52.95 -5.13
N SER H 385 -4.78 -52.38 -4.01
CA SER H 385 -5.86 -52.98 -3.22
C SER H 385 -7.13 -53.13 -4.04
N THR H 386 -7.47 -52.08 -4.78
CA THR H 386 -8.64 -52.11 -5.65
C THR H 386 -8.50 -53.19 -6.72
N TRP H 387 -7.31 -53.26 -7.33
CA TRP H 387 -7.04 -54.27 -8.34
C TRP H 387 -7.22 -55.68 -7.78
N LEU H 388 -6.74 -55.89 -6.56
CA LEU H 388 -6.91 -57.17 -5.88
C LEU H 388 -8.38 -57.47 -5.63
N PHE H 389 -9.12 -56.44 -5.22
CA PHE H 389 -10.54 -56.59 -4.94
C PHE H 389 -11.32 -57.01 -6.17
N CYS H 390 -10.99 -56.40 -7.30
CA CYS H 390 -11.62 -56.73 -8.57
C CYS H 390 -11.31 -58.17 -8.98
N ARG H 391 -10.05 -58.57 -8.78
CA ARG H 391 -9.64 -59.94 -9.05
C ARG H 391 -10.35 -60.92 -8.13
N SER H 392 -10.57 -60.51 -6.89
CA SER H 392 -11.31 -61.32 -5.93
C SER H 392 -12.77 -61.48 -6.36
N ARG H 393 -13.34 -60.41 -6.88
CA ARG H 393 -14.71 -60.44 -7.38
C ARG H 393 -14.84 -61.38 -8.58
N VAL H 394 -13.80 -61.40 -9.42
CA VAL H 394 -13.71 -62.38 -10.49
C VAL H 394 -13.66 -63.80 -9.94
N ALA H 395 -12.85 -63.99 -8.89
CA ALA H 395 -12.73 -65.29 -8.26
C ALA H 395 -14.08 -65.79 -7.74
N CYS H 396 -14.87 -64.86 -7.21
CA CYS H 396 -16.22 -65.19 -6.74
C CYS H 396 -17.15 -65.52 -7.91
N LEU H 397 -17.08 -64.70 -8.95
CA LEU H 397 -17.97 -64.84 -10.10
C LEU H 397 -17.65 -66.09 -10.90
N THR H 398 -16.41 -66.56 -10.78
CA THR H 398 -15.94 -67.68 -11.57
C THR H 398 -16.83 -68.90 -11.37
N PRO H 399 -16.98 -69.34 -10.12
CA PRO H 399 -17.84 -70.46 -9.79
C PRO H 399 -19.31 -70.10 -10.00
N TYR H 400 -19.61 -68.80 -10.01
CA TYR H 400 -20.98 -68.33 -10.14
C TYR H 400 -21.42 -68.32 -11.60
N ARG H 401 -20.45 -68.48 -12.51
CA ARG H 401 -20.67 -68.17 -13.91
C ARG H 401 -22.14 -67.97 -14.21
N LEU H 402 -22.88 -69.07 -14.25
CA LEU H 402 -24.34 -69.01 -14.24
C LEU H 402 -24.90 -69.61 -12.95
N THR H 403 -24.45 -70.80 -12.61
CA THR H 403 -24.01 -71.77 -13.60
C THR H 403 -25.20 -72.44 -14.27
N PRO H 404 -24.97 -73.01 -15.45
CA PRO H 404 -26.00 -73.75 -16.16
C PRO H 404 -26.90 -74.49 -15.19
N ASN H 405 -27.92 -73.80 -14.68
CA ASN H 405 -28.79 -74.34 -13.65
C ASN H 405 -29.55 -73.24 -12.92
N ALA H 406 -28.90 -72.09 -12.76
CA ALA H 406 -29.46 -71.00 -11.97
C ALA H 406 -29.64 -71.41 -10.51
N ARG H 407 -28.82 -72.36 -10.07
CA ARG H 407 -28.88 -72.85 -8.70
C ARG H 407 -27.49 -72.98 -8.10
N ILE H 408 -27.10 -72.01 -7.28
CA ILE H 408 -25.80 -72.04 -6.61
C ILE H 408 -25.92 -71.67 -5.14
N PRO H 409 -26.97 -72.17 -4.50
CA PRO H 409 -27.19 -71.91 -3.08
C PRO H 409 -25.91 -72.09 -2.29
N PHE H 410 -25.20 -73.19 -2.54
CA PHE H 410 -24.12 -73.63 -1.67
C PHE H 410 -22.83 -72.87 -1.96
N CYS H 411 -22.68 -72.43 -3.20
CA CYS H 411 -21.56 -71.57 -3.58
C CYS H 411 -21.64 -70.23 -2.86
N LEU H 412 -22.85 -69.68 -2.76
CA LEU H 412 -23.06 -68.43 -2.05
C LEU H 412 -22.99 -68.64 -0.54
N ALA H 413 -23.47 -69.79 -0.08
CA ALA H 413 -23.51 -70.09 1.35
C ALA H 413 -22.10 -70.22 1.91
N VAL H 414 -21.19 -70.77 1.10
CA VAL H 414 -19.81 -70.97 1.53
C VAL H 414 -18.98 -69.71 1.35
N LEU H 415 -19.00 -69.17 0.15
CA LEU H 415 -18.11 -68.06 -0.21
C LEU H 415 -18.58 -66.75 0.39
N CYS H 416 -19.89 -66.51 0.31
CA CYS H 416 -20.48 -65.32 0.90
C CYS H 416 -19.71 -64.06 0.49
N CYS H 417 -19.38 -63.97 -0.79
CA CYS H 417 -18.63 -62.83 -1.31
C CYS H 417 -19.40 -61.53 -1.11
N ALA H 418 -20.72 -61.63 -1.11
CA ALA H 418 -21.57 -60.49 -0.76
C ALA H 418 -22.68 -60.29 -1.79
N ARG H 419 -23.32 -59.13 -1.75
CA ARG H 419 -24.36 -58.80 -2.71
C ARG H 419 -25.46 -59.86 -2.71
N THR H 420 -25.96 -60.19 -1.52
CA THR H 420 -27.04 -61.15 -1.38
C THR H 420 -27.77 -61.35 -2.71
N ALA H 421 -27.51 -62.49 -3.35
CA ALA H 421 -28.09 -62.77 -4.66
C ALA H 421 -29.07 -63.94 -4.59
N ARG H 422 -30.36 -63.62 -4.54
CA ARG H 422 -30.82 -62.27 -4.81
C ARG H 422 -32.27 -62.10 -4.36
N ALA H 423 -33.07 -63.15 -4.51
CA ALA H 423 -34.46 -63.12 -4.09
C ALA H 423 -34.77 -64.18 -3.04
N LYS I 1 -29.38 -92.48 -37.41
CA LYS I 1 -29.47 -92.02 -36.03
C LYS I 1 -29.18 -90.53 -35.91
N ARG I 2 -28.06 -90.11 -36.50
CA ARG I 2 -27.65 -88.71 -36.44
C ARG I 2 -28.77 -87.78 -36.92
N GLN I 3 -29.54 -88.25 -37.89
CA GLN I 3 -30.75 -87.55 -38.31
C GLN I 3 -31.69 -87.32 -37.14
N ARG I 4 -31.93 -88.37 -36.36
CA ARG I 4 -32.81 -88.28 -35.21
C ARG I 4 -32.28 -87.32 -34.17
N MET I 5 -30.97 -87.40 -33.90
CA MET I 5 -30.35 -86.58 -32.86
C MET I 5 -30.38 -85.11 -33.23
N VAL I 6 -30.05 -84.81 -34.48
CA VAL I 6 -30.09 -83.45 -34.98
C VAL I 6 -31.51 -82.91 -35.04
N MET I 7 -32.44 -83.77 -35.41
CA MET I 7 -33.86 -83.41 -35.44
C MET I 7 -34.34 -82.94 -34.07
N LYS I 8 -33.87 -83.61 -33.02
CA LYS I 8 -34.16 -83.18 -31.66
C LYS I 8 -33.47 -81.86 -31.34
N LEU I 9 -32.27 -81.68 -31.86
CA LEU I 9 -31.56 -80.41 -31.72
C LEU I 9 -32.28 -79.29 -32.47
N GLU I 10 -32.95 -79.64 -33.56
CA GLU I 10 -33.73 -78.67 -34.32
C GLU I 10 -34.97 -78.25 -33.55
N SER I 11 -35.59 -79.20 -32.86
CA SER I 11 -36.68 -78.89 -31.95
C SER I 11 -36.26 -77.90 -30.87
N ASP I 12 -35.04 -78.09 -30.35
CA ASP I 12 -34.45 -77.12 -29.44
C ASP I 12 -34.17 -75.80 -30.14
N LYS I 13 -34.61 -74.70 -29.55
CA LYS I 13 -34.47 -73.39 -30.15
C LYS I 13 -33.06 -72.85 -29.98
N THR I 14 -32.39 -72.61 -31.10
CA THR I 14 -31.03 -72.06 -31.08
C THR I 14 -30.94 -70.80 -31.93
N PHE I 15 -30.00 -69.93 -31.60
CA PHE I 15 -29.84 -68.66 -32.29
C PHE I 15 -28.38 -68.39 -32.63
N PRO I 16 -28.10 -68.25 -33.93
CA PRO I 16 -26.74 -68.01 -34.39
C PRO I 16 -26.30 -66.58 -34.09
N ILE I 17 -24.99 -66.36 -34.14
CA ILE I 17 -24.44 -65.02 -33.95
C ILE I 17 -24.13 -64.36 -35.29
N MET I 18 -25.00 -63.45 -35.70
CA MET I 18 -24.95 -62.90 -37.06
C MET I 18 -24.07 -61.65 -37.10
N LEU I 19 -23.15 -61.62 -38.06
CA LEU I 19 -22.39 -60.41 -38.35
C LEU I 19 -22.21 -60.22 -39.85
N GLU I 20 -22.78 -59.15 -40.39
CA GLU I 20 -22.78 -58.91 -41.82
C GLU I 20 -23.39 -60.09 -42.57
N GLY I 21 -24.35 -60.75 -41.94
CA GLY I 21 -25.09 -61.83 -42.59
C GLY I 21 -24.35 -63.15 -42.45
N LYS I 22 -23.27 -63.15 -41.68
CA LYS I 22 -22.44 -64.34 -41.52
C LYS I 22 -22.51 -64.87 -40.09
N ILE I 23 -22.69 -66.19 -39.97
CA ILE I 23 -22.72 -66.83 -38.66
C ILE I 23 -21.31 -67.09 -38.15
N ASN I 24 -20.94 -66.41 -37.06
CA ASN I 24 -19.61 -66.52 -36.49
C ASN I 24 -19.61 -67.43 -35.26
N GLY I 25 -20.77 -67.94 -34.91
CA GLY I 25 -20.94 -68.73 -33.69
C GLY I 25 -22.41 -68.91 -33.34
N TYR I 26 -22.66 -69.45 -32.16
CA TYR I 26 -24.03 -69.69 -31.71
C TYR I 26 -24.19 -69.35 -30.22
N ALA I 27 -25.40 -68.95 -29.85
CA ALA I 27 -25.71 -68.68 -28.45
C ALA I 27 -27.12 -69.13 -28.10
N CYS I 28 -27.29 -69.61 -26.86
CA CYS I 28 -28.59 -70.11 -26.42
C CYS I 28 -28.75 -69.93 -24.92
N VAL I 29 -29.91 -70.33 -24.40
CA VAL I 29 -30.23 -70.16 -22.99
C VAL I 29 -30.26 -71.50 -22.27
N VAL I 30 -29.48 -71.62 -21.21
CA VAL I 30 -29.49 -72.82 -20.38
C VAL I 30 -29.76 -72.48 -18.92
N GLY I 31 -30.66 -73.24 -18.30
CA GLY I 31 -31.01 -73.00 -16.90
C GLY I 31 -31.62 -71.61 -16.72
N GLY I 32 -32.14 -71.05 -17.80
CA GLY I 32 -32.83 -69.76 -17.74
C GLY I 32 -31.84 -68.60 -17.75
N LYS I 33 -30.64 -68.88 -18.24
CA LYS I 33 -29.62 -67.83 -18.37
C LYS I 33 -28.92 -67.90 -19.72
N LEU I 34 -28.74 -66.76 -20.35
CA LEU I 34 -28.14 -66.69 -21.67
C LEU I 34 -26.62 -66.82 -21.59
N PHE I 35 -26.05 -67.58 -22.52
CA PHE I 35 -24.60 -67.64 -22.66
C PHE I 35 -24.17 -67.34 -24.10
N ARG I 36 -23.01 -66.71 -24.25
CA ARG I 36 -22.48 -66.39 -25.57
C ARG I 36 -20.97 -66.45 -25.58
N PRO I 37 -20.41 -67.11 -26.58
CA PRO I 37 -18.96 -67.14 -26.78
C PRO I 37 -18.41 -65.74 -27.06
N MET I 38 -17.50 -65.29 -26.21
CA MET I 38 -17.02 -63.91 -26.26
C MET I 38 -16.14 -63.68 -27.48
N HIS I 39 -15.34 -64.68 -27.83
CA HIS I 39 -14.42 -64.57 -28.95
C HIS I 39 -15.17 -64.42 -30.26
N VAL I 40 -16.44 -64.82 -30.27
CA VAL I 40 -17.29 -64.67 -31.44
C VAL I 40 -17.78 -63.23 -31.59
N GLU I 41 -17.55 -62.65 -32.75
CA GLU I 41 -17.98 -61.28 -33.02
C GLU I 41 -19.32 -61.26 -33.74
N GLY I 42 -20.12 -60.23 -33.47
CA GLY I 42 -21.44 -60.11 -34.09
C GLY I 42 -22.53 -60.03 -33.02
N LYS I 43 -23.78 -60.04 -33.47
CA LYS I 43 -24.92 -60.00 -32.56
C LYS I 43 -25.81 -61.23 -32.75
N ILE I 44 -26.39 -61.70 -31.65
CA ILE I 44 -27.29 -62.85 -31.69
C ILE I 44 -28.48 -62.59 -32.60
N ASP I 45 -28.95 -63.64 -33.27
CA ASP I 45 -30.14 -63.55 -34.09
C ASP I 45 -31.40 -63.58 -33.23
N ASN I 46 -31.51 -62.61 -32.31
CA ASN I 46 -32.64 -62.53 -31.40
C ASN I 46 -32.68 -61.20 -30.68
N ASP I 47 -33.61 -60.34 -31.09
CA ASP I 47 -33.69 -58.98 -30.56
C ASP I 47 -33.91 -58.99 -29.05
N VAL I 48 -34.76 -59.90 -28.59
CA VAL I 48 -35.11 -59.98 -27.18
C VAL I 48 -33.88 -60.28 -26.32
N LEU I 49 -33.09 -61.24 -26.76
CA LEU I 49 -31.85 -61.59 -26.06
C LEU I 49 -30.80 -60.50 -26.25
N ALA I 50 -30.76 -59.91 -27.44
CA ALA I 50 -29.81 -58.84 -27.74
C ALA I 50 -30.08 -57.62 -26.88
N ALA I 51 -31.34 -57.43 -26.49
CA ALA I 51 -31.73 -56.31 -25.66
C ALA I 51 -31.11 -56.42 -24.27
N LEU I 52 -30.61 -57.61 -23.94
CA LEU I 52 -30.04 -57.86 -22.63
C LEU I 52 -28.57 -57.45 -22.57
N LYS I 53 -28.21 -56.74 -21.51
CA LYS I 53 -26.81 -56.41 -21.26
C LYS I 53 -26.06 -57.59 -20.66
N THR I 54 -24.93 -57.94 -21.26
CA THR I 54 -24.19 -59.13 -20.86
C THR I 54 -23.05 -58.78 -19.91
N LYS I 55 -22.60 -59.77 -19.14
CA LYS I 55 -21.36 -59.64 -18.38
C LYS I 55 -20.26 -60.50 -18.98
N LYS I 56 -19.01 -60.03 -18.83
CA LYS I 56 -17.87 -60.68 -19.47
C LYS I 56 -17.21 -61.67 -18.53
N ALA I 57 -16.57 -62.69 -19.11
CA ALA I 57 -15.80 -63.65 -18.34
C ALA I 57 -14.48 -63.98 -19.02
N SER I 58 -13.49 -63.10 -18.84
CA SER I 58 -12.21 -63.25 -19.52
C SER I 58 -11.61 -64.63 -19.28
N LYS I 59 -11.68 -65.09 -18.03
CA LYS I 59 -11.10 -66.37 -17.66
C LYS I 59 -11.47 -67.47 -18.65
N TYR I 60 -12.72 -67.44 -19.09
CA TYR I 60 -13.23 -68.47 -20.00
C TYR I 60 -13.47 -67.91 -21.40
N ASP I 61 -13.25 -66.60 -21.55
CA ASP I 61 -13.58 -65.90 -22.78
C ASP I 61 -15.05 -66.08 -23.15
N LEU I 62 -15.92 -65.88 -22.16
CA LEU I 62 -17.35 -66.08 -22.35
C LEU I 62 -18.14 -64.89 -21.82
N GLU I 63 -19.32 -64.66 -22.41
CA GLU I 63 -20.26 -63.70 -21.87
C GLU I 63 -21.58 -64.38 -21.49
N TYR I 64 -22.33 -63.74 -20.58
CA TYR I 64 -23.59 -64.29 -20.11
C TYR I 64 -24.55 -63.20 -19.71
N ALA I 65 -25.83 -63.54 -19.56
CA ALA I 65 -26.85 -62.59 -19.17
C ALA I 65 -28.06 -63.30 -18.57
N ASP I 66 -28.82 -62.58 -17.74
CA ASP I 66 -30.03 -63.11 -17.14
C ASP I 66 -31.21 -63.02 -18.11
N VAL I 67 -32.02 -64.07 -18.14
CA VAL I 67 -33.12 -64.15 -19.09
C VAL I 67 -34.46 -63.91 -18.39
N PRO I 68 -35.30 -63.08 -19.01
CA PRO I 68 -36.60 -62.76 -18.44
C PRO I 68 -37.39 -64.01 -18.10
N GLN I 69 -38.11 -63.97 -16.99
CA GLN I 69 -38.86 -65.13 -16.52
C GLN I 69 -39.77 -65.68 -17.61
N ASN I 70 -40.41 -64.77 -18.34
CA ASN I 70 -41.31 -65.16 -19.42
C ASN I 70 -40.56 -65.90 -20.53
N MET I 71 -39.29 -65.55 -20.72
CA MET I 71 -38.45 -66.19 -21.72
C MET I 71 -37.82 -67.46 -21.17
N ARG I 72 -37.78 -67.58 -19.85
CA ARG I 72 -37.28 -68.79 -19.19
C ARG I 72 -38.28 -69.93 -19.33
N ALA I 73 -39.46 -69.61 -19.87
CA ALA I 73 -40.53 -70.60 -19.99
C ALA I 73 -40.01 -71.92 -20.55
N ASP I 74 -39.11 -71.83 -21.52
CA ASP I 74 -38.55 -73.02 -22.15
C ASP I 74 -37.09 -72.82 -22.53
N THR I 75 -36.19 -73.31 -21.68
CA THR I 75 -34.76 -73.21 -21.94
C THR I 75 -34.08 -74.57 -21.83
N PHE I 76 -32.78 -74.61 -22.11
CA PHE I 76 -32.05 -75.87 -22.15
C PHE I 76 -31.79 -76.41 -20.76
N LYS I 77 -31.83 -77.73 -20.62
CA LYS I 77 -31.59 -78.38 -19.33
C LYS I 77 -30.19 -78.97 -19.26
N TYR I 78 -29.42 -78.53 -18.27
CA TYR I 78 -28.07 -79.04 -18.07
C TYR I 78 -28.07 -80.18 -17.06
N THR I 79 -27.10 -81.08 -17.19
CA THR I 79 -26.92 -82.17 -16.25
C THR I 79 -25.45 -82.36 -15.88
N HIS I 80 -25.21 -82.94 -14.71
CA HIS I 80 -23.85 -83.19 -14.26
C HIS I 80 -23.45 -84.65 -14.50
N GLU I 81 -24.39 -85.45 -14.97
CA GLU I 81 -24.14 -86.84 -15.27
C GLU I 81 -23.35 -86.99 -16.57
N LYS I 82 -22.03 -87.07 -16.46
CA LYS I 82 -21.16 -87.07 -17.61
C LYS I 82 -20.26 -88.30 -17.64
N PRO I 83 -20.87 -89.46 -17.85
CA PRO I 83 -20.11 -90.71 -17.94
C PRO I 83 -19.38 -90.83 -19.26
N GLN I 84 -18.38 -91.69 -19.29
CA GLN I 84 -17.67 -92.00 -20.54
C GLN I 84 -18.59 -92.72 -21.52
N GLY I 85 -18.37 -92.48 -22.80
CA GLY I 85 -19.25 -93.01 -23.84
C GLY I 85 -19.34 -92.05 -25.03
N TYR I 86 -20.53 -91.95 -25.62
CA TYR I 86 -20.75 -91.07 -26.75
C TYR I 86 -21.92 -90.11 -26.48
N TYR I 87 -21.78 -88.88 -26.96
CA TYR I 87 -22.85 -87.90 -26.86
C TYR I 87 -23.23 -87.36 -28.24
N SER I 88 -24.21 -86.47 -28.26
CA SER I 88 -24.75 -85.96 -29.52
C SER I 88 -24.53 -84.46 -29.64
N TRP I 89 -24.23 -84.00 -30.85
CA TRP I 89 -24.20 -82.58 -31.15
C TRP I 89 -24.52 -82.30 -32.61
N HIS I 90 -24.54 -81.03 -32.98
CA HIS I 90 -25.02 -80.61 -34.29
C HIS I 90 -24.33 -81.41 -35.40
N HIS I 91 -23.04 -81.66 -35.23
CA HIS I 91 -22.23 -82.25 -36.29
C HIS I 91 -22.13 -83.77 -36.11
N GLY I 92 -23.18 -84.36 -35.55
CA GLY I 92 -23.29 -85.81 -35.47
C GLY I 92 -23.06 -86.30 -34.04
N ALA I 93 -22.28 -87.37 -33.91
CA ALA I 93 -21.93 -87.90 -32.60
C ALA I 93 -20.56 -87.41 -32.15
N VAL I 94 -20.29 -87.55 -30.85
CA VAL I 94 -18.98 -87.20 -30.31
C VAL I 94 -18.53 -88.20 -29.26
N GLN I 95 -17.25 -88.55 -29.28
CA GLN I 95 -16.69 -89.49 -28.32
C GLN I 95 -16.18 -88.78 -27.07
N TYR I 96 -16.64 -89.25 -25.92
CA TYR I 96 -16.19 -88.68 -24.64
C TYR I 96 -15.37 -89.69 -23.85
N GLU I 97 -14.10 -89.36 -23.63
CA GLU I 97 -13.20 -90.26 -22.91
C GLU I 97 -12.02 -89.49 -22.33
N ASN I 98 -11.60 -89.90 -21.13
CA ASN I 98 -10.50 -89.22 -20.44
C ASN I 98 -10.89 -87.78 -20.08
N GLY I 99 -12.18 -87.51 -20.03
CA GLY I 99 -12.68 -86.17 -19.72
C GLY I 99 -12.61 -85.26 -20.95
N ARG I 100 -12.36 -85.85 -22.10
CA ARG I 100 -12.17 -85.09 -23.33
C ARG I 100 -13.15 -85.52 -24.40
N PHE I 101 -13.57 -84.57 -25.24
CA PHE I 101 -14.38 -84.87 -26.41
C PHE I 101 -13.53 -84.95 -27.67
N THR I 102 -13.73 -85.99 -28.46
CA THR I 102 -12.99 -86.17 -29.71
C THR I 102 -13.93 -86.57 -30.85
N VAL I 103 -13.65 -86.07 -32.04
CA VAL I 103 -14.43 -86.41 -33.23
C VAL I 103 -13.53 -86.67 -34.43
N PRO I 104 -14.07 -87.36 -35.43
CA PRO I 104 -13.35 -87.59 -36.68
C PRO I 104 -12.84 -86.28 -37.26
N LYS I 105 -11.67 -86.33 -37.89
CA LYS I 105 -11.07 -85.14 -38.49
C LYS I 105 -11.96 -84.57 -39.58
N GLY I 106 -11.94 -83.25 -39.74
CA GLY I 106 -12.74 -82.58 -40.74
C GLY I 106 -14.11 -82.21 -40.19
N VAL I 107 -14.34 -82.49 -38.91
CA VAL I 107 -15.61 -82.20 -38.27
C VAL I 107 -15.47 -81.04 -37.28
N GLY I 108 -16.15 -79.93 -37.57
CA GLY I 108 -16.08 -78.75 -36.73
C GLY I 108 -15.05 -77.76 -37.26
N ALA I 109 -15.38 -76.48 -37.19
CA ALA I 109 -14.49 -75.43 -37.69
C ALA I 109 -14.90 -74.07 -37.17
N LYS I 110 -14.11 -73.05 -37.49
CA LYS I 110 -14.40 -71.68 -37.05
C LYS I 110 -15.82 -71.27 -37.42
N GLY I 111 -16.58 -70.85 -36.41
CA GLY I 111 -17.95 -70.41 -36.62
C GLY I 111 -18.95 -71.39 -36.01
N ASP I 112 -18.44 -72.53 -35.57
CA ASP I 112 -19.29 -73.56 -34.95
C ASP I 112 -19.38 -73.36 -33.45
N SER I 113 -18.62 -72.40 -32.94
CA SER I 113 -18.61 -72.11 -31.50
C SER I 113 -20.02 -71.87 -30.98
N GLY I 114 -20.34 -72.48 -29.84
CA GLY I 114 -21.62 -72.26 -29.18
C GLY I 114 -22.48 -73.51 -29.22
N ARG I 115 -22.09 -74.47 -30.05
CA ARG I 115 -22.81 -75.73 -30.17
C ARG I 115 -22.64 -76.58 -28.91
N PRO I 116 -23.74 -76.86 -28.24
CA PRO I 116 -23.70 -77.66 -27.01
C PRO I 116 -23.61 -79.15 -27.33
N ILE I 117 -23.27 -79.94 -26.33
CA ILE I 117 -23.27 -81.39 -26.46
C ILE I 117 -24.31 -82.02 -25.53
N LEU I 118 -25.25 -82.75 -26.11
CA LEU I 118 -26.38 -83.28 -25.35
C LEU I 118 -26.29 -84.79 -25.20
N ASP I 119 -26.87 -85.32 -24.14
CA ASP I 119 -26.98 -86.76 -23.94
C ASP I 119 -28.27 -87.30 -24.55
N ASN I 120 -28.54 -88.58 -24.30
CA ASN I 120 -29.72 -89.23 -24.85
C ASN I 120 -31.00 -88.62 -24.29
N GLN I 121 -30.88 -87.98 -23.14
CA GLN I 121 -32.03 -87.35 -22.49
C GLN I 121 -32.19 -85.91 -22.94
N GLY I 122 -31.31 -85.47 -23.82
CA GLY I 122 -31.37 -84.11 -24.35
C GLY I 122 -30.79 -83.11 -23.35
N ARG I 123 -30.07 -83.61 -22.37
CA ARG I 123 -29.45 -82.75 -21.36
C ARG I 123 -28.04 -82.34 -21.78
N VAL I 124 -27.70 -81.09 -21.50
CA VAL I 124 -26.38 -80.56 -21.85
C VAL I 124 -25.32 -81.03 -20.86
N VAL I 125 -24.18 -81.48 -21.38
CA VAL I 125 -23.08 -81.92 -20.55
C VAL I 125 -21.85 -81.06 -20.77
N ALA I 126 -21.81 -80.36 -21.91
CA ALA I 126 -20.68 -79.50 -22.24
C ALA I 126 -21.02 -78.59 -23.41
N ILE I 127 -20.25 -77.52 -23.56
CA ILE I 127 -20.39 -76.63 -24.71
C ILE I 127 -19.08 -76.49 -25.48
N VAL I 128 -19.15 -76.66 -26.79
CA VAL I 128 -17.96 -76.61 -27.63
C VAL I 128 -17.60 -75.17 -27.99
N LEU I 129 -16.36 -74.79 -27.70
CA LEU I 129 -15.89 -73.45 -27.99
C LEU I 129 -14.83 -73.47 -29.11
N GLY I 130 -14.07 -74.55 -29.17
CA GLY I 130 -13.03 -74.70 -30.18
C GLY I 130 -12.57 -76.15 -30.29
N GLY I 131 -11.37 -76.34 -30.85
CA GLY I 131 -10.81 -77.66 -31.00
C GLY I 131 -9.42 -77.61 -31.64
N VAL I 132 -8.80 -78.77 -31.79
CA VAL I 132 -7.45 -78.85 -32.36
C VAL I 132 -7.26 -80.16 -33.11
N ASN I 133 -6.58 -80.09 -34.25
CA ASN I 133 -6.32 -81.27 -35.06
C ASN I 133 -5.51 -82.30 -34.29
N GLU I 134 -6.01 -83.52 -34.21
CA GLU I 134 -5.30 -84.61 -33.56
C GLU I 134 -5.20 -85.84 -34.46
N GLY I 135 -4.53 -85.67 -35.60
CA GLY I 135 -4.35 -86.76 -36.55
C GLY I 135 -5.66 -87.17 -37.19
N SER I 136 -6.02 -88.44 -37.05
CA SER I 136 -7.23 -88.97 -37.65
C SER I 136 -8.48 -88.36 -37.02
N ARG I 137 -8.31 -87.78 -35.85
CA ARG I 137 -9.42 -87.15 -35.14
C ARG I 137 -9.05 -85.74 -34.68
N THR I 138 -9.99 -85.09 -34.00
CA THR I 138 -9.73 -83.77 -33.43
C THR I 138 -10.18 -83.71 -31.97
N ALA I 139 -9.42 -83.00 -31.15
CA ALA I 139 -9.78 -82.80 -29.75
C ALA I 139 -10.47 -81.46 -29.53
N LEU I 140 -11.63 -81.49 -28.89
CA LEU I 140 -12.46 -80.31 -28.75
C LEU I 140 -12.10 -79.53 -27.48
N SER I 141 -12.08 -78.21 -27.59
CA SER I 141 -12.01 -77.35 -26.42
C SER I 141 -13.39 -76.97 -25.92
N VAL I 142 -13.71 -77.39 -24.70
CA VAL I 142 -15.08 -77.35 -24.21
C VAL I 142 -15.15 -76.80 -22.79
N VAL I 143 -16.34 -76.40 -22.37
CA VAL I 143 -16.60 -76.09 -20.97
C VAL I 143 -17.69 -76.99 -20.40
N MET I 144 -17.45 -77.51 -19.19
CA MET I 144 -18.43 -78.34 -18.51
C MET I 144 -18.44 -78.07 -17.02
N TRP I 145 -19.51 -78.51 -16.35
CA TRP I 145 -19.70 -78.19 -14.94
C TRP I 145 -19.90 -79.46 -14.11
N ASN I 146 -19.15 -79.55 -13.02
CA ASN I 146 -19.17 -80.75 -12.19
C ASN I 146 -20.38 -80.77 -11.27
N GLU I 147 -20.65 -81.92 -10.65
CA GLU I 147 -21.74 -82.04 -9.69
C GLU I 147 -21.52 -81.13 -8.49
N LYS I 148 -20.30 -80.62 -8.35
CA LYS I 148 -19.98 -79.67 -7.29
C LYS I 148 -20.34 -78.24 -7.71
N GLY I 149 -20.80 -78.10 -8.94
CA GLY I 149 -21.20 -76.79 -9.46
C GLY I 149 -19.99 -75.98 -9.91
N VAL I 150 -18.89 -76.68 -10.21
CA VAL I 150 -17.65 -76.03 -10.59
C VAL I 150 -17.55 -75.87 -12.11
N THR I 151 -17.29 -74.65 -12.56
CA THR I 151 -17.06 -74.39 -13.97
C THR I 151 -15.65 -74.77 -14.38
N VAL I 152 -15.54 -75.75 -15.29
CA VAL I 152 -14.25 -76.27 -15.72
C VAL I 152 -14.10 -76.18 -17.23
N LYS I 153 -13.04 -75.53 -17.68
CA LYS I 153 -12.76 -75.40 -19.10
C LYS I 153 -11.59 -76.27 -19.52
N TYR I 154 -11.85 -77.19 -20.45
CA TYR I 154 -10.81 -78.07 -20.96
C TYR I 154 -10.30 -77.60 -22.33
N THR I 155 -9.08 -77.09 -22.34
CA THR I 155 -8.52 -76.49 -23.55
C THR I 155 -7.10 -76.99 -23.80
N PRO I 156 -6.93 -77.76 -24.88
CA PRO I 156 -5.61 -78.16 -25.33
C PRO I 156 -4.71 -76.95 -25.56
N GLU I 157 -3.42 -77.13 -25.31
CA GLU I 157 -2.45 -76.06 -25.52
C GLU I 157 -2.44 -75.59 -26.97
N ASN I 158 -2.69 -74.29 -27.16
CA ASN I 158 -2.70 -73.71 -28.50
C ASN I 158 -3.81 -74.31 -29.35
N CYS I 159 -4.93 -74.61 -28.72
CA CYS I 159 -6.12 -75.08 -29.44
C CYS I 159 -6.72 -73.98 -30.29
N GLU I 160 -7.26 -74.35 -31.44
CA GLU I 160 -7.76 -73.38 -32.40
C GLU I 160 -9.18 -72.95 -32.08
N GLN I 161 -9.48 -71.68 -32.31
CA GLN I 161 -10.84 -71.16 -32.14
C GLN I 161 -11.75 -71.65 -33.24
N TRP I 162 -12.56 -72.66 -32.93
CA TRP I 162 -13.51 -73.20 -33.90
C TRP I 162 -14.93 -72.76 -33.59
N TYR J 1 31.16 25.16 -76.97
CA TYR J 1 30.38 24.01 -76.50
C TYR J 1 29.91 24.22 -75.07
N GLU J 2 28.67 23.83 -74.81
CA GLU J 2 28.13 23.84 -73.45
C GLU J 2 28.19 22.46 -72.81
N HIS J 3 29.06 22.29 -71.84
CA HIS J 3 29.19 21.03 -71.12
C HIS J 3 28.20 20.95 -69.96
N ALA J 4 27.41 19.88 -69.93
CA ALA J 4 26.39 19.71 -68.91
C ALA J 4 26.77 18.60 -67.93
N THR J 5 26.58 18.86 -66.64
CA THR J 5 26.82 17.86 -65.61
C THR J 5 26.01 18.15 -64.36
N THR J 6 26.23 17.35 -63.33
CA THR J 6 25.58 17.56 -62.03
C THR J 6 26.57 17.40 -60.89
N MET J 7 26.60 18.38 -60.00
CA MET J 7 27.49 18.34 -58.85
C MET J 7 26.70 18.12 -57.56
N PRO J 8 26.95 16.99 -56.90
CA PRO J 8 26.37 16.73 -55.59
C PRO J 8 26.70 17.85 -54.61
N SER J 9 25.76 18.12 -53.71
CA SER J 9 25.89 19.23 -52.77
C SER J 9 26.76 18.84 -51.58
N GLN J 10 28.07 18.96 -51.74
CA GLN J 10 29.01 18.77 -50.64
C GLN J 10 30.28 19.58 -50.85
N ALA J 11 30.53 20.52 -49.95
CA ALA J 11 31.69 21.40 -50.05
C ALA J 11 32.96 20.66 -49.61
N GLY J 12 34.09 21.10 -50.13
CA GLY J 12 35.38 20.50 -49.79
C GLY J 12 35.69 19.31 -50.69
N ILE J 13 34.79 19.02 -51.61
CA ILE J 13 34.95 17.90 -52.54
C ILE J 13 35.36 18.39 -53.91
N SER J 14 36.49 17.87 -54.41
CA SER J 14 36.97 18.24 -55.73
C SER J 14 36.22 17.50 -56.83
N TYR J 15 35.66 18.25 -57.77
CA TYR J 15 34.96 17.66 -58.90
C TYR J 15 35.65 17.98 -60.22
N ASN J 16 36.11 16.95 -60.90
CA ASN J 16 36.88 17.13 -62.14
C ASN J 16 36.10 16.63 -63.34
N THR J 17 36.24 17.32 -64.47
CA THR J 17 35.60 16.92 -65.71
C THR J 17 36.41 17.37 -66.92
N ILE J 18 36.18 16.73 -68.06
CA ILE J 18 36.88 17.07 -69.29
C ILE J 18 35.90 17.42 -70.40
N VAL J 19 36.20 18.50 -71.11
CA VAL J 19 35.38 18.91 -72.25
C VAL J 19 36.07 18.57 -73.58
N ASN J 20 35.46 17.67 -74.33
CA ASN J 20 36.02 17.25 -75.61
C ASN J 20 35.09 17.61 -76.76
N ARG J 21 35.45 18.66 -77.50
CA ARG J 21 34.61 19.16 -78.58
C ARG J 21 35.22 18.88 -79.94
N ALA J 22 34.59 17.97 -80.69
CA ALA J 22 35.01 17.68 -82.05
C ALA J 22 36.50 17.40 -82.12
N GLY J 23 37.23 18.27 -82.82
CA GLY J 23 38.65 18.03 -83.09
C GLY J 23 39.53 18.72 -82.06
N TYR J 24 38.91 19.17 -80.98
CA TYR J 24 39.64 19.76 -79.86
C TYR J 24 39.91 18.73 -78.77
N ALA J 25 41.07 18.83 -78.13
CA ALA J 25 41.45 17.90 -77.08
C ALA J 25 40.69 18.18 -75.79
N PRO J 26 40.56 17.16 -74.96
CA PRO J 26 39.84 17.29 -73.69
C PRO J 26 40.40 18.44 -72.85
N LEU J 27 39.53 19.39 -72.53
CA LEU J 27 39.91 20.50 -71.65
C LEU J 27 39.63 20.17 -70.19
N PRO J 28 40.71 20.05 -69.40
CA PRO J 28 40.58 19.69 -68.00
C PRO J 28 39.96 20.82 -67.20
N ILE J 29 38.90 20.51 -66.44
CA ILE J 29 38.28 21.48 -65.56
C ILE J 29 38.17 20.96 -64.14
N SER J 30 38.76 21.68 -63.19
CA SER J 30 38.74 21.29 -61.79
C SER J 30 37.99 22.30 -60.94
N ILE J 31 36.91 21.85 -60.30
CA ILE J 31 36.05 22.75 -59.54
C ILE J 31 35.86 22.23 -58.12
N THR J 32 36.20 23.06 -57.14
CA THR J 32 35.98 22.72 -55.73
C THR J 32 35.19 23.81 -55.03
N PRO J 33 33.96 23.49 -54.63
CA PRO J 33 33.18 24.38 -53.78
C PRO J 33 33.79 24.51 -52.40
N THR J 34 34.05 25.75 -52.00
CA THR J 34 34.81 26.02 -50.77
C THR J 34 33.90 26.50 -49.65
N LYS J 35 32.75 27.06 -50.03
CA LYS J 35 31.82 27.62 -49.06
C LYS J 35 30.44 27.82 -49.68
N ILE J 36 29.40 27.36 -48.98
CA ILE J 36 28.04 27.50 -49.45
C ILE J 36 27.16 28.17 -48.41
N LYS J 37 26.58 29.32 -48.77
CA LYS J 37 25.75 30.08 -47.85
C LYS J 37 24.27 29.94 -48.20
N LEU J 38 23.51 29.32 -47.30
CA LEU J 38 22.06 29.24 -47.45
C LEU J 38 21.37 30.32 -46.62
N ILE J 39 20.79 31.30 -47.30
CA ILE J 39 20.20 32.45 -46.62
C ILE J 39 18.71 32.56 -46.92
N PRO J 40 17.89 32.39 -45.89
CA PRO J 40 16.45 32.51 -46.03
C PRO J 40 16.02 33.97 -46.16
N THR J 41 14.81 34.18 -46.67
CA THR J 41 14.20 35.51 -46.66
C THR J 41 13.48 35.76 -45.34
N VAL J 42 13.99 36.73 -44.58
CA VAL J 42 13.66 36.85 -43.16
C VAL J 42 12.99 38.18 -42.86
N ASN J 43 11.86 38.13 -42.17
CA ASN J 43 11.18 39.34 -41.71
C ASN J 43 11.00 39.34 -40.21
N LEU J 44 11.38 40.44 -39.56
CA LEU J 44 11.17 40.60 -38.13
C LEU J 44 9.70 40.77 -37.80
N GLU J 45 9.21 39.95 -36.88
CA GLU J 45 7.83 40.08 -36.39
C GLU J 45 7.76 40.97 -35.16
N TYR J 46 8.59 40.67 -34.16
CA TYR J 46 8.69 41.50 -32.97
C TYR J 46 9.87 41.08 -32.11
N VAL J 47 10.15 41.88 -31.08
CA VAL J 47 11.21 41.56 -30.14
C VAL J 47 10.68 41.42 -28.72
N THR J 48 11.43 40.73 -27.87
CA THR J 48 11.01 40.49 -26.49
C THR J 48 12.20 40.43 -25.55
N CYS J 49 11.98 40.76 -24.29
CA CYS J 49 13.05 40.80 -23.31
C CYS J 49 12.50 40.97 -21.89
N HIS J 50 13.39 41.07 -20.92
CA HIS J 50 13.00 41.38 -19.55
C HIS J 50 12.40 42.77 -19.44
N TYR J 51 11.63 43.00 -18.38
CA TYR J 51 10.81 44.19 -18.27
C TYR J 51 10.80 44.73 -16.84
N LYS J 52 10.30 45.96 -16.68
CA LYS J 52 10.18 46.56 -15.36
C LYS J 52 8.77 47.07 -15.11
N THR J 53 8.23 46.79 -13.93
CA THR J 53 6.93 47.31 -13.53
C THR J 53 7.06 48.66 -12.86
N GLY J 54 6.76 49.72 -13.61
CA GLY J 54 6.81 51.08 -13.08
C GLY J 54 5.74 51.30 -12.03
N MET J 55 6.16 51.72 -10.84
CA MET J 55 5.24 51.93 -9.74
C MET J 55 5.32 53.36 -9.21
N ASP J 56 4.19 54.06 -9.22
CA ASP J 56 4.14 55.46 -8.80
C ASP J 56 4.15 55.56 -7.27
N SER J 57 4.42 56.76 -6.78
CA SER J 57 4.37 57.02 -5.34
C SER J 57 2.96 56.90 -4.79
N PRO J 58 2.83 56.32 -3.61
CA PRO J 58 1.52 56.09 -3.00
C PRO J 58 0.73 57.38 -2.91
N ALA J 59 -0.52 57.33 -3.38
CA ALA J 59 -1.43 58.46 -3.21
C ALA J 59 -2.21 58.35 -1.91
N ILE J 60 -1.65 58.93 -0.85
CA ILE J 60 -2.19 58.75 0.49
C ILE J 60 -2.96 60.00 0.94
N LYS J 61 -4.26 59.83 1.13
CA LYS J 61 -5.06 60.86 1.78
C LYS J 61 -5.44 60.46 3.21
N CYS J 62 -4.90 61.19 4.17
CA CYS J 62 -5.14 60.90 5.58
C CYS J 62 -6.43 61.57 6.07
N CYS J 63 -7.28 60.79 6.72
CA CYS J 63 -8.56 61.31 7.21
C CYS J 63 -9.42 61.83 6.06
N GLY J 64 -9.45 61.07 4.96
CA GLY J 64 -10.12 61.52 3.74
C GLY J 64 -10.07 60.45 2.67
N SER J 65 -10.32 60.85 1.42
CA SER J 65 -10.36 59.91 0.32
C SER J 65 -9.80 60.53 -0.95
N GLN J 66 -9.06 59.73 -1.72
CA GLN J 66 -8.48 60.19 -2.97
C GLN J 66 -9.41 59.94 -4.14
N GLU J 67 -9.16 60.62 -5.26
CA GLU J 67 -9.91 60.37 -6.49
C GLU J 67 -8.98 59.90 -7.60
N CYS J 68 -9.36 58.81 -8.27
CA CYS J 68 -8.52 58.22 -9.31
C CYS J 68 -8.80 58.86 -10.67
N THR J 69 -7.79 58.84 -11.53
CA THR J 69 -7.92 59.40 -12.87
C THR J 69 -7.39 58.44 -13.93
N PRO J 70 -7.87 58.60 -15.15
CA PRO J 70 -7.45 57.74 -16.25
C PRO J 70 -5.96 57.85 -16.50
N THR J 71 -5.30 56.72 -16.72
CA THR J 71 -3.89 56.69 -17.07
C THR J 71 -3.63 55.82 -18.29
N TYR J 72 -2.83 56.32 -19.22
CA TYR J 72 -2.61 55.65 -20.49
C TYR J 72 -1.23 54.99 -20.52
N ARG J 73 -1.11 53.83 -19.89
CA ARG J 73 0.15 53.09 -19.88
C ARG J 73 -0.07 51.62 -20.19
N PRO J 74 0.95 50.98 -20.76
CA PRO J 74 0.87 49.56 -21.09
C PRO J 74 0.61 48.73 -19.85
N ASP J 75 -0.37 47.83 -19.93
CA ASP J 75 -0.74 46.98 -18.81
C ASP J 75 -0.83 47.78 -17.52
N GLU J 76 -1.48 48.94 -17.59
CA GLU J 76 -1.60 49.82 -16.44
C GLU J 76 -2.69 49.34 -15.49
N GLN J 77 -2.32 49.15 -14.22
CA GLN J 77 -3.27 48.72 -13.20
C GLN J 77 -3.32 49.71 -12.05
N CYS J 78 -4.52 49.90 -11.50
CA CYS J 78 -4.72 50.84 -10.41
C CYS J 78 -5.87 50.41 -9.51
N LYS J 79 -5.65 50.50 -8.20
CA LYS J 79 -6.66 50.08 -7.23
C LYS J 79 -6.51 50.82 -5.91
N VAL J 80 -7.63 51.09 -5.26
CA VAL J 80 -7.63 51.86 -4.02
C VAL J 80 -7.77 50.96 -2.81
N PHE J 81 -6.95 51.22 -1.79
CA PHE J 81 -7.03 50.47 -0.54
C PHE J 81 -7.19 51.40 0.65
N THR J 82 -8.08 51.04 1.56
CA THR J 82 -8.48 51.93 2.65
C THR J 82 -8.10 51.34 4.00
N GLY J 83 -8.05 52.19 5.03
CA GLY J 83 -7.78 51.74 6.39
C GLY J 83 -6.27 51.58 6.62
N VAL J 84 -5.50 52.53 6.10
CA VAL J 84 -4.05 52.49 6.22
C VAL J 84 -3.52 53.75 6.90
N TYR J 85 -2.57 53.56 7.81
CA TYR J 85 -1.99 54.67 8.56
C TYR J 85 -0.49 54.49 8.72
N PRO J 86 0.27 54.90 7.70
CA PRO J 86 1.69 54.56 7.62
C PRO J 86 2.49 55.27 8.69
N PHE J 87 3.58 54.65 9.13
CA PHE J 87 4.46 55.26 10.11
C PHE J 87 5.81 55.63 9.50
N MET J 88 6.44 56.66 10.05
CA MET J 88 7.77 57.06 9.61
C MET J 88 8.74 57.15 10.79
N TRP J 89 10.02 57.29 10.49
CA TRP J 89 11.04 57.46 11.52
C TRP J 89 10.73 58.68 12.39
N GLY J 90 10.04 59.66 11.80
CA GLY J 90 9.73 60.91 12.51
C GLY J 90 8.41 60.79 13.25
N GLY J 91 7.85 59.58 13.28
CA GLY J 91 6.59 59.34 13.97
C GLY J 91 5.50 58.92 12.98
N ALA J 92 4.31 58.63 13.52
CA ALA J 92 3.19 58.23 12.68
C ALA J 92 2.88 59.28 11.62
N TYR J 93 2.87 58.86 10.36
CA TYR J 93 2.70 59.77 9.24
C TYR J 93 1.30 60.36 9.22
N CYS J 94 0.30 59.48 9.28
CA CYS J 94 -1.09 59.91 9.34
C CYS J 94 -1.67 59.72 10.74
N PHE J 95 -2.34 60.74 11.24
CA PHE J 95 -2.92 60.71 12.58
C PHE J 95 -4.02 59.66 12.67
N CYS J 96 -5.00 59.77 11.79
CA CYS J 96 -6.19 58.91 11.85
C CYS J 96 -5.82 57.45 11.60
N ASP J 97 -6.54 56.55 12.25
CA ASP J 97 -6.37 55.11 12.00
C ASP J 97 -7.42 54.61 11.02
N THR J 98 -8.55 55.30 10.95
CA THR J 98 -9.60 54.96 9.98
C THR J 98 -9.90 56.14 9.06
N GLU J 99 -10.81 55.92 8.12
CA GLU J 99 -11.14 56.94 7.13
C GLU J 99 -9.91 57.39 6.35
N ASN J 100 -9.01 56.45 6.09
CA ASN J 100 -7.82 56.73 5.30
C ASN J 100 -7.89 56.02 3.94
N THR J 101 -7.40 56.70 2.91
CA THR J 101 -7.43 56.15 1.56
C THR J 101 -6.05 56.18 0.92
N GLN J 102 -5.63 55.04 0.40
CA GLN J 102 -4.36 54.94 -0.32
C GLN J 102 -4.56 54.33 -1.70
N VAL J 103 -4.40 55.16 -2.73
CA VAL J 103 -4.54 54.70 -4.11
C VAL J 103 -3.21 54.29 -4.70
N SER J 104 -3.15 53.08 -5.25
CA SER J 104 -1.93 52.56 -5.85
C SER J 104 -2.05 52.48 -7.37
N LYS J 105 -1.03 52.96 -8.07
CA LYS J 105 -1.02 52.92 -9.52
C LYS J 105 0.31 52.39 -10.05
N ALA J 106 0.25 51.50 -11.02
CA ALA J 106 1.44 50.89 -11.60
C ALA J 106 1.23 50.51 -13.06
N TYR J 107 2.32 50.38 -13.80
CA TYR J 107 2.25 49.97 -15.20
C TYR J 107 3.50 49.20 -15.61
N VAL J 108 3.42 48.52 -16.75
CA VAL J 108 4.53 47.72 -17.24
C VAL J 108 5.24 48.41 -18.40
N MET J 109 6.57 48.47 -18.33
CA MET J 109 7.36 49.12 -19.36
C MET J 109 8.60 48.31 -19.71
N LYS J 110 9.10 48.48 -20.92
CA LYS J 110 10.31 47.81 -21.35
C LYS J 110 11.52 48.26 -20.57
N SER J 111 12.45 47.35 -20.32
CA SER J 111 13.72 47.69 -19.69
C SER J 111 14.61 48.48 -20.64
N ASP J 112 15.32 49.45 -20.09
CA ASP J 112 16.29 50.23 -20.87
C ASP J 112 17.49 49.36 -21.26
N ASP J 113 17.64 48.23 -20.59
CA ASP J 113 18.71 47.29 -20.91
C ASP J 113 18.31 46.37 -22.05
N CYS J 114 17.02 46.31 -22.34
CA CYS J 114 16.49 45.43 -23.38
C CYS J 114 17.17 45.72 -24.72
N LEU J 115 17.52 46.98 -24.95
CA LEU J 115 18.16 47.38 -26.19
C LEU J 115 19.35 46.49 -26.51
N ALA J 116 20.11 46.13 -25.48
CA ALA J 116 21.25 45.25 -25.64
C ALA J 116 20.86 43.79 -25.44
N ASP J 117 19.97 43.54 -24.50
CA ASP J 117 19.59 42.19 -24.13
C ASP J 117 18.14 41.91 -24.49
N HIS J 118 17.93 41.32 -25.66
CA HIS J 118 16.60 40.92 -26.09
C HIS J 118 16.66 39.80 -27.12
N ALA J 119 15.56 39.07 -27.28
CA ALA J 119 15.43 38.11 -28.36
C ALA J 119 14.60 38.67 -29.50
N GLU J 120 14.90 38.23 -30.72
CA GLU J 120 14.23 38.74 -31.91
C GLU J 120 13.47 37.63 -32.63
N ALA J 121 12.17 37.81 -32.79
CA ALA J 121 11.32 36.80 -33.42
C ALA J 121 11.17 37.07 -34.91
N TYR J 122 11.60 36.12 -35.73
CA TYR J 122 11.53 36.26 -37.18
C TYR J 122 10.59 35.23 -37.80
N LYS J 123 10.05 35.56 -38.97
CA LYS J 123 9.48 34.55 -39.85
C LYS J 123 10.22 34.50 -41.18
N ALA J 124 10.56 33.30 -41.63
CA ALA J 124 11.42 33.13 -42.79
C ALA J 124 10.75 32.32 -43.88
N HIS J 125 11.11 32.58 -45.13
CA HIS J 125 10.56 31.84 -46.26
C HIS J 125 11.49 31.90 -47.46
N THR J 126 11.19 31.11 -48.48
CA THR J 126 11.90 31.18 -49.75
C THR J 126 13.36 31.51 -49.54
N ALA J 127 14.17 30.48 -49.30
CA ALA J 127 15.60 30.66 -49.08
C ALA J 127 16.38 30.53 -50.39
N SER J 128 17.44 31.30 -50.51
CA SER J 128 18.31 31.23 -51.68
C SER J 128 19.75 30.90 -51.28
N VAL J 129 20.44 30.16 -52.13
CA VAL J 129 21.80 29.71 -51.84
C VAL J 129 22.81 30.38 -52.74
N GLN J 130 23.87 30.93 -52.14
CA GLN J 130 24.99 31.46 -52.89
C GLN J 130 26.28 30.72 -52.56
N ALA J 131 26.98 30.25 -53.59
CA ALA J 131 28.11 29.35 -53.41
C ALA J 131 29.41 30.01 -53.83
N PHE J 132 30.50 29.61 -53.20
CA PHE J 132 31.82 30.11 -53.55
C PHE J 132 32.71 29.00 -54.09
N LEU J 133 32.87 28.97 -55.41
CA LEU J 133 33.58 27.86 -56.07
C LEU J 133 34.99 28.28 -56.48
N ASN J 134 35.95 27.41 -56.20
CA ASN J 134 37.28 27.54 -56.80
C ASN J 134 37.35 26.80 -58.12
N ILE J 135 37.38 27.54 -59.22
CA ILE J 135 37.23 26.97 -60.55
C ILE J 135 38.49 27.18 -61.38
N THR J 136 39.07 26.09 -61.85
CA THR J 136 40.22 26.16 -62.75
C THR J 136 39.91 25.54 -64.10
N VAL J 137 39.95 26.35 -65.15
CA VAL J 137 39.67 25.88 -66.50
C VAL J 137 40.87 26.09 -67.41
N GLY J 138 41.61 25.02 -67.68
CA GLY J 138 42.80 25.09 -68.53
C GLY J 138 43.84 26.02 -67.93
N GLU J 139 44.19 25.79 -66.66
CA GLU J 139 45.16 26.61 -65.97
C GLU J 139 44.67 28.06 -65.85
N HIS J 140 43.37 28.22 -65.61
CA HIS J 140 42.81 29.53 -65.32
C HIS J 140 42.01 29.51 -64.02
N SER J 141 42.70 29.78 -62.91
CA SER J 141 42.09 29.69 -61.58
C SER J 141 41.32 30.95 -61.24
N ILE J 142 40.05 30.79 -60.90
CA ILE J 142 39.21 31.92 -60.49
C ILE J 142 38.39 31.56 -59.26
N VAL J 143 37.90 32.59 -58.56
CA VAL J 143 36.96 32.40 -57.46
C VAL J 143 35.58 32.92 -57.82
N THR J 144 34.63 32.02 -57.97
CA THR J 144 33.31 32.37 -58.49
C THR J 144 32.28 32.43 -57.37
N THR J 145 31.59 33.56 -57.27
CA THR J 145 30.46 33.70 -56.37
C THR J 145 29.14 33.79 -57.14
N VAL J 146 28.31 32.76 -57.00
CA VAL J 146 27.12 32.63 -57.83
C VAL J 146 25.99 31.95 -57.06
N TYR J 147 24.77 32.38 -57.32
CA TYR J 147 23.59 31.77 -56.71
C TYR J 147 23.29 30.41 -57.34
N VAL J 148 22.38 29.66 -56.71
CA VAL J 148 22.00 28.34 -57.20
C VAL J 148 20.79 28.43 -58.13
N ASN J 149 20.52 29.64 -58.64
CA ASN J 149 19.49 29.82 -59.64
C ASN J 149 20.07 29.77 -61.04
N GLY J 150 19.48 28.91 -61.89
CA GLY J 150 19.99 28.71 -63.24
C GLY J 150 19.54 29.83 -64.17
N GLU J 151 18.71 30.73 -63.65
CA GLU J 151 18.27 31.89 -64.42
C GLU J 151 19.40 32.88 -64.63
N THR J 152 20.33 32.91 -63.69
CA THR J 152 21.40 33.92 -63.69
C THR J 152 22.77 33.25 -63.79
N PRO J 153 23.28 33.16 -65.01
CA PRO J 153 24.63 32.64 -65.23
C PRO J 153 25.69 33.67 -64.86
N VAL J 154 26.94 33.21 -64.73
CA VAL J 154 28.06 34.11 -64.50
C VAL J 154 29.14 33.89 -65.54
N ASN J 155 29.69 35.00 -66.05
CA ASN J 155 30.62 34.94 -67.17
C ASN J 155 32.01 35.41 -66.75
N PHE J 156 32.97 34.48 -66.78
CA PHE J 156 34.36 34.81 -66.48
C PHE J 156 35.28 34.38 -67.62
N ASN J 157 36.07 35.31 -68.12
CA ASN J 157 37.03 35.02 -69.18
C ASN J 157 36.35 34.39 -70.39
N GLY J 158 35.12 34.82 -70.65
CA GLY J 158 34.39 34.38 -71.84
C GLY J 158 33.64 33.09 -71.56
N VAL J 159 33.80 32.55 -70.36
CA VAL J 159 33.14 31.30 -69.99
C VAL J 159 31.87 31.56 -69.19
N LYS J 160 30.74 31.17 -69.76
CA LYS J 160 29.44 31.39 -69.12
C LYS J 160 29.01 30.15 -68.33
N ILE J 161 28.97 30.28 -67.01
CA ILE J 161 28.65 29.15 -66.14
C ILE J 161 27.26 29.30 -65.53
N THR J 162 26.41 28.31 -65.76
CA THR J 162 25.08 28.29 -65.17
C THR J 162 24.98 27.27 -64.05
N ALA J 163 24.56 27.73 -62.88
CA ALA J 163 24.38 26.85 -61.72
C ALA J 163 22.91 26.75 -61.33
N GLY J 164 22.42 25.51 -61.20
CA GLY J 164 21.04 25.28 -60.81
C GLY J 164 20.12 25.26 -62.02
N PRO J 165 18.83 25.46 -61.78
CA PRO J 165 18.33 25.74 -60.44
C PRO J 165 18.53 24.55 -59.51
N LEU J 166 18.83 24.83 -58.25
CA LEU J 166 19.03 23.79 -57.26
C LEU J 166 17.89 22.77 -57.29
N SER J 167 18.26 21.49 -57.30
CA SER J 167 17.29 20.42 -57.50
C SER J 167 16.57 20.08 -56.20
N THR J 168 17.14 20.51 -55.08
CA THR J 168 16.59 20.22 -53.76
C THR J 168 15.92 21.45 -53.16
N ALA J 169 14.65 21.31 -52.79
CA ALA J 169 13.87 22.43 -52.30
C ALA J 169 13.92 22.52 -50.78
N TRP J 170 14.40 21.46 -50.15
CA TRP J 170 14.45 21.38 -48.70
C TRP J 170 15.36 22.45 -48.13
N THR J 171 14.93 23.05 -47.01
CA THR J 171 15.79 23.97 -46.26
C THR J 171 15.84 23.60 -44.79
N PRO J 172 16.96 23.91 -44.15
CA PRO J 172 17.16 23.57 -42.74
C PRO J 172 16.38 24.50 -41.83
N PHE J 173 16.00 25.66 -42.38
CA PHE J 173 15.34 26.70 -41.58
C PHE J 173 13.84 26.49 -41.54
N ASP J 174 13.24 26.69 -40.37
CA ASP J 174 11.80 26.58 -40.21
C ASP J 174 11.10 27.90 -40.46
N ARG J 175 9.77 27.88 -40.50
CA ARG J 175 8.98 29.07 -40.75
C ARG J 175 9.19 30.11 -39.66
N LYS J 176 9.13 29.66 -38.41
CA LYS J 176 9.32 30.54 -37.27
C LYS J 176 10.72 30.37 -36.67
N ILE J 177 11.39 31.49 -36.41
CA ILE J 177 12.73 31.47 -35.86
C ILE J 177 12.88 32.48 -34.73
N VAL J 178 13.60 32.08 -33.68
CA VAL J 178 13.91 32.98 -32.57
C VAL J 178 15.41 33.18 -32.43
N GLN J 179 15.85 34.42 -32.61
CA GLN J 179 17.27 34.76 -32.47
C GLN J 179 17.54 35.55 -31.20
N TYR J 180 18.12 34.89 -30.21
CA TYR J 180 18.45 35.53 -28.94
C TYR J 180 19.93 35.86 -28.87
N ALA J 181 20.27 37.12 -29.14
CA ALA J 181 21.65 37.58 -29.04
C ALA J 181 22.58 36.70 -29.87
N GLY J 182 22.16 36.39 -31.09
CA GLY J 182 22.98 35.60 -32.00
C GLY J 182 22.73 34.11 -31.85
N GLU J 183 21.90 33.76 -30.86
CA GLU J 183 21.57 32.37 -30.62
C GLU J 183 20.23 32.00 -31.25
N ILE J 184 20.30 31.17 -32.29
CA ILE J 184 19.13 30.91 -33.13
C ILE J 184 18.44 29.61 -32.71
N TYR J 185 17.14 29.70 -32.47
CA TYR J 185 16.36 28.55 -32.02
C TYR J 185 15.12 28.34 -32.88
N ASN J 186 14.74 27.08 -33.09
CA ASN J 186 13.46 26.76 -33.69
C ASN J 186 12.35 26.70 -32.64
N TYR J 187 11.60 27.78 -32.53
CA TYR J 187 10.57 27.91 -31.50
C TYR J 187 9.30 28.52 -32.06
N ASP J 188 8.17 27.88 -31.79
CA ASP J 188 6.87 28.38 -32.24
C ASP J 188 6.39 29.53 -31.36
N PHE J 189 6.97 30.70 -31.57
CA PHE J 189 6.60 31.88 -30.79
C PHE J 189 5.20 32.35 -31.13
N PRO J 190 4.56 33.04 -30.19
CA PRO J 190 3.18 33.45 -30.34
C PRO J 190 3.04 34.62 -31.31
N GLU J 191 1.83 34.85 -31.80
CA GLU J 191 1.56 35.99 -32.67
C GLU J 191 1.71 37.30 -31.92
N TYR J 192 2.10 38.34 -32.65
CA TYR J 192 2.28 39.67 -32.06
C TYR J 192 0.98 40.18 -31.46
N GLY J 193 1.02 40.45 -30.15
CA GLY J 193 -0.16 40.98 -29.45
C GLY J 193 -0.93 39.86 -28.76
N ALA J 194 -0.47 38.63 -28.94
CA ALA J 194 -1.14 37.47 -28.36
C ALA J 194 -0.36 36.93 -27.17
N GLY J 195 0.58 37.72 -26.67
CA GLY J 195 1.48 37.27 -25.61
C GLY J 195 0.72 36.93 -24.34
N GLN J 196 1.14 35.87 -23.67
CA GLN J 196 0.52 35.46 -22.42
C GLN J 196 1.45 35.68 -21.24
N PRO J 197 0.88 35.81 -20.05
CA PRO J 197 1.67 36.00 -18.84
C PRO J 197 2.44 34.74 -18.47
N GLY J 198 3.73 34.91 -18.17
CA GLY J 198 4.57 33.78 -17.80
C GLY J 198 4.99 32.97 -19.02
N ALA J 199 4.73 33.52 -20.20
CA ALA J 199 5.08 32.85 -21.46
C ALA J 199 6.04 33.69 -22.28
N PHE J 200 6.89 33.03 -23.05
CA PHE J 200 7.84 33.71 -23.92
C PHE J 200 7.13 34.68 -24.85
N GLY J 201 7.50 35.97 -24.75
CA GLY J 201 6.80 37.00 -25.50
C GLY J 201 5.70 37.64 -24.66
N ASP J 202 5.84 37.56 -23.34
CA ASP J 202 4.92 38.23 -22.43
C ASP J 202 5.00 39.74 -22.58
N ILE J 203 6.21 40.24 -22.86
CA ILE J 203 6.38 41.63 -23.28
C ILE J 203 6.92 41.72 -24.69
N GLN J 204 6.12 42.27 -25.59
CA GLN J 204 6.45 42.31 -27.01
C GLN J 204 6.54 43.74 -27.53
N SER J 205 7.45 43.96 -28.47
CA SER J 205 7.54 45.25 -29.15
C SER J 205 7.81 45.08 -30.63
N ARG J 206 6.94 45.66 -31.46
CA ARG J 206 7.01 45.49 -32.90
C ARG J 206 8.45 45.56 -33.39
N THR J 207 9.17 46.60 -32.98
CA THR J 207 10.59 46.72 -33.29
C THR J 207 11.39 47.15 -32.06
N VAL J 208 12.70 47.13 -32.18
CA VAL J 208 13.58 47.49 -31.09
C VAL J 208 13.38 48.96 -30.68
N SER J 209 13.21 49.82 -31.67
CA SER J 209 13.13 51.26 -31.43
C SER J 209 11.70 51.67 -31.10
N SER J 210 10.77 50.74 -31.25
CA SER J 210 9.36 51.04 -31.09
C SER J 210 9.05 51.47 -29.66
N SER J 211 8.38 52.61 -29.52
CA SER J 211 7.98 53.11 -28.21
C SER J 211 6.73 52.40 -27.71
N ASP J 212 5.77 52.19 -28.61
CA ASP J 212 4.59 51.39 -28.30
C ASP J 212 4.95 49.91 -28.15
N LEU J 213 4.29 49.25 -27.22
CA LEU J 213 4.58 47.84 -26.93
C LEU J 213 3.36 47.13 -26.40
N TYR J 214 3.35 45.80 -26.53
CA TYR J 214 2.32 44.97 -25.91
C TYR J 214 2.82 44.34 -24.61
N ALA J 215 1.97 44.35 -23.59
CA ALA J 215 2.35 43.84 -22.28
C ALA J 215 1.23 43.00 -21.67
N ASN J 216 1.59 41.81 -21.21
CA ASN J 216 0.63 40.93 -20.53
C ASN J 216 1.29 40.19 -19.37
N THR J 217 1.33 40.84 -18.21
CA THR J 217 2.01 40.28 -17.05
C THR J 217 1.02 39.82 -16.00
N ASN J 218 -0.26 40.15 -16.19
CA ASN J 218 -1.29 39.83 -15.22
C ASN J 218 -0.98 40.45 -13.86
N LEU J 219 -0.71 41.75 -13.86
CA LEU J 219 -0.39 42.46 -12.63
C LEU J 219 -1.63 42.66 -11.77
N VAL J 220 -1.56 42.20 -10.52
CA VAL J 220 -2.63 42.45 -9.56
C VAL J 220 -2.09 43.12 -8.29
N LEU J 221 -2.67 44.27 -7.96
CA LEU J 221 -2.22 45.05 -6.81
C LEU J 221 -2.78 44.48 -5.51
N GLN J 222 -2.00 44.58 -4.43
CA GLN J 222 -2.40 44.07 -3.13
C GLN J 222 -2.57 45.20 -2.13
N ARG J 223 -3.22 44.88 -1.00
CA ARG J 223 -3.43 45.86 0.05
C ARG J 223 -2.18 46.05 0.89
N PRO J 224 -1.74 47.31 1.01
CA PRO J 224 -0.53 47.62 1.77
C PRO J 224 -0.77 47.46 3.27
N LYS J 225 0.30 47.24 4.02
CA LYS J 225 0.21 47.07 5.47
C LYS J 225 0.12 48.42 6.17
N ALA J 226 -0.73 48.49 7.20
CA ALA J 226 -0.86 49.69 8.01
C ALA J 226 0.41 49.97 8.80
N GLY J 227 0.89 51.20 8.73
CA GLY J 227 2.15 51.58 9.37
C GLY J 227 3.33 51.34 8.45
N ALA J 228 3.05 50.91 7.23
CA ALA J 228 4.09 50.69 6.22
C ALA J 228 3.74 51.37 4.91
N ILE J 229 4.70 52.10 4.36
CA ILE J 229 4.54 52.72 3.05
C ILE J 229 5.13 51.85 1.95
N HIS J 230 4.27 51.31 1.10
CA HIS J 230 4.71 50.43 0.01
C HIS J 230 3.55 50.05 -0.90
N VAL J 231 3.87 49.62 -2.11
CA VAL J 231 2.87 49.11 -3.03
C VAL J 231 3.09 47.64 -3.33
N PRO J 232 2.41 46.78 -2.59
CA PRO J 232 2.50 45.33 -2.79
C PRO J 232 1.70 44.90 -4.01
N TYR J 233 2.15 43.81 -4.64
CA TYR J 233 1.56 43.36 -5.89
C TYR J 233 1.92 41.90 -6.18
N THR J 234 1.21 41.30 -7.12
CA THR J 234 1.57 39.99 -7.64
C THR J 234 1.51 39.95 -9.16
N GLN J 235 2.52 39.36 -9.77
CA GLN J 235 2.60 39.28 -11.23
C GLN J 235 3.29 38.00 -11.67
N ALA J 236 3.02 37.59 -12.91
CA ALA J 236 3.63 36.39 -13.48
C ALA J 236 5.12 36.60 -13.72
N PRO J 237 5.92 35.60 -13.36
CA PRO J 237 7.35 35.63 -13.61
C PRO J 237 7.65 35.87 -15.08
N SER J 238 8.75 36.56 -15.36
CA SER J 238 9.16 36.81 -16.73
C SER J 238 9.22 35.53 -17.54
N GLY J 239 8.36 35.42 -18.54
CA GLY J 239 8.38 34.28 -19.45
C GLY J 239 9.64 34.29 -20.32
N PHE J 240 10.15 35.48 -20.59
CA PHE J 240 11.43 35.63 -21.28
C PHE J 240 12.55 34.97 -20.50
N GLU J 241 12.68 35.33 -19.23
CA GLU J 241 13.73 34.78 -18.38
C GLU J 241 13.60 33.26 -18.26
N GLN J 242 12.39 32.79 -18.01
CA GLN J 242 12.13 31.36 -17.89
C GLN J 242 12.50 30.62 -19.17
N TRP J 243 12.07 31.16 -20.30
CA TRP J 243 12.38 30.56 -21.60
C TRP J 243 13.88 30.43 -21.80
N LYS J 244 14.61 31.48 -21.41
CA LYS J 244 16.07 31.47 -21.52
C LYS J 244 16.66 30.22 -20.87
N LYS J 245 15.99 29.73 -19.82
CA LYS J 245 16.44 28.53 -19.13
C LYS J 245 16.00 27.27 -19.87
N ASP J 246 14.80 27.33 -20.46
CA ASP J 246 14.25 26.18 -21.18
C ASP J 246 14.34 26.39 -22.69
N LYS J 247 15.22 27.31 -23.11
CA LYS J 247 15.38 27.62 -24.52
C LYS J 247 15.83 26.41 -25.31
N ALA J 248 16.36 25.41 -24.60
CA ALA J 248 16.82 24.18 -25.24
C ALA J 248 18.00 24.43 -26.15
N PRO J 249 18.71 23.37 -26.52
CA PRO J 249 19.88 23.47 -27.38
C PRO J 249 19.54 24.18 -28.67
N SER J 250 20.55 24.81 -29.28
CA SER J 250 20.32 25.71 -30.41
C SER J 250 20.05 24.92 -31.69
N LEU J 251 19.47 25.59 -32.68
CA LEU J 251 19.23 24.98 -33.98
C LEU J 251 20.52 24.42 -34.58
N LYS J 252 21.61 25.15 -34.41
CA LYS J 252 22.91 24.70 -34.89
C LYS J 252 23.21 23.28 -34.45
N PHE J 253 22.78 22.93 -33.25
CA PHE J 253 23.12 21.64 -32.66
C PHE J 253 22.18 20.55 -33.14
N THR J 254 21.01 20.95 -33.60
CA THR J 254 19.97 19.99 -34.00
C THR J 254 19.90 19.86 -35.51
N ALA J 255 20.55 20.78 -36.21
CA ALA J 255 20.45 20.85 -37.67
C ALA J 255 21.00 19.59 -38.31
N PRO J 256 20.20 18.98 -39.18
CA PRO J 256 20.58 17.75 -39.85
C PRO J 256 21.59 18.01 -40.96
N PHE J 257 22.10 16.93 -41.56
CA PHE J 257 23.00 17.05 -42.71
C PHE J 257 24.28 17.78 -42.33
N GLY J 258 24.58 17.80 -41.03
CA GLY J 258 25.78 18.48 -40.55
C GLY J 258 25.73 19.97 -40.85
N CYS J 259 24.54 20.49 -41.09
CA CYS J 259 24.35 21.89 -41.42
C CYS J 259 24.70 22.79 -40.23
N GLU J 260 25.56 23.77 -40.47
CA GLU J 260 26.00 24.68 -39.42
C GLU J 260 25.34 26.04 -39.55
N ILE J 261 24.94 26.61 -38.41
CA ILE J 261 24.21 27.87 -38.40
C ILE J 261 25.11 29.02 -37.95
N TYR J 262 25.10 30.11 -38.70
CA TYR J 262 26.01 31.22 -38.47
C TYR J 262 25.25 32.53 -38.33
N THR J 263 25.88 33.52 -37.71
CA THR J 263 25.19 34.74 -37.29
C THR J 263 25.47 35.89 -38.25
N ASN J 264 25.27 37.12 -37.77
CA ASN J 264 25.47 38.29 -38.60
C ASN J 264 24.33 38.46 -39.61
N PRO J 265 24.29 37.56 -40.59
CA PRO J 265 23.24 37.60 -41.61
C PRO J 265 22.61 36.23 -41.82
N ILE J 266 21.63 35.89 -40.99
CA ILE J 266 20.94 34.60 -41.10
C ILE J 266 21.49 33.79 -42.26
N ARG J 267 22.19 32.69 -41.94
CA ARG J 267 22.78 31.85 -42.97
C ARG J 267 23.18 30.49 -42.39
N ALA J 268 23.10 29.45 -43.23
CA ALA J 268 23.63 28.14 -42.88
C ALA J 268 24.68 27.68 -43.88
N GLU J 269 25.74 27.06 -43.38
CA GLU J 269 26.84 26.63 -44.24
C GLU J 269 27.19 25.17 -43.98
N ASN J 270 27.82 24.54 -44.97
CA ASN J 270 28.29 23.16 -44.82
C ASN J 270 27.13 22.20 -44.64
N CYS J 271 26.01 22.49 -45.29
CA CYS J 271 24.85 21.60 -45.27
C CYS J 271 24.92 20.60 -46.41
N ALA J 272 25.24 19.36 -46.07
CA ALA J 272 25.48 18.32 -47.08
C ALA J 272 24.17 17.64 -47.47
N VAL J 273 23.41 18.29 -48.34
CA VAL J 273 22.13 17.75 -48.78
C VAL J 273 21.82 18.16 -50.22
N GLY J 274 21.39 17.19 -51.02
CA GLY J 274 20.83 17.49 -52.34
C GLY J 274 21.91 17.54 -53.41
N SER J 275 21.59 18.15 -54.54
CA SER J 275 22.55 18.31 -55.63
C SER J 275 22.18 19.49 -56.52
N ILE J 276 23.14 19.94 -57.31
CA ILE J 276 22.94 21.09 -58.19
C ILE J 276 23.51 20.83 -59.58
N PRO J 277 22.68 21.00 -60.59
CA PRO J 277 23.11 20.84 -61.98
C PRO J 277 24.02 21.99 -62.40
N LEU J 278 24.96 21.70 -63.29
CA LEU J 278 25.91 22.71 -63.75
C LEU J 278 26.05 22.67 -65.27
N ALA J 279 26.13 23.85 -65.87
CA ALA J 279 26.36 23.97 -67.31
C ALA J 279 27.50 24.93 -67.61
N PHE J 280 28.40 24.52 -68.49
CA PHE J 280 29.63 25.26 -68.75
C PHE J 280 29.76 25.61 -70.23
N ASP J 281 29.35 26.81 -70.59
CA ASP J 281 29.45 27.28 -71.97
C ASP J 281 30.81 27.90 -72.24
N ILE J 282 31.68 27.15 -72.91
CA ILE J 282 33.03 27.61 -73.20
C ILE J 282 33.25 27.82 -74.69
N PRO J 283 33.81 28.97 -75.04
CA PRO J 283 34.10 29.28 -76.44
C PRO J 283 35.23 28.42 -76.99
N ASP J 284 35.17 28.12 -78.28
CA ASP J 284 36.18 27.31 -78.92
C ASP J 284 37.56 27.97 -78.85
N ALA J 285 37.56 29.29 -78.73
CA ALA J 285 38.81 30.04 -78.65
C ALA J 285 39.68 29.54 -77.50
N LEU J 286 39.03 29.04 -76.46
CA LEU J 286 39.74 28.56 -75.27
C LEU J 286 40.11 27.09 -75.41
N PHE J 287 39.54 26.44 -76.41
CA PHE J 287 39.84 25.03 -76.68
C PHE J 287 41.17 24.88 -77.40
N THR J 288 41.86 23.77 -77.13
CA THR J 288 43.10 23.46 -77.82
C THR J 288 42.92 22.28 -78.76
N ARG J 289 43.38 22.44 -80.00
CA ARG J 289 43.16 21.44 -81.03
C ARG J 289 44.01 20.19 -80.78
N VAL J 290 43.46 19.04 -81.13
CA VAL J 290 44.14 17.76 -80.88
C VAL J 290 45.49 17.71 -81.58
N SER J 291 45.57 18.33 -82.74
CA SER J 291 46.79 18.31 -83.53
C SER J 291 47.93 19.02 -82.81
N GLU J 292 47.59 19.81 -81.80
CA GLU J 292 48.58 20.56 -81.04
C GLU J 292 49.12 19.73 -79.88
N THR J 293 48.42 18.65 -79.55
CA THR J 293 48.77 17.83 -78.40
C THR J 293 49.65 16.65 -78.80
N PRO J 294 50.36 16.09 -77.82
CA PRO J 294 51.18 14.91 -78.06
C PRO J 294 50.32 13.71 -78.40
N THR J 295 50.87 12.79 -79.19
CA THR J 295 50.13 11.62 -79.64
C THR J 295 50.55 10.38 -78.86
N LEU J 296 49.58 9.68 -78.30
CA LEU J 296 49.84 8.48 -77.51
C LEU J 296 49.55 7.21 -78.29
N SER J 297 50.44 6.23 -78.16
CA SER J 297 50.21 4.91 -78.73
C SER J 297 50.78 3.82 -77.84
N ALA J 298 50.56 2.57 -78.21
CA ALA J 298 51.11 1.43 -77.49
C ALA J 298 50.82 1.53 -76.00
N ALA J 299 49.56 1.79 -75.67
CA ALA J 299 49.17 1.98 -74.28
C ALA J 299 48.78 0.64 -73.62
N GLU J 300 49.18 0.47 -72.38
CA GLU J 300 48.85 -0.74 -71.63
C GLU J 300 48.63 -0.43 -70.15
N CYS J 301 47.41 -0.66 -69.67
CA CYS J 301 47.03 -0.28 -68.32
C CYS J 301 47.00 -1.50 -67.39
N THR J 302 47.81 -1.46 -66.34
CA THR J 302 47.77 -2.48 -65.31
C THR J 302 47.67 -1.85 -63.92
N LEU J 303 47.09 -2.60 -62.98
CA LEU J 303 46.94 -2.11 -61.61
C LEU J 303 48.04 -2.65 -60.71
N ASN J 304 49.00 -1.80 -60.39
CA ASN J 304 50.14 -2.21 -59.57
C ASN J 304 49.72 -2.44 -58.12
N GLU J 305 48.88 -1.55 -57.61
CA GLU J 305 48.42 -1.63 -56.22
C GLU J 305 47.15 -0.83 -56.02
N CYS J 306 46.31 -1.28 -55.09
CA CYS J 306 45.09 -0.56 -54.72
C CYS J 306 44.54 -1.05 -53.40
N VAL J 307 44.34 -0.12 -52.47
CA VAL J 307 43.53 -0.39 -51.27
C VAL J 307 42.38 0.59 -51.16
N TYR J 308 41.16 0.09 -51.29
CA TYR J 308 39.97 0.94 -51.29
C TYR J 308 39.71 1.53 -49.92
N SER J 309 40.00 2.81 -49.77
CA SER J 309 39.90 3.46 -48.47
C SER J 309 39.70 4.97 -48.62
N SER J 310 39.86 5.70 -47.52
CA SER J 310 39.54 7.12 -47.50
C SER J 310 40.14 7.84 -48.70
N ASP J 311 41.45 7.74 -48.85
CA ASP J 311 42.17 8.51 -49.86
C ASP J 311 42.27 7.74 -51.17
N PHE J 312 43.00 8.31 -52.13
CA PHE J 312 43.22 7.65 -53.41
C PHE J 312 44.17 6.47 -53.26
N GLY J 313 43.69 5.40 -52.64
CA GLY J 313 44.53 4.25 -52.32
C GLY J 313 44.73 3.36 -53.54
N GLY J 314 44.04 3.68 -54.62
CA GLY J 314 44.23 3.00 -55.90
C GLY J 314 45.46 3.52 -56.63
N ILE J 315 46.26 2.62 -57.17
CA ILE J 315 47.49 2.99 -57.85
C ILE J 315 47.62 2.28 -59.18
N ALA J 316 47.26 2.98 -60.26
CA ALA J 316 47.30 2.40 -61.59
C ALA J 316 48.54 2.86 -62.35
N THR J 317 49.17 1.93 -63.06
CA THR J 317 50.33 2.25 -63.88
C THR J 317 50.09 1.90 -65.35
N VAL J 318 50.32 2.87 -66.23
CA VAL J 318 50.06 2.69 -67.65
C VAL J 318 51.33 2.91 -68.47
N LYS J 319 51.71 1.90 -69.24
CA LYS J 319 52.79 2.05 -70.21
C LYS J 319 52.29 2.74 -71.48
N TYR J 320 53.12 3.60 -72.05
CA TYR J 320 52.73 4.40 -73.20
C TYR J 320 53.92 4.69 -74.11
N SER J 321 53.63 5.04 -75.35
CA SER J 321 54.64 5.64 -76.23
C SER J 321 54.13 6.93 -76.86
N ALA J 322 54.76 8.04 -76.51
CA ALA J 322 54.30 9.36 -76.93
C ALA J 322 55.20 9.94 -78.00
N SER J 323 54.59 10.52 -79.04
CA SER J 323 55.34 11.21 -80.09
C SER J 323 55.97 12.48 -79.56
N LYS J 324 55.32 13.10 -78.58
CA LYS J 324 55.85 14.31 -77.95
C LYS J 324 55.59 14.29 -76.44
N SER J 325 56.40 15.05 -75.70
CA SER J 325 56.17 15.24 -74.27
C SER J 325 55.06 16.24 -74.02
N GLY J 326 54.50 16.20 -72.82
CA GLY J 326 53.43 17.13 -72.44
C GLY J 326 52.39 16.44 -71.56
N LYS J 327 51.37 17.19 -71.15
CA LYS J 327 50.37 16.69 -70.24
C LYS J 327 49.14 16.19 -70.99
N CYS J 328 48.54 15.12 -70.47
CA CYS J 328 47.26 14.65 -70.98
C CYS J 328 46.20 14.65 -69.89
N ALA J 329 44.98 15.05 -70.24
CA ALA J 329 43.84 14.95 -69.34
C ALA J 329 43.41 13.50 -69.15
N VAL J 330 42.95 13.17 -67.95
CA VAL J 330 42.52 11.82 -67.64
C VAL J 330 41.08 11.80 -67.11
N HIS J 331 40.35 10.73 -67.43
CA HIS J 331 38.97 10.60 -67.00
C HIS J 331 38.50 9.16 -67.11
N VAL J 332 37.75 8.71 -66.09
CA VAL J 332 37.06 7.44 -66.16
C VAL J 332 35.59 7.63 -66.54
N PRO J 333 35.18 7.02 -67.65
CA PRO J 333 33.83 7.16 -68.16
C PRO J 333 32.81 6.83 -67.07
N SER J 334 33.11 5.83 -66.26
CA SER J 334 32.23 5.44 -65.16
C SER J 334 32.52 6.25 -63.91
N GLY J 335 31.47 6.63 -63.20
CA GLY J 335 31.61 7.34 -61.93
C GLY J 335 32.02 6.39 -60.82
N THR J 336 32.07 5.09 -61.13
CA THR J 336 32.49 4.09 -60.17
C THR J 336 33.87 4.43 -59.59
N ALA J 337 34.76 4.92 -60.46
CA ALA J 337 36.11 5.26 -60.04
C ALA J 337 36.34 6.76 -60.11
N THR J 338 37.17 7.26 -59.20
CA THR J 338 37.53 8.68 -59.20
C THR J 338 39.05 8.86 -59.22
N LEU J 339 39.51 9.78 -60.07
CA LEU J 339 40.95 10.00 -60.24
C LEU J 339 41.43 11.15 -59.38
N LYS J 340 42.69 11.06 -58.95
CA LYS J 340 43.29 12.10 -58.12
C LYS J 340 43.57 13.36 -58.91
N GLU J 341 44.31 13.21 -60.01
CA GLU J 341 44.69 14.35 -60.84
C GLU J 341 43.76 14.48 -62.04
N ALA J 342 43.60 15.70 -62.54
CA ALA J 342 42.82 15.95 -63.74
C ALA J 342 43.65 15.68 -64.99
N ALA J 343 44.96 15.88 -64.88
CA ALA J 343 45.87 15.64 -65.99
C ALA J 343 47.23 15.17 -65.51
N VAL J 344 47.90 14.36 -66.32
CA VAL J 344 49.20 13.80 -65.96
C VAL J 344 50.27 14.17 -66.98
N GLU J 345 51.41 14.63 -66.51
CA GLU J 345 52.54 14.95 -67.38
C GLU J 345 53.25 13.70 -67.85
N LEU J 346 53.26 13.50 -69.17
CA LEU J 346 53.89 12.33 -69.76
C LEU J 346 55.24 12.67 -70.36
N THR J 347 56.19 11.74 -70.26
CA THR J 347 57.53 11.94 -70.80
C THR J 347 57.59 11.56 -72.27
N GLU J 348 58.44 10.58 -72.59
CA GLU J 348 58.64 10.17 -73.97
C GLU J 348 57.97 8.83 -74.24
N GLN J 349 58.61 7.75 -73.80
CA GLN J 349 58.11 6.41 -74.03
C GLN J 349 58.19 5.56 -72.77
N GLY J 350 57.82 6.14 -71.64
CA GLY J 350 57.92 5.46 -70.36
C GLY J 350 56.58 4.94 -69.89
N SER J 351 56.36 4.95 -68.58
CA SER J 351 55.07 4.57 -68.01
C SER J 351 54.68 5.53 -66.89
N ALA J 352 53.37 5.77 -66.76
CA ALA J 352 52.87 6.76 -65.83
C ALA J 352 52.05 6.11 -64.72
N THR J 353 52.15 6.67 -63.51
CA THR J 353 51.38 6.18 -62.38
C THR J 353 50.40 7.23 -61.89
N ILE J 354 49.15 6.82 -61.68
CA ILE J 354 48.11 7.73 -61.22
C ILE J 354 47.32 7.14 -60.07
N HIS J 355 47.00 7.96 -59.07
CA HIS J 355 46.23 7.52 -57.92
C HIS J 355 44.73 7.66 -58.19
N PHE J 356 43.96 6.73 -57.64
CA PHE J 356 42.51 6.75 -57.80
C PHE J 356 41.81 6.05 -56.64
N SER J 357 40.49 6.01 -56.69
CA SER J 357 39.72 5.14 -55.80
C SER J 357 38.39 4.73 -56.43
N THR J 358 38.00 3.49 -56.23
CA THR J 358 36.84 2.92 -56.90
C THR J 358 35.95 2.16 -55.92
N ALA J 359 34.64 2.26 -56.10
CA ALA J 359 33.69 1.56 -55.26
C ALA J 359 33.84 0.05 -55.41
N ASN J 360 34.28 -0.39 -56.58
CA ASN J 360 34.40 -1.81 -56.88
C ASN J 360 35.79 -2.33 -56.49
N ILE J 361 35.83 -3.14 -55.43
CA ILE J 361 37.09 -3.65 -54.92
C ILE J 361 37.78 -4.56 -55.93
N HIS J 362 37.05 -4.92 -56.99
CA HIS J 362 37.63 -5.63 -58.12
C HIS J 362 37.56 -4.80 -59.39
N PRO J 363 38.53 -3.89 -59.56
CA PRO J 363 38.50 -2.93 -60.65
C PRO J 363 38.37 -3.64 -61.99
N GLU J 364 37.37 -3.25 -62.77
CA GLU J 364 37.30 -3.62 -64.18
C GLU J 364 36.57 -2.54 -64.99
N PHE J 365 37.34 -1.64 -65.60
CA PHE J 365 36.76 -0.46 -66.23
C PHE J 365 37.73 0.14 -67.24
N ARG J 366 37.23 1.06 -68.06
CA ARG J 366 38.06 1.74 -69.05
C ARG J 366 38.58 3.06 -68.51
N LEU J 367 39.81 3.41 -68.89
CA LEU J 367 40.40 4.68 -68.51
C LEU J 367 40.79 5.50 -69.73
N GLN J 368 40.27 6.72 -69.80
CA GLN J 368 40.55 7.61 -70.92
C GLN J 368 41.76 8.49 -70.64
N ILE J 369 42.71 8.50 -71.57
CA ILE J 369 43.82 9.44 -71.53
C ILE J 369 43.93 10.22 -72.83
N CYS J 370 43.84 11.55 -72.73
CA CYS J 370 43.56 12.38 -73.89
C CYS J 370 42.32 11.90 -74.64
N THR J 371 42.44 11.78 -75.96
CA THR J 371 41.32 11.36 -76.79
C THR J 371 41.20 9.85 -76.83
N SER J 372 42.24 9.16 -76.35
CA SER J 372 42.27 7.70 -76.38
C SER J 372 41.82 7.13 -75.03
N TYR J 373 41.53 5.84 -75.02
CA TYR J 373 41.18 5.14 -73.79
C TYR J 373 41.57 3.67 -73.87
N VAL J 374 41.82 3.07 -72.70
CA VAL J 374 42.22 1.67 -72.64
C VAL J 374 41.46 0.93 -71.54
N THR J 375 41.54 -0.40 -71.56
CA THR J 375 40.86 -1.22 -70.57
C THR J 375 41.79 -1.58 -69.41
N CYS J 376 41.36 -1.23 -68.21
CA CYS J 376 42.13 -1.55 -67.01
C CYS J 376 41.39 -2.54 -66.12
N LYS J 377 42.14 -3.34 -65.37
CA LYS J 377 41.55 -4.35 -64.51
C LYS J 377 42.55 -4.83 -63.46
N GLY J 378 42.07 -5.08 -62.26
CA GLY J 378 42.93 -5.50 -61.15
C GLY J 378 42.11 -5.90 -59.94
N ASP J 379 42.76 -5.97 -58.78
CA ASP J 379 42.12 -6.42 -57.55
C ASP J 379 42.60 -5.62 -56.35
N CYS J 380 41.69 -4.87 -55.74
CA CYS J 380 42.04 -4.02 -54.60
C CYS J 380 41.81 -4.73 -53.28
N HIS J 381 42.45 -4.24 -52.23
CA HIS J 381 42.21 -4.74 -50.88
C HIS J 381 41.12 -3.94 -50.17
N PRO J 382 40.27 -4.65 -49.43
CA PRO J 382 39.23 -3.99 -48.64
C PRO J 382 39.82 -2.91 -47.74
N PRO J 383 38.96 -2.04 -47.23
CA PRO J 383 39.40 -0.93 -46.40
C PRO J 383 40.13 -1.42 -45.15
N LYS J 384 41.19 -0.72 -44.77
CA LYS J 384 42.02 -1.13 -43.65
C LYS J 384 41.73 -0.27 -42.41
N ASP J 385 41.93 1.03 -42.55
CA ASP J 385 41.72 1.96 -41.44
C ASP J 385 40.25 2.34 -41.33
N HIS J 386 39.61 1.91 -40.24
CA HIS J 386 38.17 1.92 -40.15
C HIS J 386 37.66 3.28 -39.67
N ILE J 387 38.58 4.12 -39.22
CA ILE J 387 38.21 5.43 -38.68
C ILE J 387 38.67 6.54 -39.61
N VAL J 388 37.74 7.40 -40.01
CA VAL J 388 38.07 8.56 -40.85
C VAL J 388 37.32 9.79 -40.39
N THR J 389 37.74 10.95 -40.89
CA THR J 389 37.09 12.22 -40.54
C THR J 389 35.73 12.34 -41.23
N HIS J 390 35.75 12.47 -42.54
CA HIS J 390 34.54 12.30 -43.35
C HIS J 390 34.81 12.60 -44.82
N PRO J 391 35.44 11.66 -45.51
CA PRO J 391 35.82 11.85 -46.90
C PRO J 391 34.85 11.17 -47.84
N GLN J 392 35.10 11.29 -49.14
CA GLN J 392 34.78 10.22 -50.08
C GLN J 392 35.55 8.95 -49.76
N TYR J 393 34.91 7.80 -49.97
CA TYR J 393 34.05 7.61 -51.13
C TYR J 393 32.82 6.80 -50.78
N HIS J 394 31.80 6.86 -51.64
CA HIS J 394 31.49 8.09 -52.36
C HIS J 394 32.49 8.35 -53.48
N ALA J 395 32.26 7.73 -54.63
CA ALA J 395 31.71 6.38 -54.69
C ALA J 395 30.33 6.32 -54.04
N GLN J 396 30.10 5.30 -53.22
CA GLN J 396 28.76 4.96 -52.77
C GLN J 396 27.86 4.59 -53.94
N THR J 397 28.23 3.54 -54.66
CA THR J 397 27.44 3.04 -55.78
C THR J 397 26.93 1.64 -55.51
N PHE J 398 26.05 1.16 -56.39
CA PHE J 398 25.48 -0.18 -56.24
C PHE J 398 25.85 -1.06 -57.42
N THR J 399 26.84 -1.94 -57.21
CA THR J 399 27.31 -2.83 -58.26
C THR J 399 26.47 -4.10 -58.32
N ALA J 400 26.42 -4.82 -57.19
CA ALA J 400 26.30 -4.19 -55.89
C ALA J 400 27.67 -3.98 -55.25
N ALA J 401 28.39 -5.07 -55.05
CA ALA J 401 29.68 -5.02 -54.38
C ALA J 401 30.25 -6.42 -54.16
N VAL J 402 31.24 -6.79 -54.97
CA VAL J 402 32.11 -7.92 -54.65
C VAL J 402 31.29 -9.17 -54.35
N SER J 403 31.98 -10.30 -54.22
CA SER J 403 33.40 -10.37 -54.51
C SER J 403 33.68 -11.38 -55.63
N LYS J 404 33.39 -10.99 -56.86
CA LYS J 404 33.72 -11.80 -58.02
C LYS J 404 33.64 -13.29 -57.70
N THR J 405 34.77 -13.98 -57.81
CA THR J 405 34.86 -15.38 -57.39
C THR J 405 33.73 -15.75 -56.45
N ALA J 406 33.84 -15.30 -55.20
CA ALA J 406 32.87 -15.66 -54.18
C ALA J 406 31.45 -15.31 -54.61
N TRP J 407 31.29 -14.16 -55.26
CA TRP J 407 30.00 -13.73 -55.77
C TRP J 407 29.41 -14.79 -56.70
N THR J 408 30.23 -15.28 -57.63
CA THR J 408 29.79 -16.32 -58.56
C THR J 408 29.54 -17.64 -57.85
N TRP J 409 30.39 -17.96 -56.88
CA TRP J 409 30.23 -19.18 -56.09
C TRP J 409 28.83 -19.28 -55.52
N LEU J 410 28.37 -18.20 -54.89
CA LEU J 410 27.07 -18.20 -54.22
C LEU J 410 25.92 -18.14 -55.21
N THR J 411 26.10 -17.32 -56.25
CA THR J 411 25.11 -17.22 -57.32
C THR J 411 24.84 -18.58 -57.95
N SER J 412 25.91 -19.35 -58.16
CA SER J 412 25.80 -20.62 -58.86
C SER J 412 25.00 -21.64 -58.07
N LEU J 413 24.87 -21.39 -56.77
CA LEU J 413 24.24 -22.35 -55.86
C LEU J 413 22.73 -22.39 -56.08
N LEU J 414 22.19 -21.32 -56.66
CA LEU J 414 20.76 -21.20 -56.85
C LEU J 414 20.38 -21.42 -58.31
N GLY J 415 19.36 -22.25 -58.53
CA GLY J 415 18.83 -22.45 -59.87
C GLY J 415 19.15 -23.84 -60.40
N GLY J 416 20.23 -24.41 -59.89
CA GLY J 416 20.65 -25.75 -60.29
C GLY J 416 19.57 -26.79 -59.99
N SER J 417 19.01 -26.70 -58.79
CA SER J 417 17.96 -27.64 -58.37
C SER J 417 16.72 -27.49 -59.22
N ALA J 418 16.46 -26.26 -59.69
CA ALA J 418 15.34 -26.00 -60.59
C ALA J 418 15.54 -26.70 -61.93
N VAL J 419 16.77 -26.62 -62.45
CA VAL J 419 17.11 -27.31 -63.68
C VAL J 419 16.94 -28.82 -63.54
N ILE J 420 17.32 -29.34 -62.38
CA ILE J 420 17.21 -30.78 -62.12
C ILE J 420 15.78 -31.26 -62.23
N ILE J 421 14.87 -30.54 -61.61
CA ILE J 421 13.46 -30.93 -61.58
C ILE J 421 12.80 -30.69 -62.93
N ILE J 422 13.35 -29.76 -63.70
CA ILE J 422 12.95 -29.57 -65.09
C ILE J 422 13.34 -30.77 -65.94
N ILE J 423 14.58 -31.22 -65.77
CA ILE J 423 15.07 -32.40 -66.47
C ILE J 423 14.27 -33.65 -66.08
N GLY J 424 14.04 -33.81 -64.79
CA GLY J 424 13.28 -34.95 -64.28
C GLY J 424 11.85 -34.93 -64.80
N LEU J 425 11.26 -33.73 -64.86
CA LEU J 425 9.92 -33.57 -65.42
C LEU J 425 9.85 -34.07 -66.86
N VAL J 426 10.80 -33.64 -67.67
CA VAL J 426 10.86 -34.06 -69.07
C VAL J 426 11.06 -35.56 -69.18
N LEU J 427 11.97 -36.09 -68.38
CA LEU J 427 12.26 -37.53 -68.40
C LEU J 427 11.04 -38.35 -67.98
N ALA J 428 10.29 -37.83 -67.02
CA ALA J 428 9.08 -38.50 -66.56
C ALA J 428 8.04 -38.57 -67.66
N THR J 429 7.88 -37.48 -68.40
CA THR J 429 7.00 -37.45 -69.56
C THR J 429 7.46 -38.44 -70.62
N ILE J 430 8.77 -38.47 -70.87
CA ILE J 430 9.34 -39.40 -71.85
C ILE J 430 9.04 -40.84 -71.49
N VAL J 431 9.26 -41.19 -70.22
CA VAL J 431 8.95 -42.53 -69.74
C VAL J 431 7.46 -42.83 -69.87
N ALA J 432 6.63 -41.84 -69.55
CA ALA J 432 5.18 -41.98 -69.70
C ALA J 432 4.81 -42.32 -71.13
N MET J 433 5.45 -41.64 -72.08
CA MET J 433 5.19 -41.89 -73.49
C MET J 433 5.63 -43.28 -73.91
N TYR J 434 6.73 -43.74 -73.31
CA TYR J 434 7.20 -45.11 -73.51
C TYR J 434 6.15 -46.12 -73.05
N VAL J 435 5.57 -45.86 -71.88
CA VAL J 435 4.50 -46.70 -71.35
C VAL J 435 3.27 -46.66 -72.25
N LEU J 436 2.90 -45.45 -72.67
CA LEU J 436 1.76 -45.26 -73.56
C LEU J 436 1.95 -46.03 -74.86
N THR J 437 3.16 -45.97 -75.41
CA THR J 437 3.50 -46.72 -76.62
C THR J 437 3.41 -48.22 -76.38
N ASN J 438 3.90 -48.66 -75.22
CA ASN J 438 3.88 -50.06 -74.87
C ASN J 438 2.45 -50.58 -74.75
N GLN J 439 1.56 -49.72 -74.27
CA GLN J 439 0.14 -50.06 -74.17
C GLN J 439 -0.53 -50.06 -75.54
N LYS J 440 -0.20 -49.05 -76.34
CA LYS J 440 -0.75 -48.96 -77.70
C LYS J 440 -0.20 -50.06 -78.59
N HIS J 441 0.92 -50.63 -78.19
CA HIS J 441 1.50 -51.77 -78.91
C HIS J 441 0.46 -52.84 -79.15
N ASN J 442 -0.33 -53.14 -78.13
CA ASN J 442 -1.43 -54.09 -78.25
C ASN J 442 -2.54 -53.54 -79.13
N SER K 1 34.18 67.57 -15.55
CA SER K 1 34.14 67.87 -16.98
C SER K 1 32.86 67.35 -17.62
N THR K 2 32.00 68.26 -18.06
CA THR K 2 30.80 67.89 -18.80
C THR K 2 29.74 67.33 -17.88
N GLU K 3 28.47 67.44 -18.29
CA GLU K 3 27.36 67.13 -17.42
C GLU K 3 27.31 65.64 -17.09
N GLU K 4 27.91 64.83 -17.97
CA GLU K 4 27.95 63.39 -17.77
C GLU K 4 28.70 63.03 -16.49
N LEU K 5 29.73 63.80 -16.18
CA LEU K 5 30.53 63.58 -14.97
C LEU K 5 30.00 64.40 -13.80
N PHE K 6 29.40 65.54 -14.11
CA PHE K 6 28.73 66.35 -13.10
C PHE K 6 27.64 65.55 -12.39
N ASN K 7 26.84 64.82 -13.18
CA ASN K 7 25.85 63.92 -12.63
C ASN K 7 24.63 64.68 -12.12
N GLU K 8 23.46 64.09 -12.28
CA GLU K 8 22.24 64.63 -11.68
C GLU K 8 22.29 64.54 -10.16
N TYR K 9 23.34 63.92 -9.64
CA TYR K 9 23.62 63.95 -8.21
C TYR K 9 23.35 65.34 -7.63
N LYS K 10 23.72 66.37 -8.37
CA LYS K 10 23.53 67.74 -7.92
C LYS K 10 22.05 68.09 -7.80
N LEU K 11 21.24 67.52 -8.68
CA LEU K 11 19.81 67.79 -8.69
C LEU K 11 19.06 66.87 -7.73
N THR K 12 19.58 65.67 -7.54
CA THR K 12 18.88 64.63 -6.80
C THR K 12 19.07 64.79 -5.29
N ARG K 13 20.05 64.07 -4.75
CA ARG K 13 20.23 63.98 -3.32
C ARG K 13 19.79 62.63 -2.78
N PRO K 14 20.62 62.04 -1.91
CA PRO K 14 20.33 60.74 -1.33
C PRO K 14 19.10 60.80 -0.44
N TYR K 15 18.40 59.67 -0.33
CA TYR K 15 17.16 59.61 0.45
C TYR K 15 17.04 58.28 1.16
N MET K 16 16.01 58.17 2.00
CA MET K 16 15.83 56.98 2.83
C MET K 16 14.67 56.13 2.33
N ALA K 17 14.72 54.84 2.62
CA ALA K 17 13.62 53.93 2.30
C ALA K 17 13.55 52.77 3.28
N ARG K 18 12.43 52.06 3.26
CA ARG K 18 12.17 51.02 4.27
C ARG K 18 12.96 49.75 3.95
N CYS K 19 13.62 49.21 4.97
CA CYS K 19 14.17 47.86 4.89
C CYS K 19 13.35 46.87 5.70
N ILE K 20 13.21 45.65 5.18
CA ILE K 20 12.43 44.63 5.84
C ILE K 20 12.99 44.31 7.22
N ARG K 21 14.32 44.19 7.30
CA ARG K 21 14.98 44.00 8.58
C ARG K 21 16.13 44.99 8.75
N CYS K 22 16.12 45.73 9.84
CA CYS K 22 17.24 46.59 10.20
C CYS K 22 17.94 46.09 11.47
N ALA K 23 17.63 44.86 11.85
CA ALA K 23 17.95 44.37 13.19
C ALA K 23 16.69 44.11 13.99
N VAL K 24 16.29 45.10 14.79
CA VAL K 24 15.02 45.05 15.51
C VAL K 24 13.91 45.74 14.72
N GLY K 25 13.32 45.01 13.79
CA GLY K 25 12.19 45.51 13.03
C GLY K 25 12.64 46.30 11.81
N SER K 26 11.69 46.82 11.04
CA SER K 26 11.99 47.61 9.86
C SER K 26 12.33 49.05 10.24
N CYS K 27 12.82 49.80 9.26
CA CYS K 27 13.17 51.20 9.48
C CYS K 27 13.37 51.94 8.17
N HIS K 28 13.33 53.26 8.22
CA HIS K 28 13.54 54.09 7.04
C HIS K 28 14.99 54.54 6.94
N SER K 29 15.84 53.70 6.34
CA SER K 29 17.26 53.96 6.27
C SER K 29 17.71 54.24 4.85
N PRO K 30 18.76 55.05 4.70
CA PRO K 30 19.33 55.34 3.39
C PRO K 30 20.03 54.12 2.81
N ILE K 31 20.30 53.14 3.66
CA ILE K 31 21.00 51.93 3.25
C ILE K 31 20.15 51.09 2.31
N ALA K 32 18.84 51.33 2.33
CA ALA K 32 17.90 50.52 1.57
C ALA K 32 18.28 50.47 0.10
N ILE K 33 18.20 49.28 -0.49
CA ILE K 33 18.45 49.11 -1.91
C ILE K 33 17.16 49.19 -2.72
N GLU K 34 17.14 50.10 -3.70
CA GLU K 34 15.93 50.36 -4.48
C GLU K 34 15.66 49.22 -5.45
N ALA K 35 16.68 48.81 -6.19
CA ALA K 35 16.54 47.78 -7.21
C ALA K 35 17.87 47.07 -7.46
N VAL K 36 17.78 45.85 -7.97
CA VAL K 36 18.97 45.07 -8.30
C VAL K 36 18.86 44.42 -9.67
N LYS K 37 19.87 44.64 -10.50
CA LYS K 37 19.92 44.01 -11.83
C LYS K 37 21.11 43.06 -11.93
N SER K 38 20.93 41.98 -12.67
CA SER K 38 21.95 40.94 -12.77
C SER K 38 22.04 40.39 -14.18
N ASP K 39 22.04 41.30 -15.16
CA ASP K 39 22.02 40.91 -16.57
C ASP K 39 23.41 40.56 -17.07
N GLY K 40 24.43 41.11 -16.40
CA GLY K 40 25.81 40.94 -16.83
C GLY K 40 26.24 39.48 -16.71
N HIS K 41 26.95 38.99 -17.71
CA HIS K 41 27.41 37.61 -17.73
C HIS K 41 28.68 37.43 -16.92
N ASP K 42 29.34 38.54 -16.62
CA ASP K 42 30.64 38.51 -15.96
C ASP K 42 30.50 38.27 -14.46
N GLY K 43 29.27 38.16 -14.00
CA GLY K 43 28.99 37.83 -12.60
C GLY K 43 28.88 39.08 -11.75
N TYR K 44 29.04 40.24 -12.38
CA TYR K 44 28.88 41.52 -11.69
C TYR K 44 27.41 41.89 -11.55
N VAL K 45 27.09 42.60 -10.48
CA VAL K 45 25.71 43.03 -10.23
C VAL K 45 25.60 44.56 -10.29
N ARG K 46 24.44 45.03 -10.75
CA ARG K 46 24.17 46.46 -10.79
C ARG K 46 23.10 46.85 -9.80
N LEU K 47 23.52 47.42 -8.67
CA LEU K 47 22.60 47.79 -7.60
C LEU K 47 22.22 49.26 -7.70
N GLN K 48 20.94 49.56 -7.51
CA GLN K 48 20.48 50.93 -7.30
C GLN K 48 20.03 51.15 -5.86
N THR K 49 20.76 51.97 -5.12
CA THR K 49 20.45 52.23 -3.73
C THR K 49 19.73 53.57 -3.56
N SER K 50 19.16 53.78 -2.38
CA SER K 50 18.51 55.04 -2.06
C SER K 50 19.53 56.11 -1.70
N SER K 51 20.72 55.67 -1.31
CA SER K 51 21.84 56.59 -1.07
C SER K 51 22.68 56.77 -2.32
N GLN K 52 23.61 57.71 -2.27
CA GLN K 52 24.46 58.02 -3.42
C GLN K 52 25.92 58.07 -3.03
N TYR K 53 26.80 57.68 -3.95
CA TYR K 53 28.23 57.79 -3.74
C TYR K 53 28.98 57.88 -5.07
N GLY K 54 30.28 58.11 -4.99
CA GLY K 54 31.08 58.37 -6.19
C GLY K 54 31.31 59.85 -6.40
N LEU K 55 30.39 60.66 -5.90
CA LEU K 55 30.56 62.11 -5.89
C LEU K 55 30.59 62.65 -4.46
N ASP K 56 31.45 63.64 -4.23
CA ASP K 56 31.60 64.22 -2.90
C ASP K 56 30.57 65.31 -2.66
N SER K 57 30.75 66.05 -1.57
CA SER K 57 29.73 66.99 -1.11
C SER K 57 29.50 68.09 -2.14
N SER K 58 30.50 68.35 -2.97
CA SER K 58 30.43 69.40 -3.96
C SER K 58 29.99 68.85 -5.32
N GLY K 59 29.88 67.53 -5.40
CA GLY K 59 29.46 66.88 -6.64
C GLY K 59 30.66 66.55 -7.52
N ASN K 60 31.86 66.64 -6.95
CA ASN K 60 33.08 66.29 -7.67
C ASN K 60 33.36 64.80 -7.57
N LEU K 61 34.06 64.27 -8.57
CA LEU K 61 34.31 62.83 -8.64
C LEU K 61 35.26 62.37 -7.54
N LYS K 62 34.71 61.65 -6.57
CA LYS K 62 35.51 61.11 -5.48
C LYS K 62 34.96 59.77 -5.00
N GLY K 63 35.57 58.69 -5.45
CA GLY K 63 35.09 57.35 -5.13
C GLY K 63 35.47 56.96 -3.71
N ARG K 64 36.19 57.84 -3.03
CA ARG K 64 36.71 57.54 -1.70
C ARG K 64 35.60 57.65 -0.64
N THR K 65 34.53 58.36 -0.99
CA THR K 65 33.49 58.69 -0.03
C THR K 65 32.12 58.21 -0.51
N MET K 66 31.19 58.07 0.43
CA MET K 66 29.81 57.77 0.09
C MET K 66 28.83 58.55 0.97
N ARG K 67 27.73 58.98 0.36
CA ARG K 67 26.83 59.93 1.02
C ARG K 67 25.46 59.30 1.26
N TYR K 68 25.02 59.34 2.52
CA TYR K 68 23.76 58.72 2.91
C TYR K 68 22.93 59.65 3.79
N ASP K 69 21.61 59.57 3.65
CA ASP K 69 20.72 60.46 4.37
C ASP K 69 20.42 59.95 5.77
N MET K 70 21.07 60.57 6.76
CA MET K 70 20.90 60.17 8.15
C MET K 70 19.76 60.91 8.81
N HIS K 71 18.55 60.35 8.69
CA HIS K 71 17.36 60.98 9.23
C HIS K 71 17.19 62.41 8.71
N GLY K 72 17.29 63.37 9.62
CA GLY K 72 17.02 64.77 9.28
C GLY K 72 18.21 65.40 8.57
N THR K 73 19.36 64.73 8.63
CA THR K 73 20.58 65.24 8.03
C THR K 73 21.18 64.24 7.06
N ILE K 74 22.24 64.65 6.38
CA ILE K 74 22.96 63.76 5.46
C ILE K 74 24.44 63.71 5.78
N LYS K 75 24.97 62.49 5.91
CA LYS K 75 26.34 62.30 6.35
C LYS K 75 27.17 61.59 5.29
N GLU K 76 28.49 61.65 5.44
CA GLU K 76 29.41 61.02 4.49
C GLU K 76 30.44 60.17 5.22
N ILE K 77 30.71 58.99 4.67
CA ILE K 77 31.75 58.11 5.20
C ILE K 77 32.56 57.48 4.09
N PRO K 78 33.71 56.92 4.44
CA PRO K 78 34.55 56.20 3.49
C PRO K 78 33.76 55.11 2.78
N LEU K 79 33.95 55.01 1.47
CA LEU K 79 33.26 54.01 0.67
C LEU K 79 33.79 52.61 0.96
N HIS K 80 35.10 52.51 1.13
CA HIS K 80 35.74 51.22 1.40
C HIS K 80 35.25 50.64 2.72
N GLN K 81 34.74 51.51 3.60
CA GLN K 81 34.16 51.07 4.86
C GLN K 81 32.88 50.29 4.63
N VAL K 82 32.16 50.62 3.55
CA VAL K 82 30.90 49.97 3.23
C VAL K 82 31.12 48.56 2.72
N SER K 83 30.45 47.59 3.34
CA SER K 83 30.63 46.20 2.99
C SER K 83 29.30 45.55 2.61
N LEU K 84 29.38 44.48 1.83
CA LEU K 84 28.19 43.72 1.44
C LEU K 84 28.54 42.28 1.09
N TYR K 85 27.56 41.40 1.17
CA TYR K 85 27.76 39.98 0.87
C TYR K 85 26.45 39.30 0.52
N THR K 86 26.55 38.12 -0.10
CA THR K 86 25.37 37.29 -0.34
C THR K 86 25.53 35.93 0.32
N SER K 87 26.25 35.03 -0.34
CA SER K 87 26.83 33.87 0.31
C SER K 87 28.25 34.17 0.82
N ARG K 88 28.98 34.97 0.05
CA ARG K 88 30.30 35.42 0.46
C ARG K 88 30.47 36.92 0.24
N PRO K 89 31.41 37.51 0.95
CA PRO K 89 31.70 38.94 0.79
C PRO K 89 31.96 39.29 -0.67
N CYS K 90 31.38 40.39 -1.11
CA CYS K 90 31.53 40.83 -2.50
C CYS K 90 32.75 41.72 -2.67
N HIS K 91 33.19 41.89 -3.91
CA HIS K 91 34.24 42.85 -4.22
C HIS K 91 33.69 44.02 -5.05
N ILE K 92 33.66 45.20 -4.44
CA ILE K 92 33.14 46.38 -5.11
C ILE K 92 34.10 46.87 -6.19
N VAL K 93 33.57 47.10 -7.39
CA VAL K 93 34.39 47.46 -8.53
C VAL K 93 34.29 48.95 -8.85
N ASP K 94 33.06 49.43 -9.00
CA ASP K 94 32.84 50.83 -9.32
C ASP K 94 31.45 51.28 -8.86
N GLY K 95 31.21 52.59 -8.94
CA GLY K 95 29.91 53.15 -8.57
C GLY K 95 29.76 54.58 -9.07
N HIS K 96 28.51 55.03 -9.16
CA HIS K 96 28.24 56.39 -9.64
C HIS K 96 26.80 56.80 -9.31
N GLY K 97 26.66 57.81 -8.46
CA GLY K 97 25.36 58.28 -8.03
C GLY K 97 24.63 57.23 -7.20
N TYR K 98 23.44 56.86 -7.63
CA TYR K 98 22.62 55.89 -6.91
C TYR K 98 23.16 54.47 -7.10
N PHE K 99 23.95 54.27 -8.15
CA PHE K 99 24.13 52.96 -8.74
C PHE K 99 25.48 52.35 -8.32
N LEU K 100 25.53 51.03 -8.29
CA LEU K 100 26.69 50.33 -7.73
C LEU K 100 27.04 49.11 -8.57
N LEU K 101 28.31 48.99 -8.92
CA LEU K 101 28.80 47.85 -9.67
C LEU K 101 29.80 47.04 -8.87
N ALA K 102 29.43 45.79 -8.55
CA ALA K 102 30.24 44.96 -7.67
C ALA K 102 30.10 43.48 -8.03
N ARG K 103 31.10 42.69 -7.65
CA ARG K 103 31.05 41.25 -7.85
C ARG K 103 30.60 40.53 -6.58
N CYS K 104 29.32 40.16 -6.54
CA CYS K 104 28.83 39.25 -5.51
C CYS K 104 28.67 37.84 -6.07
N PRO K 105 28.81 36.84 -5.20
CA PRO K 105 28.54 35.46 -5.57
C PRO K 105 27.04 35.19 -5.62
N ALA K 106 26.68 33.96 -6.01
CA ALA K 106 25.28 33.54 -6.01
C ALA K 106 24.73 33.50 -4.59
N GLY K 107 23.40 33.64 -4.48
CA GLY K 107 22.75 33.65 -3.18
C GLY K 107 21.26 33.91 -3.32
N ASP K 108 20.52 33.80 -2.22
CA ASP K 108 19.08 34.00 -2.22
C ASP K 108 18.72 35.43 -1.85
N SER K 109 19.68 36.15 -1.26
CA SER K 109 19.45 37.50 -0.79
C SER K 109 20.73 38.31 -0.77
N ILE K 110 20.59 39.64 -0.70
CA ILE K 110 21.74 40.53 -0.65
C ILE K 110 21.77 41.31 0.66
N THR K 111 22.88 41.22 1.37
CA THR K 111 23.05 41.93 2.63
C THR K 111 24.09 43.04 2.52
N MET K 112 23.70 44.26 2.87
CA MET K 112 24.61 45.39 2.84
C MET K 112 24.66 46.09 4.19
N GLU K 113 25.87 46.47 4.60
CA GLU K 113 26.07 47.10 5.90
C GLU K 113 27.24 48.08 5.87
N PHE K 114 27.25 49.02 6.81
CA PHE K 114 28.36 49.94 6.98
C PHE K 114 28.44 50.45 8.41
N LYS K 115 29.64 50.89 8.80
CA LYS K 115 29.85 51.46 10.12
C LYS K 115 29.60 52.97 10.12
N LYS K 116 28.72 53.42 11.00
CA LYS K 116 28.51 54.85 11.20
C LYS K 116 29.56 55.43 12.14
N ASP K 117 29.10 56.08 13.20
CA ASP K 117 30.00 56.56 14.26
C ASP K 117 30.35 55.44 15.22
N SER K 118 29.48 54.44 15.31
CA SER K 118 29.69 53.33 16.23
C SER K 118 29.06 52.04 15.69
N VAL K 119 27.95 51.64 16.29
CA VAL K 119 27.29 50.39 15.91
C VAL K 119 27.01 50.35 14.42
N ARG K 120 27.35 49.23 13.79
CA ARG K 120 27.18 49.07 12.35
C ARG K 120 25.70 48.93 11.98
N HIS K 121 25.32 49.50 10.85
CA HIS K 121 23.96 49.40 10.36
C HIS K 121 23.88 48.53 9.11
N SER K 122 22.83 47.73 9.02
CA SER K 122 22.72 46.73 7.96
C SER K 122 21.29 46.63 7.45
N CYS K 123 21.14 46.15 6.21
CA CYS K 123 19.82 45.88 5.66
C CYS K 123 19.89 44.80 4.59
N SER K 124 18.96 43.85 4.66
CA SER K 124 18.94 42.73 3.72
C SER K 124 17.73 42.82 2.79
N VAL K 125 17.95 42.53 1.51
CA VAL K 125 16.87 42.52 0.53
C VAL K 125 16.81 41.18 -0.20
N PRO K 126 15.59 40.71 -0.45
CA PRO K 126 15.39 39.46 -1.16
C PRO K 126 15.61 39.63 -2.66
N TYR K 127 16.57 38.89 -3.20
CA TYR K 127 16.81 38.89 -4.64
C TYR K 127 17.59 37.64 -5.07
N GLU K 128 17.10 36.96 -6.10
CA GLU K 128 17.76 35.78 -6.62
C GLU K 128 19.02 36.14 -7.39
N VAL K 129 20.16 35.69 -6.88
CA VAL K 129 21.44 35.90 -7.56
C VAL K 129 22.02 34.57 -8.05
N LYS K 130 22.10 34.41 -9.37
CA LYS K 130 22.58 33.18 -9.97
C LYS K 130 22.94 33.37 -11.43
N PHE K 131 24.21 33.64 -11.70
CA PHE K 131 24.67 33.96 -13.04
C PHE K 131 24.95 32.69 -13.84
N ASN K 132 24.46 32.65 -15.08
CA ASN K 132 24.70 31.51 -15.96
C ASN K 132 26.10 31.55 -16.55
N PRO K 133 26.90 30.55 -16.22
CA PRO K 133 28.26 30.46 -16.74
C PRO K 133 28.28 30.51 -18.26
N VAL K 134 29.29 31.17 -18.81
CA VAL K 134 29.40 31.34 -20.25
C VAL K 134 30.02 30.10 -20.91
N GLY K 135 29.32 29.55 -21.88
CA GLY K 135 29.76 28.34 -22.55
C GLY K 135 28.94 27.12 -22.12
N ARG K 136 29.28 25.96 -22.67
CA ARG K 136 28.59 24.73 -22.32
C ARG K 136 29.15 24.13 -21.03
N GLU K 137 30.01 24.89 -20.36
CA GLU K 137 30.60 24.44 -19.10
C GLU K 137 30.07 25.26 -17.94
N LEU K 138 29.49 24.58 -16.95
CA LEU K 138 28.91 25.24 -15.80
C LEU K 138 29.93 25.35 -14.66
N TYR K 139 30.62 26.47 -14.59
CA TYR K 139 31.68 26.67 -13.60
C TYR K 139 31.23 27.63 -12.51
N THR K 140 31.91 27.59 -11.38
CA THR K 140 31.64 28.51 -10.28
C THR K 140 32.47 29.78 -10.39
N HIS K 141 33.78 29.61 -10.58
CA HIS K 141 34.68 30.75 -10.75
C HIS K 141 35.42 30.66 -12.08
N PRO K 142 35.76 31.82 -12.62
CA PRO K 142 36.52 31.89 -13.87
C PRO K 142 37.92 31.34 -13.70
N PRO K 143 38.42 30.64 -14.71
CA PRO K 143 39.74 30.03 -14.66
C PRO K 143 40.84 31.08 -14.86
N GLU K 144 42.05 30.73 -14.47
CA GLU K 144 43.21 31.58 -14.72
C GLU K 144 43.49 31.69 -16.21
N HIS K 145 43.29 30.60 -16.93
CA HIS K 145 43.41 30.60 -18.39
C HIS K 145 42.22 29.90 -19.05
N GLY K 146 41.96 30.26 -20.30
CA GLY K 146 40.82 29.71 -21.02
C GLY K 146 40.69 30.34 -22.40
N VAL K 147 39.56 30.09 -23.06
CA VAL K 147 39.34 30.59 -24.41
C VAL K 147 38.38 31.78 -24.39
N GLU K 148 38.43 32.59 -25.45
CA GLU K 148 37.65 33.82 -25.51
C GLU K 148 36.28 33.57 -26.13
N GLN K 149 35.23 33.87 -25.37
CA GLN K 149 33.87 33.79 -25.89
C GLN K 149 33.13 35.10 -25.69
N ALA K 150 32.16 35.36 -26.57
CA ALA K 150 31.39 36.61 -26.51
C ALA K 150 30.42 36.60 -25.34
N CYS K 151 30.23 37.76 -24.72
CA CYS K 151 29.28 37.91 -23.63
C CYS K 151 28.81 39.35 -23.50
N GLN K 152 27.83 39.58 -22.63
CA GLN K 152 27.32 40.92 -22.38
C GLN K 152 27.44 41.29 -20.92
N VAL K 153 28.03 42.45 -20.64
CA VAL K 153 28.36 42.85 -19.28
C VAL K 153 27.98 44.30 -19.02
N TYR K 154 27.84 44.66 -17.75
CA TYR K 154 27.63 46.04 -17.36
C TYR K 154 28.90 46.87 -17.52
N ALA K 155 28.82 47.90 -18.35
CA ALA K 155 29.96 48.81 -18.55
C ALA K 155 30.28 49.58 -17.27
N HIS K 156 31.57 49.70 -16.97
CA HIS K 156 32.01 50.48 -15.83
C HIS K 156 31.92 51.98 -16.12
N ASP K 157 31.69 52.31 -17.39
CA ASP K 157 31.61 53.71 -17.80
C ASP K 157 30.43 54.43 -17.16
N ALA K 158 30.70 55.57 -16.54
CA ALA K 158 29.64 56.38 -15.95
C ALA K 158 28.82 57.08 -17.02
N GLN K 159 29.32 57.09 -18.24
CA GLN K 159 28.60 57.66 -19.37
C GLN K 159 27.17 57.16 -19.42
N ASN K 160 26.23 58.08 -19.61
CA ASN K 160 24.81 57.75 -19.59
C ASN K 160 24.05 58.52 -20.67
N ARG K 161 23.37 57.79 -21.55
CA ARG K 161 22.62 58.40 -22.63
C ARG K 161 21.37 57.60 -22.96
N GLY K 162 21.50 56.28 -22.96
CA GLY K 162 20.39 55.40 -23.34
C GLY K 162 19.37 55.30 -22.22
N ALA K 163 19.80 54.82 -21.06
CA ALA K 163 18.89 54.48 -19.97
C ALA K 163 18.62 55.69 -19.09
N TYR K 164 17.38 55.79 -18.61
CA TYR K 164 16.99 56.91 -17.75
C TYR K 164 15.81 56.53 -16.86
N VAL K 165 15.64 57.27 -15.77
CA VAL K 165 14.56 57.01 -14.83
C VAL K 165 13.81 58.30 -14.49
N GLU K 166 12.65 58.14 -13.87
CA GLU K 166 11.82 59.28 -13.48
C GLU K 166 12.15 59.74 -12.06
N MET K 167 12.48 61.02 -11.92
CA MET K 167 12.69 61.61 -10.60
C MET K 167 11.85 62.87 -10.43
N HIS K 168 11.47 63.15 -9.18
CA HIS K 168 10.53 64.22 -8.89
C HIS K 168 10.71 64.75 -7.48
N LEU K 169 10.09 65.88 -7.19
CA LEU K 169 10.09 66.43 -5.84
C LEU K 169 9.45 65.47 -4.84
N PRO K 170 10.12 65.24 -3.72
CA PRO K 170 9.63 64.33 -2.70
C PRO K 170 8.43 64.90 -1.98
N GLY K 171 7.60 64.03 -1.41
CA GLY K 171 6.41 64.45 -0.69
C GLY K 171 6.76 64.91 0.72
N SER K 172 5.74 65.32 1.48
CA SER K 172 5.94 65.80 2.84
C SER K 172 6.45 64.69 3.75
N GLU K 173 7.46 65.00 4.55
CA GLU K 173 7.99 64.04 5.51
C GLU K 173 7.60 64.42 6.93
N VAL K 174 6.77 63.58 7.55
CA VAL K 174 6.31 63.83 8.91
C VAL K 174 7.48 63.91 9.88
N ASP K 175 7.39 64.84 10.82
CA ASP K 175 8.43 65.01 11.83
C ASP K 175 7.86 65.58 13.13
N SER K 176 7.72 64.71 14.13
CA SER K 176 7.09 65.10 15.39
C SER K 176 7.95 66.12 16.13
N SER K 177 9.22 66.24 15.73
CA SER K 177 10.14 67.14 16.39
C SER K 177 9.78 68.59 16.12
N LEU K 178 8.92 68.82 15.13
CA LEU K 178 8.44 70.16 14.82
C LEU K 178 7.60 70.72 15.96
N VAL K 179 6.96 69.83 16.72
CA VAL K 179 5.91 70.23 17.64
C VAL K 179 6.24 69.80 19.07
N SER K 180 5.94 70.67 20.03
CA SER K 180 6.10 70.34 21.44
C SER K 180 5.02 71.02 22.28
N LEU K 181 4.92 70.61 23.54
CA LEU K 181 3.99 71.23 24.48
C LEU K 181 4.71 72.20 25.40
N SER K 182 4.34 73.47 25.31
CA SER K 182 4.98 74.51 26.12
C SER K 182 4.07 75.71 26.27
N GLY K 183 3.70 76.02 27.52
CA GLY K 183 4.06 75.18 28.65
C GLY K 183 3.33 73.85 28.61
N SER K 184 2.03 73.91 28.31
CA SER K 184 1.22 72.70 28.18
C SER K 184 0.32 72.77 26.96
N SER K 185 0.73 73.58 25.98
CA SER K 185 -0.07 73.78 24.77
C SER K 185 0.77 73.58 23.51
N VAL K 186 0.10 73.26 22.41
CA VAL K 186 0.79 72.90 21.18
C VAL K 186 1.49 74.10 20.57
N THR K 187 2.80 74.01 20.41
CA THR K 187 3.56 75.03 19.70
C THR K 187 4.51 74.40 18.69
N VAL K 188 4.48 74.91 17.46
CA VAL K 188 5.24 74.32 16.36
C VAL K 188 6.25 75.30 15.80
N THR K 189 7.49 74.86 15.65
CA THR K 189 8.54 75.67 15.04
C THR K 189 8.55 75.50 13.53
N PRO K 190 9.12 76.47 12.84
CA PRO K 190 9.19 76.45 11.37
C PRO K 190 9.43 75.04 10.84
N PRO K 191 10.69 74.60 10.85
CA PRO K 191 11.79 75.42 11.36
C PRO K 191 12.33 76.38 10.29
N ASP K 192 13.41 77.07 10.61
CA ASP K 192 14.01 78.03 9.68
C ASP K 192 14.70 77.34 8.52
N GLY K 193 14.08 77.41 7.34
CA GLY K 193 14.64 76.80 6.14
C GLY K 193 13.73 75.71 5.59
N THR K 194 12.80 75.25 6.42
CA THR K 194 11.86 74.21 6.01
C THR K 194 10.43 74.72 6.08
N SER K 195 9.63 74.34 5.08
CA SER K 195 8.21 74.69 5.06
C SER K 195 7.43 73.80 6.02
N ALA K 196 6.62 74.44 6.87
CA ALA K 196 5.89 73.73 7.92
C ALA K 196 4.47 73.43 7.49
N LEU K 197 4.15 72.15 7.34
CA LEU K 197 2.78 71.71 7.09
C LEU K 197 2.14 71.16 8.35
N VAL K 198 1.17 71.89 8.89
CA VAL K 198 0.60 71.56 10.20
C VAL K 198 -0.92 71.57 10.16
N GLU K 199 -1.53 70.53 10.75
CA GLU K 199 -2.98 70.45 10.85
C GLU K 199 -3.40 69.77 12.14
N CYS K 200 -4.47 70.27 12.74
CA CYS K 200 -4.97 69.73 14.01
C CYS K 200 -6.29 69.00 13.83
N GLU K 201 -6.47 67.92 14.58
CA GLU K 201 -7.75 67.20 14.59
C GLU K 201 -8.82 67.99 15.34
N CYS K 202 -8.39 68.75 16.35
CA CYS K 202 -9.30 69.58 17.13
C CYS K 202 -9.55 70.92 16.44
N GLY K 203 -10.41 71.74 17.03
CA GLY K 203 -10.76 73.03 16.46
C GLY K 203 -9.60 74.02 16.57
N GLY K 204 -9.92 75.30 16.47
CA GLY K 204 -8.90 76.35 16.51
C GLY K 204 -8.22 76.49 15.15
N THR K 205 -6.89 76.47 15.16
CA THR K 205 -6.11 76.66 13.94
C THR K 205 -5.74 75.32 13.31
N LYS K 206 -6.26 75.08 12.11
CA LYS K 206 -5.96 73.85 11.38
C LYS K 206 -5.23 74.15 10.08
N ILE K 207 -4.74 75.38 9.94
CA ILE K 207 -4.15 75.85 8.69
C ILE K 207 -2.65 76.07 8.83
N SER K 208 -1.95 76.03 7.72
CA SER K 208 -0.49 76.11 7.73
C SER K 208 0.13 74.97 6.91
N GLU K 209 0.88 75.33 5.87
CA GLU K 209 0.81 76.68 5.32
C GLU K 209 1.48 77.70 6.23
N THR K 210 2.55 77.27 6.90
CA THR K 210 3.46 78.18 7.58
C THR K 210 4.81 78.25 6.87
N ILE K 211 5.18 79.45 6.45
CA ILE K 211 6.44 79.65 5.74
C ILE K 211 7.62 79.70 6.69
N ASN K 212 7.57 80.63 7.64
CA ASN K 212 8.63 80.79 8.64
C ASN K 212 8.13 81.53 9.86
N LYS K 213 7.58 80.78 10.82
CA LYS K 213 7.14 81.36 12.09
C LYS K 213 6.83 80.27 13.10
N THR K 214 7.21 80.50 14.35
CA THR K 214 6.82 79.62 15.45
C THR K 214 5.43 79.98 15.98
N LYS K 215 4.49 79.08 15.78
CA LYS K 215 3.07 79.39 16.00
C LYS K 215 2.49 78.53 17.12
N GLN K 216 1.51 79.09 17.83
CA GLN K 216 0.81 78.35 18.87
C GLN K 216 -0.58 77.91 18.39
N PHE K 217 -1.00 76.73 18.80
CA PHE K 217 -2.27 76.17 18.35
C PHE K 217 -3.20 75.87 19.52
N SER K 218 -4.29 76.62 19.61
CA SER K 218 -5.21 76.51 20.73
C SER K 218 -6.18 75.35 20.54
N GLN K 219 -6.89 75.00 21.60
CA GLN K 219 -7.85 73.90 21.55
C GLN K 219 -7.16 72.57 21.28
N CYS K 220 -5.86 72.52 21.53
CA CYS K 220 -5.09 71.30 21.35
C CYS K 220 -4.35 70.91 22.63
N THR K 221 -5.03 70.14 23.48
CA THR K 221 -4.47 69.75 24.76
C THR K 221 -3.11 69.10 24.60
N LYS K 222 -3.01 68.17 23.67
CA LYS K 222 -1.76 67.43 23.43
C LYS K 222 -1.31 67.57 21.99
N LYS K 223 0.01 67.59 21.79
CA LYS K 223 0.58 67.65 20.45
C LYS K 223 0.26 66.39 19.65
N GLU K 224 -0.09 65.33 20.36
CA GLU K 224 -0.48 64.08 19.72
C GLU K 224 -1.76 64.24 18.90
N GLN K 225 -2.55 65.26 19.26
CA GLN K 225 -3.80 65.53 18.55
C GLN K 225 -3.55 66.31 17.27
N CYS K 226 -2.30 66.70 17.06
CA CYS K 226 -1.92 67.46 15.87
C CYS K 226 -0.94 66.68 15.02
N ARG K 227 -0.76 67.12 13.77
CA ARG K 227 0.20 66.51 12.87
C ARG K 227 1.03 67.57 12.15
N ALA K 228 2.29 67.26 11.89
CA ALA K 228 3.22 68.23 11.34
C ALA K 228 4.22 67.57 10.39
N TYR K 229 4.44 68.20 9.24
CA TYR K 229 5.33 67.65 8.22
C TYR K 229 6.42 68.64 7.85
N ARG K 230 7.61 68.14 7.56
CA ARG K 230 8.67 68.95 6.97
C ARG K 230 8.59 68.92 5.45
N LEU K 231 8.45 70.09 4.85
CA LEU K 231 8.41 70.21 3.40
C LEU K 231 9.67 70.86 2.85
N GLN K 232 10.30 70.21 1.88
CA GLN K 232 11.50 70.74 1.25
C GLN K 232 11.21 71.26 -0.15
N ASN K 233 10.97 70.35 -1.09
CA ASN K 233 10.58 70.72 -2.44
C ASN K 233 11.70 71.48 -3.15
N ASP K 234 12.94 71.11 -2.84
CA ASP K 234 14.10 71.76 -3.43
C ASP K 234 14.79 70.85 -4.44
N LYS K 235 14.87 69.56 -4.12
CA LYS K 235 15.61 68.61 -4.94
C LYS K 235 14.74 67.43 -5.34
N TRP K 236 15.18 66.69 -6.35
CA TRP K 236 14.43 65.53 -6.83
C TRP K 236 14.91 64.25 -6.17
N VAL K 237 14.02 63.26 -6.12
CA VAL K 237 14.44 61.88 -5.85
C VAL K 237 13.74 60.90 -6.79
N TYR K 238 14.27 59.68 -6.86
CA TYR K 238 13.65 58.63 -7.67
C TYR K 238 12.22 58.36 -7.23
N ASN K 239 11.34 58.18 -8.20
CA ASN K 239 9.94 57.87 -7.91
C ASN K 239 9.79 56.49 -7.29
N SER K 240 10.09 56.39 -6.00
CA SER K 240 9.99 55.13 -5.28
C SER K 240 8.56 54.89 -4.80
N ASP K 241 8.19 53.61 -4.69
CA ASP K 241 6.89 53.24 -4.15
C ASP K 241 6.92 53.20 -2.62
N LYS K 242 8.04 53.58 -2.05
CA LYS K 242 8.18 53.67 -0.59
C LYS K 242 8.13 55.11 -0.13
N LEU K 243 8.18 56.04 -1.07
CA LEU K 243 8.00 57.45 -0.77
C LEU K 243 6.64 57.96 -1.26
N PRO K 244 5.89 58.57 -0.36
CA PRO K 244 4.57 59.12 -0.69
C PRO K 244 4.69 60.31 -1.62
N LYS K 245 3.66 60.53 -2.43
CA LYS K 245 3.69 61.59 -3.44
C LYS K 245 3.44 62.95 -2.82
N ALA K 246 3.87 64.00 -3.51
CA ALA K 246 3.68 65.37 -3.03
C ALA K 246 2.29 65.88 -3.40
N ALA K 247 1.57 66.41 -2.41
CA ALA K 247 0.22 66.91 -2.63
C ALA K 247 0.25 68.35 -3.14
N GLY K 248 1.26 69.11 -2.71
CA GLY K 248 1.40 70.50 -3.12
C GLY K 248 1.74 70.62 -4.59
N ALA K 249 2.77 69.90 -5.00
CA ALA K 249 3.19 69.89 -6.40
C ALA K 249 4.14 68.73 -6.69
N THR K 250 4.12 68.24 -7.92
CA THR K 250 4.96 67.12 -8.32
C THR K 250 5.79 67.46 -9.55
N LEU K 251 6.81 68.29 -9.38
CA LEU K 251 7.73 68.59 -10.46
C LEU K 251 8.66 67.42 -10.74
N LYS K 252 8.63 66.94 -11.97
CA LYS K 252 9.24 65.67 -12.32
C LYS K 252 9.88 65.71 -13.70
N GLY K 253 10.84 64.83 -13.93
CA GLY K 253 11.51 64.73 -15.23
C GLY K 253 12.30 63.44 -15.36
N LYS K 254 12.97 63.27 -16.49
CA LYS K 254 13.74 62.06 -16.75
C LYS K 254 15.24 62.34 -16.65
N LEU K 255 15.95 61.47 -15.94
CA LEU K 255 17.39 61.62 -15.76
C LEU K 255 18.13 60.33 -16.08
N HIS K 256 19.23 60.44 -16.81
CA HIS K 256 19.89 59.27 -17.38
C HIS K 256 20.81 58.60 -16.36
N VAL K 257 21.03 57.30 -16.55
CA VAL K 257 21.69 56.49 -15.53
C VAL K 257 22.92 55.80 -16.08
N PRO K 258 23.92 55.62 -15.22
CA PRO K 258 25.21 55.08 -15.66
C PRO K 258 25.16 53.56 -15.76
N PHE K 259 26.30 52.96 -16.09
CA PHE K 259 26.43 51.51 -16.06
C PHE K 259 25.50 50.85 -17.06
N LEU K 260 25.59 51.24 -18.32
CA LEU K 260 24.77 50.67 -19.38
C LEU K 260 25.25 49.28 -19.74
N LEU K 261 24.31 48.40 -20.08
CA LEU K 261 24.63 47.06 -20.53
C LEU K 261 25.23 47.07 -21.93
N ALA K 262 26.40 46.44 -22.08
CA ALA K 262 27.14 46.51 -23.32
C ALA K 262 27.89 45.22 -23.60
N ASP K 263 28.20 44.97 -24.87
CA ASP K 263 28.87 43.74 -25.27
C ASP K 263 30.32 43.72 -24.79
N GLY K 264 30.87 42.53 -24.62
CA GLY K 264 32.28 42.37 -24.27
C GLY K 264 32.74 40.94 -24.48
N LYS K 265 33.96 40.65 -24.03
CA LYS K 265 34.53 39.32 -24.17
C LYS K 265 34.86 38.71 -22.81
N CYS K 266 34.69 37.40 -22.69
CA CYS K 266 34.94 36.70 -21.44
C CYS K 266 35.85 35.51 -21.65
N THR K 267 36.66 35.20 -20.64
CA THR K 267 37.53 34.03 -20.68
C THR K 267 36.90 32.85 -19.96
N VAL K 268 36.73 31.75 -20.69
CA VAL K 268 36.03 30.58 -20.16
C VAL K 268 36.90 29.33 -20.27
N PRO K 269 36.62 28.34 -19.43
CA PRO K 269 37.37 27.10 -19.42
C PRO K 269 37.15 26.31 -20.71
N LEU K 270 38.11 25.46 -21.05
CA LEU K 270 38.01 24.62 -22.24
C LEU K 270 37.85 23.15 -21.87
N ALA K 271 36.75 22.55 -22.29
CA ALA K 271 36.43 21.18 -21.93
C ALA K 271 37.56 20.23 -22.30
N PRO K 272 38.13 19.57 -21.29
CA PRO K 272 39.22 18.62 -21.51
C PRO K 272 38.80 17.52 -22.49
N GLU K 273 39.72 17.16 -23.37
CA GLU K 273 39.45 16.11 -24.36
C GLU K 273 39.45 14.73 -23.70
N PRO K 274 38.35 14.01 -23.86
CA PRO K 274 38.23 12.67 -23.28
C PRO K 274 39.04 11.66 -24.07
N MET K 275 39.21 10.47 -23.50
CA MET K 275 39.90 9.38 -24.18
C MET K 275 38.96 8.63 -25.11
N ILE K 276 39.45 8.30 -26.31
CA ILE K 276 38.61 7.79 -27.37
C ILE K 276 39.05 6.39 -27.78
N THR K 277 38.14 5.42 -27.65
CA THR K 277 38.40 4.05 -28.10
C THR K 277 37.47 3.68 -29.25
N PHE K 278 38.07 3.17 -30.33
CA PHE K 278 37.34 2.96 -31.58
C PHE K 278 36.99 1.49 -31.77
N GLY K 279 35.94 1.24 -32.54
CA GLY K 279 35.56 -0.13 -32.88
C GLY K 279 34.55 -0.15 -34.03
N PHE K 280 34.01 -1.33 -34.32
CA PHE K 280 33.03 -1.48 -35.39
C PHE K 280 31.73 -0.75 -35.04
N ARG K 281 31.46 0.33 -35.76
CA ARG K 281 30.20 1.05 -35.62
C ARG K 281 29.94 1.42 -34.16
N SER K 282 31.01 1.68 -33.42
CA SER K 282 30.91 1.93 -31.98
C SER K 282 32.15 2.63 -31.46
N VAL K 283 31.95 3.63 -30.62
CA VAL K 283 33.06 4.32 -29.97
C VAL K 283 32.83 4.45 -28.46
N SER K 284 33.82 4.08 -27.68
CA SER K 284 33.75 4.21 -26.23
C SER K 284 34.54 5.41 -25.73
N LEU K 285 33.88 6.29 -24.99
CA LEU K 285 34.46 7.57 -24.60
C LEU K 285 34.59 7.68 -23.09
N LYS K 286 35.80 8.01 -22.63
CA LYS K 286 36.05 8.18 -21.20
C LYS K 286 36.07 9.65 -20.81
N LEU K 287 34.97 10.12 -20.24
CA LEU K 287 34.82 11.54 -19.90
C LEU K 287 35.24 11.81 -18.46
N HIS K 288 35.87 12.95 -18.24
CA HIS K 288 36.35 13.31 -16.91
C HIS K 288 36.16 14.79 -16.64
N PRO K 289 34.90 15.21 -16.52
CA PRO K 289 34.58 16.61 -16.30
C PRO K 289 34.95 17.05 -14.88
N LYS K 290 35.42 18.29 -14.76
CA LYS K 290 35.63 18.89 -13.45
C LYS K 290 34.36 19.55 -12.93
N ASN K 291 33.42 19.81 -13.83
CA ASN K 291 32.15 20.43 -13.45
C ASN K 291 31.05 20.07 -14.44
N PRO K 292 29.81 20.40 -14.10
CA PRO K 292 28.67 20.11 -14.95
C PRO K 292 28.89 20.66 -16.36
N THR K 293 29.07 19.77 -17.33
CA THR K 293 29.34 20.17 -18.70
C THR K 293 28.38 19.49 -19.66
N TYR K 294 27.85 20.27 -20.61
CA TYR K 294 26.83 19.77 -21.53
C TYR K 294 27.44 18.94 -22.64
N LEU K 295 26.99 17.69 -22.76
CA LEU K 295 27.38 16.84 -23.87
C LEU K 295 26.28 16.78 -24.92
N ILE K 296 26.65 17.00 -26.18
CA ILE K 296 25.71 16.90 -27.29
C ILE K 296 26.28 16.05 -28.41
N THR K 297 25.47 15.14 -28.94
CA THR K 297 25.90 14.25 -30.02
C THR K 297 24.81 14.09 -31.07
N ARG K 298 25.21 13.71 -32.27
CA ARG K 298 24.27 13.56 -33.37
C ARG K 298 24.88 12.77 -34.53
N GLN K 299 24.03 12.21 -35.38
CA GLN K 299 24.48 11.69 -36.67
C GLN K 299 24.49 12.79 -37.73
N LEU K 300 25.24 12.57 -38.80
CA LEU K 300 25.34 13.54 -39.89
C LEU K 300 24.39 13.21 -41.02
N ALA K 301 23.42 12.33 -40.74
CA ALA K 301 22.42 11.96 -41.73
C ALA K 301 21.26 12.96 -41.73
N ASP K 302 20.24 12.67 -42.55
CA ASP K 302 19.00 13.43 -42.51
C ASP K 302 18.28 13.25 -41.17
N GLU K 303 18.53 12.11 -40.53
CA GLU K 303 18.04 11.87 -39.18
C GLU K 303 19.18 11.88 -38.17
N PRO K 304 19.47 13.04 -37.60
CA PRO K 304 20.59 13.20 -36.70
C PRO K 304 20.35 12.48 -35.38
N HIS K 305 19.08 12.28 -35.04
CA HIS K 305 18.69 11.69 -33.76
C HIS K 305 19.35 12.45 -32.60
N TYR K 306 19.28 13.76 -32.65
CA TYR K 306 20.01 14.61 -31.70
C TYR K 306 19.79 14.15 -30.27
N THR K 307 20.88 13.83 -29.59
CA THR K 307 20.82 13.40 -28.20
C THR K 307 21.84 14.14 -27.34
N HIS K 308 21.43 14.57 -26.16
CA HIS K 308 22.27 15.40 -25.30
C HIS K 308 22.06 15.06 -23.84
N GLU K 309 23.03 15.42 -23.00
CA GLU K 309 22.96 15.15 -21.57
C GLU K 309 23.97 16.00 -20.80
N LEU K 310 23.55 16.46 -19.62
CA LEU K 310 24.45 17.18 -18.73
C LEU K 310 25.27 16.23 -17.87
N ILE K 311 26.59 16.26 -18.04
CA ILE K 311 27.48 15.35 -17.33
C ILE K 311 28.41 16.12 -16.41
N SER K 312 28.35 15.82 -15.12
CA SER K 312 29.12 16.55 -14.12
C SER K 312 30.21 15.69 -13.52
N GLU K 313 30.04 14.37 -13.64
CA GLU K 313 30.96 13.42 -13.02
C GLU K 313 31.65 12.55 -14.06
N PRO K 314 32.91 12.22 -13.81
CA PRO K 314 33.65 11.31 -14.67
C PRO K 314 32.89 10.01 -14.89
N ALA K 315 32.89 9.53 -16.13
CA ALA K 315 32.11 8.35 -16.50
C ALA K 315 32.46 7.88 -17.90
N VAL K 316 32.25 6.59 -18.16
CA VAL K 316 32.52 6.01 -19.46
C VAL K 316 31.23 5.66 -20.20
N ARG K 317 31.07 6.24 -21.39
CA ARG K 317 29.83 6.08 -22.15
C ARG K 317 30.11 5.48 -23.53
N ASN K 318 29.16 4.70 -24.02
CA ASN K 318 29.32 4.05 -25.32
C ASN K 318 28.37 4.66 -26.35
N PHE K 319 28.91 5.01 -27.52
CA PHE K 319 28.14 5.68 -28.55
C PHE K 319 28.22 4.91 -29.87
N THR K 320 27.14 4.99 -30.65
CA THR K 320 27.06 4.28 -31.92
C THR K 320 27.44 5.20 -33.09
N VAL K 321 28.28 4.69 -33.98
CA VAL K 321 28.72 5.46 -35.14
C VAL K 321 28.42 4.72 -36.44
N THR K 322 27.71 5.38 -37.35
CA THR K 322 27.37 4.79 -38.63
C THR K 322 28.24 5.36 -39.75
N GLU K 323 28.24 4.69 -40.90
CA GLU K 323 28.99 5.16 -42.05
C GLU K 323 28.44 6.49 -42.57
N LYS K 324 27.18 6.78 -42.21
CA LYS K 324 26.56 8.05 -42.57
C LYS K 324 27.27 9.22 -41.90
N GLY K 325 27.92 8.94 -40.78
CA GLY K 325 28.71 9.95 -40.08
C GLY K 325 28.12 10.26 -38.71
N TRP K 326 28.99 10.56 -37.76
CA TRP K 326 28.56 10.88 -36.40
C TRP K 326 29.42 11.97 -35.79
N GLU K 327 28.77 12.99 -35.24
CA GLU K 327 29.47 14.15 -34.70
C GLU K 327 29.57 14.08 -33.18
N PHE K 328 30.67 14.60 -32.65
CA PHE K 328 30.86 14.66 -31.20
C PHE K 328 31.24 16.05 -30.74
N VAL K 329 30.46 16.61 -29.83
CA VAL K 329 30.79 17.90 -29.22
C VAL K 329 30.73 17.81 -27.69
N TRP K 330 31.81 18.24 -27.04
CA TRP K 330 31.95 18.08 -25.60
C TRP K 330 32.32 19.40 -24.94
N GLY K 331 31.35 20.02 -24.29
CA GLY K 331 31.55 21.33 -23.66
C GLY K 331 31.98 22.37 -24.69
N ASN K 332 33.03 23.12 -24.36
CA ASN K 332 33.51 24.18 -25.23
C ASN K 332 34.56 23.64 -26.21
N HIS K 333 34.75 22.33 -26.19
CA HIS K 333 35.66 21.68 -27.14
C HIS K 333 35.17 21.82 -28.57
N PRO K 334 36.08 22.19 -29.47
CA PRO K 334 35.74 22.31 -30.88
C PRO K 334 35.05 21.07 -31.40
N PRO K 335 33.94 21.26 -32.12
CA PRO K 335 33.19 20.15 -32.67
C PRO K 335 34.06 19.26 -33.54
N LYS K 336 33.93 17.96 -33.38
CA LYS K 336 34.65 17.00 -34.20
C LYS K 336 33.69 16.06 -34.92
N ARG K 337 34.07 15.62 -36.12
CA ARG K 337 33.25 14.68 -36.89
C ARG K 337 34.08 13.49 -37.35
N PHE K 338 33.45 12.31 -37.34
CA PHE K 338 34.11 11.09 -37.80
C PHE K 338 33.15 10.20 -38.57
N TRP K 339 33.63 9.62 -39.66
CA TRP K 339 32.94 8.52 -40.32
C TRP K 339 33.58 7.18 -39.99
N ALA K 340 32.85 6.11 -40.25
CA ALA K 340 33.35 4.76 -39.99
C ALA K 340 33.19 3.87 -41.22
N GLN K 341 34.04 2.86 -41.33
CA GLN K 341 33.95 1.89 -42.41
C GLN K 341 34.49 0.53 -41.98
N GLU K 342 34.15 -0.51 -42.74
CA GLU K 342 34.53 -1.87 -42.40
C GLU K 342 35.62 -1.89 -41.33
N THR K 343 35.21 -2.19 -40.10
CA THR K 343 36.17 -2.44 -39.02
C THR K 343 36.41 -3.93 -38.85
N ALA K 344 35.36 -4.66 -38.51
CA ALA K 344 35.48 -6.09 -38.25
C ALA K 344 34.11 -6.72 -38.01
N PRO K 345 33.98 -8.00 -38.35
CA PRO K 345 35.09 -8.75 -38.93
C PRO K 345 35.30 -8.39 -40.39
N GLY K 346 34.37 -7.61 -40.94
CA GLY K 346 34.46 -7.18 -42.33
C GLY K 346 34.03 -8.30 -43.28
N ASN K 347 34.62 -8.29 -44.48
CA ASN K 347 34.32 -9.33 -45.47
C ASN K 347 35.55 -9.62 -46.33
N PRO K 348 36.52 -10.32 -45.75
CA PRO K 348 37.67 -10.81 -46.51
C PRO K 348 37.25 -11.78 -47.60
N HIS K 349 38.23 -12.31 -48.33
CA HIS K 349 37.94 -13.12 -49.51
C HIS K 349 37.51 -14.52 -49.11
N GLY K 350 37.93 -14.96 -47.93
CA GLY K 350 37.64 -16.32 -47.46
C GLY K 350 38.79 -16.87 -46.64
N LEU K 351 38.94 -18.19 -46.66
CA LEU K 351 38.06 -19.05 -47.43
C LEU K 351 38.07 -20.48 -46.90
N PRO K 352 37.04 -21.24 -47.24
CA PRO K 352 35.86 -20.68 -47.88
C PRO K 352 34.85 -20.19 -46.85
N HIS K 353 33.66 -19.80 -47.33
CA HIS K 353 32.57 -19.42 -46.44
C HIS K 353 33.00 -18.34 -45.46
N GLU K 354 32.87 -18.64 -44.17
CA GLU K 354 33.47 -17.81 -43.13
C GLU K 354 33.19 -16.33 -43.37
N VAL K 355 33.99 -15.71 -44.24
CA VAL K 355 33.89 -14.28 -44.48
C VAL K 355 32.49 -13.88 -44.91
N ILE K 356 31.77 -14.85 -45.49
CA ILE K 356 30.38 -14.63 -45.88
C ILE K 356 29.51 -14.34 -44.66
N THR K 357 29.75 -15.06 -43.58
CA THR K 357 29.04 -14.83 -42.33
C THR K 357 29.61 -13.64 -41.57
N HIS K 358 30.85 -13.29 -41.90
CA HIS K 358 31.45 -12.06 -41.40
C HIS K 358 30.76 -10.84 -41.99
N TYR K 359 30.47 -10.89 -43.28
CA TYR K 359 29.78 -9.80 -43.96
C TYR K 359 28.43 -9.50 -43.30
N TYR K 360 27.86 -10.52 -42.66
CA TYR K 360 26.58 -10.36 -41.98
C TYR K 360 26.54 -9.09 -41.16
N HIS K 361 27.66 -8.78 -40.51
CA HIS K 361 27.75 -7.58 -39.67
C HIS K 361 27.97 -6.34 -40.53
N ARG K 362 28.58 -6.52 -41.69
CA ARG K 362 28.79 -5.42 -42.62
C ARG K 362 27.55 -5.18 -43.48
N TYR K 363 27.13 -3.92 -43.56
CA TYR K 363 25.94 -3.56 -44.33
C TYR K 363 24.79 -4.50 -44.02
N PRO K 364 24.38 -4.55 -42.76
CA PRO K 364 23.31 -5.43 -42.33
C PRO K 364 21.96 -4.96 -42.88
N MET K 365 20.90 -5.67 -42.51
CA MET K 365 19.58 -5.41 -43.07
C MET K 365 19.48 -5.98 -44.49
N SER K 366 18.65 -7.00 -44.65
CA SER K 366 18.65 -7.80 -45.88
C SER K 366 19.32 -9.16 -45.64
N THR K 367 20.32 -9.46 -46.44
CA THR K 367 21.15 -10.65 -46.22
C THR K 367 20.28 -11.88 -45.98
N ILE K 368 19.77 -12.02 -44.77
CA ILE K 368 18.91 -13.14 -44.42
C ILE K 368 17.76 -13.28 -45.41
N LEU K 369 17.25 -12.16 -45.88
CA LEU K 369 16.18 -12.15 -46.87
C LEU K 369 16.55 -12.99 -48.08
N GLY K 370 17.63 -12.62 -48.75
CA GLY K 370 18.09 -13.33 -49.94
C GLY K 370 18.40 -14.79 -49.62
N LEU K 371 18.96 -15.03 -48.45
CA LEU K 371 19.31 -16.38 -48.03
C LEU K 371 18.07 -17.26 -47.92
N SER K 372 17.02 -16.71 -47.30
CA SER K 372 15.78 -17.45 -47.12
C SER K 372 15.09 -17.71 -48.46
N ILE K 373 15.19 -16.74 -49.36
CA ILE K 373 14.60 -16.87 -50.69
C ILE K 373 15.24 -18.03 -51.46
N CYS K 374 16.57 -18.07 -51.45
CA CYS K 374 17.31 -19.11 -52.15
C CYS K 374 17.03 -20.48 -51.54
N ALA K 375 16.97 -20.53 -50.21
CA ALA K 375 16.66 -21.77 -49.50
C ALA K 375 15.26 -22.25 -49.83
N ALA K 376 14.31 -21.33 -49.90
CA ALA K 376 12.93 -21.66 -50.19
C ALA K 376 12.78 -22.24 -51.59
N ILE K 377 13.50 -21.65 -52.54
CA ILE K 377 13.51 -22.15 -53.91
C ILE K 377 14.06 -23.57 -53.99
N ALA K 378 15.17 -23.81 -53.29
CA ALA K 378 15.76 -25.13 -53.23
C ALA K 378 14.81 -26.12 -52.58
N THR K 379 14.12 -25.69 -51.53
CA THR K 379 13.15 -26.53 -50.84
C THR K 379 12.04 -26.98 -51.79
N VAL K 380 11.53 -26.03 -52.58
CA VAL K 380 10.50 -26.35 -53.58
C VAL K 380 11.02 -27.35 -54.61
N SER K 381 12.27 -27.17 -55.02
CA SER K 381 12.89 -28.07 -55.98
C SER K 381 12.96 -29.49 -55.42
N VAL K 382 13.32 -29.61 -54.16
CA VAL K 382 13.38 -30.91 -53.48
C VAL K 382 12.00 -31.57 -53.45
N ALA K 383 10.99 -30.78 -53.11
CA ALA K 383 9.61 -31.28 -53.07
C ALA K 383 9.16 -31.73 -54.46
N ALA K 384 9.49 -30.95 -55.47
CA ALA K 384 9.16 -31.28 -56.85
C ALA K 384 9.84 -32.57 -57.29
N SER K 385 11.11 -32.70 -56.94
CA SER K 385 11.87 -33.90 -57.25
C SER K 385 11.23 -35.14 -56.61
N THR K 386 10.83 -35.00 -55.35
CA THR K 386 10.16 -36.08 -54.64
C THR K 386 8.85 -36.46 -55.34
N TRP K 387 8.08 -35.45 -55.72
CA TRP K 387 6.83 -35.67 -56.46
C TRP K 387 7.10 -36.41 -57.77
N LEU K 388 8.15 -36.01 -58.47
CA LEU K 388 8.56 -36.67 -59.70
C LEU K 388 8.94 -38.13 -59.43
N PHE K 389 9.63 -38.36 -58.32
CA PHE K 389 10.03 -39.71 -57.94
C PHE K 389 8.82 -40.60 -57.69
N CYS K 390 7.84 -40.06 -56.99
CA CYS K 390 6.60 -40.79 -56.69
C CYS K 390 5.85 -41.12 -57.97
N ARG K 391 5.77 -40.16 -58.89
CA ARG K 391 5.16 -40.39 -60.19
C ARG K 391 5.97 -41.38 -61.01
N SER K 392 7.29 -41.35 -60.84
CA SER K 392 8.17 -42.32 -61.50
C SER K 392 7.90 -43.73 -61.00
N ARG K 393 7.69 -43.87 -59.70
CA ARG K 393 7.36 -45.17 -59.11
C ARG K 393 6.03 -45.69 -59.62
N VAL K 394 5.07 -44.78 -59.79
CA VAL K 394 3.79 -45.12 -60.41
C VAL K 394 3.98 -45.57 -61.85
N ALA K 395 4.79 -44.85 -62.59
CA ALA K 395 5.05 -45.17 -63.99
C ALA K 395 5.64 -46.57 -64.12
N CYS K 396 6.51 -46.94 -63.18
CA CYS K 396 7.09 -48.28 -63.16
C CYS K 396 6.05 -49.32 -62.77
N LEU K 397 5.26 -49.02 -61.74
CA LEU K 397 4.29 -49.97 -61.21
C LEU K 397 3.13 -50.18 -62.16
N THR K 398 2.91 -49.20 -63.03
CA THR K 398 1.77 -49.23 -63.94
C THR K 398 1.78 -50.51 -64.78
N PRO K 399 2.87 -50.73 -65.51
CA PRO K 399 3.02 -51.95 -66.30
C PRO K 399 3.16 -53.17 -65.41
N TYR K 400 3.52 -52.94 -64.15
CA TYR K 400 3.72 -54.02 -63.19
C TYR K 400 2.39 -54.48 -62.60
N ARG K 401 1.33 -53.73 -62.89
CA ARG K 401 0.08 -53.87 -62.16
C ARG K 401 0.09 -55.09 -61.25
N LEU K 402 0.00 -56.28 -61.85
CA LEU K 402 0.31 -57.51 -61.15
C LEU K 402 1.58 -58.16 -61.70
N THR K 403 1.64 -58.28 -63.02
CA THR K 403 0.45 -58.48 -63.84
C THR K 403 -0.03 -59.92 -63.78
N PRO K 404 -1.30 -60.12 -64.11
CA PRO K 404 -1.86 -61.47 -64.18
C PRO K 404 -0.81 -62.47 -64.66
N ASN K 405 -0.01 -62.97 -63.73
CA ASN K 405 1.15 -63.79 -64.08
C ASN K 405 2.15 -63.86 -62.93
N ALA K 406 2.28 -62.75 -62.21
CA ALA K 406 3.21 -62.68 -61.08
C ALA K 406 4.65 -62.87 -61.55
N ARG K 407 4.90 -62.56 -62.82
CA ARG K 407 6.22 -62.72 -63.39
C ARG K 407 6.57 -61.55 -64.31
N ILE K 408 7.42 -60.65 -63.82
CA ILE K 408 7.91 -59.54 -64.62
C ILE K 408 9.41 -59.37 -64.46
N PRO K 409 10.13 -60.48 -64.40
CA PRO K 409 11.59 -60.45 -64.28
C PRO K 409 12.19 -59.44 -65.24
N PHE K 410 11.72 -59.46 -66.48
CA PHE K 410 12.41 -58.78 -67.57
C PHE K 410 12.05 -57.30 -67.62
N CYS K 411 10.86 -56.97 -67.14
CA CYS K 411 10.45 -55.58 -66.95
C CYS K 411 11.31 -54.90 -65.89
N LEU K 412 11.61 -55.64 -64.83
CA LEU K 412 12.49 -55.12 -63.78
C LEU K 412 13.94 -55.10 -64.24
N ALA K 413 14.32 -56.10 -65.05
CA ALA K 413 15.69 -56.21 -65.52
C ALA K 413 16.06 -55.03 -66.43
N VAL K 414 15.08 -54.55 -67.19
CA VAL K 414 15.31 -53.44 -68.10
C VAL K 414 15.19 -52.10 -67.38
N LEU K 415 14.08 -51.89 -66.70
CA LEU K 415 13.78 -50.60 -66.10
C LEU K 415 14.55 -50.40 -64.80
N CYS K 416 14.62 -51.45 -63.98
CA CYS K 416 15.38 -51.40 -62.74
C CYS K 416 15.03 -50.18 -61.92
N CYS K 417 13.72 -49.91 -61.78
CA CYS K 417 13.26 -48.74 -61.07
C CYS K 417 13.71 -48.75 -59.62
N ALA K 418 13.86 -49.95 -59.06
CA ALA K 418 14.36 -50.11 -57.70
C ALA K 418 13.48 -51.07 -56.91
N ARG K 419 13.65 -51.05 -55.58
CA ARG K 419 12.88 -51.93 -54.71
C ARG K 419 13.06 -53.39 -55.10
N THR K 420 14.31 -53.80 -55.25
CA THR K 420 14.62 -55.18 -55.61
C THR K 420 13.44 -56.10 -55.36
N ALA K 421 12.76 -56.51 -56.43
CA ALA K 421 11.62 -57.41 -56.33
C ALA K 421 11.91 -58.73 -57.03
N ARG K 422 12.19 -59.76 -56.24
CA ARG K 422 11.94 -59.73 -54.82
C ARG K 422 12.62 -60.89 -54.11
N ALA K 423 12.67 -62.04 -54.78
CA ALA K 423 13.29 -63.23 -54.22
C ALA K 423 14.44 -63.71 -55.08
N LYS L 1 -23.54 -74.18 -74.75
CA LYS L 1 -22.15 -73.86 -74.47
C LYS L 1 -22.02 -72.93 -73.26
N ARG L 2 -22.85 -71.89 -73.24
CA ARG L 2 -22.86 -70.94 -72.14
C ARG L 2 -23.02 -71.65 -70.80
N GLN L 3 -23.85 -72.70 -70.79
CA GLN L 3 -24.02 -73.52 -69.60
C GLN L 3 -22.69 -74.03 -69.08
N ARG L 4 -21.90 -74.62 -69.97
CA ARG L 4 -20.60 -75.16 -69.61
C ARG L 4 -19.67 -74.06 -69.10
N MET L 5 -19.76 -72.88 -69.72
CA MET L 5 -18.98 -71.73 -69.29
C MET L 5 -19.37 -71.30 -67.87
N VAL L 6 -20.66 -71.33 -67.58
CA VAL L 6 -21.15 -71.04 -66.24
C VAL L 6 -20.67 -72.07 -65.23
N MET L 7 -20.63 -73.32 -65.65
CA MET L 7 -20.12 -74.41 -64.81
C MET L 7 -18.69 -74.15 -64.40
N LYS L 8 -17.88 -73.66 -65.34
CA LYS L 8 -16.51 -73.27 -65.04
C LYS L 8 -16.46 -72.06 -64.13
N LEU L 9 -17.39 -71.15 -64.31
CA LEU L 9 -17.52 -69.99 -63.44
C LEU L 9 -17.91 -70.40 -62.04
N GLU L 10 -18.72 -71.45 -61.94
CA GLU L 10 -19.13 -71.98 -60.64
C GLU L 10 -17.96 -72.66 -59.92
N SER L 11 -17.16 -73.40 -60.68
CA SER L 11 -15.93 -73.97 -60.15
C SER L 11 -14.96 -72.89 -59.72
N ASP L 12 -14.85 -71.84 -60.52
CA ASP L 12 -14.04 -70.68 -60.18
C ASP L 12 -14.61 -69.96 -58.96
N LYS L 13 -13.79 -69.81 -57.93
CA LYS L 13 -14.20 -69.15 -56.70
C LYS L 13 -14.16 -67.63 -56.84
N THR L 14 -15.32 -67.00 -56.74
CA THR L 14 -15.40 -65.55 -56.83
C THR L 14 -16.09 -64.95 -55.60
N PHE L 15 -15.71 -63.73 -55.26
CA PHE L 15 -16.20 -63.10 -54.04
C PHE L 15 -16.66 -61.67 -54.30
N PRO L 16 -17.92 -61.39 -54.01
CA PRO L 16 -18.49 -60.07 -54.24
C PRO L 16 -17.96 -59.05 -53.23
N ILE L 17 -18.11 -57.77 -53.55
CA ILE L 17 -17.68 -56.71 -52.66
C ILE L 17 -18.86 -56.16 -51.86
N MET L 18 -18.95 -56.58 -50.60
CA MET L 18 -20.14 -56.32 -49.79
C MET L 18 -20.02 -55.00 -49.05
N LEU L 19 -21.07 -54.19 -49.15
CA LEU L 19 -21.18 -52.98 -48.32
C LEU L 19 -22.61 -52.77 -47.84
N GLU L 20 -22.80 -52.83 -46.53
CA GLU L 20 -24.14 -52.78 -45.95
C GLU L 20 -25.04 -53.87 -46.55
N GLY L 21 -24.44 -55.00 -46.88
CA GLY L 21 -25.20 -56.15 -47.35
C GLY L 21 -25.48 -56.07 -48.84
N LYS L 22 -24.87 -55.07 -49.49
CA LYS L 22 -25.10 -54.84 -50.91
C LYS L 22 -23.83 -55.09 -51.71
N ILE L 23 -23.97 -55.84 -52.80
CA ILE L 23 -22.85 -56.10 -53.70
C ILE L 23 -22.59 -54.92 -54.63
N ASN L 24 -21.43 -54.30 -54.48
CA ASN L 24 -21.09 -53.12 -55.26
C ASN L 24 -20.07 -53.45 -56.34
N GLY L 25 -19.68 -54.72 -56.41
CA GLY L 25 -18.64 -55.15 -57.34
C GLY L 25 -18.15 -56.55 -56.99
N TYR L 26 -17.04 -56.95 -57.61
CA TYR L 26 -16.45 -58.26 -57.35
C TYR L 26 -14.93 -58.18 -57.29
N ALA L 27 -14.32 -59.10 -56.55
CA ALA L 27 -12.87 -59.22 -56.53
C ALA L 27 -12.44 -60.68 -56.48
N CYS L 28 -11.33 -60.99 -57.15
CA CYS L 28 -10.89 -62.37 -57.30
C CYS L 28 -9.37 -62.44 -57.48
N VAL L 29 -8.85 -63.65 -57.54
CA VAL L 29 -7.40 -63.87 -57.61
C VAL L 29 -7.00 -64.44 -58.96
N VAL L 30 -6.14 -63.73 -59.68
CA VAL L 30 -5.59 -64.23 -60.93
C VAL L 30 -4.06 -64.19 -60.92
N GLY L 31 -3.45 -65.27 -61.40
CA GLY L 31 -2.00 -65.36 -61.43
C GLY L 31 -1.40 -65.31 -60.03
N GLY L 32 -2.22 -65.66 -59.04
CA GLY L 32 -1.73 -65.78 -57.66
C GLY L 32 -1.70 -64.42 -56.98
N LYS L 33 -2.44 -63.47 -57.53
CA LYS L 33 -2.53 -62.13 -56.95
C LYS L 33 -3.98 -61.64 -56.92
N LEU L 34 -4.37 -61.04 -55.81
CA LEU L 34 -5.72 -60.51 -55.65
C LEU L 34 -5.86 -59.17 -56.38
N PHE L 35 -6.98 -58.99 -57.07
CA PHE L 35 -7.32 -57.70 -57.65
C PHE L 35 -8.70 -57.24 -57.21
N ARG L 36 -8.86 -55.92 -57.03
CA ARG L 36 -10.14 -55.36 -56.63
C ARG L 36 -10.34 -53.98 -57.24
N PRO L 37 -11.53 -53.74 -57.78
CA PRO L 37 -11.90 -52.42 -58.27
C PRO L 37 -11.95 -51.40 -57.14
N MET L 38 -11.12 -50.35 -57.26
CA MET L 38 -11.00 -49.36 -56.20
C MET L 38 -12.21 -48.45 -56.15
N HIS L 39 -12.76 -48.13 -57.32
CA HIS L 39 -13.92 -47.25 -57.42
C HIS L 39 -15.14 -47.87 -56.74
N VAL L 40 -15.11 -49.19 -56.58
CA VAL L 40 -16.15 -49.89 -55.83
C VAL L 40 -15.94 -49.77 -54.33
N GLU L 41 -16.99 -49.37 -53.62
CA GLU L 41 -16.92 -49.24 -52.17
C GLU L 41 -17.41 -50.51 -51.47
N GLY L 42 -16.80 -50.82 -50.34
CA GLY L 42 -17.16 -52.03 -49.59
C GLY L 42 -15.95 -52.94 -49.43
N LYS L 43 -16.18 -54.10 -48.83
CA LYS L 43 -15.11 -55.07 -48.60
C LYS L 43 -15.41 -56.40 -49.26
N ILE L 44 -14.36 -57.10 -49.69
CA ILE L 44 -14.51 -58.40 -50.34
C ILE L 44 -15.24 -59.38 -49.43
N ASP L 45 -16.02 -60.28 -50.03
CA ASP L 45 -16.69 -61.34 -49.29
C ASP L 45 -15.71 -62.46 -48.92
N ASN L 46 -14.64 -62.09 -48.22
CA ASN L 46 -13.62 -63.06 -47.83
C ASN L 46 -12.68 -62.46 -46.79
N ASP L 47 -12.85 -62.88 -45.53
CA ASP L 47 -12.08 -62.31 -44.43
C ASP L 47 -10.60 -62.57 -44.61
N VAL L 48 -10.26 -63.76 -45.09
CA VAL L 48 -8.86 -64.14 -45.29
C VAL L 48 -8.17 -63.20 -46.27
N LEU L 49 -8.84 -62.91 -47.39
CA LEU L 49 -8.33 -61.95 -48.37
C LEU L 49 -8.38 -60.53 -47.81
N ALA L 50 -9.41 -60.24 -47.02
CA ALA L 50 -9.55 -58.93 -46.40
C ALA L 50 -8.43 -58.66 -45.41
N ALA L 51 -7.89 -59.73 -44.83
CA ALA L 51 -6.78 -59.62 -43.89
C ALA L 51 -5.53 -59.11 -44.60
N LEU L 52 -5.52 -59.19 -45.92
CA LEU L 52 -4.35 -58.80 -46.71
C LEU L 52 -4.37 -57.30 -47.02
N LYS L 53 -3.23 -56.66 -46.85
CA LYS L 53 -3.09 -55.24 -47.17
C LYS L 53 -2.93 -55.03 -48.67
N THR L 54 -3.73 -54.13 -49.22
CA THR L 54 -3.74 -53.90 -50.67
C THR L 54 -2.88 -52.70 -51.03
N LYS L 55 -2.46 -52.63 -52.28
CA LYS L 55 -1.83 -51.43 -52.82
C LYS L 55 -2.75 -50.74 -53.83
N LYS L 56 -2.62 -49.41 -53.91
CA LYS L 56 -3.49 -48.61 -54.76
C LYS L 56 -2.91 -48.44 -56.15
N ALA L 57 -3.78 -48.27 -57.14
CA ALA L 57 -3.36 -47.97 -58.50
C ALA L 57 -4.24 -46.91 -59.14
N SER L 58 -3.94 -45.65 -58.83
CA SER L 58 -4.74 -44.53 -59.33
C SER L 58 -4.87 -44.59 -60.85
N LYS L 59 -3.78 -44.94 -61.52
CA LYS L 59 -3.75 -44.98 -62.98
C LYS L 59 -5.00 -45.67 -63.54
N TYR L 60 -5.37 -46.78 -62.92
CA TYR L 60 -6.49 -47.58 -63.41
C TYR L 60 -7.65 -47.56 -62.42
N ASP L 61 -7.47 -46.84 -61.32
CA ASP L 61 -8.45 -46.84 -60.24
C ASP L 61 -8.68 -48.25 -59.71
N LEU L 62 -7.59 -48.97 -59.46
CA LEU L 62 -7.68 -50.35 -59.00
C LEU L 62 -6.78 -50.59 -57.78
N GLU L 63 -7.13 -51.59 -56.98
CA GLU L 63 -6.25 -52.06 -55.92
C GLU L 63 -5.87 -53.52 -56.13
N TYR L 64 -4.76 -53.93 -55.53
CA TYR L 64 -4.28 -55.30 -55.65
C TYR L 64 -3.52 -55.73 -54.40
N ALA L 65 -3.31 -57.03 -54.27
CA ALA L 65 -2.59 -57.59 -53.12
C ALA L 65 -2.00 -58.95 -53.44
N ASP L 66 -0.94 -59.31 -52.73
CA ASP L 66 -0.30 -60.60 -52.90
C ASP L 66 -1.03 -61.69 -52.12
N VAL L 67 -1.18 -62.86 -52.75
CA VAL L 67 -1.91 -63.96 -52.14
C VAL L 67 -0.96 -65.02 -51.61
N PRO L 68 -1.24 -65.50 -50.39
CA PRO L 68 -0.40 -66.52 -49.76
C PRO L 68 -0.21 -67.71 -50.68
N GLN L 69 1.01 -68.25 -50.69
CA GLN L 69 1.35 -69.35 -51.59
C GLN L 69 0.34 -70.50 -51.45
N ASN L 70 -0.02 -70.82 -50.22
CA ASN L 70 -0.97 -71.90 -49.95
C ASN L 70 -2.31 -71.62 -50.62
N MET L 71 -2.65 -70.33 -50.76
CA MET L 71 -3.89 -69.94 -51.40
C MET L 71 -3.72 -69.81 -52.91
N ARG L 72 -2.47 -69.67 -53.34
CA ARG L 72 -2.15 -69.63 -54.76
C ARG L 72 -2.31 -71.00 -55.40
N ALA L 73 -2.44 -72.02 -54.56
CA ALA L 73 -2.55 -73.40 -55.05
C ALA L 73 -3.57 -73.52 -56.16
N ASP L 74 -4.63 -72.71 -56.07
CA ASP L 74 -5.69 -72.73 -57.08
C ASP L 74 -6.19 -71.32 -57.36
N THR L 75 -5.68 -70.72 -58.43
CA THR L 75 -6.13 -69.40 -58.86
C THR L 75 -6.46 -69.37 -60.34
N PHE L 76 -6.92 -68.22 -60.82
CA PHE L 76 -7.39 -68.10 -62.20
C PHE L 76 -6.24 -68.14 -63.19
N LYS L 77 -6.48 -68.75 -64.34
CA LYS L 77 -5.45 -68.89 -65.37
C LYS L 77 -5.64 -67.87 -66.48
N TYR L 78 -4.65 -66.99 -66.66
CA TYR L 78 -4.72 -65.96 -67.68
C TYR L 78 -3.97 -66.38 -68.94
N THR L 79 -4.39 -65.84 -70.08
CA THR L 79 -3.69 -66.06 -71.34
C THR L 79 -3.57 -64.78 -72.14
N HIS L 80 -2.59 -64.74 -73.04
CA HIS L 80 -2.38 -63.57 -73.89
C HIS L 80 -2.97 -63.79 -75.28
N GLU L 81 -3.44 -65.01 -75.53
CA GLU L 81 -4.04 -65.34 -76.82
C GLU L 81 -5.44 -64.75 -76.95
N LYS L 82 -5.52 -63.58 -77.56
CA LYS L 82 -6.78 -62.84 -77.63
C LYS L 82 -7.17 -62.55 -79.07
N PRO L 83 -7.54 -63.59 -79.81
CA PRO L 83 -7.99 -63.43 -81.18
C PRO L 83 -9.39 -62.83 -81.25
N GLN L 84 -9.71 -62.20 -82.37
CA GLN L 84 -11.05 -61.66 -82.60
C GLN L 84 -12.07 -62.78 -82.73
N GLY L 85 -13.30 -62.51 -82.30
CA GLY L 85 -14.34 -63.53 -82.25
C GLY L 85 -15.30 -63.27 -81.10
N TYR L 86 -15.75 -64.34 -80.46
CA TYR L 86 -16.68 -64.23 -79.34
C TYR L 86 -16.13 -64.93 -78.09
N TYR L 87 -16.35 -64.32 -76.93
CA TYR L 87 -15.95 -64.92 -75.67
C TYR L 87 -17.15 -65.10 -74.74
N SER L 88 -16.90 -65.67 -73.57
CA SER L 88 -17.96 -65.94 -72.62
C SER L 88 -17.69 -65.27 -71.28
N TRP L 89 -18.75 -64.81 -70.61
CA TRP L 89 -18.64 -64.28 -69.27
C TRP L 89 -19.92 -64.50 -68.48
N HIS L 90 -19.93 -64.04 -67.23
CA HIS L 90 -21.02 -64.33 -66.31
C HIS L 90 -22.38 -63.99 -66.93
N HIS L 91 -22.42 -62.88 -67.67
CA HIS L 91 -23.68 -62.34 -68.16
C HIS L 91 -23.96 -62.81 -69.58
N GLY L 92 -23.45 -63.99 -69.92
CA GLY L 92 -23.76 -64.61 -71.20
C GLY L 92 -22.56 -64.57 -72.14
N ALA L 93 -22.82 -64.27 -73.40
CA ALA L 93 -21.77 -64.18 -74.40
C ALA L 93 -21.31 -62.73 -74.59
N VAL L 94 -20.15 -62.56 -75.19
CA VAL L 94 -19.64 -61.23 -75.52
C VAL L 94 -18.85 -61.24 -76.82
N GLN L 95 -19.04 -60.20 -77.63
CA GLN L 95 -18.29 -60.04 -78.87
C GLN L 95 -16.97 -59.31 -78.63
N TYR L 96 -15.88 -59.89 -79.10
CA TYR L 96 -14.58 -59.25 -79.04
C TYR L 96 -14.11 -58.81 -80.42
N GLU L 97 -13.92 -57.51 -80.59
CA GLU L 97 -13.58 -56.95 -81.90
C GLU L 97 -12.95 -55.58 -81.76
N ASN L 98 -11.90 -55.33 -82.53
CA ASN L 98 -11.16 -54.07 -82.45
C ASN L 98 -10.50 -53.90 -81.10
N GLY L 99 -10.33 -55.01 -80.38
CA GLY L 99 -9.74 -54.98 -79.05
C GLY L 99 -10.75 -54.55 -78.01
N ARG L 100 -12.02 -54.48 -78.40
CA ARG L 100 -13.08 -54.03 -77.51
C ARG L 100 -14.17 -55.09 -77.38
N PHE L 101 -14.80 -55.13 -76.21
CA PHE L 101 -15.90 -56.06 -75.97
C PHE L 101 -17.24 -55.35 -76.07
N THR L 102 -18.18 -55.97 -76.77
CA THR L 102 -19.52 -55.40 -76.92
C THR L 102 -20.59 -56.47 -76.73
N VAL L 103 -21.68 -56.09 -76.06
CA VAL L 103 -22.80 -56.99 -75.85
C VAL L 103 -24.13 -56.30 -76.13
N PRO L 104 -25.17 -57.10 -76.32
CA PRO L 104 -26.52 -56.56 -76.51
C PRO L 104 -26.89 -55.60 -75.39
N LYS L 105 -27.64 -54.56 -75.74
CA LYS L 105 -28.05 -53.55 -74.76
C LYS L 105 -28.84 -54.17 -73.62
N GLY L 106 -28.72 -53.57 -72.44
CA GLY L 106 -29.45 -54.05 -71.27
C GLY L 106 -28.62 -55.08 -70.50
N VAL L 107 -27.40 -55.32 -70.97
CA VAL L 107 -26.52 -56.28 -70.33
C VAL L 107 -25.35 -55.58 -69.64
N GLY L 108 -25.26 -55.76 -68.33
CA GLY L 108 -24.21 -55.13 -67.54
C GLY L 108 -24.69 -53.84 -66.89
N ALA L 109 -24.29 -53.63 -65.64
CA ALA L 109 -24.70 -52.45 -64.90
C ALA L 109 -23.84 -52.25 -63.66
N LYS L 110 -24.06 -51.14 -62.96
CA LYS L 110 -23.30 -50.83 -61.75
C LYS L 110 -23.36 -51.99 -60.75
N GLY L 111 -22.19 -52.47 -60.34
CA GLY L 111 -22.12 -53.55 -59.38
C GLY L 111 -21.58 -54.83 -60.01
N ASP L 112 -21.42 -54.80 -61.33
CA ASP L 112 -20.91 -55.95 -62.06
C ASP L 112 -19.39 -55.92 -62.16
N SER L 113 -18.79 -54.84 -61.67
CA SER L 113 -17.35 -54.65 -61.76
C SER L 113 -16.61 -55.86 -61.21
N GLY L 114 -15.63 -56.34 -61.98
CA GLY L 114 -14.74 -57.40 -61.51
C GLY L 114 -14.97 -58.69 -62.29
N ARG L 115 -16.07 -58.74 -63.04
CA ARG L 115 -16.43 -59.92 -63.81
C ARG L 115 -15.45 -60.13 -64.97
N PRO L 116 -14.75 -61.26 -64.94
CA PRO L 116 -13.75 -61.55 -65.96
C PRO L 116 -14.39 -62.10 -67.22
N ILE L 117 -13.63 -62.14 -68.31
CA ILE L 117 -14.08 -62.75 -69.56
C ILE L 117 -13.19 -63.92 -69.95
N LEU L 118 -13.82 -65.06 -70.22
CA LEU L 118 -13.08 -66.29 -70.45
C LEU L 118 -13.17 -66.72 -71.92
N ASP L 119 -12.14 -67.42 -72.39
CA ASP L 119 -12.17 -68.04 -73.70
C ASP L 119 -12.72 -69.47 -73.63
N ASN L 120 -12.66 -70.17 -74.75
CA ASN L 120 -13.18 -71.53 -74.82
C ASN L 120 -12.39 -72.48 -73.93
N GLN L 121 -11.16 -72.09 -73.61
CA GLN L 121 -10.30 -72.90 -72.75
C GLN L 121 -10.47 -72.53 -71.28
N GLY L 122 -11.36 -71.57 -71.02
CA GLY L 122 -11.63 -71.14 -69.66
C GLY L 122 -10.53 -70.22 -69.14
N ARG L 123 -9.74 -69.68 -70.05
CA ARG L 123 -8.66 -68.77 -69.69
C ARG L 123 -9.12 -67.31 -69.72
N VAL L 124 -8.62 -66.52 -68.78
CA VAL L 124 -8.97 -65.10 -68.71
C VAL L 124 -8.25 -64.30 -69.79
N VAL L 125 -9.00 -63.44 -70.47
CA VAL L 125 -8.44 -62.58 -71.51
C VAL L 125 -8.63 -61.12 -71.17
N ALA L 126 -9.59 -60.84 -70.29
CA ALA L 126 -9.89 -59.46 -69.89
C ALA L 126 -10.79 -59.43 -68.66
N ILE L 127 -10.81 -58.28 -67.99
CA ILE L 127 -11.72 -58.08 -66.86
C ILE L 127 -12.58 -56.84 -67.06
N VAL L 128 -13.87 -57.00 -66.87
CA VAL L 128 -14.82 -55.90 -67.07
C VAL L 128 -14.92 -55.01 -65.84
N LEU L 129 -14.68 -53.72 -66.03
CA LEU L 129 -14.73 -52.76 -64.93
C LEU L 129 -15.94 -51.84 -65.06
N GLY L 130 -16.33 -51.56 -66.30
CA GLY L 130 -17.46 -50.67 -66.56
C GLY L 130 -17.97 -50.85 -67.99
N GLY L 131 -18.72 -49.85 -68.45
CA GLY L 131 -19.26 -49.90 -69.82
C GLY L 131 -20.12 -48.67 -70.09
N VAL L 132 -20.64 -48.58 -71.32
CA VAL L 132 -21.51 -47.48 -71.70
C VAL L 132 -22.50 -47.91 -72.78
N ASN L 133 -23.75 -47.47 -72.66
CA ASN L 133 -24.78 -47.81 -73.63
C ASN L 133 -24.41 -47.30 -75.02
N GLU L 134 -24.44 -48.20 -75.99
CA GLU L 134 -24.06 -47.87 -77.35
C GLU L 134 -25.14 -48.26 -78.35
N GLY L 135 -26.31 -47.62 -78.22
CA GLY L 135 -27.43 -47.90 -79.11
C GLY L 135 -28.01 -49.28 -78.85
N SER L 136 -28.07 -50.10 -79.90
CA SER L 136 -28.63 -51.43 -79.79
C SER L 136 -27.75 -52.34 -78.93
N ARG L 137 -26.53 -51.89 -78.69
CA ARG L 137 -25.59 -52.64 -77.85
C ARG L 137 -24.96 -51.75 -76.80
N THR L 138 -24.08 -52.33 -75.99
CA THR L 138 -23.26 -51.55 -75.05
C THR L 138 -21.80 -51.95 -75.14
N ALA L 139 -20.92 -50.97 -75.01
CA ALA L 139 -19.48 -51.21 -75.06
C ALA L 139 -18.89 -51.29 -73.65
N LEU L 140 -18.12 -52.35 -73.42
CA LEU L 140 -17.56 -52.60 -72.09
C LEU L 140 -16.21 -51.94 -71.92
N SER L 141 -15.98 -51.36 -70.75
CA SER L 141 -14.65 -50.89 -70.36
C SER L 141 -13.89 -51.98 -69.61
N VAL L 142 -12.75 -52.39 -70.16
CA VAL L 142 -12.08 -53.60 -69.71
C VAL L 142 -10.58 -53.35 -69.54
N VAL L 143 -9.91 -54.27 -68.83
CA VAL L 143 -8.46 -54.31 -68.82
C VAL L 143 -7.94 -55.65 -69.33
N MET L 144 -6.95 -55.60 -70.21
CA MET L 144 -6.34 -56.81 -70.75
C MET L 144 -4.84 -56.65 -70.90
N TRP L 145 -4.14 -57.77 -71.02
CA TRP L 145 -2.67 -57.77 -71.02
C TRP L 145 -2.12 -58.48 -72.23
N ASN L 146 -1.19 -57.83 -72.93
CA ASN L 146 -0.61 -58.36 -74.15
C ASN L 146 0.52 -59.33 -73.84
N GLU L 147 1.07 -59.94 -74.89
CA GLU L 147 2.15 -60.91 -74.73
C GLU L 147 3.39 -60.27 -74.14
N LYS L 148 3.43 -58.94 -74.17
CA LYS L 148 4.55 -58.20 -73.60
C LYS L 148 4.38 -57.97 -72.11
N GLY L 149 3.25 -58.43 -71.58
CA GLY L 149 2.98 -58.32 -70.15
C GLY L 149 2.54 -56.91 -69.76
N VAL L 150 2.05 -56.16 -70.75
CA VAL L 150 1.67 -54.77 -70.54
C VAL L 150 0.19 -54.65 -70.18
N THR L 151 -0.10 -53.92 -69.12
CA THR L 151 -1.48 -53.67 -68.73
C THR L 151 -2.12 -52.59 -69.61
N VAL L 152 -3.19 -52.96 -70.30
CA VAL L 152 -3.89 -52.04 -71.17
C VAL L 152 -5.36 -51.93 -70.79
N LYS L 153 -5.81 -50.71 -70.49
CA LYS L 153 -7.20 -50.47 -70.12
C LYS L 153 -7.95 -49.78 -71.25
N TYR L 154 -8.99 -50.44 -71.76
CA TYR L 154 -9.82 -49.87 -72.82
C TYR L 154 -11.08 -49.24 -72.23
N THR L 155 -11.17 -47.92 -72.33
CA THR L 155 -12.29 -47.19 -71.75
C THR L 155 -12.92 -46.25 -72.77
N PRO L 156 -14.17 -46.55 -73.15
CA PRO L 156 -14.93 -45.68 -74.03
C PRO L 156 -15.02 -44.27 -73.46
N GLU L 157 -15.12 -43.28 -74.35
CA GLU L 157 -15.27 -41.90 -73.95
C GLU L 157 -16.52 -41.71 -73.10
N ASN L 158 -16.33 -41.19 -71.88
CA ASN L 158 -17.45 -40.94 -70.97
C ASN L 158 -18.13 -42.24 -70.56
N CYS L 159 -17.33 -43.29 -70.39
CA CYS L 159 -17.84 -44.58 -69.96
C CYS L 159 -18.36 -44.52 -68.53
N GLU L 160 -19.45 -45.23 -68.26
CA GLU L 160 -20.05 -45.25 -66.94
C GLU L 160 -19.47 -46.37 -66.08
N GLN L 161 -19.35 -46.12 -64.79
CA GLN L 161 -18.89 -47.14 -63.85
C GLN L 161 -19.95 -48.22 -63.64
N TRP L 162 -19.77 -49.34 -64.33
CA TRP L 162 -20.69 -50.47 -64.20
C TRP L 162 -20.08 -51.59 -63.37
#